data_2M1L
#
_entry.id   2M1L
#
_entity_poly.entity_id   1
_entity_poly.type   'polypeptide(L)'
_entity_poly.pdbx_seq_one_letter_code
;SHMAMKPPGAQGSQSTYTDLLSVIEEMGKEIRPTYAGSKSAMERLKRGIIHARALVRECLAETERNART
;
_entity_poly.pdbx_strand_id   A,B
#
# COMPACT_ATOMS: atom_id res chain seq x y z
N SER A 1 20.76 16.04 4.00
CA SER A 1 19.99 14.78 4.15
C SER A 1 18.47 15.04 3.95
N HIS A 2 17.67 13.96 3.99
CA HIS A 2 16.20 14.01 3.89
C HIS A 2 15.62 12.83 4.68
N MET A 3 14.46 13.05 5.32
CA MET A 3 13.82 12.07 6.24
C MET A 3 13.01 11.01 5.45
N ALA A 4 13.70 10.29 4.55
CA ALA A 4 13.09 9.24 3.72
C ALA A 4 14.20 8.28 3.22
N MET A 5 14.68 7.40 4.13
CA MET A 5 15.68 6.39 3.79
C MET A 5 15.02 5.21 3.07
N LYS A 6 15.68 4.75 2.00
CA LYS A 6 15.16 3.70 1.10
C LYS A 6 16.13 2.49 1.10
N PRO A 7 15.85 1.43 1.93
CA PRO A 7 16.59 0.16 1.91
C PRO A 7 15.93 -0.85 0.92
N PRO A 8 16.56 -1.11 -0.28
CA PRO A 8 15.98 -2.01 -1.32
C PRO A 8 15.67 -3.44 -0.82
N GLY A 9 16.65 -4.05 -0.11
CA GLY A 9 16.48 -5.41 0.40
C GLY A 9 17.70 -5.88 1.18
N ALA A 10 17.76 -5.53 2.48
CA ALA A 10 18.86 -5.90 3.37
C ALA A 10 18.82 -7.42 3.65
N GLN A 11 17.86 -7.84 4.51
CA GLN A 11 17.55 -9.26 4.73
C GLN A 11 16.37 -9.65 3.84
N GLY A 12 16.53 -10.75 3.08
CA GLY A 12 15.50 -11.22 2.15
C GLY A 12 14.37 -11.95 2.86
N SER A 13 13.46 -11.18 3.47
CA SER A 13 12.35 -11.73 4.27
C SER A 13 11.19 -10.73 4.39
N GLN A 14 11.07 -9.84 3.39
CA GLN A 14 10.00 -8.81 3.34
C GLN A 14 9.75 -8.39 1.88
N SER A 15 9.88 -9.37 0.95
CA SER A 15 10.16 -9.10 -0.47
C SER A 15 8.89 -8.70 -1.24
N THR A 16 7.76 -9.38 -0.98
CA THR A 16 6.46 -9.06 -1.60
C THR A 16 5.91 -7.73 -1.02
N TYR A 17 6.21 -7.50 0.25
CA TYR A 17 5.79 -6.29 0.98
C TYR A 17 6.68 -5.07 0.61
N THR A 18 7.88 -5.37 0.09
CA THR A 18 8.81 -4.35 -0.43
C THR A 18 8.27 -3.78 -1.76
N ASP A 19 7.66 -4.68 -2.56
CA ASP A 19 6.96 -4.30 -3.82
C ASP A 19 5.89 -3.25 -3.53
N LEU A 20 5.18 -3.42 -2.39
CA LEU A 20 4.14 -2.47 -1.95
C LEU A 20 4.74 -1.08 -1.67
N LEU A 21 5.93 -1.04 -1.04
CA LEU A 21 6.65 0.24 -0.76
C LEU A 21 6.94 1.00 -2.07
N SER A 22 7.26 0.23 -3.14
CA SER A 22 7.44 0.75 -4.49
C SER A 22 6.11 1.35 -5.00
N VAL A 23 5.03 0.52 -4.94
CA VAL A 23 3.69 0.89 -5.46
C VAL A 23 3.19 2.22 -4.88
N ILE A 24 3.44 2.43 -3.56
CA ILE A 24 3.11 3.69 -2.86
C ILE A 24 3.67 4.91 -3.63
N GLU A 25 4.98 4.86 -3.89
CA GLU A 25 5.71 5.94 -4.56
C GLU A 25 5.31 6.04 -6.06
N GLU A 26 4.93 4.90 -6.65
CA GLU A 26 4.50 4.83 -8.06
C GLU A 26 3.07 5.37 -8.23
N MET A 27 2.31 5.44 -7.14
CA MET A 27 1.02 6.14 -7.12
C MET A 27 1.29 7.65 -6.99
N GLY A 28 2.36 8.00 -6.25
CA GLY A 28 2.80 9.37 -6.06
C GLY A 28 3.14 10.10 -7.36
N LYS A 29 3.63 9.35 -8.35
CA LYS A 29 4.08 9.92 -9.62
C LYS A 29 2.88 10.15 -10.57
N GLU A 30 1.80 9.37 -10.34
CA GLU A 30 0.57 9.45 -11.15
C GLU A 30 -0.29 10.66 -10.75
N ILE A 31 -0.10 11.16 -9.52
CA ILE A 31 -0.94 12.24 -8.93
C ILE A 31 -0.90 13.52 -9.79
N ARG A 32 0.31 13.92 -10.22
CA ARG A 32 0.52 15.19 -10.94
C ARG A 32 -0.17 15.19 -12.33
N PRO A 33 0.06 14.17 -13.26
CA PRO A 33 -0.68 14.11 -14.54
C PRO A 33 -2.21 13.88 -14.36
N THR A 34 -2.61 13.10 -13.31
CA THR A 34 -4.04 12.91 -12.94
C THR A 34 -4.74 14.26 -12.70
N TYR A 35 -4.09 15.07 -11.86
CA TYR A 35 -4.52 16.42 -11.53
C TYR A 35 -4.53 17.33 -12.79
N ALA A 36 -3.61 17.04 -13.73
CA ALA A 36 -3.49 17.80 -14.99
C ALA A 36 -4.49 17.31 -16.06
N GLY A 37 -5.46 16.45 -15.67
CA GLY A 37 -6.55 16.03 -16.54
C GLY A 37 -6.26 14.78 -17.38
N SER A 38 -5.10 14.15 -17.16
CA SER A 38 -4.70 12.92 -17.89
C SER A 38 -5.46 11.69 -17.35
N LYS A 39 -6.49 11.24 -18.11
CA LYS A 39 -7.34 10.08 -17.73
C LYS A 39 -6.57 8.75 -17.75
N SER A 40 -5.53 8.66 -18.59
CA SER A 40 -4.66 7.47 -18.64
C SER A 40 -3.87 7.32 -17.33
N ALA A 41 -3.25 8.43 -16.89
CA ALA A 41 -2.48 8.50 -15.64
C ALA A 41 -3.38 8.31 -14.41
N MET A 42 -4.61 8.85 -14.50
CA MET A 42 -5.65 8.72 -13.47
C MET A 42 -6.09 7.26 -13.32
N GLU A 43 -6.16 6.55 -14.45
CA GLU A 43 -6.51 5.12 -14.47
C GLU A 43 -5.37 4.29 -13.86
N ARG A 44 -4.13 4.73 -14.12
CA ARG A 44 -2.91 4.11 -13.55
C ARG A 44 -2.81 4.39 -12.04
N LEU A 45 -3.34 5.54 -11.62
CA LEU A 45 -3.38 5.94 -10.21
C LEU A 45 -4.37 5.07 -9.45
N LYS A 46 -5.57 4.89 -10.03
CA LYS A 46 -6.62 4.02 -9.44
C LYS A 46 -6.17 2.56 -9.41
N ARG A 47 -5.58 2.09 -10.52
CA ARG A 47 -5.04 0.72 -10.64
C ARG A 47 -3.79 0.53 -9.75
N GLY A 48 -3.17 1.66 -9.35
CA GLY A 48 -2.12 1.67 -8.33
C GLY A 48 -2.69 1.39 -6.96
N ILE A 49 -3.86 1.98 -6.66
CA ILE A 49 -4.60 1.73 -5.40
C ILE A 49 -5.15 0.28 -5.38
N ILE A 50 -5.59 -0.23 -6.55
CA ILE A 50 -6.08 -1.62 -6.70
C ILE A 50 -4.92 -2.62 -6.43
N HIS A 51 -3.72 -2.28 -6.95
CA HIS A 51 -2.50 -3.07 -6.72
C HIS A 51 -2.09 -3.02 -5.24
N ALA A 52 -2.10 -1.80 -4.67
CA ALA A 52 -1.63 -1.54 -3.30
C ALA A 52 -2.52 -2.21 -2.25
N ARG A 53 -3.84 -2.06 -2.40
CA ARG A 53 -4.85 -2.56 -1.44
C ARG A 53 -4.86 -4.09 -1.42
N ALA A 54 -4.54 -4.67 -2.60
CA ALA A 54 -4.38 -6.12 -2.75
C ALA A 54 -3.20 -6.58 -1.89
N LEU A 55 -2.06 -5.89 -2.05
CA LEU A 55 -0.80 -6.24 -1.35
C LEU A 55 -0.94 -6.13 0.18
N VAL A 56 -1.76 -5.17 0.65
CA VAL A 56 -2.02 -4.98 2.09
C VAL A 56 -2.82 -6.19 2.63
N ARG A 57 -3.91 -6.58 1.93
CA ARG A 57 -4.79 -7.68 2.39
C ARG A 57 -4.14 -9.07 2.20
N GLU A 58 -3.13 -9.14 1.30
CA GLU A 58 -2.29 -10.34 1.12
C GLU A 58 -1.46 -10.57 2.37
N CYS A 59 -0.89 -9.47 2.89
CA CYS A 59 -0.10 -9.50 4.11
C CYS A 59 -1.03 -9.67 5.32
N LEU A 60 -2.24 -9.04 5.29
CA LEU A 60 -3.24 -9.12 6.40
C LEU A 60 -3.60 -10.58 6.74
N ALA A 61 -3.52 -11.46 5.72
CA ALA A 61 -3.62 -12.91 5.89
C ALA A 61 -2.62 -13.45 6.94
N GLU A 62 -1.34 -13.06 6.80
CA GLU A 62 -0.28 -13.45 7.77
C GLU A 62 -0.18 -12.46 8.95
N THR A 63 -0.72 -11.23 8.76
CA THR A 63 -0.56 -10.14 9.74
C THR A 63 -1.62 -10.25 10.87
N GLU A 64 -2.71 -10.98 10.62
CA GLU A 64 -3.68 -11.34 11.67
C GLU A 64 -3.13 -12.45 12.57
N ARG A 65 -2.18 -13.24 12.01
CA ARG A 65 -1.43 -14.26 12.75
C ARG A 65 -0.50 -13.56 13.75
N ASN A 66 0.08 -12.44 13.30
CA ASN A 66 0.80 -11.48 14.15
C ASN A 66 -0.22 -10.61 14.95
N ALA A 67 0.18 -10.09 16.12
CA ALA A 67 -0.69 -9.24 16.96
C ALA A 67 0.15 -8.33 17.88
N ARG A 68 0.59 -7.20 17.31
CA ARG A 68 1.29 -6.15 18.06
C ARG A 68 0.33 -4.99 18.34
N THR A 69 -0.10 -4.28 17.28
CA THR A 69 -1.07 -3.17 17.38
C THR A 69 -2.11 -3.32 16.25
N SER B 1 1.15 -12.87 -7.47
CA SER B 1 -0.13 -12.13 -7.48
C SER B 1 -1.30 -13.06 -7.13
N HIS B 2 -2.41 -12.44 -6.69
CA HIS B 2 -3.63 -13.15 -6.30
C HIS B 2 -4.83 -12.22 -6.55
N MET B 3 -5.61 -12.53 -7.58
CA MET B 3 -6.85 -11.82 -7.88
C MET B 3 -7.97 -12.39 -6.99
N ALA B 4 -8.21 -11.72 -5.85
CA ALA B 4 -9.19 -12.14 -4.84
C ALA B 4 -10.62 -11.74 -5.27
N MET B 5 -11.15 -12.46 -6.27
CA MET B 5 -12.56 -12.33 -6.71
C MET B 5 -13.49 -13.02 -5.71
N LYS B 6 -12.92 -14.01 -5.01
CA LYS B 6 -13.53 -14.64 -3.84
C LYS B 6 -12.60 -14.35 -2.65
N PRO B 7 -12.73 -13.15 -1.99
CA PRO B 7 -11.87 -12.77 -0.86
C PRO B 7 -12.53 -13.07 0.51
N PRO B 8 -11.75 -13.02 1.63
CA PRO B 8 -12.27 -12.99 3.00
C PRO B 8 -12.47 -11.55 3.51
N GLY B 9 -12.57 -10.60 2.56
CA GLY B 9 -12.52 -9.17 2.85
C GLY B 9 -11.10 -8.75 3.16
N ALA B 10 -10.72 -8.94 4.42
CA ALA B 10 -9.37 -8.68 4.93
C ALA B 10 -9.25 -9.31 6.32
N GLN B 11 -9.96 -8.70 7.29
CA GLN B 11 -10.10 -9.19 8.70
C GLN B 11 -8.72 -9.38 9.41
N GLY B 12 -7.69 -8.70 8.88
CA GLY B 12 -6.37 -8.66 9.51
C GLY B 12 -6.38 -7.68 10.66
N SER B 13 -6.73 -8.17 11.87
CA SER B 13 -6.91 -7.34 13.08
C SER B 13 -5.56 -6.79 13.61
N GLN B 14 -5.02 -5.84 12.88
CA GLN B 14 -3.72 -5.24 13.17
C GLN B 14 -3.81 -3.76 12.79
N SER B 15 -4.43 -2.98 13.70
CA SER B 15 -4.82 -1.57 13.50
C SER B 15 -3.73 -0.69 12.85
N THR B 16 -2.51 -0.70 13.41
CA THR B 16 -1.37 0.11 12.90
C THR B 16 -1.06 -0.22 11.42
N TYR B 17 -1.21 -1.50 11.06
CA TYR B 17 -1.00 -1.98 9.69
C TYR B 17 -2.28 -1.77 8.83
N THR B 18 -3.44 -1.77 9.48
CA THR B 18 -4.75 -1.60 8.82
C THR B 18 -4.97 -0.11 8.46
N ASP B 19 -4.20 0.78 9.11
CA ASP B 19 -4.09 2.19 8.71
C ASP B 19 -3.62 2.28 7.27
N LEU B 20 -2.66 1.40 6.90
CA LEU B 20 -2.15 1.29 5.53
C LEU B 20 -3.27 0.92 4.55
N LEU B 21 -4.06 -0.12 4.91
CA LEU B 21 -5.23 -0.57 4.10
C LEU B 21 -6.22 0.60 3.87
N SER B 22 -6.44 1.36 4.97
CA SER B 22 -7.35 2.50 5.00
C SER B 22 -6.84 3.62 4.07
N VAL B 23 -5.54 3.97 4.20
CA VAL B 23 -4.92 5.08 3.46
C VAL B 23 -5.00 4.86 1.95
N ILE B 24 -4.76 3.59 1.52
CA ILE B 24 -4.88 3.20 0.09
C ILE B 24 -6.27 3.56 -0.47
N GLU B 25 -7.31 3.26 0.32
CA GLU B 25 -8.71 3.54 -0.04
C GLU B 25 -9.04 5.05 0.08
N GLU B 26 -8.45 5.72 1.08
CA GLU B 26 -8.68 7.17 1.32
C GLU B 26 -8.17 7.99 0.13
N MET B 27 -7.04 7.56 -0.42
CA MET B 27 -6.46 8.13 -1.63
C MET B 27 -7.29 7.72 -2.84
N GLY B 28 -7.65 6.42 -2.87
CA GLY B 28 -8.36 5.79 -3.99
C GLY B 28 -9.66 6.49 -4.37
N LYS B 29 -10.35 6.99 -3.35
CA LYS B 29 -11.65 7.64 -3.52
C LYS B 29 -11.44 9.11 -3.96
N GLU B 30 -10.38 9.74 -3.42
CA GLU B 30 -10.07 11.16 -3.66
C GLU B 30 -9.21 11.39 -4.91
N ILE B 31 -9.03 10.33 -5.73
CA ILE B 31 -8.47 10.45 -7.08
C ILE B 31 -9.44 11.23 -8.01
N ARG B 32 -10.76 11.00 -7.82
CA ARG B 32 -11.81 11.64 -8.64
C ARG B 32 -11.85 13.19 -8.47
N PRO B 33 -11.95 13.77 -7.22
CA PRO B 33 -11.88 15.25 -7.05
C PRO B 33 -10.54 15.85 -7.50
N THR B 34 -9.42 15.13 -7.26
CA THR B 34 -8.07 15.50 -7.77
C THR B 34 -8.09 15.66 -9.30
N TYR B 35 -8.66 14.64 -9.96
CA TYR B 35 -8.83 14.59 -11.41
C TYR B 35 -9.77 15.72 -11.90
N ALA B 36 -10.71 16.15 -11.04
CA ALA B 36 -11.66 17.24 -11.33
C ALA B 36 -11.06 18.62 -11.04
N GLY B 37 -9.73 18.65 -10.75
CA GLY B 37 -8.99 19.90 -10.55
C GLY B 37 -9.10 20.48 -9.14
N SER B 38 -9.43 19.63 -8.15
CA SER B 38 -9.36 20.02 -6.73
C SER B 38 -7.93 19.77 -6.17
N LYS B 39 -7.15 20.87 -6.07
CA LYS B 39 -5.79 20.84 -5.49
C LYS B 39 -5.80 20.52 -3.99
N SER B 40 -6.94 20.79 -3.32
CA SER B 40 -7.14 20.44 -1.90
C SER B 40 -7.09 18.91 -1.71
N ALA B 41 -7.89 18.20 -2.54
CA ALA B 41 -7.97 16.72 -2.55
C ALA B 41 -6.69 16.12 -3.12
N MET B 42 -6.03 16.86 -4.03
CA MET B 42 -4.74 16.46 -4.64
C MET B 42 -3.62 16.48 -3.61
N GLU B 43 -3.65 17.49 -2.71
CA GLU B 43 -2.66 17.65 -1.64
C GLU B 43 -2.81 16.51 -0.60
N ARG B 44 -4.09 16.15 -0.36
CA ARG B 44 -4.46 15.03 0.54
C ARG B 44 -4.04 13.69 -0.07
N LEU B 45 -4.21 13.58 -1.40
CA LEU B 45 -3.84 12.40 -2.18
C LEU B 45 -2.31 12.16 -2.10
N LYS B 46 -1.54 13.26 -2.25
CA LYS B 46 -0.07 13.27 -2.06
C LYS B 46 0.29 12.83 -0.64
N ARG B 47 -0.34 13.47 0.35
CA ARG B 47 -0.05 13.25 1.78
C ARG B 47 -0.34 11.80 2.18
N GLY B 48 -1.27 11.17 1.44
CA GLY B 48 -1.57 9.75 1.59
C GLY B 48 -0.40 8.88 1.20
N ILE B 49 0.27 9.22 0.08
CA ILE B 49 1.49 8.51 -0.36
C ILE B 49 2.61 8.66 0.71
N ILE B 50 2.77 9.88 1.27
CA ILE B 50 3.79 10.14 2.32
C ILE B 50 3.48 9.29 3.59
N HIS B 51 2.18 9.26 3.95
CA HIS B 51 1.69 8.50 5.11
C HIS B 51 1.94 7.00 4.91
N ALA B 52 1.54 6.49 3.73
CA ALA B 52 1.63 5.05 3.38
C ALA B 52 3.08 4.61 3.16
N ARG B 53 3.93 5.56 2.72
CA ARG B 53 5.38 5.32 2.48
C ARG B 53 6.06 5.05 3.83
N ALA B 54 5.65 5.82 4.86
CA ALA B 54 6.14 5.67 6.23
C ALA B 54 5.57 4.41 6.88
N LEU B 55 4.26 4.15 6.61
CA LEU B 55 3.52 2.96 7.12
C LEU B 55 4.21 1.65 6.71
N VAL B 56 4.48 1.51 5.39
CA VAL B 56 5.13 0.32 4.85
C VAL B 56 6.56 0.18 5.42
N ARG B 57 7.29 1.31 5.46
CA ARG B 57 8.69 1.36 5.94
C ARG B 57 8.85 0.82 7.37
N GLU B 58 7.92 1.23 8.25
CA GLU B 58 7.91 0.86 9.68
C GLU B 58 7.50 -0.61 9.85
N CYS B 59 6.46 -1.03 9.10
CA CYS B 59 5.94 -2.41 9.17
C CYS B 59 6.94 -3.42 8.60
N LEU B 60 7.74 -3.00 7.58
CA LEU B 60 8.80 -3.82 6.95
C LEU B 60 9.73 -4.46 8.02
N ALA B 61 10.01 -3.67 9.07
CA ALA B 61 10.92 -4.05 10.16
C ALA B 61 10.49 -5.36 10.85
N GLU B 62 9.22 -5.41 11.31
CA GLU B 62 8.66 -6.61 11.97
C GLU B 62 8.19 -7.67 10.94
N THR B 63 7.78 -7.22 9.73
CA THR B 63 7.33 -8.12 8.63
C THR B 63 8.51 -8.98 8.14
N GLU B 64 9.73 -8.45 8.30
CA GLU B 64 10.97 -9.19 8.07
C GLU B 64 11.03 -10.39 9.02
N ARG B 65 10.83 -10.12 10.33
CA ARG B 65 10.75 -11.17 11.38
C ARG B 65 9.51 -12.09 11.19
N ASN B 66 8.42 -11.55 10.64
CA ASN B 66 7.17 -12.29 10.41
C ASN B 66 7.31 -13.16 9.16
N ALA B 67 7.05 -12.58 7.95
CA ALA B 67 7.26 -13.25 6.65
C ALA B 67 6.59 -14.63 6.57
N ARG B 68 5.40 -14.75 7.19
CA ARG B 68 4.67 -16.02 7.29
C ARG B 68 3.71 -16.22 6.13
N THR B 69 3.25 -17.47 5.98
CA THR B 69 2.32 -17.91 4.94
C THR B 69 1.50 -19.09 5.51
N SER A 1 2.57 -5.83 26.51
CA SER A 1 4.04 -5.72 26.43
C SER A 1 4.49 -5.69 24.96
N HIS A 2 5.10 -4.57 24.52
CA HIS A 2 5.71 -4.47 23.17
C HIS A 2 7.12 -5.07 23.22
N MET A 3 7.31 -6.23 22.58
CA MET A 3 8.60 -6.94 22.57
C MET A 3 9.64 -6.18 21.71
N ALA A 4 9.14 -5.54 20.63
CA ALA A 4 9.92 -4.64 19.75
C ALA A 4 11.11 -5.34 19.06
N MET A 5 11.06 -6.68 19.02
CA MET A 5 12.11 -7.53 18.44
C MET A 5 11.94 -7.59 16.91
N LYS A 6 12.99 -7.19 16.19
CA LYS A 6 13.06 -7.21 14.73
C LYS A 6 14.55 -7.19 14.31
N PRO A 7 15.23 -8.37 14.35
CA PRO A 7 16.66 -8.48 13.92
C PRO A 7 16.84 -8.11 12.43
N PRO A 8 17.93 -7.38 12.04
CA PRO A 8 18.21 -7.04 10.63
C PRO A 8 18.51 -8.30 9.77
N GLY A 9 17.55 -8.66 8.90
CA GLY A 9 17.70 -9.79 7.97
C GLY A 9 17.21 -9.42 6.59
N ALA A 10 17.87 -8.39 6.01
CA ALA A 10 17.50 -7.82 4.70
C ALA A 10 17.75 -8.84 3.57
N GLN A 11 16.69 -9.55 3.16
CA GLN A 11 16.77 -10.66 2.19
C GLN A 11 15.41 -10.82 1.48
N GLY A 12 15.13 -12.04 0.94
CA GLY A 12 13.86 -12.36 0.25
C GLY A 12 12.63 -12.44 1.17
N SER A 13 12.76 -11.95 2.42
CA SER A 13 11.67 -11.87 3.39
C SER A 13 10.73 -10.72 3.05
N GLN A 14 11.24 -9.48 3.16
CA GLN A 14 10.49 -8.25 2.91
C GLN A 14 10.31 -8.00 1.42
N SER A 15 11.26 -8.53 0.60
CA SER A 15 11.31 -8.37 -0.88
C SER A 15 9.96 -8.54 -1.58
N THR A 16 9.14 -9.49 -1.10
CA THR A 16 7.87 -9.84 -1.74
C THR A 16 6.83 -8.71 -1.47
N TYR A 17 6.90 -8.15 -0.26
CA TYR A 17 6.03 -7.07 0.22
C TYR A 17 6.56 -5.67 -0.21
N THR A 18 7.86 -5.57 -0.55
CA THR A 18 8.52 -4.30 -0.92
C THR A 18 7.89 -3.69 -2.20
N ASP A 19 7.23 -4.56 -2.99
CA ASP A 19 6.43 -4.16 -4.16
C ASP A 19 5.44 -3.04 -3.80
N LEU A 20 4.80 -3.18 -2.62
CA LEU A 20 3.85 -2.19 -2.10
C LEU A 20 4.50 -0.81 -1.89
N LEU A 21 5.71 -0.80 -1.30
CA LEU A 21 6.49 0.44 -1.06
C LEU A 21 6.71 1.20 -2.38
N SER A 22 6.98 0.43 -3.44
CA SER A 22 7.14 0.95 -4.79
C SER A 22 5.80 1.51 -5.32
N VAL A 23 4.71 0.71 -5.21
CA VAL A 23 3.36 1.09 -5.74
C VAL A 23 2.92 2.47 -5.20
N ILE A 24 3.12 2.67 -3.89
CA ILE A 24 2.76 3.92 -3.20
C ILE A 24 3.51 5.14 -3.79
N GLU A 25 4.83 5.00 -3.95
CA GLU A 25 5.68 6.11 -4.43
C GLU A 25 5.50 6.34 -5.95
N GLU A 26 5.16 5.27 -6.69
CA GLU A 26 4.98 5.35 -8.15
C GLU A 26 3.60 5.89 -8.52
N MET A 27 2.61 5.69 -7.65
CA MET A 27 1.29 6.33 -7.83
C MET A 27 1.41 7.82 -7.42
N GLY A 28 2.31 8.08 -6.43
CA GLY A 28 2.55 9.41 -5.88
C GLY A 28 3.06 10.44 -6.89
N LYS A 29 3.77 9.95 -7.92
CA LYS A 29 4.34 10.80 -8.96
C LYS A 29 3.29 11.09 -10.06
N GLU A 30 2.33 10.13 -10.21
CA GLU A 30 1.27 10.21 -11.23
C GLU A 30 0.07 11.04 -10.78
N ILE A 31 0.06 11.46 -9.50
CA ILE A 31 -0.97 12.36 -8.97
C ILE A 31 -0.94 13.73 -9.67
N ARG A 32 0.26 14.18 -10.07
CA ARG A 32 0.48 15.50 -10.68
C ARG A 32 -0.11 15.55 -12.14
N PRO A 33 0.26 14.61 -13.10
CA PRO A 33 -0.40 14.57 -14.43
C PRO A 33 -1.92 14.28 -14.34
N THR A 34 -2.33 13.38 -13.42
CA THR A 34 -3.77 13.13 -13.13
C THR A 34 -4.50 14.43 -12.77
N TYR A 35 -3.87 15.20 -11.86
CA TYR A 35 -4.34 16.53 -11.44
C TYR A 35 -4.47 17.50 -12.63
N ALA A 36 -3.66 17.30 -13.67
CA ALA A 36 -3.68 18.13 -14.90
C ALA A 36 -4.62 17.53 -15.97
N GLY A 37 -5.53 16.63 -15.55
CA GLY A 37 -6.56 16.08 -16.43
C GLY A 37 -6.08 14.91 -17.29
N SER A 38 -4.86 14.39 -17.05
CA SER A 38 -4.31 13.27 -17.82
C SER A 38 -4.88 11.92 -17.33
N LYS A 39 -5.87 11.39 -18.10
CA LYS A 39 -6.58 10.14 -17.80
C LYS A 39 -5.68 8.89 -17.86
N SER A 40 -4.60 8.96 -18.65
CA SER A 40 -3.63 7.85 -18.77
C SER A 40 -2.94 7.61 -17.41
N ALA A 41 -2.54 8.73 -16.76
CA ALA A 41 -1.95 8.73 -15.42
C ALA A 41 -2.99 8.31 -14.37
N MET A 42 -4.23 8.80 -14.53
CA MET A 42 -5.36 8.55 -13.62
C MET A 42 -5.77 7.08 -13.60
N GLU A 43 -5.63 6.41 -14.76
CA GLU A 43 -5.95 4.98 -14.92
C GLU A 43 -4.94 4.14 -14.10
N ARG A 44 -3.66 4.50 -14.25
CA ARG A 44 -2.54 3.82 -13.58
C ARG A 44 -2.50 4.16 -12.08
N LEU A 45 -3.05 5.35 -11.74
CA LEU A 45 -3.17 5.82 -10.35
C LEU A 45 -4.22 4.97 -9.61
N LYS A 46 -5.41 4.78 -10.22
CA LYS A 46 -6.50 3.95 -9.65
C LYS A 46 -6.07 2.49 -9.48
N ARG A 47 -5.41 1.94 -10.52
CA ARG A 47 -4.91 0.55 -10.50
C ARG A 47 -3.85 0.36 -9.41
N GLY A 48 -3.10 1.45 -9.14
CA GLY A 48 -2.16 1.51 -8.02
C GLY A 48 -2.84 1.17 -6.71
N ILE A 49 -3.94 1.87 -6.40
CA ILE A 49 -4.73 1.67 -5.16
C ILE A 49 -5.37 0.27 -5.11
N ILE A 50 -5.82 -0.25 -6.27
CA ILE A 50 -6.42 -1.59 -6.37
C ILE A 50 -5.43 -2.68 -5.89
N HIS A 51 -4.25 -2.69 -6.54
CA HIS A 51 -3.18 -3.65 -6.20
C HIS A 51 -2.62 -3.41 -4.79
N ALA A 52 -2.52 -2.13 -4.39
CA ALA A 52 -1.91 -1.73 -3.11
C ALA A 52 -2.76 -2.20 -1.92
N ARG A 53 -4.08 -2.05 -2.06
CA ARG A 53 -5.05 -2.46 -1.01
C ARG A 53 -5.05 -3.98 -0.87
N ALA A 54 -4.83 -4.68 -2.01
CA ALA A 54 -4.81 -6.14 -2.06
C ALA A 54 -3.57 -6.68 -1.32
N LEU A 55 -2.43 -5.97 -1.51
CA LEU A 55 -1.16 -6.30 -0.87
C LEU A 55 -1.25 -6.22 0.67
N VAL A 56 -2.01 -5.23 1.18
CA VAL A 56 -2.18 -5.05 2.64
C VAL A 56 -3.20 -6.06 3.20
N ARG A 57 -4.36 -6.20 2.53
CA ARG A 57 -5.50 -7.01 3.06
C ARG A 57 -5.19 -8.52 3.09
N GLU A 58 -4.42 -8.99 2.10
CA GLU A 58 -3.94 -10.39 2.08
C GLU A 58 -2.87 -10.62 3.15
N CYS A 59 -2.05 -9.59 3.40
CA CYS A 59 -0.98 -9.65 4.40
C CYS A 59 -1.55 -9.59 5.84
N LEU A 60 -2.78 -9.03 6.00
CA LEU A 60 -3.50 -8.99 7.30
C LEU A 60 -3.58 -10.39 7.94
N ALA A 61 -3.67 -11.42 7.08
CA ALA A 61 -3.81 -12.83 7.50
C ALA A 61 -2.70 -13.28 8.47
N GLU A 62 -1.44 -13.06 8.07
CA GLU A 62 -0.27 -13.49 8.86
C GLU A 62 0.11 -12.43 9.92
N THR A 63 -0.16 -11.15 9.62
CA THR A 63 0.16 -10.02 10.51
C THR A 63 -0.76 -10.02 11.74
N GLU A 64 -1.97 -10.59 11.54
CA GLU A 64 -2.99 -10.79 12.58
C GLU A 64 -2.43 -11.62 13.73
N ARG A 65 -1.68 -12.67 13.37
CA ARG A 65 -1.04 -13.57 14.34
C ARG A 65 0.12 -12.83 15.05
N ASN A 66 0.89 -12.04 14.27
CA ASN A 66 2.05 -11.30 14.78
C ASN A 66 1.59 -10.11 15.64
N ALA A 67 1.34 -10.40 16.92
CA ALA A 67 0.86 -9.43 17.91
C ALA A 67 2.03 -8.57 18.42
N ARG A 68 2.15 -7.36 17.88
CA ARG A 68 3.18 -6.38 18.28
C ARG A 68 2.52 -5.23 19.08
N THR A 69 1.43 -4.69 18.51
CA THR A 69 0.66 -3.59 19.13
C THR A 69 -0.70 -4.13 19.62
N SER B 1 -9.56 -3.10 -13.22
CA SER B 1 -10.43 -4.08 -12.57
C SER B 1 -9.74 -4.63 -11.31
N HIS B 2 -10.50 -5.38 -10.48
CA HIS B 2 -9.99 -6.00 -9.25
C HIS B 2 -10.36 -7.49 -9.22
N MET B 3 -9.45 -8.33 -9.74
CA MET B 3 -9.58 -9.81 -9.67
C MET B 3 -9.38 -10.27 -8.22
N ALA B 4 -8.60 -9.49 -7.45
CA ALA B 4 -8.46 -9.62 -6.00
C ALA B 4 -9.80 -9.29 -5.33
N MET B 5 -10.61 -10.32 -5.08
CA MET B 5 -11.95 -10.20 -4.48
C MET B 5 -11.96 -10.90 -3.11
N LYS B 6 -11.75 -10.10 -2.07
CA LYS B 6 -11.74 -10.52 -0.67
C LYS B 6 -11.82 -9.27 0.21
N PRO B 7 -13.05 -8.87 0.67
CA PRO B 7 -13.23 -7.73 1.60
C PRO B 7 -12.41 -7.85 2.91
N PRO B 8 -12.09 -6.70 3.58
CA PRO B 8 -11.43 -6.71 4.91
C PRO B 8 -12.29 -7.43 5.97
N GLY B 9 -12.04 -8.74 6.13
CA GLY B 9 -12.72 -9.58 7.13
C GLY B 9 -11.76 -10.11 8.18
N ALA B 10 -10.67 -9.37 8.39
CA ALA B 10 -9.67 -9.67 9.42
C ALA B 10 -10.09 -9.04 10.75
N GLN B 11 -9.86 -9.74 11.88
CA GLN B 11 -10.09 -9.19 13.23
C GLN B 11 -9.01 -8.14 13.54
N GLY B 12 -9.29 -7.24 14.49
CA GLY B 12 -8.44 -6.08 14.77
C GLY B 12 -7.14 -6.38 15.53
N SER B 13 -6.62 -7.62 15.43
CA SER B 13 -5.33 -8.02 16.02
C SER B 13 -4.15 -7.32 15.34
N GLN B 14 -4.36 -6.82 14.10
CA GLN B 14 -3.33 -6.10 13.33
C GLN B 14 -3.86 -4.72 12.89
N SER B 15 -4.83 -4.15 13.65
CA SER B 15 -5.54 -2.89 13.30
C SER B 15 -4.59 -1.72 12.95
N THR B 16 -3.51 -1.58 13.74
CA THR B 16 -2.42 -0.60 13.48
C THR B 16 -1.84 -0.75 12.04
N TYR B 17 -1.73 -2.00 11.57
CA TYR B 17 -1.28 -2.35 10.21
C TYR B 17 -2.44 -2.20 9.18
N THR B 18 -3.67 -2.53 9.62
CA THR B 18 -4.89 -2.41 8.79
C THR B 18 -5.21 -0.93 8.51
N ASP B 19 -4.59 -0.03 9.32
CA ASP B 19 -4.64 1.42 9.09
C ASP B 19 -4.07 1.75 7.70
N LEU B 20 -3.01 1.03 7.31
CA LEU B 20 -2.38 1.14 5.99
C LEU B 20 -3.39 0.80 4.88
N LEU B 21 -4.14 -0.31 5.07
CA LEU B 21 -5.22 -0.75 4.14
C LEU B 21 -6.26 0.37 3.98
N SER B 22 -6.58 1.03 5.11
CA SER B 22 -7.49 2.16 5.13
C SER B 22 -6.96 3.28 4.24
N VAL B 23 -5.68 3.70 4.48
CA VAL B 23 -5.02 4.81 3.77
C VAL B 23 -5.10 4.63 2.25
N ILE B 24 -4.86 3.38 1.79
CA ILE B 24 -4.86 3.04 0.37
C ILE B 24 -6.18 3.48 -0.32
N GLU B 25 -7.29 3.12 0.30
CA GLU B 25 -8.63 3.41 -0.24
C GLU B 25 -9.12 4.83 0.13
N GLU B 26 -8.51 5.44 1.17
CA GLU B 26 -8.78 6.84 1.53
C GLU B 26 -8.20 7.78 0.47
N MET B 27 -7.04 7.41 -0.09
CA MET B 27 -6.43 8.15 -1.22
C MET B 27 -7.14 7.72 -2.53
N GLY B 28 -7.62 6.46 -2.57
CA GLY B 28 -8.29 5.88 -3.74
C GLY B 28 -9.55 6.62 -4.20
N LYS B 29 -10.23 7.29 -3.25
CA LYS B 29 -11.43 8.08 -3.54
C LYS B 29 -11.06 9.52 -3.93
N GLU B 30 -9.87 9.97 -3.49
CA GLU B 30 -9.37 11.34 -3.75
C GLU B 30 -8.85 11.50 -5.18
N ILE B 31 -8.67 10.38 -5.89
CA ILE B 31 -8.19 10.37 -7.29
C ILE B 31 -9.13 11.15 -8.22
N ARG B 32 -10.45 11.00 -8.03
CA ARG B 32 -11.48 11.61 -8.90
C ARG B 32 -11.49 13.17 -8.76
N PRO B 33 -11.64 13.78 -7.53
CA PRO B 33 -11.60 15.25 -7.37
C PRO B 33 -10.23 15.86 -7.76
N THR B 34 -9.12 15.14 -7.45
CA THR B 34 -7.76 15.51 -7.91
C THR B 34 -7.72 15.63 -9.44
N TYR B 35 -8.23 14.59 -10.10
CA TYR B 35 -8.33 14.49 -11.55
C TYR B 35 -9.18 15.63 -12.13
N ALA B 36 -10.15 16.12 -11.34
CA ALA B 36 -11.07 17.20 -11.76
C ALA B 36 -10.49 18.59 -11.44
N GLY B 37 -9.16 18.64 -11.17
CA GLY B 37 -8.45 19.90 -10.97
C GLY B 37 -8.59 20.49 -9.57
N SER B 38 -9.09 19.71 -8.60
CA SER B 38 -9.21 20.16 -7.19
C SER B 38 -7.90 19.94 -6.41
N LYS B 39 -7.17 21.04 -6.11
CA LYS B 39 -5.90 21.03 -5.34
C LYS B 39 -6.13 20.63 -3.87
N SER B 40 -7.36 20.86 -3.38
CA SER B 40 -7.77 20.51 -2.01
C SER B 40 -7.60 19.00 -1.79
N ALA B 41 -8.14 18.22 -2.74
CA ALA B 41 -8.10 16.75 -2.71
C ALA B 41 -6.76 16.21 -3.22
N MET B 42 -6.09 16.98 -4.12
CA MET B 42 -4.77 16.61 -4.68
C MET B 42 -3.71 16.55 -3.59
N GLU B 43 -3.73 17.56 -2.71
CA GLU B 43 -2.79 17.64 -1.58
C GLU B 43 -3.07 16.54 -0.54
N ARG B 44 -4.35 16.11 -0.44
CA ARG B 44 -4.74 15.00 0.46
C ARG B 44 -4.42 13.64 -0.18
N LEU B 45 -4.38 13.61 -1.52
CA LEU B 45 -4.00 12.41 -2.29
C LEU B 45 -2.48 12.21 -2.13
N LYS B 46 -1.71 13.31 -2.23
CA LYS B 46 -0.26 13.33 -1.94
C LYS B 46 0.02 12.91 -0.49
N ARG B 47 -0.79 13.47 0.43
CA ARG B 47 -0.72 13.19 1.89
C ARG B 47 -0.96 11.69 2.15
N GLY B 48 -1.86 11.10 1.36
CA GLY B 48 -2.15 9.68 1.43
C GLY B 48 -0.91 8.84 1.13
N ILE B 49 -0.17 9.22 0.09
CA ILE B 49 1.06 8.53 -0.34
C ILE B 49 2.17 8.69 0.72
N ILE B 50 2.29 9.88 1.31
CA ILE B 50 3.31 10.17 2.34
C ILE B 50 3.06 9.30 3.59
N HIS B 51 1.79 9.25 4.01
CA HIS B 51 1.35 8.44 5.17
C HIS B 51 1.52 6.94 4.89
N ALA B 52 1.12 6.51 3.67
CA ALA B 52 1.13 5.09 3.28
C ALA B 52 2.57 4.55 3.16
N ARG B 53 3.45 5.32 2.48
CA ARG B 53 4.84 4.91 2.22
C ARG B 53 5.63 4.78 3.53
N ALA B 54 5.29 5.64 4.50
CA ALA B 54 5.87 5.62 5.85
C ALA B 54 5.44 4.34 6.59
N LEU B 55 4.14 4.00 6.44
CA LEU B 55 3.54 2.81 7.07
C LEU B 55 4.13 1.52 6.48
N VAL B 56 4.28 1.46 5.14
CA VAL B 56 4.84 0.28 4.44
C VAL B 56 6.30 0.06 4.87
N ARG B 57 7.04 1.17 5.05
CA ARG B 57 8.44 1.15 5.49
C ARG B 57 8.56 0.55 6.91
N GLU B 58 7.60 0.90 7.78
CA GLU B 58 7.53 0.36 9.14
C GLU B 58 7.11 -1.12 9.12
N CYS B 59 6.23 -1.47 8.17
CA CYS B 59 5.75 -2.84 7.97
C CYS B 59 6.89 -3.76 7.49
N LEU B 60 7.76 -3.21 6.62
CA LEU B 60 8.91 -3.93 6.03
C LEU B 60 9.88 -4.42 7.12
N ALA B 61 9.91 -3.72 8.26
CA ALA B 61 10.76 -4.09 9.41
C ALA B 61 10.34 -5.45 10.01
N GLU B 62 9.03 -5.64 10.27
CA GLU B 62 8.50 -6.92 10.78
C GLU B 62 8.42 -7.97 9.65
N THR B 63 8.23 -7.50 8.39
CA THR B 63 8.17 -8.38 7.20
C THR B 63 9.58 -8.91 6.85
N GLU B 64 10.59 -8.15 7.28
CA GLU B 64 12.02 -8.53 7.18
C GLU B 64 12.30 -9.68 8.17
N ARG B 65 11.67 -9.61 9.35
CA ARG B 65 11.78 -10.66 10.38
C ARG B 65 10.92 -11.87 9.98
N ASN B 66 9.90 -11.60 9.16
CA ASN B 66 9.00 -12.60 8.57
C ASN B 66 9.71 -13.30 7.38
N ALA B 67 10.81 -13.99 7.68
CA ALA B 67 11.66 -14.67 6.70
C ALA B 67 11.29 -16.14 6.63
N ARG B 68 10.44 -16.50 5.68
CA ARG B 68 9.99 -17.88 5.48
C ARG B 68 11.15 -18.74 4.99
N THR B 69 11.97 -18.16 4.11
CA THR B 69 13.19 -18.76 3.60
C THR B 69 14.40 -18.17 4.37
N SER A 1 16.81 -15.29 -35.45
CA SER A 1 17.12 -14.67 -34.14
C SER A 1 16.97 -15.68 -33.01
N HIS A 2 17.48 -15.35 -31.81
CA HIS A 2 17.30 -16.14 -30.59
C HIS A 2 16.62 -15.27 -29.54
N MET A 3 15.37 -15.61 -29.18
CA MET A 3 14.62 -14.92 -28.14
C MET A 3 14.69 -15.77 -26.86
N ALA A 4 15.77 -15.60 -26.09
CA ALA A 4 16.08 -16.43 -24.92
C ALA A 4 16.31 -15.54 -23.68
N MET A 5 15.24 -15.33 -22.88
CA MET A 5 15.30 -14.54 -21.64
C MET A 5 16.07 -15.31 -20.55
N LYS A 6 16.66 -14.57 -19.59
CA LYS A 6 17.52 -15.15 -18.54
C LYS A 6 17.28 -14.45 -17.18
N PRO A 7 16.07 -14.66 -16.54
CA PRO A 7 15.72 -14.02 -15.26
C PRO A 7 16.33 -14.77 -14.04
N PRO A 8 16.70 -14.04 -12.94
CA PRO A 8 17.07 -14.67 -11.64
C PRO A 8 15.90 -15.47 -11.04
N GLY A 9 16.21 -16.49 -10.23
CA GLY A 9 15.22 -17.39 -9.63
C GLY A 9 14.21 -16.64 -8.76
N ALA A 10 12.91 -16.95 -8.96
CA ALA A 10 11.79 -16.29 -8.27
C ALA A 10 11.84 -16.52 -6.76
N GLN A 11 12.50 -15.59 -6.06
CA GLN A 11 12.71 -15.62 -4.62
C GLN A 11 12.42 -14.24 -4.04
N GLY A 12 11.91 -14.20 -2.80
CA GLY A 12 11.59 -12.96 -2.14
C GLY A 12 10.99 -13.18 -0.76
N SER A 13 11.68 -12.69 0.28
CA SER A 13 11.20 -12.83 1.67
C SER A 13 10.25 -11.67 2.00
N GLN A 14 10.81 -10.46 2.01
CA GLN A 14 10.06 -9.22 2.30
C GLN A 14 9.64 -8.52 0.99
N SER A 15 10.18 -9.00 -0.16
CA SER A 15 10.00 -8.38 -1.49
C SER A 15 8.55 -7.97 -1.83
N THR A 16 7.57 -8.86 -1.63
CA THR A 16 6.13 -8.55 -1.85
C THR A 16 5.61 -7.39 -0.96
N TYR A 17 6.11 -7.32 0.28
CA TYR A 17 5.74 -6.25 1.22
C TYR A 17 6.45 -4.92 0.82
N THR A 18 7.69 -5.03 0.33
CA THR A 18 8.47 -3.87 -0.15
C THR A 18 8.00 -3.47 -1.59
N ASP A 19 7.29 -4.42 -2.24
CA ASP A 19 6.62 -4.20 -3.53
C ASP A 19 5.43 -3.27 -3.32
N LEU A 20 4.76 -3.44 -2.17
CA LEU A 20 3.71 -2.53 -1.69
C LEU A 20 4.28 -1.13 -1.46
N LEU A 21 5.47 -1.07 -0.82
CA LEU A 21 6.24 0.18 -0.59
C LEU A 21 6.54 0.88 -1.94
N SER A 22 6.77 0.05 -2.98
CA SER A 22 6.98 0.51 -4.36
C SER A 22 5.70 1.10 -4.95
N VAL A 23 4.55 0.37 -4.82
CA VAL A 23 3.25 0.80 -5.38
C VAL A 23 2.86 2.18 -4.85
N ILE A 24 3.09 2.38 -3.53
CA ILE A 24 2.83 3.67 -2.87
C ILE A 24 3.59 4.82 -3.58
N GLU A 25 4.91 4.65 -3.79
CA GLU A 25 5.76 5.66 -4.42
C GLU A 25 5.40 5.85 -5.91
N GLU A 26 4.95 4.75 -6.56
CA GLU A 26 4.50 4.78 -7.96
C GLU A 26 3.32 5.73 -8.11
N MET A 27 2.30 5.50 -7.27
CA MET A 27 1.09 6.32 -7.22
C MET A 27 1.42 7.77 -6.87
N GLY A 28 2.46 7.94 -6.01
CA GLY A 28 2.93 9.26 -5.57
C GLY A 28 3.39 10.15 -6.71
N LYS A 29 3.99 9.53 -7.73
CA LYS A 29 4.49 10.25 -8.92
C LYS A 29 3.32 10.63 -9.83
N GLU A 30 2.42 9.65 -10.00
CA GLU A 30 1.34 9.68 -11.02
C GLU A 30 0.16 10.56 -10.57
N ILE A 31 0.27 11.16 -9.37
CA ILE A 31 -0.66 12.19 -8.89
C ILE A 31 -0.55 13.45 -9.77
N ARG A 32 0.68 13.77 -10.24
CA ARG A 32 0.94 14.97 -11.03
C ARG A 32 0.18 14.96 -12.40
N PRO A 33 0.38 13.93 -13.31
CA PRO A 33 -0.34 13.91 -14.60
C PRO A 33 -1.87 13.75 -14.43
N THR A 34 -2.30 13.01 -13.38
CA THR A 34 -3.73 12.91 -12.99
C THR A 34 -4.33 14.30 -12.70
N TYR A 35 -3.63 15.04 -11.84
CA TYR A 35 -3.99 16.41 -11.44
C TYR A 35 -3.94 17.36 -12.65
N ALA A 36 -3.10 17.02 -13.65
CA ALA A 36 -2.91 17.82 -14.87
C ALA A 36 -3.97 17.51 -15.94
N GLY A 37 -4.99 16.73 -15.56
CA GLY A 37 -6.13 16.45 -16.43
C GLY A 37 -5.96 15.24 -17.34
N SER A 38 -4.85 14.50 -17.19
CA SER A 38 -4.61 13.26 -17.97
C SER A 38 -5.49 12.10 -17.48
N LYS A 39 -6.56 11.80 -18.25
CA LYS A 39 -7.50 10.69 -17.97
C LYS A 39 -6.79 9.34 -17.85
N SER A 40 -5.78 9.11 -18.72
CA SER A 40 -4.99 7.88 -18.73
C SER A 40 -4.26 7.69 -17.39
N ALA A 41 -3.64 8.79 -16.92
CA ALA A 41 -2.91 8.80 -15.65
C ALA A 41 -3.86 8.49 -14.48
N MET A 42 -5.06 9.10 -14.51
CA MET A 42 -6.10 8.93 -13.48
C MET A 42 -6.60 7.48 -13.39
N GLU A 43 -6.89 6.91 -14.55
CA GLU A 43 -7.47 5.54 -14.68
C GLU A 43 -6.45 4.48 -14.24
N ARG A 44 -5.19 4.69 -14.63
CA ARG A 44 -4.07 3.81 -14.25
C ARG A 44 -3.65 4.04 -12.79
N LEU A 45 -3.90 5.26 -12.27
CA LEU A 45 -3.61 5.60 -10.86
C LEU A 45 -4.56 4.83 -9.94
N LYS A 46 -5.83 4.75 -10.39
CA LYS A 46 -6.88 4.00 -9.68
C LYS A 46 -6.60 2.48 -9.71
N ARG A 47 -5.95 2.01 -10.79
CA ARG A 47 -5.49 0.62 -10.90
C ARG A 47 -4.40 0.29 -9.86
N GLY A 48 -3.55 1.29 -9.55
CA GLY A 48 -2.51 1.16 -8.53
C GLY A 48 -3.08 0.83 -7.16
N ILE A 49 -4.24 1.47 -6.86
CA ILE A 49 -5.00 1.22 -5.62
C ILE A 49 -5.54 -0.22 -5.55
N ILE A 50 -5.85 -0.84 -6.71
CA ILE A 50 -6.30 -2.24 -6.77
C ILE A 50 -5.18 -3.17 -6.28
N HIS A 51 -3.97 -3.01 -6.87
CA HIS A 51 -2.79 -3.82 -6.52
C HIS A 51 -2.35 -3.55 -5.07
N ALA A 52 -2.40 -2.28 -4.66
CA ALA A 52 -1.98 -1.84 -3.32
C ALA A 52 -2.88 -2.46 -2.23
N ARG A 53 -4.21 -2.37 -2.41
CA ARG A 53 -5.18 -2.86 -1.41
C ARG A 53 -5.19 -4.39 -1.37
N ALA A 54 -4.80 -5.02 -2.50
CA ALA A 54 -4.61 -6.48 -2.59
C ALA A 54 -3.42 -6.89 -1.69
N LEU A 55 -2.28 -6.20 -1.88
CA LEU A 55 -1.02 -6.51 -1.14
C LEU A 55 -1.21 -6.34 0.38
N VAL A 56 -1.91 -5.26 0.76
CA VAL A 56 -2.21 -4.98 2.17
C VAL A 56 -3.08 -6.10 2.77
N ARG A 57 -4.16 -6.46 2.05
CA ARG A 57 -5.15 -7.46 2.49
C ARG A 57 -4.48 -8.84 2.67
N GLU A 58 -3.74 -9.29 1.64
CA GLU A 58 -3.15 -10.65 1.60
C GLU A 58 -2.07 -10.82 2.69
N CYS A 59 -1.28 -9.76 2.91
CA CYS A 59 -0.22 -9.76 3.92
C CYS A 59 -0.82 -9.67 5.35
N LEU A 60 -1.97 -8.97 5.52
CA LEU A 60 -2.70 -8.86 6.82
C LEU A 60 -2.90 -10.25 7.47
N ALA A 61 -3.11 -11.26 6.60
CA ALA A 61 -3.31 -12.65 7.01
C ALA A 61 -2.12 -13.20 7.81
N GLU A 62 -0.90 -13.07 7.23
CA GLU A 62 0.32 -13.58 7.85
C GLU A 62 0.91 -12.59 8.89
N THR A 63 0.55 -11.30 8.75
CA THR A 63 1.00 -10.22 9.65
C THR A 63 0.32 -10.35 11.04
N GLU A 64 -0.80 -11.11 11.09
CA GLU A 64 -1.50 -11.47 12.35
C GLU A 64 -0.54 -12.03 13.41
N ARG A 65 0.46 -12.81 12.97
CA ARG A 65 1.48 -13.44 13.84
C ARG A 65 2.22 -12.37 14.68
N ASN A 66 2.47 -11.21 14.07
CA ASN A 66 3.13 -10.06 14.72
C ASN A 66 2.11 -8.96 14.95
N ALA A 67 1.67 -8.77 16.21
CA ALA A 67 0.62 -7.79 16.56
C ALA A 67 1.13 -6.82 17.65
N ARG A 68 2.01 -5.90 17.22
CA ARG A 68 2.59 -4.86 18.08
C ARG A 68 1.75 -3.56 18.00
N THR A 69 1.22 -3.27 16.80
CA THR A 69 0.37 -2.09 16.57
C THR A 69 -0.75 -2.52 15.60
N SER B 1 6.17 -8.06 -7.38
CA SER B 1 5.14 -9.01 -6.92
C SER B 1 3.74 -8.50 -7.32
N HIS B 2 3.55 -8.36 -8.64
CA HIS B 2 2.27 -7.96 -9.24
C HIS B 2 1.33 -9.18 -9.31
N MET B 3 0.81 -9.58 -8.14
CA MET B 3 -0.05 -10.76 -7.99
C MET B 3 -0.84 -10.66 -6.68
N ALA B 4 -2.11 -11.11 -6.73
CA ALA B 4 -2.94 -11.31 -5.55
C ALA B 4 -2.67 -12.71 -5.01
N MET B 5 -2.37 -12.81 -3.71
CA MET B 5 -2.15 -14.08 -3.02
C MET B 5 -3.50 -14.75 -2.69
N LYS B 6 -3.48 -15.83 -1.88
CA LYS B 6 -4.70 -16.51 -1.40
C LYS B 6 -4.41 -17.34 -0.12
N PRO B 7 -4.06 -16.68 1.03
CA PRO B 7 -3.82 -17.38 2.32
C PRO B 7 -5.15 -17.83 2.99
N PRO B 8 -5.16 -18.97 3.75
CA PRO B 8 -6.36 -19.44 4.51
C PRO B 8 -6.88 -18.44 5.57
N GLY B 9 -6.03 -17.44 5.93
CA GLY B 9 -6.38 -16.40 6.89
C GLY B 9 -7.23 -15.28 6.29
N ALA B 10 -7.38 -14.19 7.05
CA ALA B 10 -8.17 -13.00 6.68
C ALA B 10 -7.46 -11.74 7.21
N GLN B 11 -8.19 -10.61 7.38
CA GLN B 11 -7.64 -9.40 8.01
C GLN B 11 -7.16 -9.72 9.44
N GLY B 12 -5.87 -10.04 9.56
CA GLY B 12 -5.27 -10.38 10.85
C GLY B 12 -4.95 -9.16 11.70
N SER B 13 -4.88 -9.36 13.02
CA SER B 13 -4.72 -8.29 14.02
C SER B 13 -3.52 -7.37 13.70
N GLN B 14 -3.82 -6.15 13.21
CA GLN B 14 -2.81 -5.16 12.82
C GLN B 14 -3.50 -3.82 12.54
N SER B 15 -3.34 -2.85 13.45
CA SER B 15 -4.11 -1.61 13.45
C SER B 15 -3.54 -0.63 12.41
N THR B 16 -2.20 -0.50 12.37
CA THR B 16 -1.50 0.42 11.45
C THR B 16 -1.61 -0.04 9.98
N TYR B 17 -1.65 -1.35 9.78
CA TYR B 17 -1.70 -1.97 8.45
C TYR B 17 -3.15 -1.99 7.92
N THR B 18 -4.13 -2.01 8.84
CA THR B 18 -5.55 -1.86 8.47
C THR B 18 -5.86 -0.36 8.24
N ASP B 19 -5.10 0.49 8.95
CA ASP B 19 -5.10 1.95 8.70
C ASP B 19 -4.58 2.21 7.29
N LEU B 20 -3.52 1.46 6.91
CA LEU B 20 -2.97 1.49 5.55
C LEU B 20 -3.98 0.99 4.52
N LEU B 21 -4.69 -0.10 4.86
CA LEU B 21 -5.77 -0.67 4.01
C LEU B 21 -6.86 0.39 3.73
N SER B 22 -7.11 1.22 4.77
CA SER B 22 -8.01 2.36 4.70
C SER B 22 -7.40 3.48 3.82
N VAL B 23 -6.09 3.79 4.00
CA VAL B 23 -5.40 4.86 3.25
C VAL B 23 -5.49 4.60 1.73
N ILE B 24 -5.31 3.32 1.33
CA ILE B 24 -5.37 2.91 -0.08
C ILE B 24 -6.71 3.35 -0.73
N GLU B 25 -7.81 3.10 -0.01
CA GLU B 25 -9.16 3.52 -0.44
C GLU B 25 -9.30 5.06 -0.40
N GLU B 26 -8.80 5.66 0.68
CA GLU B 26 -8.86 7.12 0.92
C GLU B 26 -8.14 7.93 -0.18
N MET B 27 -7.15 7.29 -0.80
CA MET B 27 -6.44 7.83 -1.95
C MET B 27 -7.26 7.55 -3.22
N GLY B 28 -7.69 6.28 -3.38
CA GLY B 28 -8.37 5.80 -4.58
C GLY B 28 -9.66 6.53 -4.93
N LYS B 29 -10.29 7.12 -3.92
CA LYS B 29 -11.55 7.86 -4.06
C LYS B 29 -11.28 9.34 -4.45
N GLU B 30 -10.22 9.91 -3.84
CA GLU B 30 -9.86 11.33 -4.03
C GLU B 30 -8.97 11.55 -5.26
N ILE B 31 -8.75 10.49 -6.05
CA ILE B 31 -8.11 10.60 -7.37
C ILE B 31 -9.01 11.41 -8.34
N ARG B 32 -10.34 11.24 -8.23
CA ARG B 32 -11.30 11.92 -9.12
C ARG B 32 -11.32 13.47 -8.90
N PRO B 33 -11.53 14.02 -7.64
CA PRO B 33 -11.45 15.48 -7.41
C PRO B 33 -10.05 16.06 -7.69
N THR B 34 -8.97 15.29 -7.39
CA THR B 34 -7.58 15.65 -7.79
C THR B 34 -7.49 15.86 -9.32
N TYR B 35 -8.05 14.87 -10.04
CA TYR B 35 -8.16 14.87 -11.50
C TYR B 35 -8.97 16.07 -12.01
N ALA B 36 -9.95 16.52 -11.19
CA ALA B 36 -10.84 17.66 -11.51
C ALA B 36 -10.17 19.02 -11.25
N GLY B 37 -8.92 18.99 -10.73
CA GLY B 37 -8.16 20.21 -10.44
C GLY B 37 -8.20 20.63 -8.98
N SER B 38 -8.94 19.88 -8.13
CA SER B 38 -9.03 20.18 -6.69
C SER B 38 -7.67 20.00 -5.98
N LYS B 39 -6.99 21.14 -5.73
CA LYS B 39 -5.71 21.17 -5.00
C LYS B 39 -5.84 20.63 -3.57
N SER B 40 -7.03 20.76 -2.97
CA SER B 40 -7.32 20.24 -1.62
C SER B 40 -7.25 18.69 -1.60
N ALA B 41 -7.94 18.06 -2.58
CA ALA B 41 -7.98 16.60 -2.74
C ALA B 41 -6.59 16.06 -3.09
N MET B 42 -5.87 16.81 -3.94
CA MET B 42 -4.49 16.49 -4.34
C MET B 42 -3.54 16.59 -3.16
N GLU B 43 -3.78 17.55 -2.28
CA GLU B 43 -2.97 17.76 -1.08
C GLU B 43 -3.16 16.58 -0.08
N ARG B 44 -4.34 15.96 -0.13
CA ARG B 44 -4.66 14.79 0.70
C ARG B 44 -4.14 13.51 0.01
N LEU B 45 -4.18 13.51 -1.33
CA LEU B 45 -3.77 12.36 -2.15
C LEU B 45 -2.26 12.12 -1.99
N LYS B 46 -1.48 13.23 -2.10
CA LYS B 46 -0.02 13.22 -1.88
C LYS B 46 0.32 12.80 -0.45
N ARG B 47 -0.30 13.47 0.55
CA ARG B 47 -0.08 13.13 1.98
C ARG B 47 -0.47 11.67 2.26
N GLY B 48 -1.44 11.16 1.47
CA GLY B 48 -1.83 9.76 1.50
C GLY B 48 -0.66 8.85 1.19
N ILE B 49 0.11 9.18 0.14
CA ILE B 49 1.30 8.42 -0.24
C ILE B 49 2.44 8.54 0.80
N ILE B 50 2.68 9.77 1.33
CA ILE B 50 3.72 9.98 2.39
C ILE B 50 3.39 9.08 3.61
N HIS B 51 2.14 9.16 4.06
CA HIS B 51 1.65 8.44 5.23
C HIS B 51 1.69 6.92 4.97
N ALA B 52 1.19 6.52 3.79
CA ALA B 52 1.10 5.10 3.39
C ALA B 52 2.49 4.45 3.29
N ARG B 53 3.45 5.21 2.75
CA ARG B 53 4.84 4.76 2.56
C ARG B 53 5.51 4.54 3.91
N ALA B 54 5.12 5.39 4.88
CA ALA B 54 5.60 5.31 6.27
C ALA B 54 4.99 4.07 6.98
N LEU B 55 3.70 3.79 6.71
CA LEU B 55 2.98 2.65 7.31
C LEU B 55 3.59 1.30 6.88
N VAL B 56 4.08 1.25 5.62
CA VAL B 56 4.82 0.08 5.13
C VAL B 56 6.23 0.07 5.74
N ARG B 57 6.90 1.25 5.69
CA ARG B 57 8.33 1.41 6.02
C ARG B 57 8.62 1.04 7.49
N GLU B 58 7.87 1.65 8.42
CA GLU B 58 8.06 1.44 9.87
C GLU B 58 7.84 -0.03 10.24
N CYS B 59 6.99 -0.72 9.49
CA CYS B 59 6.66 -2.13 9.74
C CYS B 59 7.69 -3.09 9.11
N LEU B 60 8.44 -2.64 8.06
CA LEU B 60 9.40 -3.50 7.28
C LEU B 60 10.28 -4.38 8.19
N ALA B 61 10.92 -3.74 9.18
CA ALA B 61 11.89 -4.41 10.07
C ALA B 61 11.27 -5.61 10.82
N GLU B 62 10.16 -5.36 11.55
CA GLU B 62 9.47 -6.40 12.33
C GLU B 62 8.74 -7.42 11.43
N THR B 63 8.23 -6.94 10.27
CA THR B 63 7.53 -7.80 9.29
C THR B 63 8.49 -8.85 8.71
N GLU B 64 9.78 -8.45 8.50
CA GLU B 64 10.86 -9.34 7.97
C GLU B 64 10.89 -10.71 8.67
N ARG B 65 10.58 -10.71 10.00
CA ARG B 65 10.58 -11.93 10.83
C ARG B 65 9.56 -12.97 10.29
N ASN B 66 8.38 -12.49 9.88
CA ASN B 66 7.30 -13.35 9.32
C ASN B 66 7.33 -13.33 7.79
N ALA B 67 7.99 -12.34 7.20
CA ALA B 67 7.89 -12.03 5.76
C ALA B 67 8.49 -13.16 4.91
N ARG B 68 7.60 -14.04 4.46
CA ARG B 68 7.84 -15.00 3.37
C ARG B 68 6.61 -14.89 2.47
N THR B 69 6.26 -13.63 2.17
CA THR B 69 5.01 -13.23 1.53
C THR B 69 4.94 -13.75 0.07
N SER A 1 14.48 15.48 5.36
CA SER A 1 14.83 16.86 4.94
C SER A 1 15.66 16.82 3.65
N HIS A 2 16.89 16.29 3.74
CA HIS A 2 17.77 16.05 2.58
C HIS A 2 17.73 14.55 2.23
N MET A 3 18.05 14.21 0.97
CA MET A 3 18.17 12.81 0.50
C MET A 3 19.07 12.01 1.46
N ALA A 4 18.41 11.24 2.34
CA ALA A 4 19.06 10.47 3.42
C ALA A 4 18.03 9.52 4.03
N MET A 5 17.80 8.41 3.35
CA MET A 5 16.82 7.39 3.73
C MET A 5 17.24 6.04 3.12
N LYS A 6 16.47 5.00 3.39
CA LYS A 6 16.69 3.66 2.84
C LYS A 6 15.36 2.93 2.70
N PRO A 7 14.74 2.91 1.48
CA PRO A 7 13.59 2.02 1.20
C PRO A 7 14.07 0.55 1.21
N PRO A 8 13.68 -0.29 2.24
CA PRO A 8 14.17 -1.69 2.38
C PRO A 8 13.81 -2.58 1.17
N GLY A 9 14.67 -2.52 0.14
CA GLY A 9 14.51 -3.29 -1.08
C GLY A 9 14.85 -4.75 -0.87
N ALA A 10 13.87 -5.51 -0.35
CA ALA A 10 14.01 -6.94 -0.09
C ALA A 10 14.22 -7.71 -1.40
N GLN A 11 15.24 -8.60 -1.41
CA GLN A 11 15.74 -9.25 -2.63
C GLN A 11 14.79 -10.35 -3.14
N GLY A 12 14.23 -11.18 -2.23
CA GLY A 12 13.42 -12.34 -2.65
C GLY A 12 12.21 -12.61 -1.75
N SER A 13 12.46 -12.86 -0.45
CA SER A 13 11.45 -13.28 0.53
C SER A 13 10.36 -12.21 0.74
N GLN A 14 10.75 -11.08 1.35
CA GLN A 14 9.82 -9.97 1.69
C GLN A 14 9.57 -9.06 0.48
N SER A 15 10.19 -9.40 -0.68
CA SER A 15 10.04 -8.67 -1.96
C SER A 15 8.56 -8.38 -2.33
N THR A 16 7.69 -9.39 -2.13
CA THR A 16 6.24 -9.30 -2.34
C THR A 16 5.62 -8.11 -1.57
N TYR A 17 6.04 -7.93 -0.31
CA TYR A 17 5.56 -6.83 0.56
C TYR A 17 6.29 -5.51 0.24
N THR A 18 7.54 -5.62 -0.24
CA THR A 18 8.37 -4.48 -0.64
C THR A 18 7.81 -3.83 -1.93
N ASP A 19 7.10 -4.64 -2.75
CA ASP A 19 6.33 -4.14 -3.89
C ASP A 19 5.36 -3.05 -3.43
N LEU A 20 4.68 -3.30 -2.28
CA LEU A 20 3.68 -2.37 -1.72
C LEU A 20 4.30 -0.98 -1.46
N LEU A 21 5.49 -0.97 -0.82
CA LEU A 21 6.27 0.26 -0.54
C LEU A 21 6.48 1.07 -1.83
N SER A 22 6.82 0.35 -2.90
CA SER A 22 7.08 0.91 -4.23
C SER A 22 5.79 1.40 -4.91
N VAL A 23 4.68 0.64 -4.77
CA VAL A 23 3.40 0.94 -5.42
C VAL A 23 2.85 2.27 -4.90
N ILE A 24 3.03 2.50 -3.59
CA ILE A 24 2.68 3.77 -2.95
C ILE A 24 3.38 4.95 -3.67
N GLU A 25 4.70 4.81 -3.83
CA GLU A 25 5.55 5.84 -4.43
C GLU A 25 5.14 6.08 -5.90
N GLU A 26 4.84 5.00 -6.63
CA GLU A 26 4.48 5.06 -8.06
C GLU A 26 3.16 5.82 -8.27
N MET A 27 2.20 5.61 -7.36
CA MET A 27 0.93 6.37 -7.36
C MET A 27 1.22 7.85 -7.10
N GLY A 28 2.23 8.13 -6.25
CA GLY A 28 2.69 9.48 -5.94
C GLY A 28 3.25 10.22 -7.14
N LYS A 29 3.67 9.46 -8.17
CA LYS A 29 4.16 10.02 -9.45
C LYS A 29 2.97 10.47 -10.28
N GLU A 30 1.97 9.60 -10.36
CA GLU A 30 0.82 9.76 -11.26
C GLU A 30 -0.20 10.78 -10.73
N ILE A 31 -0.01 11.31 -9.51
CA ILE A 31 -0.88 12.37 -8.94
C ILE A 31 -0.86 13.64 -9.82
N ARG A 32 0.36 14.02 -10.26
CA ARG A 32 0.58 15.25 -11.04
C ARG A 32 -0.09 15.20 -12.44
N PRO A 33 0.13 14.15 -13.30
CA PRO A 33 -0.60 14.02 -14.59
C PRO A 33 -2.11 13.71 -14.42
N THR A 34 -2.53 13.04 -13.33
CA THR A 34 -3.96 12.88 -12.98
C THR A 34 -4.61 14.27 -12.76
N TYR A 35 -3.90 15.09 -11.99
CA TYR A 35 -4.28 16.49 -11.72
C TYR A 35 -4.32 17.32 -13.02
N ALA A 36 -3.53 16.90 -14.02
CA ALA A 36 -3.44 17.59 -15.34
C ALA A 36 -4.50 17.07 -16.34
N GLY A 37 -5.32 16.10 -15.90
CA GLY A 37 -6.40 15.57 -16.74
C GLY A 37 -5.99 14.42 -17.65
N SER A 38 -4.77 13.88 -17.46
CA SER A 38 -4.34 12.64 -18.15
C SER A 38 -5.06 11.43 -17.52
N LYS A 39 -6.14 10.96 -18.19
CA LYS A 39 -6.93 9.79 -17.74
C LYS A 39 -6.11 8.48 -17.69
N SER A 40 -4.99 8.43 -18.46
CA SER A 40 -4.05 7.29 -18.40
C SER A 40 -3.42 7.19 -17.00
N ALA A 41 -2.97 8.36 -16.48
CA ALA A 41 -2.40 8.48 -15.14
C ALA A 41 -3.43 8.20 -14.06
N MET A 42 -4.63 8.77 -14.25
CA MET A 42 -5.79 8.56 -13.36
C MET A 42 -6.13 7.08 -13.27
N GLU A 43 -6.05 6.39 -14.41
CA GLU A 43 -6.38 4.97 -14.52
C GLU A 43 -5.34 4.12 -13.79
N ARG A 44 -4.05 4.50 -13.90
CA ARG A 44 -2.96 3.76 -13.23
C ARG A 44 -2.97 4.07 -11.71
N LEU A 45 -3.52 5.23 -11.36
CA LEU A 45 -3.71 5.65 -9.97
C LEU A 45 -4.82 4.79 -9.33
N LYS A 46 -5.96 4.63 -10.05
CA LYS A 46 -7.06 3.71 -9.69
C LYS A 46 -6.53 2.27 -9.51
N ARG A 47 -5.83 1.80 -10.55
CA ARG A 47 -5.22 0.46 -10.61
C ARG A 47 -4.09 0.31 -9.56
N GLY A 48 -3.51 1.45 -9.16
CA GLY A 48 -2.47 1.49 -8.14
C GLY A 48 -3.05 1.26 -6.76
N ILE A 49 -4.25 1.85 -6.50
CA ILE A 49 -5.01 1.59 -5.27
C ILE A 49 -5.45 0.11 -5.22
N ILE A 50 -5.96 -0.40 -6.35
CA ILE A 50 -6.37 -1.82 -6.47
C ILE A 50 -5.18 -2.78 -6.22
N HIS A 51 -3.99 -2.33 -6.67
CA HIS A 51 -2.74 -3.10 -6.54
C HIS A 51 -2.22 -3.05 -5.10
N ALA A 52 -2.25 -1.85 -4.51
CA ALA A 52 -1.73 -1.62 -3.16
C ALA A 52 -2.59 -2.32 -2.10
N ARG A 53 -3.92 -2.21 -2.26
CA ARG A 53 -4.90 -2.81 -1.32
C ARG A 53 -4.84 -4.35 -1.38
N ALA A 54 -4.43 -4.87 -2.56
CA ALA A 54 -4.19 -6.30 -2.76
C ALA A 54 -2.98 -6.75 -1.94
N LEU A 55 -1.93 -5.93 -1.99
CA LEU A 55 -0.67 -6.21 -1.28
C LEU A 55 -0.82 -6.00 0.23
N VAL A 56 -1.79 -5.16 0.65
CA VAL A 56 -2.10 -4.97 2.07
C VAL A 56 -2.91 -6.18 2.59
N ARG A 57 -3.91 -6.62 1.82
CA ARG A 57 -4.83 -7.70 2.27
C ARG A 57 -4.11 -9.07 2.30
N GLU A 58 -3.16 -9.29 1.37
CA GLU A 58 -2.35 -10.51 1.35
C GLU A 58 -1.36 -10.50 2.50
N CYS A 59 -0.81 -9.30 2.77
CA CYS A 59 0.14 -9.09 3.89
C CYS A 59 -0.55 -9.26 5.23
N LEU A 60 -1.81 -8.79 5.33
CA LEU A 60 -2.62 -8.86 6.57
C LEU A 60 -2.76 -10.30 7.08
N ALA A 61 -2.81 -11.26 6.14
CA ALA A 61 -2.90 -12.69 6.45
C ALA A 61 -1.74 -13.17 7.34
N GLU A 62 -0.50 -12.77 7.01
CA GLU A 62 0.68 -13.10 7.82
C GLU A 62 0.88 -12.10 8.97
N THR A 63 0.56 -10.82 8.75
CA THR A 63 0.89 -9.71 9.67
C THR A 63 0.01 -9.75 10.94
N GLU A 64 -1.21 -10.29 10.80
CA GLU A 64 -2.10 -10.50 11.95
C GLU A 64 -1.49 -11.54 12.92
N ARG A 65 -0.88 -12.59 12.35
CA ARG A 65 -0.26 -13.70 13.10
C ARG A 65 1.15 -13.31 13.57
N ASN A 66 1.83 -12.51 12.74
CA ASN A 66 3.23 -12.10 12.94
C ASN A 66 3.33 -10.64 13.37
N ALA A 67 2.28 -10.15 14.04
CA ALA A 67 2.26 -8.81 14.66
C ALA A 67 3.32 -8.73 15.78
N ARG A 68 3.52 -9.86 16.45
CA ARG A 68 4.54 -10.06 17.48
C ARG A 68 5.21 -11.42 17.23
N THR A 69 6.29 -11.43 16.42
CA THR A 69 7.02 -12.65 16.06
C THR A 69 8.23 -12.83 17.03
N SER B 1 -12.86 -15.00 -11.34
CA SER B 1 -13.14 -13.89 -12.27
C SER B 1 -14.05 -12.85 -11.60
N HIS B 2 -15.24 -13.30 -11.17
CA HIS B 2 -16.20 -12.44 -10.45
C HIS B 2 -15.70 -12.20 -9.02
N MET B 3 -14.90 -11.13 -8.88
CA MET B 3 -14.25 -10.76 -7.61
C MET B 3 -15.27 -10.10 -6.66
N ALA B 4 -15.75 -10.88 -5.69
CA ALA B 4 -16.74 -10.44 -4.68
C ALA B 4 -16.43 -11.08 -3.32
N MET B 5 -15.61 -10.40 -2.52
CA MET B 5 -15.20 -10.82 -1.18
C MET B 5 -15.08 -9.58 -0.27
N LYS B 6 -15.31 -9.79 1.04
CA LYS B 6 -15.21 -8.73 2.05
C LYS B 6 -14.94 -9.40 3.42
N PRO B 7 -13.68 -9.30 3.96
CA PRO B 7 -13.32 -9.85 5.30
C PRO B 7 -14.17 -9.19 6.42
N PRO B 8 -15.03 -9.98 7.15
CA PRO B 8 -15.92 -9.45 8.22
C PRO B 8 -15.12 -8.75 9.34
N GLY B 9 -15.13 -7.40 9.31
CA GLY B 9 -14.28 -6.58 10.17
C GLY B 9 -12.83 -6.67 9.75
N ALA B 10 -12.53 -6.11 8.57
CA ALA B 10 -11.19 -6.13 7.96
C ALA B 10 -10.13 -5.55 8.94
N GLN B 11 -9.30 -6.45 9.50
CA GLN B 11 -8.28 -6.11 10.52
C GLN B 11 -7.28 -7.26 10.70
N GLY B 12 -7.82 -8.45 10.97
CA GLY B 12 -7.01 -9.62 11.33
C GLY B 12 -6.57 -9.58 12.79
N SER B 13 -5.69 -8.63 13.10
CA SER B 13 -5.23 -8.38 14.47
C SER B 13 -4.46 -7.05 14.52
N GLN B 14 -3.51 -6.90 13.58
CA GLN B 14 -2.61 -5.73 13.51
C GLN B 14 -3.33 -4.54 12.82
N SER B 15 -4.23 -3.87 13.59
CA SER B 15 -5.05 -2.74 13.10
C SER B 15 -4.21 -1.50 12.75
N THR B 16 -3.12 -1.28 13.50
CA THR B 16 -2.12 -0.25 13.19
C THR B 16 -1.58 -0.40 11.74
N TYR B 17 -1.47 -1.66 11.24
CA TYR B 17 -1.14 -1.93 9.84
C TYR B 17 -2.41 -1.83 8.94
N THR B 18 -3.57 -2.23 9.47
CA THR B 18 -4.85 -2.17 8.72
C THR B 18 -5.28 -0.69 8.45
N ASP B 19 -4.67 0.24 9.21
CA ASP B 19 -4.79 1.68 8.96
C ASP B 19 -4.35 2.01 7.52
N LEU B 20 -3.28 1.33 7.09
CA LEU B 20 -2.76 1.41 5.71
C LEU B 20 -3.80 0.95 4.69
N LEU B 21 -4.54 -0.14 4.99
CA LEU B 21 -5.63 -0.65 4.13
C LEU B 21 -6.67 0.46 3.86
N SER B 22 -6.95 1.24 4.92
CA SER B 22 -7.89 2.37 4.87
C SER B 22 -7.27 3.58 4.15
N VAL B 23 -5.94 3.77 4.26
CA VAL B 23 -5.20 4.85 3.58
C VAL B 23 -5.26 4.64 2.06
N ILE B 24 -5.07 3.38 1.62
CA ILE B 24 -5.19 3.00 0.21
C ILE B 24 -6.57 3.38 -0.33
N GLU B 25 -7.60 3.05 0.46
CA GLU B 25 -8.99 3.37 0.16
C GLU B 25 -9.22 4.87 0.08
N GLU B 26 -8.62 5.64 1.01
CA GLU B 26 -8.77 7.09 1.04
C GLU B 26 -8.29 7.72 -0.26
N MET B 27 -7.06 7.40 -0.64
CA MET B 27 -6.44 7.88 -1.90
C MET B 27 -7.31 7.53 -3.11
N GLY B 28 -8.05 6.41 -3.00
CA GLY B 28 -8.97 5.95 -4.04
C GLY B 28 -10.13 6.91 -4.35
N LYS B 29 -10.57 7.71 -3.36
CA LYS B 29 -11.65 8.71 -3.58
C LYS B 29 -11.07 10.05 -4.01
N GLU B 30 -9.82 10.35 -3.59
CA GLU B 30 -9.18 11.64 -3.92
C GLU B 30 -8.72 11.68 -5.39
N ILE B 31 -8.77 10.53 -6.08
CA ILE B 31 -8.44 10.43 -7.52
C ILE B 31 -9.37 11.34 -8.36
N ARG B 32 -10.69 11.25 -8.12
CA ARG B 32 -11.70 12.02 -8.90
C ARG B 32 -11.55 13.56 -8.74
N PRO B 33 -11.60 14.15 -7.49
CA PRO B 33 -11.46 15.61 -7.31
C PRO B 33 -10.06 16.16 -7.69
N THR B 34 -8.98 15.38 -7.47
CA THR B 34 -7.61 15.76 -7.93
C THR B 34 -7.58 15.87 -9.47
N TYR B 35 -8.20 14.88 -10.13
CA TYR B 35 -8.37 14.86 -11.59
C TYR B 35 -9.21 16.06 -12.07
N ALA B 36 -10.08 16.56 -11.19
CA ALA B 36 -10.98 17.69 -11.47
C ALA B 36 -10.32 19.05 -11.16
N GLY B 37 -9.05 19.02 -10.75
CA GLY B 37 -8.28 20.25 -10.48
C GLY B 37 -8.41 20.78 -9.06
N SER B 38 -9.15 20.07 -8.19
CA SER B 38 -9.28 20.44 -6.76
C SER B 38 -7.92 20.24 -6.03
N LYS B 39 -7.19 21.37 -5.85
CA LYS B 39 -5.88 21.40 -5.14
C LYS B 39 -5.95 20.84 -3.70
N SER B 40 -7.12 21.00 -3.06
CA SER B 40 -7.35 20.51 -1.69
C SER B 40 -7.28 18.96 -1.65
N ALA B 41 -7.87 18.32 -2.68
CA ALA B 41 -7.82 16.86 -2.86
C ALA B 41 -6.43 16.39 -3.24
N MET B 42 -5.74 17.15 -4.12
CA MET B 42 -4.36 16.83 -4.56
C MET B 42 -3.41 16.81 -3.36
N GLU B 43 -3.57 17.79 -2.47
CA GLU B 43 -2.75 17.93 -1.25
C GLU B 43 -2.93 16.71 -0.33
N ARG B 44 -4.18 16.26 -0.20
CA ARG B 44 -4.56 15.14 0.69
C ARG B 44 -4.12 13.80 0.04
N LEU B 45 -4.18 13.75 -1.30
CA LEU B 45 -3.81 12.57 -2.10
C LEU B 45 -2.32 12.29 -1.95
N LYS B 46 -1.49 13.36 -2.11
CA LYS B 46 -0.04 13.31 -1.91
C LYS B 46 0.29 12.85 -0.48
N ARG B 47 -0.38 13.47 0.51
CA ARG B 47 -0.22 13.15 1.94
C ARG B 47 -0.54 11.67 2.21
N GLY B 48 -1.50 11.14 1.43
CA GLY B 48 -1.82 9.73 1.45
C GLY B 48 -0.63 8.85 1.12
N ILE B 49 0.14 9.26 0.09
CA ILE B 49 1.36 8.54 -0.32
C ILE B 49 2.49 8.67 0.73
N ILE B 50 2.66 9.85 1.37
CA ILE B 50 3.67 10.03 2.44
C ILE B 50 3.36 9.05 3.61
N HIS B 51 2.11 9.09 4.07
CA HIS B 51 1.65 8.30 5.23
C HIS B 51 1.63 6.80 4.92
N ALA B 52 1.24 6.46 3.68
CA ALA B 52 1.16 5.06 3.25
C ALA B 52 2.56 4.44 3.12
N ARG B 53 3.50 5.20 2.52
CA ARG B 53 4.89 4.75 2.32
C ARG B 53 5.60 4.61 3.67
N ALA B 54 5.19 5.48 4.62
CA ALA B 54 5.67 5.46 5.99
C ALA B 54 5.21 4.17 6.68
N LEU B 55 3.91 3.85 6.55
CA LEU B 55 3.28 2.67 7.19
C LEU B 55 3.90 1.35 6.70
N VAL B 56 4.29 1.29 5.41
CA VAL B 56 4.92 0.09 4.84
C VAL B 56 6.35 -0.07 5.41
N ARG B 57 7.14 1.03 5.41
CA ARG B 57 8.56 0.97 5.86
C ARG B 57 8.69 0.73 7.36
N GLU B 58 7.66 1.16 8.12
CA GLU B 58 7.57 0.87 9.56
C GLU B 58 7.36 -0.64 9.75
N CYS B 59 6.39 -1.19 8.98
CA CYS B 59 5.99 -2.60 9.11
C CYS B 59 6.97 -3.58 8.42
N LEU B 60 7.80 -3.08 7.47
CA LEU B 60 8.86 -3.91 6.82
C LEU B 60 9.81 -4.47 7.88
N ALA B 61 9.99 -3.68 8.96
CA ALA B 61 10.83 -4.03 10.10
C ALA B 61 10.30 -5.27 10.88
N GLU B 62 8.99 -5.25 11.24
CA GLU B 62 8.33 -6.38 11.98
C GLU B 62 8.03 -7.58 11.08
N THR B 63 7.80 -7.32 9.79
CA THR B 63 7.46 -8.35 8.79
C THR B 63 8.73 -9.15 8.46
N GLU B 64 9.90 -8.49 8.66
CA GLU B 64 11.22 -9.10 8.49
C GLU B 64 11.46 -10.22 9.50
N ARG B 65 10.81 -10.13 10.68
CA ARG B 65 10.86 -11.17 11.73
C ARG B 65 10.24 -12.50 11.22
N ASN B 66 9.33 -12.39 10.25
CA ASN B 66 8.74 -13.56 9.57
C ASN B 66 9.55 -13.88 8.30
N ALA B 67 10.03 -12.83 7.63
CA ALA B 67 10.76 -12.94 6.34
C ALA B 67 12.15 -13.55 6.54
N ARG B 68 12.66 -14.18 5.50
CA ARG B 68 13.91 -14.93 5.54
C ARG B 68 15.10 -13.99 5.35
N THR B 69 15.91 -13.84 6.41
CA THR B 69 17.22 -13.16 6.38
C THR B 69 18.14 -13.82 7.45
N SER A 1 7.78 -9.85 21.84
CA SER A 1 8.48 -10.74 22.77
C SER A 1 9.88 -10.20 23.05
N HIS A 2 10.18 -9.87 24.34
CA HIS A 2 11.49 -9.35 24.76
C HIS A 2 12.55 -10.49 24.70
N MET A 3 13.10 -10.67 23.52
CA MET A 3 14.11 -11.68 23.19
C MET A 3 15.18 -11.02 22.30
N ALA A 4 16.31 -11.69 22.11
CA ALA A 4 17.35 -11.25 21.18
C ALA A 4 16.86 -11.50 19.73
N MET A 5 16.00 -10.56 19.25
CA MET A 5 15.12 -10.70 18.06
C MET A 5 15.89 -11.12 16.79
N LYS A 6 15.95 -12.45 16.55
CA LYS A 6 16.71 -13.07 15.45
C LYS A 6 16.32 -14.57 15.39
N PRO A 7 15.08 -14.91 14.87
CA PRO A 7 14.50 -16.28 14.93
C PRO A 7 15.08 -17.24 13.85
N PRO A 8 15.26 -18.56 14.19
CA PRO A 8 15.60 -19.62 13.19
C PRO A 8 14.47 -19.80 12.14
N GLY A 9 13.22 -19.64 12.60
CA GLY A 9 12.05 -19.63 11.72
C GLY A 9 11.88 -18.29 11.01
N ALA A 10 12.76 -18.00 10.04
CA ALA A 10 12.81 -16.70 9.34
C ALA A 10 12.55 -16.87 7.83
N GLN A 11 11.71 -17.86 7.48
CA GLN A 11 11.31 -18.12 6.09
C GLN A 11 10.18 -17.13 5.68
N GLY A 12 10.58 -16.06 4.96
CA GLY A 12 9.66 -14.98 4.53
C GLY A 12 10.01 -13.67 5.22
N SER A 13 10.54 -12.68 4.48
CA SER A 13 11.03 -11.38 5.02
C SER A 13 10.21 -10.22 4.40
N GLN A 14 10.69 -8.98 4.65
CA GLN A 14 10.08 -7.74 4.11
C GLN A 14 10.02 -7.71 2.56
N SER A 15 11.01 -8.35 1.91
CA SER A 15 11.14 -8.43 0.42
C SER A 15 9.84 -8.75 -0.37
N THR A 16 8.88 -9.46 0.25
CA THR A 16 7.57 -9.74 -0.38
C THR A 16 6.65 -8.50 -0.28
N TYR A 17 6.71 -7.84 0.88
CA TYR A 17 5.88 -6.69 1.26
C TYR A 17 6.42 -5.36 0.67
N THR A 18 7.71 -5.33 0.27
CA THR A 18 8.37 -4.15 -0.33
C THR A 18 7.76 -3.80 -1.73
N ASP A 19 7.03 -4.78 -2.31
CA ASP A 19 6.26 -4.57 -3.56
C ASP A 19 5.23 -3.45 -3.36
N LEU A 20 4.61 -3.44 -2.16
CA LEU A 20 3.63 -2.41 -1.75
C LEU A 20 4.31 -1.03 -1.64
N LEU A 21 5.54 -1.00 -1.05
CA LEU A 21 6.35 0.23 -0.89
C LEU A 21 6.57 0.91 -2.26
N SER A 22 6.75 0.05 -3.29
CA SER A 22 6.91 0.47 -4.68
C SER A 22 5.58 1.07 -5.19
N VAL A 23 4.46 0.32 -5.05
CA VAL A 23 3.13 0.71 -5.61
C VAL A 23 2.69 2.10 -5.09
N ILE A 24 2.89 2.34 -3.77
CA ILE A 24 2.54 3.62 -3.12
C ILE A 24 3.30 4.79 -3.78
N GLU A 25 4.64 4.64 -3.88
CA GLU A 25 5.52 5.70 -4.38
C GLU A 25 5.27 5.97 -5.88
N GLU A 26 4.91 4.91 -6.63
CA GLU A 26 4.53 5.00 -8.06
C GLU A 26 3.33 5.94 -8.22
N MET A 27 2.31 5.73 -7.37
CA MET A 27 1.11 6.55 -7.35
C MET A 27 1.45 8.02 -7.01
N GLY A 28 2.34 8.20 -6.02
CA GLY A 28 2.77 9.53 -5.57
C GLY A 28 3.47 10.36 -6.64
N LYS A 29 4.01 9.67 -7.65
CA LYS A 29 4.63 10.29 -8.82
C LYS A 29 3.52 10.74 -9.79
N GLU A 30 2.56 9.82 -10.00
CA GLU A 30 1.56 9.89 -11.09
C GLU A 30 0.30 10.68 -10.72
N ILE A 31 0.31 11.33 -9.54
CA ILE A 31 -0.72 12.32 -9.14
C ILE A 31 -0.56 13.62 -9.97
N ARG A 32 0.67 13.89 -10.47
CA ARG A 32 0.97 15.12 -11.22
C ARG A 32 0.28 15.10 -12.62
N PRO A 33 0.48 14.04 -13.51
CA PRO A 33 -0.26 13.95 -14.80
C PRO A 33 -1.80 13.83 -14.60
N THR A 34 -2.23 13.10 -13.54
CA THR A 34 -3.66 12.96 -13.18
C THR A 34 -4.30 14.35 -12.92
N TYR A 35 -3.61 15.16 -12.11
CA TYR A 35 -4.04 16.54 -11.80
C TYR A 35 -3.96 17.42 -13.08
N ALA A 36 -3.04 17.07 -14.00
CA ALA A 36 -2.88 17.78 -15.30
C ALA A 36 -3.96 17.37 -16.33
N GLY A 37 -4.94 16.54 -15.89
CA GLY A 37 -6.10 16.16 -16.72
C GLY A 37 -5.87 14.90 -17.55
N SER A 38 -4.68 14.29 -17.43
CA SER A 38 -4.31 13.07 -18.17
C SER A 38 -5.05 11.83 -17.61
N LYS A 39 -6.13 11.47 -18.32
CA LYS A 39 -7.03 10.35 -17.99
C LYS A 39 -6.32 8.96 -17.96
N SER A 40 -5.31 8.77 -18.83
CA SER A 40 -4.51 7.52 -18.87
C SER A 40 -3.71 7.32 -17.56
N ALA A 41 -3.18 8.44 -17.03
CA ALA A 41 -2.50 8.49 -15.74
C ALA A 41 -3.49 8.25 -14.58
N MET A 42 -4.71 8.80 -14.71
CA MET A 42 -5.77 8.68 -13.69
C MET A 42 -6.20 7.21 -13.48
N GLU A 43 -6.52 6.51 -14.59
CA GLU A 43 -6.98 5.10 -14.54
C GLU A 43 -5.87 4.16 -14.03
N ARG A 44 -4.62 4.54 -14.33
CA ARG A 44 -3.40 3.90 -13.80
C ARG A 44 -3.27 4.18 -12.28
N LEU A 45 -3.60 5.42 -11.87
CA LEU A 45 -3.51 5.88 -10.47
C LEU A 45 -4.52 5.11 -9.62
N LYS A 46 -5.74 4.93 -10.18
CA LYS A 46 -6.82 4.10 -9.58
C LYS A 46 -6.36 2.63 -9.47
N ARG A 47 -5.76 2.12 -10.57
CA ARG A 47 -5.25 0.74 -10.67
C ARG A 47 -4.17 0.46 -9.59
N GLY A 48 -3.44 1.53 -9.22
CA GLY A 48 -2.49 1.49 -8.11
C GLY A 48 -3.12 1.03 -6.80
N ILE A 49 -4.33 1.54 -6.51
CA ILE A 49 -5.10 1.16 -5.30
C ILE A 49 -5.67 -0.29 -5.42
N ILE A 50 -6.03 -0.71 -6.66
CA ILE A 50 -6.45 -2.12 -6.94
C ILE A 50 -5.32 -3.09 -6.55
N HIS A 51 -4.08 -2.69 -6.90
CA HIS A 51 -2.86 -3.46 -6.61
C HIS A 51 -2.55 -3.37 -5.10
N ALA A 52 -2.52 -2.14 -4.58
CA ALA A 52 -2.01 -1.83 -3.24
C ALA A 52 -2.88 -2.44 -2.13
N ARG A 53 -4.21 -2.31 -2.25
CA ARG A 53 -5.16 -2.81 -1.24
C ARG A 53 -5.23 -4.33 -1.26
N ALA A 54 -5.04 -4.92 -2.47
CA ALA A 54 -5.03 -6.38 -2.64
C ALA A 54 -3.80 -6.98 -1.93
N LEU A 55 -2.69 -6.23 -1.92
CA LEU A 55 -1.46 -6.62 -1.20
C LEU A 55 -1.71 -6.63 0.32
N VAL A 56 -2.32 -5.54 0.84
CA VAL A 56 -2.55 -5.36 2.28
C VAL A 56 -3.47 -6.47 2.84
N ARG A 57 -4.57 -6.75 2.12
CA ARG A 57 -5.64 -7.67 2.58
C ARG A 57 -5.13 -9.13 2.71
N GLU A 58 -4.33 -9.58 1.74
CA GLU A 58 -3.79 -10.96 1.74
C GLU A 58 -2.61 -11.07 2.71
N CYS A 59 -1.83 -10.00 2.83
CA CYS A 59 -0.70 -9.95 3.77
C CYS A 59 -1.19 -9.78 5.23
N LEU A 60 -2.45 -9.29 5.42
CA LEU A 60 -3.13 -9.30 6.75
C LEU A 60 -3.16 -10.74 7.32
N ALA A 61 -3.25 -11.74 6.40
CA ALA A 61 -3.28 -13.17 6.75
C ALA A 61 -1.95 -13.64 7.38
N GLU A 62 -0.81 -13.47 6.68
CA GLU A 62 0.52 -13.84 7.21
C GLU A 62 0.92 -12.98 8.43
N THR A 63 0.36 -11.76 8.52
CA THR A 63 0.64 -10.84 9.65
C THR A 63 -0.23 -11.22 10.87
N GLU A 64 -1.44 -11.78 10.65
CA GLU A 64 -2.36 -12.18 11.75
C GLU A 64 -1.97 -13.56 12.31
N ARG A 65 -1.50 -14.47 11.43
CA ARG A 65 -1.10 -15.84 11.81
C ARG A 65 0.29 -15.81 12.43
N ASN A 66 1.15 -14.97 11.85
CA ASN A 66 2.52 -14.73 12.32
C ASN A 66 2.62 -13.25 12.74
N ALA A 67 2.41 -12.98 14.04
CA ALA A 67 2.50 -11.63 14.61
C ALA A 67 3.45 -11.66 15.80
N ARG A 68 4.56 -10.92 15.72
CA ARG A 68 5.55 -10.85 16.81
C ARG A 68 5.13 -9.77 17.81
N THR A 69 4.23 -10.16 18.72
CA THR A 69 3.68 -9.27 19.74
C THR A 69 4.70 -9.11 20.88
N SER B 1 -8.52 -20.54 1.76
CA SER B 1 -9.07 -20.89 3.08
C SER B 1 -10.37 -20.08 3.31
N HIS B 2 -11.52 -20.71 2.97
CA HIS B 2 -12.86 -20.08 3.07
C HIS B 2 -13.30 -20.00 4.56
N MET B 3 -12.73 -19.01 5.26
CA MET B 3 -12.95 -18.76 6.70
C MET B 3 -12.99 -17.24 6.93
N ALA B 4 -13.65 -16.80 8.01
CA ALA B 4 -13.70 -15.38 8.40
C ALA B 4 -12.40 -15.00 9.15
N MET B 5 -11.35 -14.68 8.37
CA MET B 5 -10.03 -14.24 8.89
C MET B 5 -10.03 -12.69 9.02
N LYS B 6 -8.84 -12.07 8.82
CA LYS B 6 -8.61 -10.61 8.95
C LYS B 6 -8.57 -10.27 10.45
N PRO B 7 -7.33 -9.96 11.01
CA PRO B 7 -6.97 -10.00 12.45
C PRO B 7 -8.15 -10.08 13.47
N PRO B 8 -8.62 -11.33 13.81
CA PRO B 8 -9.83 -11.56 14.66
C PRO B 8 -9.61 -11.11 16.12
N GLY B 9 -8.34 -11.17 16.56
CA GLY B 9 -7.94 -10.78 17.91
C GLY B 9 -7.09 -9.53 17.90
N ALA B 10 -7.51 -8.53 17.11
CA ALA B 10 -6.78 -7.26 16.96
C ALA B 10 -6.99 -6.34 18.19
N GLN B 11 -5.88 -6.07 18.89
CA GLN B 11 -5.83 -5.18 20.07
C GLN B 11 -4.37 -4.74 20.33
N GLY B 12 -3.42 -5.67 20.11
CA GLY B 12 -1.99 -5.43 20.37
C GLY B 12 -1.13 -5.34 19.10
N SER B 13 -1.62 -5.91 18.00
CA SER B 13 -0.85 -6.00 16.74
C SER B 13 -1.77 -5.79 15.52
N GLN B 14 -1.13 -5.70 14.32
CA GLN B 14 -1.77 -5.33 13.03
C GLN B 14 -2.45 -3.96 13.09
N SER B 15 -2.08 -3.16 14.12
CA SER B 15 -2.78 -1.90 14.45
C SER B 15 -2.47 -0.85 13.37
N THR B 16 -1.17 -0.61 13.14
CA THR B 16 -0.69 0.37 12.15
C THR B 16 -0.87 -0.15 10.71
N TYR B 17 -0.94 -1.50 10.57
CA TYR B 17 -1.02 -2.16 9.27
C TYR B 17 -2.46 -2.16 8.70
N THR B 18 -3.48 -2.28 9.58
CA THR B 18 -4.90 -2.27 9.17
C THR B 18 -5.36 -0.80 8.96
N ASP B 19 -4.68 0.13 9.67
CA ASP B 19 -4.78 1.58 9.41
C ASP B 19 -4.41 1.88 7.94
N LEU B 20 -3.35 1.19 7.46
CA LEU B 20 -2.86 1.29 6.07
C LEU B 20 -3.91 0.87 5.04
N LEU B 21 -4.66 -0.23 5.33
CA LEU B 21 -5.74 -0.76 4.45
C LEU B 21 -6.76 0.36 4.13
N SER B 22 -7.07 1.17 5.15
CA SER B 22 -7.96 2.33 5.05
C SER B 22 -7.36 3.44 4.16
N VAL B 23 -6.05 3.72 4.36
CA VAL B 23 -5.34 4.83 3.66
C VAL B 23 -5.31 4.57 2.14
N ILE B 24 -5.10 3.29 1.75
CA ILE B 24 -5.12 2.85 0.34
C ILE B 24 -6.46 3.25 -0.32
N GLU B 25 -7.55 2.88 0.38
CA GLU B 25 -8.93 3.13 -0.05
C GLU B 25 -9.20 4.64 -0.19
N GLU B 26 -8.71 5.42 0.80
CA GLU B 26 -8.89 6.89 0.83
C GLU B 26 -8.24 7.56 -0.38
N MET B 27 -7.03 7.11 -0.74
CA MET B 27 -6.32 7.59 -1.94
C MET B 27 -7.18 7.34 -3.18
N GLY B 28 -7.67 6.08 -3.32
CA GLY B 28 -8.51 5.67 -4.47
C GLY B 28 -9.80 6.49 -4.64
N LYS B 29 -10.27 7.07 -3.53
CA LYS B 29 -11.48 7.91 -3.50
C LYS B 29 -11.12 9.35 -3.90
N GLU B 30 -10.02 9.85 -3.30
CA GLU B 30 -9.62 11.27 -3.38
C GLU B 30 -8.77 11.57 -4.61
N ILE B 31 -8.66 10.58 -5.53
CA ILE B 31 -8.13 10.79 -6.89
C ILE B 31 -9.15 11.58 -7.73
N ARG B 32 -10.46 11.35 -7.50
CA ARG B 32 -11.54 11.94 -8.33
C ARG B 32 -11.59 13.50 -8.23
N PRO B 33 -11.65 14.12 -6.99
CA PRO B 33 -11.61 15.61 -6.87
C PRO B 33 -10.26 16.21 -7.37
N THR B 34 -9.15 15.48 -7.13
CA THR B 34 -7.80 15.85 -7.63
C THR B 34 -7.81 16.00 -9.17
N TYR B 35 -8.37 14.99 -9.84
CA TYR B 35 -8.51 14.95 -11.30
C TYR B 35 -9.45 16.07 -11.78
N ALA B 36 -10.45 16.42 -10.94
CA ALA B 36 -11.45 17.45 -11.26
C ALA B 36 -10.87 18.89 -11.19
N GLY B 37 -9.64 19.04 -10.65
CA GLY B 37 -9.01 20.37 -10.51
C GLY B 37 -8.82 20.82 -9.08
N SER B 38 -9.38 20.07 -8.11
CA SER B 38 -9.28 20.41 -6.69
C SER B 38 -7.85 20.17 -6.15
N LYS B 39 -7.08 21.27 -6.07
CA LYS B 39 -5.72 21.28 -5.49
C LYS B 39 -5.70 20.96 -3.99
N SER B 40 -6.79 21.30 -3.29
CA SER B 40 -6.97 20.95 -1.86
C SER B 40 -7.02 19.41 -1.71
N ALA B 41 -7.66 18.72 -2.68
CA ALA B 41 -7.69 17.26 -2.74
C ALA B 41 -6.35 16.67 -3.21
N MET B 42 -5.63 17.42 -4.09
CA MET B 42 -4.33 16.99 -4.63
C MET B 42 -3.24 16.91 -3.54
N GLU B 43 -3.14 17.96 -2.71
CA GLU B 43 -2.18 18.00 -1.58
C GLU B 43 -2.51 16.91 -0.54
N ARG B 44 -3.82 16.60 -0.42
CA ARG B 44 -4.35 15.54 0.43
C ARG B 44 -4.02 14.14 -0.17
N LEU B 45 -4.04 14.04 -1.52
CA LEU B 45 -3.78 12.77 -2.24
C LEU B 45 -2.27 12.43 -2.18
N LYS B 46 -1.44 13.48 -2.35
CA LYS B 46 0.01 13.43 -2.16
C LYS B 46 0.34 13.00 -0.72
N ARG B 47 -0.38 13.60 0.24
CA ARG B 47 -0.29 13.27 1.68
C ARG B 47 -0.67 11.80 1.93
N GLY B 48 -1.61 11.29 1.11
CA GLY B 48 -2.00 9.88 1.13
C GLY B 48 -0.83 8.95 0.92
N ILE B 49 0.03 9.28 -0.06
CA ILE B 49 1.23 8.50 -0.38
C ILE B 49 2.35 8.72 0.67
N ILE B 50 2.49 9.97 1.18
CA ILE B 50 3.48 10.29 2.24
C ILE B 50 3.18 9.47 3.51
N HIS B 51 1.88 9.29 3.78
CA HIS B 51 1.37 8.53 4.92
C HIS B 51 1.46 7.02 4.67
N ALA B 52 0.99 6.58 3.49
CA ALA B 52 0.89 5.14 3.16
C ALA B 52 2.28 4.49 3.03
N ARG B 53 3.22 5.20 2.37
CA ARG B 53 4.60 4.73 2.14
C ARG B 53 5.36 4.67 3.49
N ALA B 54 4.95 5.56 4.42
CA ALA B 54 5.48 5.59 5.80
C ALA B 54 4.99 4.37 6.59
N LEU B 55 3.70 4.05 6.42
CA LEU B 55 3.05 2.89 7.10
C LEU B 55 3.64 1.56 6.60
N VAL B 56 4.06 1.55 5.32
CA VAL B 56 4.78 0.42 4.73
C VAL B 56 6.21 0.35 5.29
N ARG B 57 6.86 1.53 5.34
CA ARG B 57 8.29 1.68 5.74
C ARG B 57 8.54 1.14 7.18
N GLU B 58 7.69 1.57 8.12
CA GLU B 58 7.75 1.14 9.53
C GLU B 58 7.39 -0.35 9.66
N CYS B 59 6.44 -0.83 8.82
CA CYS B 59 5.97 -2.22 8.83
C CYS B 59 7.03 -3.16 8.19
N LEU B 60 7.91 -2.60 7.31
CA LEU B 60 9.04 -3.36 6.71
C LEU B 60 9.98 -3.91 7.81
N ALA B 61 10.13 -3.11 8.88
CA ALA B 61 10.95 -3.47 10.05
C ALA B 61 10.41 -4.75 10.73
N GLU B 62 9.12 -4.74 11.14
CA GLU B 62 8.50 -5.89 11.80
C GLU B 62 8.21 -7.06 10.83
N THR B 63 8.08 -6.78 9.50
CA THR B 63 7.81 -7.82 8.47
C THR B 63 9.12 -8.56 8.12
N GLU B 64 10.26 -7.86 8.27
CA GLU B 64 11.61 -8.44 8.13
C GLU B 64 11.83 -9.39 9.31
N ARG B 65 11.37 -8.96 10.49
CA ARG B 65 11.58 -9.67 11.76
C ARG B 65 10.55 -10.81 11.90
N ASN B 66 9.42 -10.68 11.17
CA ASN B 66 8.37 -11.70 11.08
C ASN B 66 8.71 -12.69 9.94
N ALA B 67 8.06 -13.87 9.94
CA ALA B 67 8.19 -14.88 8.89
C ALA B 67 6.82 -15.19 8.29
N ARG B 68 6.83 -15.77 7.09
CA ARG B 68 5.65 -16.35 6.44
C ARG B 68 5.29 -17.68 7.15
N THR B 69 6.34 -18.49 7.45
CA THR B 69 6.25 -19.69 8.28
C THR B 69 7.60 -19.87 9.01
N SER A 1 39.69 -0.59 9.77
CA SER A 1 38.49 -0.84 8.95
C SER A 1 37.32 -1.30 9.86
N HIS A 2 36.33 -0.40 10.05
CA HIS A 2 35.08 -0.70 10.79
C HIS A 2 34.10 -1.41 9.83
N MET A 3 34.31 -2.73 9.64
CA MET A 3 33.49 -3.54 8.72
C MET A 3 32.21 -4.04 9.43
N ALA A 4 31.14 -3.23 9.30
CA ALA A 4 29.79 -3.57 9.81
C ALA A 4 28.84 -3.59 8.61
N MET A 5 28.64 -4.79 8.06
CA MET A 5 27.92 -4.99 6.79
C MET A 5 26.99 -6.21 6.90
N LYS A 6 25.88 -6.14 6.15
CA LYS A 6 24.92 -7.24 6.00
C LYS A 6 24.21 -7.14 4.62
N PRO A 7 24.98 -7.21 3.47
CA PRO A 7 24.37 -7.12 2.12
C PRO A 7 23.66 -8.45 1.73
N PRO A 8 22.30 -8.43 1.49
CA PRO A 8 21.52 -9.63 1.08
C PRO A 8 22.01 -10.19 -0.29
N GLY A 9 22.90 -11.19 -0.23
CA GLY A 9 23.50 -11.78 -1.44
C GLY A 9 22.53 -12.65 -2.22
N ALA A 10 21.47 -13.11 -1.54
CA ALA A 10 20.45 -14.00 -2.13
C ALA A 10 19.10 -13.78 -1.43
N GLN A 11 19.14 -13.70 -0.09
CA GLN A 11 17.95 -13.57 0.77
C GLN A 11 17.43 -12.13 0.73
N GLY A 12 16.69 -11.80 -0.33
CA GLY A 12 16.00 -10.51 -0.46
C GLY A 12 14.63 -10.59 0.20
N SER A 13 14.65 -10.65 1.54
CA SER A 13 13.48 -10.92 2.40
C SER A 13 12.33 -9.92 2.18
N GLN A 14 12.68 -8.66 1.86
CA GLN A 14 11.69 -7.58 1.69
C GLN A 14 11.05 -7.59 0.31
N SER A 15 11.78 -8.12 -0.69
CA SER A 15 11.53 -7.90 -2.15
C SER A 15 10.03 -8.02 -2.56
N THR A 16 9.39 -9.10 -2.10
CA THR A 16 7.96 -9.35 -2.32
C THR A 16 7.07 -8.17 -1.81
N TYR A 17 7.34 -7.73 -0.57
CA TYR A 17 6.57 -6.65 0.10
C TYR A 17 7.05 -5.24 -0.31
N THR A 18 8.30 -5.17 -0.82
CA THR A 18 8.92 -3.95 -1.34
C THR A 18 8.13 -3.43 -2.55
N ASP A 19 7.39 -4.36 -3.21
CA ASP A 19 6.48 -4.04 -4.31
C ASP A 19 5.40 -3.07 -3.84
N LEU A 20 4.84 -3.31 -2.63
CA LEU A 20 3.81 -2.43 -2.03
C LEU A 20 4.38 -1.01 -1.79
N LEU A 21 5.60 -0.94 -1.21
CA LEU A 21 6.32 0.33 -0.98
C LEU A 21 6.52 1.09 -2.31
N SER A 22 6.73 0.31 -3.38
CA SER A 22 6.87 0.84 -4.74
C SER A 22 5.52 1.39 -5.25
N VAL A 23 4.42 0.59 -5.11
CA VAL A 23 3.06 0.94 -5.61
C VAL A 23 2.62 2.30 -5.08
N ILE A 24 2.86 2.52 -3.77
CA ILE A 24 2.57 3.80 -3.10
C ILE A 24 3.30 4.98 -3.78
N GLU A 25 4.61 4.80 -3.99
CA GLU A 25 5.48 5.84 -4.57
C GLU A 25 5.10 6.09 -6.05
N GLU A 26 4.69 5.01 -6.74
CA GLU A 26 4.26 5.06 -8.14
C GLU A 26 2.99 5.91 -8.30
N MET A 27 2.06 5.75 -7.35
CA MET A 27 0.84 6.56 -7.30
C MET A 27 1.19 8.03 -7.10
N GLY A 28 2.15 8.31 -6.18
CA GLY A 28 2.64 9.68 -5.92
C GLY A 28 3.29 10.35 -7.14
N LYS A 29 3.70 9.52 -8.12
CA LYS A 29 4.23 9.98 -9.41
C LYS A 29 3.06 10.30 -10.36
N GLU A 30 2.01 9.46 -10.30
CA GLU A 30 0.83 9.54 -11.18
C GLU A 30 -0.13 10.66 -10.77
N ILE A 31 -0.01 11.17 -9.53
CA ILE A 31 -0.87 12.26 -9.03
C ILE A 31 -0.65 13.54 -9.85
N ARG A 32 0.59 13.74 -10.34
CA ARG A 32 0.98 14.95 -11.09
C ARG A 32 0.28 15.00 -12.49
N PRO A 33 0.47 13.97 -13.42
CA PRO A 33 -0.23 13.98 -14.73
C PRO A 33 -1.77 13.85 -14.60
N THR A 34 -2.26 13.09 -13.59
CA THR A 34 -3.70 12.98 -13.28
C THR A 34 -4.32 14.37 -12.99
N TYR A 35 -3.61 15.12 -12.13
CA TYR A 35 -3.97 16.50 -11.77
C TYR A 35 -3.90 17.44 -12.99
N ALA A 36 -3.07 17.07 -14.00
CA ALA A 36 -2.90 17.85 -15.24
C ALA A 36 -3.86 17.38 -16.35
N GLY A 37 -4.81 16.50 -16.00
CA GLY A 37 -5.88 16.07 -16.92
C GLY A 37 -5.59 14.78 -17.69
N SER A 38 -4.43 14.14 -17.42
CA SER A 38 -4.06 12.87 -18.06
C SER A 38 -4.84 11.69 -17.43
N LYS A 39 -5.93 11.28 -18.10
CA LYS A 39 -6.76 10.11 -17.71
C LYS A 39 -6.04 8.78 -17.91
N SER A 40 -5.04 8.78 -18.82
CA SER A 40 -4.20 7.59 -19.06
C SER A 40 -3.35 7.27 -17.82
N ALA A 41 -2.82 8.32 -17.17
CA ALA A 41 -2.01 8.21 -15.94
C ALA A 41 -2.88 7.97 -14.71
N MET A 42 -4.10 8.56 -14.73
CA MET A 42 -5.13 8.36 -13.69
C MET A 42 -5.46 6.88 -13.50
N GLU A 43 -5.35 6.11 -14.60
CA GLU A 43 -5.58 4.65 -14.61
C GLU A 43 -4.59 3.91 -13.69
N ARG A 44 -3.32 4.38 -13.64
CA ARG A 44 -2.26 3.74 -12.82
C ARG A 44 -2.45 4.13 -11.35
N LEU A 45 -2.97 5.36 -11.14
CA LEU A 45 -3.22 5.91 -9.81
C LEU A 45 -4.38 5.16 -9.12
N LYS A 46 -5.52 5.05 -9.83
CA LYS A 46 -6.70 4.27 -9.38
C LYS A 46 -6.35 2.78 -9.16
N ARG A 47 -5.73 2.17 -10.20
CA ARG A 47 -5.26 0.77 -10.13
C ARG A 47 -4.27 0.57 -8.98
N GLY A 48 -3.53 1.66 -8.67
CA GLY A 48 -2.63 1.68 -7.54
C GLY A 48 -3.34 1.42 -6.22
N ILE A 49 -4.54 2.01 -6.05
CA ILE A 49 -5.39 1.74 -4.86
C ILE A 49 -5.89 0.28 -4.85
N ILE A 50 -6.30 -0.27 -6.02
CA ILE A 50 -6.79 -1.66 -6.11
C ILE A 50 -5.65 -2.65 -5.72
N HIS A 51 -4.46 -2.42 -6.30
CA HIS A 51 -3.30 -3.30 -6.12
C HIS A 51 -2.73 -3.16 -4.70
N ALA A 52 -2.63 -1.92 -4.21
CA ALA A 52 -2.10 -1.63 -2.86
C ALA A 52 -3.04 -2.20 -1.78
N ARG A 53 -4.37 -2.04 -2.00
CA ARG A 53 -5.41 -2.61 -1.10
C ARG A 53 -5.23 -4.11 -0.97
N ALA A 54 -4.94 -4.76 -2.12
CA ALA A 54 -4.82 -6.21 -2.22
C ALA A 54 -3.58 -6.70 -1.45
N LEU A 55 -2.46 -5.97 -1.63
CA LEU A 55 -1.17 -6.28 -0.99
C LEU A 55 -1.25 -6.14 0.55
N VAL A 56 -2.00 -5.13 1.03
CA VAL A 56 -2.24 -4.92 2.46
C VAL A 56 -3.17 -6.03 3.01
N ARG A 57 -4.23 -6.32 2.24
CA ARG A 57 -5.29 -7.31 2.61
C ARG A 57 -4.68 -8.71 2.78
N GLU A 58 -3.77 -9.07 1.86
CA GLU A 58 -3.05 -10.35 1.88
C GLU A 58 -2.07 -10.41 3.05
N CYS A 59 -1.27 -9.34 3.22
CA CYS A 59 -0.23 -9.26 4.26
C CYS A 59 -0.81 -9.19 5.69
N LEU A 60 -2.11 -8.79 5.80
CA LEU A 60 -2.88 -8.81 7.08
C LEU A 60 -2.79 -10.20 7.76
N ALA A 61 -2.65 -11.27 6.95
CA ALA A 61 -2.49 -12.64 7.43
C ALA A 61 -1.20 -12.81 8.26
N GLU A 62 -0.01 -12.52 7.67
CA GLU A 62 1.29 -12.63 8.38
C GLU A 62 1.43 -11.58 9.49
N THR A 63 0.68 -10.46 9.35
CA THR A 63 0.58 -9.41 10.37
C THR A 63 -0.24 -9.90 11.59
N GLU A 64 -1.25 -10.75 11.31
CA GLU A 64 -2.07 -11.41 12.34
C GLU A 64 -1.21 -12.43 13.11
N ARG A 65 -0.23 -13.03 12.41
CA ARG A 65 0.75 -13.96 13.00
C ARG A 65 1.87 -13.19 13.71
N ASN A 66 2.16 -11.97 13.22
CA ASN A 66 3.24 -11.09 13.74
C ASN A 66 2.95 -10.73 15.21
N ALA A 67 4.02 -10.56 16.00
CA ALA A 67 3.93 -10.23 17.43
C ALA A 67 4.85 -9.05 17.76
N ARG A 68 5.20 -8.24 16.76
CA ARG A 68 6.08 -7.06 16.93
C ARG A 68 5.39 -5.82 16.34
N THR A 69 4.84 -4.98 17.23
CA THR A 69 4.21 -3.70 16.89
C THR A 69 4.34 -2.75 18.13
N SER B 1 -20.34 4.00 -8.21
CA SER B 1 -19.60 3.14 -7.27
C SER B 1 -19.77 3.64 -5.83
N HIS B 2 -19.86 2.69 -4.89
CA HIS B 2 -20.00 2.95 -3.44
C HIS B 2 -19.38 1.76 -2.69
N MET B 3 -18.14 1.93 -2.21
CA MET B 3 -17.40 0.85 -1.52
C MET B 3 -17.07 1.24 -0.07
N ALA B 4 -16.58 0.25 0.69
CA ALA B 4 -16.22 0.39 2.11
C ALA B 4 -15.15 -0.64 2.45
N MET B 5 -14.14 -0.74 1.55
CA MET B 5 -13.16 -1.85 1.51
C MET B 5 -12.00 -1.71 2.54
N LYS B 6 -12.31 -1.04 3.67
CA LYS B 6 -11.39 -0.91 4.81
C LYS B 6 -12.12 -1.36 6.11
N PRO B 7 -12.26 -2.71 6.36
CA PRO B 7 -13.00 -3.22 7.52
C PRO B 7 -12.17 -3.13 8.83
N PRO B 8 -12.77 -2.67 9.98
CA PRO B 8 -12.12 -2.75 11.31
C PRO B 8 -11.79 -4.22 11.67
N GLY B 9 -10.53 -4.60 11.39
CA GLY B 9 -10.06 -5.97 11.51
C GLY B 9 -10.09 -6.49 12.95
N ALA B 10 -10.56 -7.73 13.12
CA ALA B 10 -10.63 -8.40 14.43
C ALA B 10 -9.23 -8.83 14.89
N GLN B 11 -9.07 -8.98 16.22
CA GLN B 11 -7.81 -9.39 16.88
C GLN B 11 -6.74 -8.28 16.76
N GLY B 12 -6.24 -7.80 17.92
CA GLY B 12 -5.30 -6.66 17.98
C GLY B 12 -3.88 -6.95 17.43
N SER B 13 -3.70 -8.13 16.84
CA SER B 13 -2.46 -8.53 16.18
C SER B 13 -2.13 -7.64 14.95
N GLN B 14 -3.19 -7.11 14.31
CA GLN B 14 -3.08 -6.33 13.06
C GLN B 14 -3.74 -4.95 13.21
N SER B 15 -3.48 -4.29 14.35
CA SER B 15 -4.14 -3.02 14.70
C SER B 15 -3.62 -1.86 13.84
N THR B 16 -2.29 -1.68 13.84
CA THR B 16 -1.61 -0.57 13.16
C THR B 16 -1.66 -0.72 11.63
N TYR B 17 -1.72 -1.99 11.16
CA TYR B 17 -1.59 -2.32 9.74
C TYR B 17 -2.91 -2.14 8.98
N THR B 18 -4.04 -2.33 9.67
CA THR B 18 -5.38 -2.11 9.08
C THR B 18 -5.59 -0.60 8.76
N ASP B 19 -4.87 0.27 9.49
CA ASP B 19 -4.81 1.72 9.21
C ASP B 19 -4.32 1.96 7.78
N LEU B 20 -3.31 1.18 7.34
CA LEU B 20 -2.75 1.26 5.98
C LEU B 20 -3.81 0.91 4.93
N LEU B 21 -4.59 -0.17 5.19
CA LEU B 21 -5.70 -0.60 4.31
C LEU B 21 -6.74 0.53 4.14
N SER B 22 -6.94 1.28 5.25
CA SER B 22 -7.82 2.44 5.29
C SER B 22 -7.29 3.59 4.40
N VAL B 23 -5.98 3.90 4.56
CA VAL B 23 -5.30 4.98 3.83
C VAL B 23 -5.44 4.80 2.32
N ILE B 24 -5.24 3.55 1.88
CA ILE B 24 -5.37 3.15 0.47
C ILE B 24 -6.79 3.43 -0.06
N GLU B 25 -7.80 2.93 0.69
CA GLU B 25 -9.21 2.98 0.28
C GLU B 25 -9.69 4.45 0.16
N GLU B 26 -9.23 5.31 1.11
CA GLU B 26 -9.60 6.74 1.17
C GLU B 26 -9.06 7.54 -0.03
N MET B 27 -7.83 7.20 -0.46
CA MET B 27 -7.18 7.83 -1.62
C MET B 27 -7.95 7.53 -2.92
N GLY B 28 -8.62 6.35 -2.96
CA GLY B 28 -9.38 5.90 -4.13
C GLY B 28 -10.49 6.86 -4.58
N LYS B 29 -10.99 7.72 -3.68
CA LYS B 29 -12.01 8.73 -4.01
C LYS B 29 -11.36 10.09 -4.31
N GLU B 30 -10.16 10.34 -3.74
CA GLU B 30 -9.48 11.66 -3.84
C GLU B 30 -8.85 11.87 -5.22
N ILE B 31 -8.72 10.77 -5.98
CA ILE B 31 -8.17 10.76 -7.35
C ILE B 31 -9.06 11.56 -8.31
N ARG B 32 -10.39 11.41 -8.14
CA ARG B 32 -11.39 12.02 -9.05
C ARG B 32 -11.35 13.58 -9.00
N PRO B 33 -11.47 14.27 -7.79
CA PRO B 33 -11.36 15.74 -7.72
C PRO B 33 -9.94 16.26 -8.04
N THR B 34 -8.89 15.46 -7.74
CA THR B 34 -7.49 15.75 -8.17
C THR B 34 -7.41 15.84 -9.71
N TYR B 35 -8.05 14.87 -10.38
CA TYR B 35 -8.19 14.82 -11.84
C TYR B 35 -8.99 16.03 -12.39
N ALA B 36 -9.81 16.65 -11.54
CA ALA B 36 -10.62 17.83 -11.90
C ALA B 36 -9.92 19.15 -11.49
N GLY B 37 -8.65 19.04 -11.05
CA GLY B 37 -7.84 20.21 -10.70
C GLY B 37 -8.01 20.71 -9.26
N SER B 38 -8.81 20.02 -8.44
CA SER B 38 -8.96 20.37 -7.02
C SER B 38 -7.67 20.05 -6.23
N LYS B 39 -6.84 21.09 -5.98
CA LYS B 39 -5.56 20.96 -5.26
C LYS B 39 -5.75 20.60 -3.78
N SER B 40 -6.95 20.91 -3.24
CA SER B 40 -7.30 20.58 -1.84
C SER B 40 -7.35 19.05 -1.66
N ALA B 41 -8.02 18.38 -2.61
CA ALA B 41 -8.10 16.91 -2.68
C ALA B 41 -6.76 16.29 -3.07
N MET B 42 -6.00 17.00 -3.93
CA MET B 42 -4.65 16.58 -4.33
C MET B 42 -3.72 16.55 -3.10
N GLU B 43 -3.92 17.50 -2.18
CA GLU B 43 -3.15 17.60 -0.92
C GLU B 43 -3.41 16.34 -0.04
N ARG B 44 -4.67 15.87 -0.08
CA ARG B 44 -5.11 14.70 0.71
C ARG B 44 -4.53 13.42 0.11
N LEU B 45 -4.57 13.38 -1.23
CA LEU B 45 -4.13 12.24 -2.04
C LEU B 45 -2.61 12.05 -1.89
N LYS B 46 -1.85 13.18 -2.02
CA LYS B 46 -0.41 13.23 -1.77
C LYS B 46 -0.08 12.78 -0.34
N ARG B 47 -0.70 13.42 0.66
CA ARG B 47 -0.48 13.09 2.08
C ARG B 47 -0.80 11.60 2.35
N GLY B 48 -1.75 11.06 1.56
CA GLY B 48 -2.09 9.64 1.59
C GLY B 48 -0.92 8.78 1.18
N ILE B 49 -0.18 9.18 0.13
CA ILE B 49 1.03 8.47 -0.33
C ILE B 49 2.17 8.57 0.72
N ILE B 50 2.39 9.77 1.33
CA ILE B 50 3.42 9.95 2.38
C ILE B 50 3.11 9.02 3.59
N HIS B 51 1.84 9.07 4.02
CA HIS B 51 1.31 8.30 5.16
C HIS B 51 1.42 6.80 4.88
N ALA B 52 0.99 6.38 3.68
CA ALA B 52 0.97 4.97 3.27
C ALA B 52 2.40 4.41 3.16
N ARG B 53 3.30 5.22 2.55
CA ARG B 53 4.71 4.82 2.32
C ARG B 53 5.44 4.60 3.65
N ALA B 54 5.13 5.47 4.63
CA ALA B 54 5.68 5.40 5.98
C ALA B 54 5.22 4.11 6.68
N LEU B 55 3.92 3.77 6.48
CA LEU B 55 3.30 2.58 7.09
C LEU B 55 3.87 1.28 6.50
N VAL B 56 4.06 1.25 5.16
CA VAL B 56 4.67 0.10 4.46
C VAL B 56 6.12 -0.10 4.93
N ARG B 57 6.81 1.03 5.20
CA ARG B 57 8.20 1.03 5.70
C ARG B 57 8.24 0.46 7.13
N GLU B 58 7.27 0.87 7.98
CA GLU B 58 7.10 0.32 9.34
C GLU B 58 6.82 -1.19 9.29
N CYS B 59 6.12 -1.61 8.23
CA CYS B 59 5.74 -3.00 8.01
C CYS B 59 6.89 -3.82 7.37
N LEU B 60 7.88 -3.13 6.74
CA LEU B 60 9.13 -3.81 6.29
C LEU B 60 9.81 -4.50 7.50
N ALA B 61 9.67 -3.87 8.68
CA ALA B 61 10.16 -4.38 9.96
C ALA B 61 9.52 -5.73 10.32
N GLU B 62 8.17 -5.77 10.40
CA GLU B 62 7.41 -7.01 10.73
C GLU B 62 7.48 -8.08 9.61
N THR B 63 7.74 -7.63 8.36
CA THR B 63 7.95 -8.52 7.19
C THR B 63 9.35 -9.16 7.28
N GLU B 64 10.30 -8.46 7.95
CA GLU B 64 11.62 -9.01 8.24
C GLU B 64 11.55 -9.98 9.42
N ARG B 65 10.63 -9.70 10.37
CA ARG B 65 10.48 -10.43 11.62
C ARG B 65 9.90 -11.83 11.34
N ASN B 66 8.90 -11.87 10.45
CA ASN B 66 8.37 -13.13 9.89
C ASN B 66 9.37 -13.65 8.83
N ALA B 67 9.74 -14.94 8.90
CA ALA B 67 10.72 -15.57 7.98
C ALA B 67 10.19 -15.57 6.53
N ARG B 68 10.93 -14.89 5.63
CA ARG B 68 10.56 -14.76 4.21
C ARG B 68 11.82 -14.87 3.33
N THR B 69 12.22 -16.12 3.03
CA THR B 69 13.31 -16.45 2.08
C THR B 69 13.46 -18.00 1.98
N SER A 1 17.15 -1.52 -26.18
CA SER A 1 17.68 -2.87 -25.90
C SER A 1 17.61 -3.17 -24.40
N HIS A 2 17.10 -4.36 -24.07
CA HIS A 2 17.00 -4.84 -22.68
C HIS A 2 16.95 -6.38 -22.70
N MET A 3 18.11 -7.02 -22.43
CA MET A 3 18.23 -8.48 -22.35
C MET A 3 18.51 -8.88 -20.89
N ALA A 4 17.45 -8.93 -20.07
CA ALA A 4 17.56 -9.21 -18.63
C ALA A 4 16.26 -9.81 -18.12
N MET A 5 16.32 -11.08 -17.71
CA MET A 5 15.19 -11.81 -17.10
C MET A 5 15.62 -12.29 -15.71
N LYS A 6 14.78 -13.16 -15.09
CA LYS A 6 15.08 -13.83 -13.82
C LYS A 6 15.20 -12.82 -12.65
N PRO A 7 14.07 -12.47 -11.93
CA PRO A 7 14.10 -11.56 -10.76
C PRO A 7 14.70 -12.26 -9.50
N PRO A 8 15.92 -11.83 -9.02
CA PRO A 8 16.66 -12.50 -7.92
C PRO A 8 16.20 -12.07 -6.51
N GLY A 9 15.26 -11.11 -6.46
CA GLY A 9 14.82 -10.50 -5.20
C GLY A 9 15.48 -9.16 -4.94
N ALA A 10 15.27 -8.61 -3.74
CA ALA A 10 15.81 -7.30 -3.34
C ALA A 10 16.44 -7.38 -1.94
N GLN A 11 15.57 -7.40 -0.91
CA GLN A 11 15.98 -7.48 0.51
C GLN A 11 15.90 -8.95 0.99
N GLY A 12 15.74 -9.17 2.32
CA GLY A 12 15.55 -10.52 2.85
C GLY A 12 14.09 -10.98 2.70
N SER A 13 13.35 -11.04 3.81
CA SER A 13 11.93 -11.44 3.83
C SER A 13 11.04 -10.31 3.30
N GLN A 14 11.55 -9.06 3.41
CA GLN A 14 10.89 -7.86 2.84
C GLN A 14 10.74 -7.94 1.33
N SER A 15 11.64 -8.68 0.66
CA SER A 15 11.70 -8.83 -0.81
C SER A 15 10.34 -9.08 -1.51
N THR A 16 9.36 -9.71 -0.81
CA THR A 16 8.00 -9.93 -1.37
C THR A 16 7.15 -8.65 -1.21
N TYR A 17 7.33 -8.00 -0.06
CA TYR A 17 6.54 -6.84 0.39
C TYR A 17 7.05 -5.53 -0.25
N THR A 18 8.32 -5.57 -0.74
CA THR A 18 9.02 -4.41 -1.35
C THR A 18 8.19 -3.82 -2.52
N ASP A 19 7.41 -4.70 -3.19
CA ASP A 19 6.52 -4.30 -4.29
C ASP A 19 5.54 -3.22 -3.84
N LEU A 20 4.88 -3.47 -2.69
CA LEU A 20 3.88 -2.56 -2.11
C LEU A 20 4.48 -1.16 -1.88
N LEU A 21 5.69 -1.13 -1.30
CA LEU A 21 6.44 0.11 -1.02
C LEU A 21 6.65 0.92 -2.31
N SER A 22 7.03 0.20 -3.38
CA SER A 22 7.27 0.78 -4.70
C SER A 22 5.97 1.29 -5.34
N VAL A 23 4.84 0.55 -5.16
CA VAL A 23 3.52 0.90 -5.75
C VAL A 23 3.06 2.25 -5.22
N ILE A 24 3.24 2.46 -3.90
CA ILE A 24 2.90 3.73 -3.24
C ILE A 24 3.66 4.90 -3.90
N GLU A 25 4.97 4.68 -4.13
CA GLU A 25 5.87 5.69 -4.72
C GLU A 25 5.59 5.91 -6.22
N GLU A 26 5.09 4.87 -6.91
CA GLU A 26 4.64 4.97 -8.32
C GLU A 26 3.48 5.95 -8.38
N MET A 27 2.47 5.67 -7.56
CA MET A 27 1.26 6.47 -7.45
C MET A 27 1.58 7.90 -7.00
N GLY A 28 2.60 8.05 -6.14
CA GLY A 28 3.07 9.36 -5.67
C GLY A 28 3.60 10.26 -6.78
N LYS A 29 4.00 9.64 -7.90
CA LYS A 29 4.44 10.38 -9.10
C LYS A 29 3.24 10.64 -10.02
N GLU A 30 2.25 9.73 -10.01
CA GLU A 30 1.09 9.76 -10.92
C GLU A 30 0.03 10.80 -10.51
N ILE A 31 0.15 11.36 -9.29
CA ILE A 31 -0.76 12.39 -8.78
C ILE A 31 -0.69 13.67 -9.63
N ARG A 32 0.54 14.03 -10.06
CA ARG A 32 0.78 15.24 -10.88
C ARG A 32 0.11 15.16 -12.29
N PRO A 33 0.36 14.10 -13.14
CA PRO A 33 -0.37 13.95 -14.43
C PRO A 33 -1.90 13.81 -14.27
N THR A 34 -2.35 13.05 -13.25
CA THR A 34 -3.79 12.93 -12.89
C THR A 34 -4.42 14.32 -12.65
N TYR A 35 -3.74 15.12 -11.82
CA TYR A 35 -4.10 16.51 -11.53
C TYR A 35 -4.09 17.37 -12.81
N ALA A 36 -3.21 17.03 -13.75
CA ALA A 36 -3.03 17.77 -15.03
C ALA A 36 -4.04 17.34 -16.11
N GLY A 37 -5.05 16.54 -15.73
CA GLY A 37 -6.11 16.11 -16.64
C GLY A 37 -5.76 14.86 -17.46
N SER A 38 -4.58 14.26 -17.22
CA SER A 38 -4.15 13.04 -17.93
C SER A 38 -4.96 11.81 -17.43
N LYS A 39 -6.00 11.45 -18.19
CA LYS A 39 -6.94 10.35 -17.86
C LYS A 39 -6.27 8.96 -17.79
N SER A 40 -5.29 8.69 -18.67
CA SER A 40 -4.56 7.40 -18.69
C SER A 40 -3.81 7.18 -17.36
N ALA A 41 -3.08 8.22 -16.92
CA ALA A 41 -2.29 8.21 -15.68
C ALA A 41 -3.20 8.15 -14.45
N MET A 42 -4.40 8.74 -14.58
CA MET A 42 -5.45 8.74 -13.54
C MET A 42 -6.03 7.33 -13.35
N GLU A 43 -6.28 6.66 -14.48
CA GLU A 43 -6.83 5.30 -14.51
C GLU A 43 -5.85 4.31 -13.86
N ARG A 44 -4.56 4.50 -14.18
CA ARG A 44 -3.47 3.68 -13.65
C ARG A 44 -3.29 3.96 -12.14
N LEU A 45 -3.43 5.24 -11.76
CA LEU A 45 -3.38 5.69 -10.36
C LEU A 45 -4.46 4.97 -9.51
N LYS A 46 -5.68 4.87 -10.10
CA LYS A 46 -6.83 4.14 -9.50
C LYS A 46 -6.48 2.66 -9.26
N ARG A 47 -5.99 2.00 -10.31
CA ARG A 47 -5.66 0.58 -10.26
C ARG A 47 -4.46 0.33 -9.32
N GLY A 48 -3.62 1.35 -9.18
CA GLY A 48 -2.52 1.33 -8.22
C GLY A 48 -3.02 1.22 -6.80
N ILE A 49 -4.14 1.90 -6.50
CA ILE A 49 -4.86 1.78 -5.21
C ILE A 49 -5.44 0.36 -5.05
N ILE A 50 -6.08 -0.18 -6.10
CA ILE A 50 -6.68 -1.53 -6.06
C ILE A 50 -5.59 -2.60 -5.80
N HIS A 51 -4.41 -2.38 -6.40
CA HIS A 51 -3.26 -3.28 -6.26
C HIS A 51 -2.66 -3.14 -4.85
N ALA A 52 -2.38 -1.90 -4.44
CA ALA A 52 -1.75 -1.59 -3.14
C ALA A 52 -2.61 -2.09 -1.96
N ARG A 53 -3.92 -1.91 -2.10
CA ARG A 53 -4.93 -2.28 -1.08
C ARG A 53 -4.97 -3.81 -0.96
N ALA A 54 -4.77 -4.49 -2.10
CA ALA A 54 -4.78 -5.95 -2.19
C ALA A 54 -3.48 -6.53 -1.59
N LEU A 55 -2.37 -5.79 -1.73
CA LEU A 55 -1.07 -6.15 -1.14
C LEU A 55 -1.09 -6.02 0.39
N VAL A 56 -1.85 -5.03 0.88
CA VAL A 56 -2.11 -4.88 2.33
C VAL A 56 -3.06 -6.00 2.80
N ARG A 57 -4.05 -6.33 1.93
CA ARG A 57 -5.12 -7.31 2.24
C ARG A 57 -4.56 -8.72 2.47
N GLU A 58 -3.65 -9.16 1.58
CA GLU A 58 -2.99 -10.47 1.72
C GLU A 58 -2.06 -10.51 2.95
N CYS A 59 -1.31 -9.41 3.17
CA CYS A 59 -0.33 -9.29 4.26
C CYS A 59 -0.99 -9.14 5.65
N LEU A 60 -2.29 -8.74 5.66
CA LEU A 60 -3.15 -8.73 6.88
C LEU A 60 -3.02 -10.05 7.67
N ALA A 61 -2.88 -11.16 6.93
CA ALA A 61 -2.74 -12.52 7.47
C ALA A 61 -1.48 -12.64 8.36
N GLU A 62 -0.28 -12.37 7.77
CA GLU A 62 1.02 -12.48 8.46
C GLU A 62 1.23 -11.44 9.57
N THR A 63 0.44 -10.35 9.56
CA THR A 63 0.45 -9.34 10.62
C THR A 63 0.13 -9.95 12.01
N GLU A 64 -0.64 -11.06 12.01
CA GLU A 64 -0.88 -11.87 13.21
C GLU A 64 0.38 -12.68 13.57
N ARG A 65 0.87 -13.44 12.56
CA ARG A 65 2.10 -14.30 12.66
C ARG A 65 3.28 -13.56 13.32
N ASN A 66 3.41 -12.26 13.01
CA ASN A 66 4.37 -11.38 13.67
C ASN A 66 4.03 -11.26 15.17
N ALA A 67 4.93 -11.80 16.02
CA ALA A 67 4.73 -11.82 17.47
C ALA A 67 5.10 -10.45 18.08
N ARG A 68 4.17 -9.52 17.91
CA ARG A 68 4.16 -8.22 18.60
C ARG A 68 2.85 -8.12 19.43
N THR A 69 1.89 -8.99 19.09
CA THR A 69 0.56 -9.05 19.69
C THR A 69 0.60 -9.86 21.01
N SER B 1 1.19 -8.18 -10.70
CA SER B 1 0.21 -7.86 -9.64
C SER B 1 -0.07 -9.10 -8.78
N HIS B 2 0.82 -9.36 -7.81
CA HIS B 2 0.69 -10.50 -6.88
C HIS B 2 -0.41 -10.24 -5.85
N MET B 3 -1.60 -10.80 -6.12
CA MET B 3 -2.66 -11.01 -5.13
C MET B 3 -3.75 -11.87 -5.77
N ALA B 4 -3.90 -13.08 -5.25
CA ALA B 4 -5.01 -13.98 -5.59
C ALA B 4 -5.38 -14.73 -4.30
N MET B 5 -5.20 -14.05 -3.17
CA MET B 5 -5.35 -14.61 -1.83
C MET B 5 -6.73 -14.26 -1.27
N LYS B 6 -7.55 -15.30 -1.03
CA LYS B 6 -8.79 -15.21 -0.22
C LYS B 6 -8.77 -16.32 0.86
N PRO B 7 -7.79 -16.29 1.83
CA PRO B 7 -7.68 -17.32 2.88
C PRO B 7 -8.65 -17.02 4.06
N PRO B 8 -8.81 -17.95 5.07
CA PRO B 8 -9.63 -17.72 6.29
C PRO B 8 -9.32 -16.37 6.97
N GLY B 9 -8.01 -16.09 7.13
CA GLY B 9 -7.54 -14.78 7.58
C GLY B 9 -7.12 -14.75 9.03
N ALA B 10 -6.38 -13.70 9.38
CA ALA B 10 -5.93 -13.43 10.75
C ALA B 10 -7.10 -12.99 11.62
N GLN B 11 -6.93 -13.11 12.94
CA GLN B 11 -7.89 -12.63 13.95
C GLN B 11 -7.54 -11.18 14.34
N GLY B 12 -8.02 -10.70 15.51
CA GLY B 12 -7.80 -9.31 15.93
C GLY B 12 -6.37 -9.02 16.41
N SER B 13 -5.41 -9.05 15.46
CA SER B 13 -3.97 -8.82 15.72
C SER B 13 -3.35 -8.01 14.56
N GLN B 14 -4.21 -7.19 13.93
CA GLN B 14 -3.93 -6.50 12.66
C GLN B 14 -4.61 -5.13 12.63
N SER B 15 -4.66 -4.48 13.80
CA SER B 15 -5.53 -3.32 14.07
C SER B 15 -4.93 -2.06 13.43
N THR B 16 -3.63 -1.84 13.72
CA THR B 16 -2.89 -0.66 13.22
C THR B 16 -2.57 -0.80 11.72
N TYR B 17 -2.46 -2.05 11.26
CA TYR B 17 -2.16 -2.35 9.85
C TYR B 17 -3.40 -2.14 8.95
N THR B 18 -4.61 -2.23 9.55
CA THR B 18 -5.87 -1.92 8.85
C THR B 18 -5.99 -0.39 8.60
N ASP B 19 -5.22 0.43 9.35
CA ASP B 19 -5.09 1.88 9.09
C ASP B 19 -4.53 2.08 7.66
N LEU B 20 -3.47 1.32 7.32
CA LEU B 20 -2.85 1.35 5.99
C LEU B 20 -3.85 0.93 4.91
N LEU B 21 -4.61 -0.14 5.19
CA LEU B 21 -5.67 -0.66 4.30
C LEU B 21 -6.68 0.47 3.96
N SER B 22 -7.07 1.23 4.99
CA SER B 22 -7.99 2.37 4.90
C SER B 22 -7.37 3.54 4.11
N VAL B 23 -6.06 3.79 4.37
CA VAL B 23 -5.31 4.89 3.74
C VAL B 23 -5.34 4.74 2.22
N ILE B 24 -5.02 3.52 1.74
CA ILE B 24 -4.99 3.23 0.31
C ILE B 24 -6.35 3.55 -0.37
N GLU B 25 -7.44 3.12 0.29
CA GLU B 25 -8.81 3.32 -0.19
C GLU B 25 -9.17 4.83 -0.24
N GLU B 26 -8.74 5.58 0.79
CA GLU B 26 -8.98 7.05 0.85
C GLU B 26 -8.25 7.79 -0.28
N MET B 27 -7.00 7.34 -0.58
CA MET B 27 -6.23 7.86 -1.73
C MET B 27 -7.05 7.67 -3.02
N GLY B 28 -7.66 6.48 -3.16
CA GLY B 28 -8.54 6.15 -4.30
C GLY B 28 -9.72 7.10 -4.46
N LYS B 29 -10.18 7.63 -3.33
CA LYS B 29 -11.33 8.54 -3.27
C LYS B 29 -10.88 9.99 -3.57
N GLU B 30 -9.59 10.29 -3.27
CA GLU B 30 -8.98 11.59 -3.59
C GLU B 30 -8.63 11.71 -5.08
N ILE B 31 -8.54 10.57 -5.81
CA ILE B 31 -8.10 10.56 -7.23
C ILE B 31 -9.10 11.30 -8.12
N ARG B 32 -10.41 11.10 -7.89
CA ARG B 32 -11.47 11.71 -8.71
C ARG B 32 -11.48 13.27 -8.58
N PRO B 33 -11.57 13.89 -7.34
CA PRO B 33 -11.50 15.37 -7.20
C PRO B 33 -10.11 15.95 -7.62
N THR B 34 -9.02 15.21 -7.35
CA THR B 34 -7.65 15.61 -7.82
C THR B 34 -7.62 15.76 -9.35
N TYR B 35 -8.20 14.75 -10.02
CA TYR B 35 -8.34 14.72 -11.48
C TYR B 35 -9.23 15.85 -11.97
N ALA B 36 -10.23 16.25 -11.15
CA ALA B 36 -11.20 17.30 -11.50
C ALA B 36 -10.63 18.72 -11.33
N GLY B 37 -9.37 18.83 -10.85
CA GLY B 37 -8.70 20.12 -10.68
C GLY B 37 -8.67 20.60 -9.24
N SER B 38 -9.27 19.85 -8.30
CA SER B 38 -9.29 20.19 -6.88
C SER B 38 -7.88 20.02 -6.26
N LYS B 39 -7.15 21.16 -6.15
CA LYS B 39 -5.83 21.24 -5.48
C LYS B 39 -5.92 20.83 -4.01
N SER B 40 -7.10 21.11 -3.40
CA SER B 40 -7.41 20.71 -2.02
C SER B 40 -7.24 19.19 -1.86
N ALA B 41 -7.88 18.43 -2.76
CA ALA B 41 -7.84 16.96 -2.77
C ALA B 41 -6.46 16.44 -3.19
N MET B 42 -5.81 17.18 -4.11
CA MET B 42 -4.50 16.81 -4.66
C MET B 42 -3.42 16.73 -3.57
N GLU B 43 -3.43 17.71 -2.65
CA GLU B 43 -2.49 17.75 -1.51
C GLU B 43 -2.80 16.63 -0.47
N ARG B 44 -4.09 16.26 -0.38
CA ARG B 44 -4.56 15.17 0.51
C ARG B 44 -4.22 13.80 -0.11
N LEU B 45 -4.12 13.76 -1.46
CA LEU B 45 -3.74 12.56 -2.21
C LEU B 45 -2.22 12.35 -2.10
N LYS B 46 -1.47 13.46 -2.22
CA LYS B 46 -0.01 13.49 -1.98
C LYS B 46 0.30 12.97 -0.57
N ARG B 47 -0.35 13.60 0.44
CA ARG B 47 -0.18 13.20 1.84
C ARG B 47 -0.59 11.74 2.06
N GLY B 48 -1.58 11.29 1.27
CA GLY B 48 -2.02 9.90 1.28
C GLY B 48 -0.88 8.93 1.00
N ILE B 49 -0.05 9.26 -0.03
CA ILE B 49 1.14 8.45 -0.38
C ILE B 49 2.23 8.53 0.72
N ILE B 50 2.43 9.70 1.35
CA ILE B 50 3.42 9.85 2.43
C ILE B 50 2.99 8.98 3.64
N HIS B 51 1.69 9.04 3.96
CA HIS B 51 1.07 8.29 5.05
C HIS B 51 1.21 6.79 4.78
N ALA B 52 0.87 6.39 3.54
CA ALA B 52 0.88 4.99 3.10
C ALA B 52 2.31 4.43 3.09
N ARG B 53 3.24 5.20 2.50
CA ARG B 53 4.64 4.76 2.26
C ARG B 53 5.37 4.57 3.60
N ALA B 54 5.03 5.43 4.57
CA ALA B 54 5.55 5.36 5.93
C ALA B 54 5.05 4.09 6.63
N LEU B 55 3.74 3.78 6.47
CA LEU B 55 3.08 2.61 7.10
C LEU B 55 3.61 1.29 6.50
N VAL B 56 3.85 1.29 5.18
CA VAL B 56 4.43 0.15 4.46
C VAL B 56 5.88 -0.07 4.93
N ARG B 57 6.60 1.06 5.10
CA ARG B 57 8.01 1.06 5.54
C ARG B 57 8.14 0.56 6.99
N GLU B 58 7.17 0.95 7.83
CA GLU B 58 7.07 0.48 9.22
C GLU B 58 6.73 -1.01 9.26
N CYS B 59 5.85 -1.44 8.33
CA CYS B 59 5.42 -2.84 8.23
C CYS B 59 6.49 -3.73 7.59
N LEU B 60 7.44 -3.12 6.85
CA LEU B 60 8.64 -3.81 6.34
C LEU B 60 9.40 -4.48 7.49
N ALA B 61 9.48 -3.76 8.62
CA ALA B 61 10.17 -4.24 9.84
C ALA B 61 9.55 -5.56 10.33
N GLU B 62 8.21 -5.58 10.49
CA GLU B 62 7.48 -6.75 10.99
C GLU B 62 7.34 -7.87 9.92
N THR B 63 7.44 -7.50 8.64
CA THR B 63 7.47 -8.47 7.52
C THR B 63 8.86 -9.14 7.46
N GLU B 64 9.89 -8.38 7.85
CA GLU B 64 11.27 -8.88 7.91
C GLU B 64 11.44 -9.78 9.15
N ARG B 65 10.61 -9.53 10.17
CA ARG B 65 10.56 -10.32 11.40
C ARG B 65 9.81 -11.64 11.11
N ASN B 66 8.74 -11.54 10.31
CA ASN B 66 7.90 -12.69 9.95
C ASN B 66 8.73 -13.72 9.14
N ALA B 67 8.95 -14.89 9.76
CA ALA B 67 9.73 -15.98 9.17
C ALA B 67 8.90 -16.72 8.12
N ARG B 68 9.24 -16.52 6.83
CA ARG B 68 8.65 -17.28 5.72
C ARG B 68 9.34 -18.66 5.56
N THR B 69 10.50 -18.81 6.23
CA THR B 69 11.28 -20.05 6.23
C THR B 69 10.58 -21.13 7.11
N SER A 1 10.83 -39.70 -17.05
CA SER A 1 11.32 -38.33 -17.31
C SER A 1 10.18 -37.31 -17.07
N HIS A 2 10.36 -36.48 -16.02
CA HIS A 2 9.45 -35.36 -15.71
C HIS A 2 10.29 -34.08 -15.58
N MET A 3 9.89 -33.02 -16.31
CA MET A 3 10.55 -31.72 -16.21
C MET A 3 10.12 -31.03 -14.90
N ALA A 4 11.07 -30.93 -13.96
CA ALA A 4 10.83 -30.36 -12.62
C ALA A 4 11.87 -29.27 -12.34
N MET A 5 11.55 -28.04 -12.78
CA MET A 5 12.34 -26.84 -12.50
C MET A 5 11.40 -25.77 -11.95
N LYS A 6 11.40 -25.62 -10.61
CA LYS A 6 10.66 -24.58 -9.92
C LYS A 6 11.50 -24.09 -8.74
N PRO A 7 12.26 -22.95 -8.92
CA PRO A 7 12.98 -22.30 -7.80
C PRO A 7 11.98 -21.91 -6.68
N PRO A 8 12.26 -22.26 -5.38
CA PRO A 8 11.35 -21.95 -4.24
C PRO A 8 10.97 -20.45 -4.19
N GLY A 9 9.73 -20.14 -4.62
CA GLY A 9 9.20 -18.77 -4.61
C GLY A 9 9.02 -18.19 -3.22
N ALA A 10 9.16 -19.05 -2.19
CA ALA A 10 9.25 -18.63 -0.78
C ALA A 10 10.44 -17.66 -0.54
N GLN A 11 11.47 -17.78 -1.40
CA GLN A 11 12.67 -16.91 -1.39
C GLN A 11 12.27 -15.43 -1.40
N GLY A 12 12.58 -14.74 -0.29
CA GLY A 12 12.19 -13.35 -0.09
C GLY A 12 10.69 -13.22 0.20
N SER A 13 10.31 -13.40 1.46
CA SER A 13 8.91 -13.27 1.90
C SER A 13 8.49 -11.78 1.93
N GLN A 14 9.45 -10.91 2.27
CA GLN A 14 9.24 -9.45 2.37
C GLN A 14 9.41 -8.75 1.00
N SER A 15 9.47 -9.54 -0.10
CA SER A 15 9.71 -9.00 -1.47
C SER A 15 8.44 -8.33 -1.97
N THR A 16 7.32 -9.05 -1.80
CA THR A 16 5.96 -8.56 -2.10
C THR A 16 5.58 -7.35 -1.22
N TYR A 17 6.19 -7.28 -0.02
CA TYR A 17 5.94 -6.18 0.92
C TYR A 17 6.76 -4.93 0.52
N THR A 18 7.94 -5.16 -0.10
CA THR A 18 8.78 -4.10 -0.68
C THR A 18 8.14 -3.59 -2.00
N ASP A 19 7.43 -4.51 -2.71
CA ASP A 19 6.64 -4.18 -3.90
C ASP A 19 5.54 -3.19 -3.51
N LEU A 20 4.83 -3.52 -2.40
CA LEU A 20 3.75 -2.69 -1.82
C LEU A 20 4.23 -1.24 -1.55
N LEU A 21 5.45 -1.12 -0.96
CA LEU A 21 6.12 0.17 -0.71
C LEU A 21 6.33 0.93 -2.05
N SER A 22 6.70 0.18 -3.10
CA SER A 22 6.95 0.73 -4.43
C SER A 22 5.64 1.08 -5.16
N VAL A 23 4.51 0.43 -4.79
CA VAL A 23 3.18 0.75 -5.36
C VAL A 23 2.68 2.10 -4.84
N ILE A 24 3.04 2.41 -3.57
CA ILE A 24 2.82 3.75 -2.98
C ILE A 24 3.52 4.83 -3.83
N GLU A 25 4.67 4.47 -4.41
CA GLU A 25 5.43 5.33 -5.34
C GLU A 25 4.79 5.35 -6.74
N GLU A 26 4.24 4.18 -7.20
CA GLU A 26 3.60 4.08 -8.55
C GLU A 26 2.39 5.01 -8.65
N MET A 27 1.58 5.05 -7.58
CA MET A 27 0.47 5.99 -7.47
C MET A 27 1.01 7.41 -7.16
N GLY A 28 2.09 7.48 -6.34
CA GLY A 28 2.65 8.73 -5.84
C GLY A 28 3.18 9.65 -6.90
N LYS A 29 3.68 9.07 -7.98
CA LYS A 29 4.19 9.81 -9.13
C LYS A 29 3.03 10.25 -10.05
N GLU A 30 2.01 9.37 -10.18
CA GLU A 30 0.88 9.61 -11.10
C GLU A 30 -0.13 10.61 -10.53
N ILE A 31 0.07 11.10 -9.31
CA ILE A 31 -0.78 12.14 -8.71
C ILE A 31 -0.73 13.44 -9.53
N ARG A 32 0.50 13.87 -9.90
CA ARG A 32 0.72 15.15 -10.62
C ARG A 32 0.07 15.15 -12.04
N PRO A 33 0.35 14.16 -12.96
CA PRO A 33 -0.29 14.13 -14.30
C PRO A 33 -1.82 13.92 -14.23
N THR A 34 -2.30 13.11 -13.25
CA THR A 34 -3.75 12.95 -12.97
C THR A 34 -4.39 14.31 -12.66
N TYR A 35 -3.69 15.06 -11.78
CA TYR A 35 -4.10 16.40 -11.35
C TYR A 35 -4.10 17.39 -12.53
N ALA A 36 -3.28 17.10 -13.56
CA ALA A 36 -3.14 17.95 -14.76
C ALA A 36 -4.16 17.58 -15.86
N GLY A 37 -5.14 16.71 -15.51
CA GLY A 37 -6.23 16.34 -16.43
C GLY A 37 -5.93 15.13 -17.29
N SER A 38 -4.78 14.48 -17.10
CA SER A 38 -4.40 13.26 -17.84
C SER A 38 -5.14 12.01 -17.31
N LYS A 39 -6.18 11.59 -18.08
CA LYS A 39 -6.98 10.37 -17.78
C LYS A 39 -6.15 9.07 -17.84
N SER A 40 -5.09 9.06 -18.67
CA SER A 40 -4.18 7.92 -18.78
C SER A 40 -3.47 7.67 -17.43
N ALA A 41 -2.94 8.76 -16.84
CA ALA A 41 -2.28 8.73 -15.54
C ALA A 41 -3.27 8.44 -14.41
N MET A 42 -4.50 8.96 -14.57
CA MET A 42 -5.59 8.81 -13.59
C MET A 42 -6.01 7.34 -13.46
N GLU A 43 -6.10 6.64 -14.59
CA GLU A 43 -6.43 5.20 -14.65
C GLU A 43 -5.30 4.36 -13.99
N ARG A 44 -4.06 4.85 -14.14
CA ARG A 44 -2.85 4.19 -13.63
C ARG A 44 -2.65 4.49 -12.13
N LEU A 45 -3.22 5.63 -11.69
CA LEU A 45 -3.31 6.03 -10.29
C LEU A 45 -4.35 5.13 -9.57
N LYS A 46 -5.46 4.84 -10.30
CA LYS A 46 -6.47 3.85 -9.86
C LYS A 46 -5.86 2.45 -9.76
N ARG A 47 -4.99 2.10 -10.74
CA ARG A 47 -4.25 0.82 -10.73
C ARG A 47 -3.34 0.76 -9.50
N GLY A 48 -2.76 1.92 -9.12
CA GLY A 48 -1.97 2.04 -7.91
C GLY A 48 -2.73 1.61 -6.68
N ILE A 49 -3.98 2.08 -6.55
CA ILE A 49 -4.85 1.72 -5.42
C ILE A 49 -5.31 0.24 -5.50
N ILE A 50 -5.61 -0.27 -6.72
CA ILE A 50 -6.07 -1.66 -6.91
C ILE A 50 -4.97 -2.66 -6.50
N HIS A 51 -3.74 -2.36 -6.97
CA HIS A 51 -2.53 -3.15 -6.73
C HIS A 51 -2.19 -3.15 -5.23
N ALA A 52 -2.11 -1.95 -4.64
CA ALA A 52 -1.73 -1.76 -3.23
C ALA A 52 -2.76 -2.39 -2.28
N ARG A 53 -4.06 -2.17 -2.57
CA ARG A 53 -5.15 -2.61 -1.70
C ARG A 53 -5.25 -4.14 -1.67
N ALA A 54 -5.00 -4.78 -2.84
CA ALA A 54 -4.98 -6.25 -2.98
C ALA A 54 -3.82 -6.86 -2.16
N LEU A 55 -2.69 -6.13 -2.14
CA LEU A 55 -1.47 -6.53 -1.41
C LEU A 55 -1.70 -6.48 0.10
N VAL A 56 -2.25 -5.34 0.59
CA VAL A 56 -2.54 -5.14 2.01
C VAL A 56 -3.60 -6.16 2.47
N ARG A 57 -4.62 -6.36 1.63
CA ARG A 57 -5.76 -7.25 1.92
C ARG A 57 -5.29 -8.70 2.20
N GLU A 58 -4.59 -9.30 1.21
CA GLU A 58 -4.09 -10.69 1.30
C GLU A 58 -3.03 -10.84 2.43
N CYS A 59 -2.23 -9.79 2.67
CA CYS A 59 -1.15 -9.80 3.68
C CYS A 59 -1.70 -9.58 5.11
N LEU A 60 -2.93 -9.03 5.24
CA LEU A 60 -3.63 -8.92 6.55
C LEU A 60 -3.73 -10.30 7.24
N ALA A 61 -3.77 -11.37 6.42
CA ALA A 61 -3.76 -12.76 6.89
C ALA A 61 -2.55 -13.05 7.82
N GLU A 62 -1.33 -12.76 7.32
CA GLU A 62 -0.07 -12.97 8.08
C GLU A 62 0.24 -11.81 9.04
N THR A 63 -0.38 -10.64 8.79
CA THR A 63 -0.29 -9.48 9.69
C THR A 63 -1.19 -9.69 10.94
N GLU A 64 -2.14 -10.63 10.86
CA GLU A 64 -2.89 -11.08 12.06
C GLU A 64 -1.91 -11.60 13.15
N ARG A 65 -0.76 -12.15 12.70
CA ARG A 65 0.32 -12.64 13.57
C ARG A 65 1.17 -11.45 14.10
N ASN A 66 1.16 -10.33 13.36
CA ASN A 66 1.81 -9.06 13.76
C ASN A 66 1.05 -8.42 14.95
N ALA A 67 1.80 -7.77 15.84
CA ALA A 67 1.28 -7.10 17.04
C ALA A 67 2.02 -5.77 17.25
N ARG A 68 1.93 -4.90 16.25
CA ARG A 68 2.58 -3.57 16.28
C ARG A 68 1.71 -2.58 17.08
N THR A 69 2.38 -1.73 17.88
CA THR A 69 1.73 -0.74 18.76
C THR A 69 1.00 0.34 17.93
N SER B 1 -29.65 -11.78 -4.55
CA SER B 1 -29.21 -12.37 -3.26
C SER B 1 -28.56 -11.27 -2.40
N HIS B 2 -29.04 -11.14 -1.14
CA HIS B 2 -28.49 -10.17 -0.17
C HIS B 2 -27.17 -10.71 0.42
N MET B 3 -26.07 -10.49 -0.31
CA MET B 3 -24.75 -11.06 0.03
C MET B 3 -23.83 -9.99 0.67
N ALA B 4 -24.10 -9.69 1.95
CA ALA B 4 -23.24 -8.82 2.78
C ALA B 4 -22.07 -9.66 3.34
N MET B 5 -20.95 -9.63 2.62
CA MET B 5 -19.76 -10.45 2.93
C MET B 5 -18.48 -9.65 2.66
N LYS B 6 -17.37 -10.08 3.31
CA LYS B 6 -16.02 -9.52 3.15
C LYS B 6 -15.94 -8.11 3.80
N PRO B 7 -15.66 -8.04 5.14
CA PRO B 7 -15.52 -6.75 5.87
C PRO B 7 -14.20 -6.02 5.52
N PRO B 8 -14.09 -4.68 5.78
CA PRO B 8 -12.81 -3.93 5.63
C PRO B 8 -11.74 -4.34 6.68
N GLY B 9 -10.60 -3.62 6.71
CA GLY B 9 -9.47 -3.92 7.61
C GLY B 9 -9.87 -4.04 9.08
N ALA B 10 -9.78 -5.28 9.62
CA ALA B 10 -10.24 -5.61 10.98
C ALA B 10 -9.46 -4.83 12.06
N GLN B 11 -10.13 -4.53 13.19
CA GLN B 11 -9.54 -3.73 14.28
C GLN B 11 -8.80 -4.64 15.29
N GLY B 12 -7.59 -4.21 15.69
CA GLY B 12 -6.76 -4.97 16.60
C GLY B 12 -5.32 -4.44 16.65
N SER B 13 -4.35 -5.35 16.74
CA SER B 13 -2.90 -5.01 16.84
C SER B 13 -2.23 -4.87 15.45
N GLN B 14 -3.03 -5.05 14.39
CA GLN B 14 -2.58 -4.84 13.00
C GLN B 14 -2.65 -3.34 12.62
N SER B 15 -3.07 -2.49 13.59
CA SER B 15 -3.49 -1.08 13.39
C SER B 15 -2.65 -0.27 12.39
N THR B 16 -1.32 -0.26 12.51
CA THR B 16 -0.42 0.40 11.54
C THR B 16 -0.70 -0.02 10.07
N TYR B 17 -0.84 -1.33 9.88
CA TYR B 17 -1.08 -1.95 8.56
C TYR B 17 -2.58 -1.85 8.15
N THR B 18 -3.46 -1.69 9.15
CA THR B 18 -4.91 -1.50 8.94
C THR B 18 -5.17 -0.09 8.42
N ASP B 19 -4.45 0.90 9.01
CA ASP B 19 -4.40 2.29 8.53
C ASP B 19 -3.98 2.30 7.08
N LEU B 20 -2.99 1.46 6.73
CA LEU B 20 -2.48 1.35 5.36
C LEU B 20 -3.60 0.99 4.38
N LEU B 21 -4.42 -0.05 4.70
CA LEU B 21 -5.58 -0.45 3.85
C LEU B 21 -6.60 0.70 3.75
N SER B 22 -6.81 1.39 4.89
CA SER B 22 -7.71 2.53 4.99
C SER B 22 -7.25 3.67 4.06
N VAL B 23 -5.92 3.92 4.06
CA VAL B 23 -5.30 5.03 3.33
C VAL B 23 -5.33 4.78 1.83
N ILE B 24 -5.05 3.52 1.41
CA ILE B 24 -5.15 3.13 -0.01
C ILE B 24 -6.58 3.37 -0.53
N GLU B 25 -7.56 3.02 0.32
CA GLU B 25 -8.98 3.16 0.00
C GLU B 25 -9.41 4.66 -0.01
N GLU B 26 -8.86 5.46 0.95
CA GLU B 26 -9.15 6.91 1.04
C GLU B 26 -8.64 7.62 -0.22
N MET B 27 -7.39 7.31 -0.58
CA MET B 27 -6.73 7.83 -1.79
C MET B 27 -7.46 7.37 -3.06
N GLY B 28 -8.06 6.17 -2.99
CA GLY B 28 -8.83 5.61 -4.09
C GLY B 28 -10.02 6.46 -4.49
N LYS B 29 -10.58 7.22 -3.54
CA LYS B 29 -11.70 8.15 -3.80
C LYS B 29 -11.19 9.60 -4.01
N GLU B 30 -9.90 9.87 -3.66
CA GLU B 30 -9.28 11.20 -3.92
C GLU B 30 -8.93 11.37 -5.40
N ILE B 31 -8.76 10.24 -6.12
CA ILE B 31 -8.28 10.22 -7.52
C ILE B 31 -9.17 11.07 -8.44
N ARG B 32 -10.50 10.90 -8.29
CA ARG B 32 -11.52 11.58 -9.13
C ARG B 32 -11.51 13.14 -8.92
N PRO B 33 -11.69 13.69 -7.67
CA PRO B 33 -11.65 15.16 -7.44
C PRO B 33 -10.26 15.77 -7.77
N THR B 34 -9.16 15.04 -7.46
CA THR B 34 -7.78 15.43 -7.87
C THR B 34 -7.69 15.62 -9.40
N TYR B 35 -8.26 14.65 -10.11
CA TYR B 35 -8.39 14.64 -11.57
C TYR B 35 -9.27 15.81 -12.08
N ALA B 36 -10.18 16.29 -11.23
CA ALA B 36 -11.06 17.43 -11.52
C ALA B 36 -10.39 18.78 -11.13
N GLY B 37 -9.13 18.74 -10.66
CA GLY B 37 -8.35 19.94 -10.33
C GLY B 37 -8.48 20.41 -8.89
N SER B 38 -9.09 19.60 -8.02
CA SER B 38 -9.18 19.90 -6.58
C SER B 38 -7.82 19.75 -5.90
N LYS B 39 -7.17 20.90 -5.64
CA LYS B 39 -5.93 21.00 -4.82
C LYS B 39 -6.13 20.40 -3.41
N SER B 40 -7.38 20.44 -2.91
CA SER B 40 -7.75 19.91 -1.60
C SER B 40 -7.60 18.38 -1.56
N ALA B 41 -8.25 17.71 -2.53
CA ALA B 41 -8.21 16.24 -2.68
C ALA B 41 -6.82 15.74 -3.07
N MET B 42 -6.11 16.55 -3.88
CA MET B 42 -4.72 16.29 -4.30
C MET B 42 -3.77 16.31 -3.09
N GLU B 43 -4.02 17.23 -2.16
CA GLU B 43 -3.27 17.34 -0.90
C GLU B 43 -3.50 16.10 -0.03
N ARG B 44 -4.76 15.63 0.01
CA ARG B 44 -5.19 14.43 0.75
C ARG B 44 -4.61 13.15 0.12
N LEU B 45 -4.47 13.18 -1.22
CA LEU B 45 -3.94 12.07 -2.03
C LEU B 45 -2.42 11.92 -1.80
N LYS B 46 -1.68 13.05 -1.93
CA LYS B 46 -0.23 13.12 -1.67
C LYS B 46 0.09 12.74 -0.21
N ARG B 47 -0.69 13.32 0.73
CA ARG B 47 -0.56 13.03 2.17
C ARG B 47 -0.74 11.54 2.45
N GLY B 48 -1.61 10.91 1.65
CA GLY B 48 -1.82 9.48 1.70
C GLY B 48 -0.56 8.71 1.37
N ILE B 49 0.21 9.18 0.38
CA ILE B 49 1.50 8.57 0.02
C ILE B 49 2.53 8.78 1.14
N ILE B 50 2.56 9.97 1.78
CA ILE B 50 3.46 10.25 2.93
C ILE B 50 3.17 9.23 4.06
N HIS B 51 1.88 9.06 4.36
CA HIS B 51 1.42 8.17 5.43
C HIS B 51 1.68 6.70 5.07
N ALA B 52 1.36 6.31 3.83
CA ALA B 52 1.45 4.91 3.37
C ALA B 52 2.92 4.46 3.22
N ARG B 53 3.77 5.38 2.71
CA ARG B 53 5.23 5.19 2.62
C ARG B 53 5.83 4.95 4.02
N ALA B 54 5.31 5.70 5.01
CA ALA B 54 5.71 5.58 6.42
C ALA B 54 5.33 4.21 6.99
N LEU B 55 4.05 3.82 6.78
CA LEU B 55 3.44 2.61 7.39
C LEU B 55 4.11 1.31 6.93
N VAL B 56 4.41 1.22 5.62
CA VAL B 56 5.08 0.05 5.04
C VAL B 56 6.56 -0.01 5.52
N ARG B 57 7.25 1.14 5.44
CA ARG B 57 8.72 1.22 5.69
C ARG B 57 9.05 0.84 7.14
N GLU B 58 8.30 1.41 8.10
CA GLU B 58 8.51 1.15 9.53
C GLU B 58 8.25 -0.33 9.89
N CYS B 59 7.28 -0.95 9.18
CA CYS B 59 6.89 -2.34 9.45
C CYS B 59 7.83 -3.36 8.75
N LEU B 60 8.56 -2.91 7.67
CA LEU B 60 9.58 -3.75 6.96
C LEU B 60 10.56 -4.40 7.94
N ALA B 61 10.93 -3.63 8.99
CA ALA B 61 11.87 -4.03 10.02
C ALA B 61 11.41 -5.31 10.77
N GLU B 62 10.19 -5.29 11.33
CA GLU B 62 9.66 -6.41 12.13
C GLU B 62 9.00 -7.51 11.28
N THR B 63 8.57 -7.16 10.05
CA THR B 63 8.02 -8.15 9.09
C THR B 63 9.16 -9.07 8.61
N GLU B 64 10.38 -8.50 8.59
CA GLU B 64 11.63 -9.22 8.36
C GLU B 64 11.86 -10.28 9.46
N ARG B 65 11.37 -10.00 10.68
CA ARG B 65 11.49 -10.92 11.82
C ARG B 65 10.31 -11.90 11.86
N ASN B 66 9.15 -11.46 11.32
CA ASN B 66 7.90 -12.26 11.32
C ASN B 66 8.01 -13.41 10.32
N ALA B 67 8.63 -14.51 10.77
CA ALA B 67 8.85 -15.72 9.96
C ALA B 67 7.53 -16.50 9.85
N ARG B 68 6.81 -16.25 8.76
CA ARG B 68 5.51 -16.88 8.47
C ARG B 68 5.76 -18.25 7.80
N THR B 69 4.87 -19.22 8.06
CA THR B 69 4.88 -20.52 7.39
C THR B 69 4.65 -20.34 5.86
N SER A 1 33.48 -24.86 -18.06
CA SER A 1 32.47 -25.93 -18.04
C SER A 1 31.05 -25.30 -18.06
N HIS A 2 30.67 -24.67 -16.94
CA HIS A 2 29.37 -23.96 -16.78
C HIS A 2 29.57 -22.73 -15.88
N MET A 3 28.58 -21.82 -15.87
CA MET A 3 28.61 -20.63 -15.01
C MET A 3 28.22 -21.00 -13.56
N ALA A 4 29.19 -21.54 -12.81
CA ALA A 4 29.04 -21.85 -11.37
C ALA A 4 29.46 -20.62 -10.53
N MET A 5 30.30 -19.76 -11.13
CA MET A 5 30.74 -18.48 -10.56
C MET A 5 29.54 -17.53 -10.42
N LYS A 6 29.36 -16.96 -9.22
CA LYS A 6 28.32 -15.94 -8.90
C LYS A 6 26.87 -16.45 -9.19
N PRO A 7 26.32 -17.33 -8.31
CA PRO A 7 24.90 -17.75 -8.37
C PRO A 7 23.97 -16.60 -7.88
N PRO A 8 22.84 -16.28 -8.60
CA PRO A 8 21.86 -15.25 -8.17
C PRO A 8 21.46 -15.38 -6.68
N GLY A 9 22.08 -14.54 -5.82
CA GLY A 9 21.95 -14.65 -4.37
C GLY A 9 21.12 -13.53 -3.79
N ALA A 10 19.81 -13.60 -4.03
CA ALA A 10 18.83 -12.65 -3.48
C ALA A 10 17.57 -13.41 -3.08
N GLN A 11 17.37 -13.59 -1.76
CA GLN A 11 16.19 -14.28 -1.19
C GLN A 11 14.90 -13.49 -1.53
N GLY A 12 14.94 -12.18 -1.29
CA GLY A 12 13.78 -11.31 -1.49
C GLY A 12 12.65 -11.66 -0.54
N SER A 13 12.95 -11.70 0.76
CA SER A 13 12.02 -12.10 1.82
C SER A 13 10.88 -11.08 1.98
N GLN A 14 11.25 -9.81 2.16
CA GLN A 14 10.31 -8.70 2.34
C GLN A 14 9.88 -8.10 1.00
N SER A 15 10.43 -8.63 -0.13
CA SER A 15 10.18 -8.11 -1.51
C SER A 15 8.71 -7.84 -1.78
N THR A 16 7.85 -8.84 -1.49
CA THR A 16 6.36 -8.72 -1.59
C THR A 16 5.82 -7.40 -0.99
N TYR A 17 6.33 -7.06 0.21
CA TYR A 17 5.92 -5.87 0.98
C TYR A 17 6.65 -4.60 0.45
N THR A 18 7.86 -4.79 -0.09
CA THR A 18 8.68 -3.71 -0.67
C THR A 18 8.12 -3.30 -2.05
N ASP A 19 7.41 -4.24 -2.71
CA ASP A 19 6.66 -3.97 -3.94
C ASP A 19 5.54 -2.99 -3.61
N LEU A 20 4.87 -3.22 -2.46
CA LEU A 20 3.82 -2.33 -1.95
C LEU A 20 4.39 -0.93 -1.66
N LEU A 21 5.58 -0.90 -1.02
CA LEU A 21 6.34 0.36 -0.74
C LEU A 21 6.59 1.16 -2.04
N SER A 22 6.87 0.41 -3.11
CA SER A 22 7.16 0.95 -4.44
C SER A 22 5.86 1.41 -5.16
N VAL A 23 4.74 0.68 -4.95
CA VAL A 23 3.42 1.04 -5.55
C VAL A 23 2.97 2.40 -5.00
N ILE A 24 3.11 2.57 -3.67
CA ILE A 24 2.80 3.84 -2.97
C ILE A 24 3.53 5.01 -3.64
N GLU A 25 4.83 4.80 -3.87
CA GLU A 25 5.72 5.80 -4.47
C GLU A 25 5.27 6.20 -5.90
N GLU A 26 5.00 5.19 -6.73
CA GLU A 26 4.66 5.39 -8.16
C GLU A 26 3.30 6.07 -8.34
N MET A 27 2.33 5.69 -7.48
CA MET A 27 1.01 6.36 -7.42
C MET A 27 1.18 7.83 -7.07
N GLY A 28 2.12 8.10 -6.12
CA GLY A 28 2.46 9.46 -5.71
C GLY A 28 2.96 10.35 -6.82
N LYS A 29 3.58 9.74 -7.83
CA LYS A 29 4.14 10.44 -8.99
C LYS A 29 3.04 10.62 -10.06
N GLU A 30 2.11 9.65 -10.14
CA GLU A 30 1.01 9.65 -11.13
C GLU A 30 -0.10 10.63 -10.79
N ILE A 31 0.01 11.27 -9.62
CA ILE A 31 -0.92 12.32 -9.17
C ILE A 31 -0.82 13.56 -10.06
N ARG A 32 0.41 13.87 -10.53
CA ARG A 32 0.67 15.08 -11.33
C ARG A 32 -0.03 15.05 -12.73
N PRO A 33 0.15 13.99 -13.61
CA PRO A 33 -0.60 13.91 -14.89
C PRO A 33 -2.12 13.69 -14.69
N THR A 34 -2.52 12.97 -13.61
CA THR A 34 -3.95 12.86 -13.19
C THR A 34 -4.56 14.25 -12.96
N TYR A 35 -3.83 15.07 -12.22
CA TYR A 35 -4.19 16.47 -11.90
C TYR A 35 -4.21 17.35 -13.16
N ALA A 36 -3.38 16.98 -14.16
CA ALA A 36 -3.28 17.69 -15.45
C ALA A 36 -4.44 17.34 -16.41
N GLY A 37 -5.36 16.47 -15.93
CA GLY A 37 -6.52 16.06 -16.73
C GLY A 37 -6.24 14.87 -17.63
N SER A 38 -5.00 14.32 -17.58
CA SER A 38 -4.65 13.10 -18.30
C SER A 38 -5.36 11.89 -17.67
N LYS A 39 -6.50 11.48 -18.30
CA LYS A 39 -7.34 10.35 -17.85
C LYS A 39 -6.55 9.05 -17.73
N SER A 40 -5.54 8.89 -18.59
CA SER A 40 -4.70 7.69 -18.63
C SER A 40 -4.00 7.44 -17.29
N ALA A 41 -3.42 8.51 -16.71
CA ALA A 41 -2.74 8.47 -15.40
C ALA A 41 -3.74 8.19 -14.27
N MET A 42 -4.96 8.78 -14.39
CA MET A 42 -6.06 8.60 -13.41
C MET A 42 -6.52 7.14 -13.33
N GLU A 43 -6.65 6.48 -14.50
CA GLU A 43 -7.01 5.04 -14.60
C GLU A 43 -5.91 4.16 -13.98
N ARG A 44 -4.64 4.58 -14.21
CA ARG A 44 -3.45 3.87 -13.71
C ARG A 44 -3.28 4.10 -12.18
N LEU A 45 -3.76 5.27 -11.72
CA LEU A 45 -3.68 5.70 -10.32
C LEU A 45 -4.65 4.86 -9.47
N LYS A 46 -5.90 4.73 -9.96
CA LYS A 46 -6.94 3.91 -9.32
C LYS A 46 -6.59 2.43 -9.38
N ARG A 47 -5.96 2.00 -10.49
CA ARG A 47 -5.44 0.62 -10.63
C ARG A 47 -4.36 0.35 -9.58
N GLY A 48 -3.55 1.38 -9.31
CA GLY A 48 -2.55 1.34 -8.25
C GLY A 48 -3.18 1.14 -6.88
N ILE A 49 -4.32 1.81 -6.65
CA ILE A 49 -5.12 1.66 -5.42
C ILE A 49 -5.71 0.22 -5.32
N ILE A 50 -6.25 -0.31 -6.44
CA ILE A 50 -6.84 -1.67 -6.50
C ILE A 50 -5.78 -2.73 -6.13
N HIS A 51 -4.57 -2.55 -6.70
CA HIS A 51 -3.43 -3.46 -6.51
C HIS A 51 -2.85 -3.32 -5.09
N ALA A 52 -2.68 -2.07 -4.62
CA ALA A 52 -2.06 -1.78 -3.30
C ALA A 52 -2.95 -2.28 -2.16
N ARG A 53 -4.27 -2.14 -2.35
CA ARG A 53 -5.32 -2.62 -1.43
C ARG A 53 -5.25 -4.16 -1.35
N ALA A 54 -5.03 -4.80 -2.52
CA ALA A 54 -4.91 -6.27 -2.61
C ALA A 54 -3.67 -6.76 -1.85
N LEU A 55 -2.55 -6.01 -2.01
CA LEU A 55 -1.24 -6.32 -1.39
C LEU A 55 -1.33 -6.29 0.15
N VAL A 56 -2.07 -5.31 0.68
CA VAL A 56 -2.28 -5.21 2.13
C VAL A 56 -3.14 -6.38 2.61
N ARG A 57 -4.29 -6.60 1.92
CA ARG A 57 -5.30 -7.64 2.27
C ARG A 57 -4.68 -9.05 2.41
N GLU A 58 -3.96 -9.48 1.36
CA GLU A 58 -3.40 -10.83 1.26
C GLU A 58 -2.38 -11.09 2.37
N CYS A 59 -1.54 -10.08 2.64
CA CYS A 59 -0.50 -10.17 3.66
C CYS A 59 -1.12 -10.14 5.08
N LEU A 60 -2.20 -9.33 5.29
CA LEU A 60 -2.89 -9.17 6.62
C LEU A 60 -3.24 -10.52 7.26
N ALA A 61 -3.67 -11.47 6.43
CA ALA A 61 -4.04 -12.83 6.87
C ALA A 61 -2.84 -13.56 7.52
N GLU A 62 -1.67 -13.53 6.88
CA GLU A 62 -0.42 -14.19 7.41
C GLU A 62 0.36 -13.26 8.38
N THR A 63 0.11 -11.95 8.31
CA THR A 63 0.74 -10.93 9.18
C THR A 63 0.02 -10.89 10.53
N GLU A 64 -1.17 -11.50 10.57
CA GLU A 64 -1.85 -11.88 11.83
C GLU A 64 -0.92 -12.69 12.77
N ARG A 65 0.04 -13.44 12.17
CA ARG A 65 1.05 -14.22 12.90
C ARG A 65 2.13 -13.35 13.58
N ASN A 66 2.27 -12.08 13.11
CA ASN A 66 3.27 -11.11 13.63
C ASN A 66 3.10 -10.90 15.13
N ALA A 67 4.24 -10.90 15.86
CA ALA A 67 4.25 -10.67 17.31
C ALA A 67 4.02 -9.17 17.61
N ARG A 68 2.77 -8.74 17.45
CA ARG A 68 2.34 -7.35 17.64
C ARG A 68 1.85 -7.13 19.08
N THR A 69 1.37 -8.20 19.72
CA THR A 69 0.98 -8.19 21.14
C THR A 69 2.22 -8.57 22.00
N SER B 1 2.20 -11.11 -8.30
CA SER B 1 1.21 -10.55 -9.24
C SER B 1 -0.16 -10.39 -8.54
N HIS B 2 -0.66 -11.49 -7.94
CA HIS B 2 -1.94 -11.51 -7.18
C HIS B 2 -1.94 -12.71 -6.24
N MET B 3 -2.07 -12.46 -4.93
CA MET B 3 -2.15 -13.51 -3.88
C MET B 3 -3.36 -13.25 -2.97
N ALA B 4 -4.44 -12.70 -3.57
CA ALA B 4 -5.66 -12.28 -2.86
C ALA B 4 -6.52 -13.48 -2.37
N MET B 5 -5.95 -14.70 -2.32
CA MET B 5 -6.54 -15.85 -1.60
C MET B 5 -6.05 -15.80 -0.13
N LYS B 6 -6.19 -16.93 0.61
CA LYS B 6 -5.84 -17.05 2.05
C LYS B 6 -6.91 -16.32 2.89
N PRO B 7 -7.74 -17.09 3.71
CA PRO B 7 -8.90 -16.56 4.49
C PRO B 7 -8.72 -15.12 5.07
N PRO B 8 -9.51 -14.10 4.58
CA PRO B 8 -9.43 -12.71 5.08
C PRO B 8 -10.23 -12.49 6.37
N GLY B 9 -10.78 -13.58 6.93
CA GLY B 9 -11.56 -13.55 8.17
C GLY B 9 -10.70 -13.43 9.42
N ALA B 10 -9.35 -13.40 9.25
CA ALA B 10 -8.40 -13.10 10.35
C ALA B 10 -8.67 -11.70 10.90
N GLN B 11 -8.57 -11.53 12.23
CA GLN B 11 -8.88 -10.26 12.90
C GLN B 11 -7.94 -9.13 12.42
N GLY B 12 -6.66 -9.47 12.26
CA GLY B 12 -5.64 -8.50 11.89
C GLY B 12 -5.21 -7.66 13.08
N SER B 13 -4.57 -8.34 14.06
CA SER B 13 -4.03 -7.71 15.28
C SER B 13 -2.90 -6.73 14.94
N GLN B 14 -2.36 -6.87 13.72
CA GLN B 14 -1.47 -5.89 13.09
C GLN B 14 -2.34 -4.75 12.47
N SER B 15 -3.14 -4.08 13.31
CA SER B 15 -4.06 -3.00 12.91
C SER B 15 -3.35 -1.80 12.26
N THR B 16 -2.09 -1.55 12.68
CA THR B 16 -1.21 -0.55 12.03
C THR B 16 -1.06 -0.80 10.50
N TYR B 17 -1.00 -2.07 10.10
CA TYR B 17 -0.92 -2.48 8.69
C TYR B 17 -2.33 -2.52 8.07
N THR B 18 -3.37 -2.81 8.88
CA THR B 18 -4.77 -2.80 8.40
C THR B 18 -5.22 -1.34 8.14
N ASP B 19 -4.54 -0.39 8.81
CA ASP B 19 -4.70 1.05 8.60
C ASP B 19 -4.22 1.44 7.20
N LEU B 20 -3.13 0.79 6.76
CA LEU B 20 -2.56 0.99 5.43
C LEU B 20 -3.59 0.62 4.35
N LEU B 21 -4.34 -0.48 4.58
CA LEU B 21 -5.48 -0.93 3.72
C LEU B 21 -6.50 0.22 3.52
N SER B 22 -6.76 0.96 4.61
CA SER B 22 -7.67 2.10 4.62
C SER B 22 -7.06 3.31 3.91
N VAL B 23 -5.74 3.55 4.13
CA VAL B 23 -5.01 4.71 3.53
C VAL B 23 -5.03 4.61 2.00
N ILE B 24 -4.91 3.36 1.49
CA ILE B 24 -5.05 3.08 0.06
C ILE B 24 -6.39 3.62 -0.46
N GLU B 25 -7.48 3.31 0.27
CA GLU B 25 -8.84 3.76 -0.09
C GLU B 25 -8.98 5.28 0.08
N GLU B 26 -8.32 5.87 1.10
CA GLU B 26 -8.42 7.33 1.37
C GLU B 26 -7.85 8.11 0.18
N MET B 27 -6.70 7.63 -0.33
CA MET B 27 -6.10 8.14 -1.58
C MET B 27 -7.04 7.86 -2.75
N GLY B 28 -7.65 6.66 -2.73
CA GLY B 28 -8.60 6.22 -3.76
C GLY B 28 -9.86 7.07 -3.86
N LYS B 29 -10.15 7.84 -2.80
CA LYS B 29 -11.28 8.81 -2.77
C LYS B 29 -10.87 10.12 -3.45
N GLU B 30 -9.60 10.53 -3.22
CA GLU B 30 -9.08 11.84 -3.64
C GLU B 30 -8.78 11.90 -5.14
N ILE B 31 -8.72 10.74 -5.81
CA ILE B 31 -8.32 10.65 -7.23
C ILE B 31 -9.31 11.41 -8.14
N ARG B 32 -10.61 11.33 -7.82
CA ARG B 32 -11.66 11.97 -8.63
C ARG B 32 -11.60 13.53 -8.53
N PRO B 33 -11.67 14.18 -7.30
CA PRO B 33 -11.50 15.66 -7.19
C PRO B 33 -10.10 16.17 -7.65
N THR B 34 -9.05 15.34 -7.49
CA THR B 34 -7.70 15.63 -8.04
C THR B 34 -7.75 15.73 -9.59
N TYR B 35 -8.41 14.73 -10.20
CA TYR B 35 -8.63 14.67 -11.65
C TYR B 35 -9.58 15.79 -12.11
N ALA B 36 -10.40 16.31 -11.17
CA ALA B 36 -11.29 17.46 -11.42
C ALA B 36 -10.54 18.81 -11.34
N GLY B 37 -9.22 18.74 -11.06
CA GLY B 37 -8.35 19.91 -10.99
C GLY B 37 -8.35 20.61 -9.63
N SER B 38 -9.01 20.01 -8.63
CA SER B 38 -9.00 20.54 -7.26
C SER B 38 -7.66 20.25 -6.56
N LYS B 39 -6.84 21.33 -6.40
CA LYS B 39 -5.53 21.29 -5.70
C LYS B 39 -5.65 20.78 -4.26
N SER B 40 -6.78 21.07 -3.61
CA SER B 40 -7.01 20.71 -2.20
C SER B 40 -6.98 19.18 -2.00
N ALA B 41 -7.73 18.46 -2.85
CA ALA B 41 -7.81 16.99 -2.82
C ALA B 41 -6.51 16.35 -3.35
N MET B 42 -5.86 17.03 -4.31
CA MET B 42 -4.54 16.63 -4.86
C MET B 42 -3.46 16.70 -3.77
N GLU B 43 -3.60 17.69 -2.90
CA GLU B 43 -2.70 17.93 -1.77
C GLU B 43 -2.86 16.82 -0.72
N ARG B 44 -4.13 16.43 -0.50
CA ARG B 44 -4.51 15.35 0.43
C ARG B 44 -4.08 13.97 -0.15
N LEU B 45 -4.16 13.85 -1.48
CA LEU B 45 -3.82 12.62 -2.22
C LEU B 45 -2.32 12.30 -2.03
N LYS B 46 -1.45 13.31 -2.25
CA LYS B 46 0.02 13.19 -2.07
C LYS B 46 0.38 12.88 -0.61
N ARG B 47 -0.27 13.59 0.33
CA ARG B 47 -0.05 13.42 1.79
C ARG B 47 -0.30 11.95 2.21
N GLY B 48 -1.28 11.33 1.52
CA GLY B 48 -1.62 9.93 1.72
C GLY B 48 -0.49 8.98 1.39
N ILE B 49 0.29 9.32 0.35
CA ILE B 49 1.48 8.54 -0.05
C ILE B 49 2.59 8.64 1.03
N ILE B 50 2.78 9.83 1.60
CA ILE B 50 3.79 10.06 2.66
C ILE B 50 3.45 9.19 3.90
N HIS B 51 2.14 9.11 4.23
CA HIS B 51 1.64 8.32 5.36
C HIS B 51 1.73 6.81 5.03
N ALA B 52 1.30 6.44 3.82
CA ALA B 52 1.21 5.03 3.38
C ALA B 52 2.59 4.38 3.29
N ARG B 53 3.54 5.14 2.73
CA ARG B 53 4.96 4.76 2.56
C ARG B 53 5.59 4.57 3.95
N ALA B 54 5.21 5.45 4.90
CA ALA B 54 5.71 5.42 6.27
C ALA B 54 5.26 4.15 7.00
N LEU B 55 3.99 3.75 6.74
CA LEU B 55 3.36 2.56 7.35
C LEU B 55 4.05 1.27 6.88
N VAL B 56 4.44 1.24 5.58
CA VAL B 56 5.22 0.11 5.03
C VAL B 56 6.61 0.08 5.68
N ARG B 57 7.29 1.25 5.65
CA ARG B 57 8.67 1.45 6.14
C ARG B 57 8.85 0.94 7.59
N GLU B 58 7.97 1.40 8.48
CA GLU B 58 8.04 1.08 9.91
C GLU B 58 7.72 -0.40 10.19
N CYS B 59 6.74 -0.95 9.44
CA CYS B 59 6.29 -2.33 9.65
C CYS B 59 7.29 -3.35 9.07
N LEU B 60 8.15 -2.92 8.11
CA LEU B 60 9.26 -3.76 7.56
C LEU B 60 10.13 -4.34 8.70
N ALA B 61 10.34 -3.51 9.74
CA ALA B 61 11.14 -3.86 10.92
C ALA B 61 10.58 -5.13 11.62
N GLU B 62 9.32 -5.07 12.06
CA GLU B 62 8.64 -6.18 12.78
C GLU B 62 8.18 -7.31 11.84
N THR B 63 8.00 -7.02 10.55
CA THR B 63 7.62 -8.03 9.53
C THR B 63 8.82 -8.95 9.24
N GLU B 64 10.05 -8.41 9.48
CA GLU B 64 11.30 -9.20 9.42
C GLU B 64 11.35 -10.19 10.60
N ARG B 65 10.68 -9.85 11.72
CA ARG B 65 10.64 -10.68 12.93
C ARG B 65 9.44 -11.65 12.89
N ASN B 66 8.40 -11.28 12.12
CA ASN B 66 7.18 -12.08 11.89
C ASN B 66 7.53 -13.41 11.22
N ALA B 67 6.94 -14.51 11.69
CA ALA B 67 7.04 -15.81 11.03
C ALA B 67 6.10 -15.83 9.81
N ARG B 68 6.66 -15.57 8.61
CA ARG B 68 5.91 -15.57 7.33
C ARG B 68 6.60 -16.51 6.32
N THR B 69 5.88 -17.56 5.92
CA THR B 69 6.36 -18.60 4.97
C THR B 69 5.20 -18.96 4.00
N SER A 1 30.74 -2.76 25.16
CA SER A 1 32.17 -2.70 24.81
C SER A 1 32.35 -2.01 23.41
N HIS A 2 32.64 -2.79 22.33
CA HIS A 2 32.88 -2.24 20.96
C HIS A 2 32.31 -3.19 19.89
N MET A 3 31.47 -4.16 20.31
CA MET A 3 30.84 -5.13 19.40
C MET A 3 29.71 -4.46 18.61
N ALA A 4 30.00 -4.08 17.35
CA ALA A 4 29.02 -3.46 16.44
C ALA A 4 28.09 -4.55 15.89
N MET A 5 27.05 -4.88 16.68
CA MET A 5 26.05 -5.91 16.37
C MET A 5 25.22 -5.48 15.16
N LYS A 6 25.51 -6.10 14.00
CA LYS A 6 24.75 -5.91 12.76
C LYS A 6 24.25 -7.28 12.26
N PRO A 7 23.15 -7.84 12.87
CA PRO A 7 22.61 -9.19 12.54
C PRO A 7 22.03 -9.25 11.10
N PRO A 8 22.50 -10.21 10.24
CA PRO A 8 21.96 -10.39 8.87
C PRO A 8 20.60 -11.14 8.89
N GLY A 9 19.66 -10.70 8.04
CA GLY A 9 18.34 -11.31 7.93
C GLY A 9 18.32 -12.51 7.00
N ALA A 10 17.13 -13.12 6.86
CA ALA A 10 16.91 -14.31 6.02
C ALA A 10 16.65 -13.90 4.55
N GLN A 11 16.95 -14.82 3.63
CA GLN A 11 16.75 -14.61 2.18
C GLN A 11 15.30 -14.95 1.79
N GLY A 12 14.65 -14.05 1.02
CA GLY A 12 13.23 -14.20 0.65
C GLY A 12 12.29 -13.61 1.68
N SER A 13 12.80 -12.65 2.46
CA SER A 13 12.03 -11.94 3.49
C SER A 13 11.53 -10.60 2.96
N GLN A 14 10.27 -10.23 3.29
CA GLN A 14 9.61 -8.93 2.93
C GLN A 14 9.77 -8.51 1.46
N SER A 15 9.97 -9.48 0.56
CA SER A 15 10.42 -9.20 -0.83
C SER A 15 9.23 -8.75 -1.68
N THR A 16 8.13 -9.52 -1.63
CA THR A 16 6.86 -9.20 -2.31
C THR A 16 6.14 -8.06 -1.58
N TYR A 17 6.52 -7.86 -0.31
CA TYR A 17 6.00 -6.81 0.54
C TYR A 17 6.61 -5.43 0.17
N THR A 18 7.86 -5.45 -0.33
CA THR A 18 8.54 -4.24 -0.83
C THR A 18 7.89 -3.76 -2.15
N ASP A 19 7.18 -4.67 -2.85
CA ASP A 19 6.32 -4.30 -4.00
C ASP A 19 5.22 -3.34 -3.54
N LEU A 20 4.64 -3.62 -2.36
CA LEU A 20 3.59 -2.76 -1.74
C LEU A 20 4.13 -1.33 -1.48
N LEU A 21 5.34 -1.26 -0.89
CA LEU A 21 6.06 0.01 -0.63
C LEU A 21 6.32 0.76 -1.96
N SER A 22 6.65 -0.02 -3.00
CA SER A 22 6.95 0.47 -4.35
C SER A 22 5.69 1.02 -5.04
N VAL A 23 4.54 0.35 -4.81
CA VAL A 23 3.23 0.75 -5.38
C VAL A 23 2.84 2.14 -4.86
N ILE A 24 3.10 2.37 -3.56
CA ILE A 24 2.84 3.68 -2.94
C ILE A 24 3.62 4.78 -3.67
N GLU A 25 4.90 4.50 -3.96
CA GLU A 25 5.81 5.42 -4.64
C GLU A 25 5.39 5.64 -6.12
N GLU A 26 4.84 4.58 -6.77
CA GLU A 26 4.33 4.64 -8.16
C GLU A 26 3.17 5.63 -8.27
N MET A 27 2.24 5.54 -7.30
CA MET A 27 1.04 6.37 -7.25
C MET A 27 1.39 7.84 -6.99
N GLY A 28 2.44 8.08 -6.18
CA GLY A 28 2.95 9.43 -5.93
C GLY A 28 3.41 10.17 -7.19
N LYS A 29 3.79 9.39 -8.21
CA LYS A 29 4.24 9.92 -9.51
C LYS A 29 3.05 10.17 -10.45
N GLU A 30 1.92 9.46 -10.20
CA GLU A 30 0.71 9.57 -11.03
C GLU A 30 -0.17 10.76 -10.64
N ILE A 31 0.00 11.30 -9.43
CA ILE A 31 -0.85 12.37 -8.88
C ILE A 31 -0.76 13.67 -9.71
N ARG A 32 0.48 14.05 -10.10
CA ARG A 32 0.71 15.30 -10.86
C ARG A 32 0.06 15.25 -12.28
N PRO A 33 0.35 14.22 -13.16
CA PRO A 33 -0.31 14.13 -14.49
C PRO A 33 -1.84 13.95 -14.39
N THR A 34 -2.32 13.18 -13.38
CA THR A 34 -3.79 13.04 -13.11
C THR A 34 -4.43 14.42 -12.86
N TYR A 35 -3.78 15.21 -12.01
CA TYR A 35 -4.20 16.58 -11.69
C TYR A 35 -4.11 17.48 -12.94
N ALA A 36 -3.12 17.21 -13.80
CA ALA A 36 -2.86 17.99 -15.03
C ALA A 36 -3.75 17.56 -16.23
N GLY A 37 -4.70 16.62 -15.99
CA GLY A 37 -5.70 16.24 -17.00
C GLY A 37 -5.48 14.90 -17.68
N SER A 38 -4.36 14.24 -17.37
CA SER A 38 -4.00 12.95 -17.98
C SER A 38 -4.88 11.79 -17.42
N LYS A 39 -5.91 11.41 -18.19
CA LYS A 39 -6.82 10.28 -17.85
C LYS A 39 -6.09 8.93 -17.81
N SER A 40 -5.04 8.80 -18.64
CA SER A 40 -4.19 7.59 -18.66
C SER A 40 -3.50 7.39 -17.28
N ALA A 41 -2.96 8.49 -16.75
CA ALA A 41 -2.31 8.52 -15.43
C ALA A 41 -3.32 8.29 -14.30
N MET A 42 -4.53 8.85 -14.47
CA MET A 42 -5.64 8.75 -13.52
C MET A 42 -6.07 7.30 -13.33
N GLU A 43 -6.19 6.56 -14.45
CA GLU A 43 -6.57 5.14 -14.44
C GLU A 43 -5.47 4.27 -13.81
N ARG A 44 -4.21 4.68 -14.05
CA ARG A 44 -3.00 4.02 -13.48
C ARG A 44 -2.88 4.31 -11.98
N LEU A 45 -3.38 5.47 -11.57
CA LEU A 45 -3.38 5.94 -10.17
C LEU A 45 -4.43 5.14 -9.38
N LYS A 46 -5.64 4.99 -9.98
CA LYS A 46 -6.73 4.19 -9.39
C LYS A 46 -6.35 2.71 -9.35
N ARG A 47 -5.71 2.22 -10.43
CA ARG A 47 -5.25 0.83 -10.54
C ARG A 47 -4.11 0.56 -9.54
N GLY A 48 -3.37 1.63 -9.20
CA GLY A 48 -2.38 1.58 -8.12
C GLY A 48 -3.03 1.31 -6.78
N ILE A 49 -4.18 1.99 -6.51
CA ILE A 49 -4.99 1.74 -5.30
C ILE A 49 -5.55 0.30 -5.29
N ILE A 50 -6.09 -0.15 -6.44
CA ILE A 50 -6.66 -1.52 -6.61
C ILE A 50 -5.60 -2.59 -6.25
N HIS A 51 -4.39 -2.37 -6.79
CA HIS A 51 -3.23 -3.27 -6.59
C HIS A 51 -2.76 -3.22 -5.12
N ALA A 52 -2.57 -2.00 -4.58
CA ALA A 52 -2.04 -1.79 -3.22
C ALA A 52 -2.97 -2.37 -2.16
N ARG A 53 -4.27 -2.20 -2.39
CA ARG A 53 -5.34 -2.62 -1.46
C ARG A 53 -5.36 -4.15 -1.31
N ALA A 54 -5.09 -4.83 -2.44
CA ALA A 54 -5.02 -6.29 -2.50
C ALA A 54 -3.75 -6.80 -1.82
N LEU A 55 -2.63 -6.05 -2.01
CA LEU A 55 -1.33 -6.37 -1.40
C LEU A 55 -1.41 -6.29 0.14
N VAL A 56 -2.01 -5.20 0.66
CA VAL A 56 -2.21 -5.01 2.10
C VAL A 56 -3.10 -6.13 2.68
N ARG A 57 -4.12 -6.53 1.89
CA ARG A 57 -5.05 -7.62 2.26
C ARG A 57 -4.31 -8.95 2.44
N GLU A 58 -3.43 -9.27 1.49
CA GLU A 58 -2.66 -10.52 1.49
C GLU A 58 -1.54 -10.47 2.54
N CYS A 59 -1.10 -9.24 2.88
CA CYS A 59 -0.09 -9.02 3.91
C CYS A 59 -0.72 -9.11 5.30
N LEU A 60 -2.03 -8.77 5.41
CA LEU A 60 -2.83 -8.94 6.64
C LEU A 60 -2.82 -10.41 7.11
N ALA A 61 -2.63 -11.33 6.15
CA ALA A 61 -2.54 -12.78 6.43
C ALA A 61 -1.38 -13.09 7.40
N GLU A 62 -0.14 -12.74 7.00
CA GLU A 62 1.07 -12.96 7.82
C GLU A 62 1.15 -12.00 9.01
N THR A 63 0.62 -10.78 8.81
CA THR A 63 0.66 -9.70 9.81
C THR A 63 -0.29 -10.02 11.00
N GLU A 64 -1.37 -10.78 10.71
CA GLU A 64 -2.35 -11.23 11.74
C GLU A 64 -1.74 -12.32 12.64
N ARG A 65 -0.80 -13.10 12.07
CA ARG A 65 -0.03 -14.12 12.80
C ARG A 65 0.98 -13.45 13.75
N ASN A 66 1.38 -12.22 13.37
CA ASN A 66 2.38 -11.43 14.10
C ASN A 66 1.72 -10.70 15.27
N ALA A 67 2.25 -10.91 16.48
CA ALA A 67 1.84 -10.18 17.71
C ALA A 67 2.76 -8.97 17.95
N ARG A 68 3.68 -8.71 17.00
CA ARG A 68 4.60 -7.56 17.04
C ARG A 68 3.88 -6.26 16.59
N THR A 69 2.70 -6.44 15.98
CA THR A 69 1.92 -5.35 15.37
C THR A 69 0.50 -5.33 15.97
N SER B 1 -16.11 -4.51 -15.98
CA SER B 1 -15.61 -5.47 -16.98
C SER B 1 -15.77 -6.90 -16.45
N HIS B 2 -15.02 -7.87 -17.02
CA HIS B 2 -14.97 -9.26 -16.48
C HIS B 2 -14.32 -9.25 -15.09
N MET B 3 -13.29 -8.41 -14.96
CA MET B 3 -12.69 -8.07 -13.66
C MET B 3 -13.44 -6.84 -13.08
N ALA B 4 -13.53 -6.78 -11.75
CA ALA B 4 -14.27 -5.70 -11.05
C ALA B 4 -13.50 -5.25 -9.82
N MET B 5 -13.67 -3.97 -9.47
CA MET B 5 -13.03 -3.36 -8.29
C MET B 5 -13.72 -3.88 -7.02
N LYS B 6 -13.14 -4.94 -6.42
CA LYS B 6 -13.66 -5.56 -5.19
C LYS B 6 -12.57 -5.50 -4.09
N PRO B 7 -12.50 -4.37 -3.33
CA PRO B 7 -11.55 -4.24 -2.21
C PRO B 7 -12.03 -5.00 -0.94
N PRO B 8 -11.12 -5.43 -0.03
CA PRO B 8 -11.49 -6.03 1.29
C PRO B 8 -12.41 -5.09 2.10
N GLY B 9 -13.68 -5.49 2.25
CA GLY B 9 -14.66 -4.74 3.03
C GLY B 9 -14.40 -4.84 4.52
N ALA B 10 -14.88 -5.93 5.13
CA ALA B 10 -14.69 -6.20 6.56
C ALA B 10 -13.46 -7.11 6.75
N GLN B 11 -12.28 -6.49 6.95
CA GLN B 11 -11.02 -7.22 7.22
C GLN B 11 -9.98 -6.29 7.87
N GLY B 12 -9.09 -6.87 8.68
CA GLY B 12 -7.97 -6.18 9.30
C GLY B 12 -8.06 -6.19 10.82
N SER B 13 -7.48 -7.22 11.45
CA SER B 13 -7.40 -7.34 12.93
C SER B 13 -6.29 -6.46 13.51
N GLN B 14 -5.22 -6.26 12.71
CA GLN B 14 -4.03 -5.49 13.15
C GLN B 14 -4.27 -4.01 12.89
N SER B 15 -4.97 -3.34 13.83
CA SER B 15 -5.48 -1.95 13.70
C SER B 15 -4.45 -0.95 13.10
N THR B 16 -3.25 -0.91 13.70
CA THR B 16 -2.14 -0.05 13.25
C THR B 16 -1.78 -0.28 11.76
N TYR B 17 -1.82 -1.56 11.33
CA TYR B 17 -1.54 -1.94 9.93
C TYR B 17 -2.79 -1.77 9.03
N THR B 18 -3.98 -1.89 9.64
CA THR B 18 -5.26 -1.76 8.95
C THR B 18 -5.53 -0.28 8.61
N ASP B 19 -4.79 0.62 9.31
CA ASP B 19 -4.69 2.04 8.94
C ASP B 19 -4.24 2.17 7.49
N LEU B 20 -3.23 1.35 7.11
CA LEU B 20 -2.71 1.30 5.72
C LEU B 20 -3.78 0.85 4.74
N LEU B 21 -4.52 -0.22 5.11
CA LEU B 21 -5.65 -0.75 4.30
C LEU B 21 -6.69 0.36 4.04
N SER B 22 -6.92 1.17 5.09
CA SER B 22 -7.81 2.35 5.04
C SER B 22 -7.23 3.46 4.12
N VAL B 23 -5.92 3.77 4.27
CA VAL B 23 -5.24 4.86 3.52
C VAL B 23 -5.36 4.64 2.01
N ILE B 24 -5.19 3.37 1.58
CA ILE B 24 -5.29 3.00 0.17
C ILE B 24 -6.67 3.38 -0.41
N GLU B 25 -7.74 3.01 0.32
CA GLU B 25 -9.13 3.32 -0.08
C GLU B 25 -9.37 4.85 -0.11
N GLU B 26 -8.86 5.53 0.92
CA GLU B 26 -9.03 6.99 1.10
C GLU B 26 -8.33 7.79 -0.01
N MET B 27 -7.17 7.29 -0.47
CA MET B 27 -6.47 7.86 -1.63
C MET B 27 -7.30 7.64 -2.90
N GLY B 28 -7.94 6.45 -2.98
CA GLY B 28 -8.87 6.13 -4.07
C GLY B 28 -10.12 7.00 -4.07
N LYS B 29 -10.40 7.66 -2.95
CA LYS B 29 -11.49 8.66 -2.81
C LYS B 29 -11.02 10.05 -3.29
N GLU B 30 -9.70 10.33 -3.13
CA GLU B 30 -9.10 11.62 -3.49
C GLU B 30 -8.87 11.77 -5.01
N ILE B 31 -8.74 10.64 -5.75
CA ILE B 31 -8.28 10.65 -7.17
C ILE B 31 -9.28 11.36 -8.10
N ARG B 32 -10.59 11.14 -7.88
CA ARG B 32 -11.64 11.70 -8.74
C ARG B 32 -11.72 13.26 -8.63
N PRO B 33 -11.80 13.88 -7.39
CA PRO B 33 -11.67 15.35 -7.25
C PRO B 33 -10.28 15.89 -7.67
N THR B 34 -9.20 15.11 -7.45
CA THR B 34 -7.83 15.48 -7.96
C THR B 34 -7.86 15.66 -9.48
N TYR B 35 -8.49 14.68 -10.16
CA TYR B 35 -8.67 14.69 -11.60
C TYR B 35 -9.64 15.80 -12.04
N ALA B 36 -10.55 16.23 -11.14
CA ALA B 36 -11.48 17.36 -11.39
C ALA B 36 -10.79 18.73 -11.23
N GLY B 37 -9.46 18.72 -10.95
CA GLY B 37 -8.69 19.95 -10.77
C GLY B 37 -8.73 20.50 -9.35
N SER B 38 -9.24 19.71 -8.39
CA SER B 38 -9.28 20.09 -6.97
C SER B 38 -7.91 19.80 -6.30
N LYS B 39 -7.12 20.87 -6.10
CA LYS B 39 -5.80 20.82 -5.43
C LYS B 39 -5.92 20.43 -3.94
N SER B 40 -7.12 20.66 -3.36
CA SER B 40 -7.43 20.23 -1.98
C SER B 40 -7.26 18.71 -1.82
N ALA B 41 -7.92 17.98 -2.73
CA ALA B 41 -7.89 16.51 -2.76
C ALA B 41 -6.53 16.00 -3.22
N MET B 42 -5.90 16.75 -4.12
CA MET B 42 -4.61 16.39 -4.72
C MET B 42 -3.47 16.36 -3.69
N GLU B 43 -3.41 17.38 -2.81
CA GLU B 43 -2.38 17.45 -1.75
C GLU B 43 -2.66 16.42 -0.64
N ARG B 44 -3.95 16.13 -0.42
CA ARG B 44 -4.39 15.05 0.51
C ARG B 44 -4.07 13.66 -0.07
N LEU B 45 -4.07 13.57 -1.41
CA LEU B 45 -3.73 12.36 -2.16
C LEU B 45 -2.21 12.11 -2.07
N LYS B 46 -1.44 13.21 -2.21
CA LYS B 46 0.03 13.18 -2.04
C LYS B 46 0.38 12.78 -0.60
N ARG B 47 -0.31 13.41 0.37
CA ARG B 47 -0.11 13.13 1.80
C ARG B 47 -0.46 11.66 2.11
N GLY B 48 -1.45 11.14 1.36
CA GLY B 48 -1.81 9.73 1.43
C GLY B 48 -0.67 8.81 1.05
N ILE B 49 0.13 9.19 0.05
CA ILE B 49 1.36 8.46 -0.34
C ILE B 49 2.43 8.55 0.78
N ILE B 50 2.65 9.76 1.34
CA ILE B 50 3.60 9.96 2.47
C ILE B 50 3.18 9.07 3.68
N HIS B 51 1.87 9.04 3.92
CA HIS B 51 1.24 8.33 5.04
C HIS B 51 1.42 6.81 4.85
N ALA B 52 1.03 6.34 3.65
CA ALA B 52 1.04 4.92 3.30
C ALA B 52 2.47 4.36 3.25
N ARG B 53 3.39 5.18 2.74
CA ARG B 53 4.82 4.80 2.57
C ARG B 53 5.47 4.69 3.96
N ALA B 54 5.05 5.55 4.91
CA ALA B 54 5.55 5.53 6.30
C ALA B 54 5.07 4.28 7.04
N LEU B 55 3.82 3.85 6.73
CA LEU B 55 3.19 2.66 7.31
C LEU B 55 3.92 1.38 6.89
N VAL B 56 4.12 1.24 5.55
CA VAL B 56 4.79 0.06 4.97
C VAL B 56 6.27 0.01 5.43
N ARG B 57 6.94 1.19 5.39
CA ARG B 57 8.37 1.31 5.75
C ARG B 57 8.62 0.94 7.23
N GLU B 58 7.78 1.48 8.14
CA GLU B 58 7.87 1.16 9.58
C GLU B 58 7.49 -0.32 9.84
N CYS B 59 6.59 -0.87 9.01
CA CYS B 59 6.15 -2.28 9.14
C CYS B 59 7.26 -3.24 8.73
N LEU B 60 8.14 -2.80 7.81
CA LEU B 60 9.32 -3.58 7.34
C LEU B 60 10.20 -4.07 8.51
N ALA B 61 10.20 -3.31 9.62
CA ALA B 61 10.97 -3.64 10.83
C ALA B 61 10.62 -5.02 11.40
N GLU B 62 9.32 -5.34 11.48
CA GLU B 62 8.83 -6.65 11.91
C GLU B 62 8.65 -7.62 10.72
N THR B 63 8.31 -7.10 9.52
CA THR B 63 7.96 -7.94 8.34
C THR B 63 9.20 -8.62 7.72
N GLU B 64 10.39 -8.02 7.96
CA GLU B 64 11.69 -8.64 7.62
C GLU B 64 11.84 -10.01 8.33
N ARG B 65 11.28 -10.09 9.55
CA ARG B 65 11.34 -11.30 10.40
C ARG B 65 10.41 -12.41 9.85
N ASN B 66 9.54 -12.05 8.91
CA ASN B 66 8.69 -12.98 8.16
C ASN B 66 9.35 -13.29 6.80
N ALA B 67 9.88 -14.50 6.66
CA ALA B 67 10.44 -14.99 5.39
C ALA B 67 9.32 -15.51 4.48
N ARG B 68 8.99 -14.72 3.44
CA ARG B 68 7.86 -15.02 2.54
C ARG B 68 8.38 -15.61 1.20
N THR B 69 8.24 -16.93 1.05
CA THR B 69 8.64 -17.66 -0.17
C THR B 69 7.59 -18.77 -0.44
N SER A 1 27.72 -25.59 3.06
CA SER A 1 27.19 -24.66 4.06
C SER A 1 27.26 -25.29 5.45
N HIS A 2 28.40 -25.06 6.15
CA HIS A 2 28.62 -25.58 7.51
C HIS A 2 27.78 -24.80 8.53
N MET A 3 26.57 -25.31 8.80
CA MET A 3 25.63 -24.71 9.76
C MET A 3 25.96 -25.21 11.18
N ALA A 4 26.98 -24.58 11.80
CA ALA A 4 27.41 -24.88 13.19
C ALA A 4 27.48 -23.57 13.97
N MET A 5 26.40 -23.31 14.76
CA MET A 5 26.21 -22.07 15.55
C MET A 5 26.10 -20.81 14.64
N LYS A 6 25.82 -21.04 13.34
CA LYS A 6 25.68 -19.99 12.32
C LYS A 6 24.79 -20.59 11.19
N PRO A 7 23.48 -20.23 11.11
CA PRO A 7 22.62 -20.58 9.96
C PRO A 7 22.86 -19.62 8.76
N PRO A 8 22.90 -20.13 7.49
CA PRO A 8 23.02 -19.27 6.28
C PRO A 8 21.80 -18.31 6.15
N GLY A 9 22.08 -17.00 6.25
CA GLY A 9 21.06 -15.95 6.15
C GLY A 9 20.62 -15.67 4.72
N ALA A 10 19.96 -14.49 4.52
CA ALA A 10 19.34 -14.10 3.22
C ALA A 10 18.15 -15.02 2.85
N GLN A 11 17.69 -15.82 3.83
CA GLN A 11 16.60 -16.80 3.68
C GLN A 11 15.28 -16.15 4.16
N GLY A 12 14.31 -16.02 3.25
CA GLY A 12 13.04 -15.36 3.53
C GLY A 12 13.12 -13.88 3.20
N SER A 13 13.01 -13.57 1.90
CA SER A 13 13.09 -12.19 1.40
C SER A 13 11.82 -11.38 1.78
N GLN A 14 12.04 -10.17 2.29
CA GLN A 14 10.95 -9.19 2.56
C GLN A 14 10.65 -8.40 1.27
N SER A 15 11.43 -8.68 0.20
CA SER A 15 11.27 -8.05 -1.13
C SER A 15 9.83 -8.23 -1.68
N THR A 16 9.25 -9.43 -1.44
CA THR A 16 7.83 -9.72 -1.75
C THR A 16 6.88 -8.59 -1.23
N TYR A 17 7.18 -8.10 -0.01
CA TYR A 17 6.43 -7.00 0.62
C TYR A 17 6.92 -5.60 0.15
N THR A 18 8.25 -5.48 -0.09
CA THR A 18 8.88 -4.21 -0.53
C THR A 18 8.27 -3.70 -1.87
N ASP A 19 7.59 -4.63 -2.58
CA ASP A 19 6.80 -4.33 -3.79
C ASP A 19 5.75 -3.24 -3.48
N LEU A 20 4.98 -3.45 -2.38
CA LEU A 20 3.95 -2.51 -1.93
C LEU A 20 4.53 -1.11 -1.67
N LEU A 21 5.70 -1.06 -1.00
CA LEU A 21 6.39 0.20 -0.66
C LEU A 21 6.68 1.03 -1.93
N SER A 22 7.09 0.31 -2.99
CA SER A 22 7.36 0.90 -4.30
C SER A 22 6.06 1.37 -4.97
N VAL A 23 4.99 0.51 -4.93
CA VAL A 23 3.66 0.81 -5.52
C VAL A 23 3.13 2.16 -5.01
N ILE A 24 3.28 2.36 -3.68
CA ILE A 24 2.91 3.60 -3.00
C ILE A 24 3.53 4.84 -3.70
N GLU A 25 4.86 4.82 -3.83
CA GLU A 25 5.64 5.94 -4.40
C GLU A 25 5.43 6.08 -5.92
N GLU A 26 5.11 4.95 -6.58
CA GLU A 26 4.80 4.93 -8.03
C GLU A 26 3.49 5.65 -8.30
N MET A 27 2.55 5.53 -7.35
CA MET A 27 1.28 6.28 -7.38
C MET A 27 1.56 7.76 -7.05
N GLY A 28 2.48 7.98 -6.09
CA GLY A 28 2.83 9.33 -5.60
C GLY A 28 3.30 10.31 -6.67
N LYS A 29 3.86 9.76 -7.77
CA LYS A 29 4.36 10.57 -8.88
C LYS A 29 3.25 10.77 -9.95
N GLU A 30 2.34 9.77 -10.06
CA GLU A 30 1.26 9.74 -11.08
C GLU A 30 0.06 10.61 -10.67
N ILE A 31 0.08 11.13 -9.44
CA ILE A 31 -0.94 12.05 -8.93
C ILE A 31 -0.88 13.41 -9.67
N ARG A 32 0.35 13.83 -10.02
CA ARG A 32 0.58 15.10 -10.74
C ARG A 32 -0.06 15.11 -12.17
N PRO A 33 0.25 14.11 -13.10
CA PRO A 33 -0.44 14.05 -14.41
C PRO A 33 -1.97 13.79 -14.29
N THR A 34 -2.40 13.07 -13.25
CA THR A 34 -3.84 12.91 -12.91
C THR A 34 -4.47 14.29 -12.64
N TYR A 35 -3.77 15.08 -11.81
CA TYR A 35 -4.17 16.44 -11.43
C TYR A 35 -4.11 17.39 -12.65
N ALA A 36 -3.32 17.01 -13.68
CA ALA A 36 -3.19 17.80 -14.92
C ALA A 36 -4.23 17.35 -15.98
N GLY A 37 -5.16 16.46 -15.59
CA GLY A 37 -6.26 16.06 -16.47
C GLY A 37 -6.00 14.85 -17.36
N SER A 38 -4.84 14.18 -17.20
CA SER A 38 -4.51 12.95 -17.94
C SER A 38 -5.30 11.72 -17.42
N LYS A 39 -6.28 11.26 -18.23
CA LYS A 39 -7.06 10.02 -17.98
C LYS A 39 -6.17 8.76 -17.94
N SER A 40 -5.06 8.80 -18.68
CA SER A 40 -4.09 7.69 -18.74
C SER A 40 -3.45 7.46 -17.35
N ALA A 41 -2.94 8.56 -16.76
CA ALA A 41 -2.32 8.55 -15.43
C ALA A 41 -3.35 8.29 -14.33
N MET A 42 -4.56 8.82 -14.51
CA MET A 42 -5.67 8.70 -13.56
C MET A 42 -6.11 7.24 -13.40
N GLU A 43 -6.28 6.55 -14.54
CA GLU A 43 -6.69 5.14 -14.58
C GLU A 43 -5.61 4.25 -13.96
N ARG A 44 -4.34 4.59 -14.24
CA ARG A 44 -3.16 3.86 -13.74
C ARG A 44 -3.02 4.10 -12.21
N LEU A 45 -3.38 5.32 -11.79
CA LEU A 45 -3.32 5.73 -10.37
C LEU A 45 -4.35 4.92 -9.56
N LYS A 46 -5.60 4.84 -10.08
CA LYS A 46 -6.69 4.07 -9.45
C LYS A 46 -6.40 2.57 -9.47
N ARG A 47 -5.84 2.08 -10.60
CA ARG A 47 -5.41 0.68 -10.76
C ARG A 47 -4.31 0.35 -9.74
N GLY A 48 -3.48 1.38 -9.46
CA GLY A 48 -2.46 1.29 -8.43
C GLY A 48 -3.04 1.14 -7.04
N ILE A 49 -4.13 1.87 -6.77
CA ILE A 49 -4.87 1.78 -5.50
C ILE A 49 -5.53 0.38 -5.34
N ILE A 50 -6.07 -0.18 -6.43
CA ILE A 50 -6.72 -1.52 -6.42
C ILE A 50 -5.67 -2.61 -6.09
N HIS A 51 -4.49 -2.47 -6.73
CA HIS A 51 -3.33 -3.35 -6.50
C HIS A 51 -2.77 -3.16 -5.08
N ALA A 52 -2.66 -1.90 -4.64
CA ALA A 52 -2.04 -1.54 -3.36
C ALA A 52 -2.86 -2.05 -2.18
N ARG A 53 -4.20 -1.88 -2.25
CA ARG A 53 -5.13 -2.29 -1.18
C ARG A 53 -5.19 -3.83 -1.10
N ALA A 54 -5.01 -4.48 -2.27
CA ALA A 54 -4.96 -5.95 -2.37
C ALA A 54 -3.68 -6.48 -1.70
N LEU A 55 -2.57 -5.73 -1.89
CA LEU A 55 -1.28 -6.04 -1.27
C LEU A 55 -1.36 -5.89 0.25
N VAL A 56 -1.87 -4.72 0.72
CA VAL A 56 -2.04 -4.42 2.17
C VAL A 56 -2.93 -5.48 2.83
N ARG A 57 -3.94 -5.95 2.08
CA ARG A 57 -4.88 -7.01 2.51
C ARG A 57 -4.12 -8.33 2.77
N GLU A 58 -3.34 -8.78 1.76
CA GLU A 58 -2.58 -10.04 1.84
C GLU A 58 -1.42 -9.94 2.84
N CYS A 59 -0.95 -8.70 3.08
CA CYS A 59 0.11 -8.40 4.07
C CYS A 59 -0.49 -8.30 5.48
N LEU A 60 -1.76 -7.87 5.58
CA LEU A 60 -2.50 -7.80 6.85
C LEU A 60 -2.71 -9.21 7.41
N ALA A 61 -2.87 -10.18 6.50
CA ALA A 61 -3.00 -11.60 6.84
C ALA A 61 -1.82 -12.07 7.73
N GLU A 62 -0.58 -11.69 7.36
CA GLU A 62 0.63 -12.08 8.11
C GLU A 62 0.90 -11.13 9.30
N THR A 63 0.61 -9.82 9.09
CA THR A 63 0.70 -8.76 10.13
C THR A 63 -0.17 -9.10 11.36
N GLU A 64 -1.28 -9.80 11.10
CA GLU A 64 -2.20 -10.24 12.15
C GLU A 64 -1.54 -11.33 13.01
N ARG A 65 -0.79 -12.25 12.36
CA ARG A 65 -0.06 -13.33 13.05
C ARG A 65 1.11 -12.74 13.87
N ASN A 66 1.71 -11.66 13.33
CA ASN A 66 2.82 -10.95 14.00
C ASN A 66 2.32 -10.16 15.22
N ALA A 67 3.21 -10.02 16.21
CA ALA A 67 2.92 -9.34 17.48
C ALA A 67 2.67 -7.83 17.26
N ARG A 68 1.51 -7.36 17.73
CA ARG A 68 1.05 -5.96 17.55
C ARG A 68 0.51 -5.37 18.87
N THR A 69 0.58 -4.05 18.99
CA THR A 69 -0.10 -3.28 20.05
C THR A 69 -1.14 -2.34 19.37
N SER B 1 -17.49 -13.59 -7.44
CA SER B 1 -17.05 -12.17 -7.54
C SER B 1 -16.27 -11.78 -6.28
N HIS B 2 -15.52 -10.66 -6.37
CA HIS B 2 -14.70 -10.15 -5.27
C HIS B 2 -15.59 -9.45 -4.21
N MET B 3 -15.76 -10.11 -3.06
CA MET B 3 -16.37 -9.50 -1.87
C MET B 3 -15.38 -8.53 -1.21
N ALA B 4 -15.89 -7.52 -0.48
CA ALA B 4 -15.04 -6.56 0.23
C ALA B 4 -14.40 -7.24 1.46
N MET B 5 -13.27 -7.93 1.19
CA MET B 5 -12.49 -8.64 2.21
C MET B 5 -11.86 -7.62 3.17
N LYS B 6 -12.55 -7.39 4.30
CA LYS B 6 -12.11 -6.48 5.37
C LYS B 6 -12.27 -7.19 6.73
N PRO B 7 -11.31 -8.10 7.10
CA PRO B 7 -11.27 -8.71 8.46
C PRO B 7 -11.22 -7.62 9.55
N PRO B 8 -12.28 -7.53 10.43
CA PRO B 8 -12.42 -6.40 11.39
C PRO B 8 -11.24 -6.27 12.37
N GLY B 9 -10.26 -5.42 11.99
CA GLY B 9 -9.10 -5.11 12.82
C GLY B 9 -9.47 -4.14 13.94
N ALA B 10 -9.00 -2.86 13.83
CA ALA B 10 -9.35 -1.74 14.73
C ALA B 10 -9.03 -2.02 16.22
N GLN B 11 -9.89 -2.82 16.89
CA GLN B 11 -9.70 -3.21 18.29
C GLN B 11 -8.48 -4.16 18.43
N GLY B 12 -7.31 -3.58 18.75
CA GLY B 12 -6.07 -4.34 19.03
C GLY B 12 -5.42 -4.95 17.78
N SER B 13 -6.06 -6.01 17.26
CA SER B 13 -5.57 -6.82 16.13
C SER B 13 -5.24 -5.96 14.89
N GLN B 14 -3.94 -5.99 14.48
CA GLN B 14 -3.37 -5.48 13.19
C GLN B 14 -3.71 -4.01 12.84
N SER B 15 -4.38 -3.28 13.76
CA SER B 15 -5.00 -1.96 13.51
C SER B 15 -4.06 -0.88 12.95
N THR B 16 -2.84 -0.79 13.51
CA THR B 16 -1.77 0.09 13.01
C THR B 16 -1.62 0.00 11.47
N TYR B 17 -1.60 -1.24 10.94
CA TYR B 17 -1.47 -1.53 9.51
C TYR B 17 -2.86 -1.56 8.80
N THR B 18 -3.95 -1.79 9.56
CA THR B 18 -5.34 -1.80 9.03
C THR B 18 -5.73 -0.38 8.59
N ASP B 19 -5.11 0.61 9.28
CA ASP B 19 -5.18 2.02 8.91
C ASP B 19 -4.79 2.21 7.45
N LEU B 20 -3.67 1.57 7.04
CA LEU B 20 -3.16 1.65 5.66
C LEU B 20 -4.16 1.12 4.64
N LEU B 21 -4.81 -0.02 4.96
CA LEU B 21 -5.82 -0.64 4.08
C LEU B 21 -6.87 0.40 3.68
N SER B 22 -7.30 1.18 4.69
CA SER B 22 -8.27 2.25 4.55
C SER B 22 -7.68 3.45 3.77
N VAL B 23 -6.41 3.84 4.10
CA VAL B 23 -5.70 5.00 3.47
C VAL B 23 -5.68 4.86 1.95
N ILE B 24 -5.40 3.63 1.46
CA ILE B 24 -5.34 3.33 0.02
C ILE B 24 -6.66 3.73 -0.69
N GLU B 25 -7.80 3.30 -0.11
CA GLU B 25 -9.14 3.62 -0.66
C GLU B 25 -9.58 5.08 -0.37
N GLU B 26 -9.03 5.69 0.70
CA GLU B 26 -9.24 7.13 1.03
C GLU B 26 -8.60 8.02 -0.04
N MET B 27 -7.47 7.54 -0.57
CA MET B 27 -6.78 8.14 -1.69
C MET B 27 -7.53 7.82 -2.98
N GLY B 28 -7.95 6.54 -3.10
CA GLY B 28 -8.56 5.99 -4.30
C GLY B 28 -9.88 6.63 -4.70
N LYS B 29 -10.60 7.17 -3.70
CA LYS B 29 -11.87 7.87 -3.94
C LYS B 29 -11.59 9.32 -4.37
N GLU B 30 -10.51 9.91 -3.77
CA GLU B 30 -10.15 11.32 -3.96
C GLU B 30 -9.20 11.53 -5.15
N ILE B 31 -8.98 10.47 -5.93
CA ILE B 31 -8.36 10.57 -7.27
C ILE B 31 -9.32 11.29 -8.24
N ARG B 32 -10.64 11.07 -8.06
CA ARG B 32 -11.68 11.66 -8.92
C ARG B 32 -11.73 13.22 -8.78
N PRO B 33 -11.88 13.85 -7.54
CA PRO B 33 -11.81 15.32 -7.40
C PRO B 33 -10.40 15.91 -7.76
N THR B 34 -9.31 15.17 -7.47
CA THR B 34 -7.93 15.55 -7.91
C THR B 34 -7.88 15.70 -9.44
N TYR B 35 -8.45 14.70 -10.12
CA TYR B 35 -8.56 14.65 -11.57
C TYR B 35 -9.48 15.78 -12.10
N ALA B 36 -10.39 16.26 -11.23
CA ALA B 36 -11.30 17.38 -11.56
C ALA B 36 -10.66 18.75 -11.25
N GLY B 37 -9.38 18.75 -10.84
CA GLY B 37 -8.64 19.99 -10.59
C GLY B 37 -8.61 20.45 -9.13
N SER B 38 -9.20 19.68 -8.21
CA SER B 38 -9.17 19.98 -6.76
C SER B 38 -7.77 19.73 -6.17
N LYS B 39 -7.03 20.82 -5.89
CA LYS B 39 -5.75 20.77 -5.16
C LYS B 39 -5.96 20.33 -3.71
N SER B 40 -7.19 20.48 -3.20
CA SER B 40 -7.57 20.05 -1.84
C SER B 40 -7.51 18.52 -1.74
N ALA B 41 -8.16 17.83 -2.70
CA ALA B 41 -8.13 16.35 -2.80
C ALA B 41 -6.70 15.86 -3.06
N MET B 42 -5.98 16.59 -3.92
CA MET B 42 -4.58 16.30 -4.29
C MET B 42 -3.63 16.51 -3.09
N GLU B 43 -4.00 17.42 -2.17
CA GLU B 43 -3.25 17.70 -0.93
C GLU B 43 -3.27 16.47 0.00
N ARG B 44 -4.42 15.76 0.01
CA ARG B 44 -4.59 14.53 0.83
C ARG B 44 -4.09 13.29 0.06
N LEU B 45 -4.13 13.36 -1.29
CA LEU B 45 -3.75 12.25 -2.16
C LEU B 45 -2.22 12.07 -2.14
N LYS B 46 -1.46 13.17 -2.33
CA LYS B 46 0.02 13.19 -2.18
C LYS B 46 0.43 12.82 -0.73
N ARG B 47 -0.23 13.47 0.26
CA ARG B 47 -0.02 13.19 1.70
C ARG B 47 -0.27 11.72 2.03
N GLY B 48 -1.29 11.16 1.37
CA GLY B 48 -1.70 9.78 1.57
C GLY B 48 -0.58 8.80 1.26
N ILE B 49 0.15 9.05 0.15
CA ILE B 49 1.32 8.25 -0.25
C ILE B 49 2.46 8.40 0.78
N ILE B 50 2.65 9.61 1.32
CA ILE B 50 3.72 9.88 2.34
C ILE B 50 3.45 9.06 3.62
N HIS B 51 2.17 9.07 4.04
CA HIS B 51 1.71 8.35 5.22
C HIS B 51 1.73 6.84 4.97
N ALA B 52 1.37 6.46 3.74
CA ALA B 52 1.31 5.07 3.30
C ALA B 52 2.72 4.45 3.29
N ARG B 53 3.70 5.22 2.80
CA ARG B 53 5.11 4.81 2.67
C ARG B 53 5.68 4.53 4.08
N ALA B 54 5.25 5.37 5.05
CA ALA B 54 5.70 5.28 6.44
C ALA B 54 5.16 4.00 7.10
N LEU B 55 3.89 3.66 6.80
CA LEU B 55 3.21 2.46 7.34
C LEU B 55 3.84 1.16 6.81
N VAL B 56 4.16 1.14 5.48
CA VAL B 56 4.72 -0.06 4.81
C VAL B 56 6.13 -0.38 5.33
N ARG B 57 6.99 0.66 5.42
CA ARG B 57 8.42 0.49 5.77
C ARG B 57 8.60 0.00 7.23
N GLU B 58 7.70 0.40 8.14
CA GLU B 58 7.72 -0.06 9.55
C GLU B 58 7.34 -1.55 9.64
N CYS B 59 6.43 -1.99 8.75
CA CYS B 59 6.00 -3.39 8.68
C CYS B 59 7.06 -4.28 7.96
N LEU B 60 7.97 -3.66 7.16
CA LEU B 60 9.14 -4.39 6.57
C LEU B 60 9.97 -5.07 7.69
N ALA B 61 10.02 -4.40 8.86
CA ALA B 61 10.73 -4.89 10.06
C ALA B 61 10.14 -6.22 10.59
N GLU B 62 8.80 -6.26 10.83
CA GLU B 62 8.11 -7.49 11.27
C GLU B 62 8.10 -8.58 10.17
N THR B 63 8.04 -8.15 8.88
CA THR B 63 7.98 -9.04 7.70
C THR B 63 9.32 -9.77 7.52
N GLU B 64 10.41 -9.10 7.93
CA GLU B 64 11.77 -9.66 7.96
C GLU B 64 11.82 -10.93 8.85
N ARG B 65 11.25 -10.81 10.07
CA ARG B 65 11.29 -11.89 11.09
C ARG B 65 10.21 -12.95 10.80
N ASN B 66 9.10 -12.52 10.20
CA ASN B 66 7.97 -13.40 9.85
C ASN B 66 8.31 -14.25 8.61
N ALA B 67 9.28 -13.80 7.83
CA ALA B 67 9.82 -14.59 6.71
C ALA B 67 10.82 -15.63 7.27
N ARG B 68 10.26 -16.72 7.82
CA ARG B 68 11.02 -17.79 8.54
C ARG B 68 10.75 -19.18 7.94
N THR B 69 9.85 -19.27 6.95
CA THR B 69 9.48 -20.53 6.27
C THR B 69 9.42 -20.29 4.75
N SER A 1 21.89 -14.33 -17.11
CA SER A 1 22.60 -14.45 -15.83
C SER A 1 24.08 -14.78 -16.07
N HIS A 2 24.99 -14.14 -15.29
CA HIS A 2 26.43 -14.45 -15.27
C HIS A 2 26.99 -14.10 -13.89
N MET A 3 27.78 -15.03 -13.30
CA MET A 3 28.42 -14.84 -11.99
C MET A 3 29.75 -14.07 -12.18
N ALA A 4 29.63 -12.75 -12.34
CA ALA A 4 30.76 -11.82 -12.27
C ALA A 4 31.04 -11.52 -10.79
N MET A 5 29.96 -11.58 -9.99
CA MET A 5 29.95 -11.53 -8.53
C MET A 5 28.97 -12.61 -8.03
N LYS A 6 28.89 -12.78 -6.71
CA LYS A 6 27.90 -13.68 -6.07
C LYS A 6 26.92 -12.81 -5.24
N PRO A 7 25.78 -12.34 -5.87
CA PRO A 7 24.80 -11.44 -5.20
C PRO A 7 24.10 -12.09 -3.98
N PRO A 8 23.77 -11.29 -2.90
CA PRO A 8 23.07 -11.81 -1.69
C PRO A 8 21.60 -12.20 -1.99
N GLY A 9 21.38 -13.51 -2.18
CA GLY A 9 20.06 -14.05 -2.50
C GLY A 9 19.13 -14.03 -1.29
N ALA A 10 19.63 -14.53 -0.15
CA ALA A 10 18.89 -14.53 1.12
C ALA A 10 19.27 -13.28 1.94
N GLN A 11 18.65 -12.13 1.61
CA GLN A 11 18.92 -10.84 2.26
C GLN A 11 17.63 -10.00 2.28
N GLY A 12 17.04 -9.80 1.09
CA GLY A 12 15.79 -9.04 0.93
C GLY A 12 14.59 -9.80 1.47
N SER A 13 14.39 -9.67 2.79
CA SER A 13 13.31 -10.35 3.54
C SER A 13 11.93 -10.01 2.96
N GLN A 14 11.76 -8.73 2.62
CA GLN A 14 10.53 -8.18 2.11
C GLN A 14 10.55 -8.29 0.57
N SER A 15 10.36 -9.51 0.06
CA SER A 15 10.48 -9.80 -1.38
C SER A 15 9.21 -9.40 -2.12
N THR A 16 8.05 -9.86 -1.61
CA THR A 16 6.73 -9.50 -2.15
C THR A 16 6.25 -8.14 -1.58
N TYR A 17 6.77 -7.76 -0.39
CA TYR A 17 6.28 -6.57 0.35
C TYR A 17 6.93 -5.25 -0.13
N THR A 18 8.22 -5.27 -0.55
CA THR A 18 8.91 -4.08 -1.10
C THR A 18 8.20 -3.61 -2.40
N ASP A 19 7.44 -4.53 -3.04
CA ASP A 19 6.57 -4.23 -4.20
C ASP A 19 5.53 -3.19 -3.79
N LEU A 20 4.91 -3.39 -2.61
CA LEU A 20 3.92 -2.44 -2.02
C LEU A 20 4.57 -1.08 -1.75
N LEU A 21 5.78 -1.09 -1.15
CA LEU A 21 6.58 0.12 -0.87
C LEU A 21 6.81 0.94 -2.15
N SER A 22 7.09 0.22 -3.25
CA SER A 22 7.25 0.82 -4.57
C SER A 22 5.92 1.37 -5.11
N VAL A 23 4.81 0.58 -4.97
CA VAL A 23 3.47 0.93 -5.50
C VAL A 23 3.04 2.31 -4.99
N ILE A 24 3.19 2.52 -3.67
CA ILE A 24 2.83 3.79 -2.99
C ILE A 24 3.56 4.98 -3.64
N GLU A 25 4.89 4.85 -3.76
CA GLU A 25 5.77 5.91 -4.30
C GLU A 25 5.44 6.20 -5.77
N GLU A 26 5.15 5.13 -6.54
CA GLU A 26 4.84 5.20 -7.97
C GLU A 26 3.49 5.89 -8.21
N MET A 27 2.53 5.69 -7.27
CA MET A 27 1.23 6.39 -7.30
C MET A 27 1.44 7.89 -7.05
N GLY A 28 2.42 8.20 -6.19
CA GLY A 28 2.82 9.57 -5.91
C GLY A 28 3.24 10.34 -7.16
N LYS A 29 3.72 9.60 -8.18
CA LYS A 29 4.14 10.18 -9.47
C LYS A 29 2.89 10.51 -10.30
N GLU A 30 1.89 9.61 -10.23
CA GLU A 30 0.72 9.61 -11.13
C GLU A 30 -0.26 10.75 -10.77
N ILE A 31 -0.09 11.32 -9.57
CA ILE A 31 -0.94 12.40 -9.05
C ILE A 31 -0.80 13.70 -9.89
N ARG A 32 0.43 13.97 -10.39
CA ARG A 32 0.70 15.18 -11.19
C ARG A 32 -0.03 15.13 -12.56
N PRO A 33 0.16 14.07 -13.45
CA PRO A 33 -0.59 13.96 -14.73
C PRO A 33 -2.12 13.82 -14.51
N THR A 34 -2.54 13.10 -13.45
CA THR A 34 -3.97 12.98 -13.08
C THR A 34 -4.59 14.38 -12.84
N TYR A 35 -3.88 15.18 -12.03
CA TYR A 35 -4.26 16.56 -11.72
C TYR A 35 -4.24 17.43 -12.99
N ALA A 36 -3.32 17.09 -13.92
CA ALA A 36 -3.10 17.85 -15.16
C ALA A 36 -4.10 17.41 -16.26
N GLY A 37 -4.99 16.46 -15.95
CA GLY A 37 -6.07 16.07 -16.87
C GLY A 37 -5.82 14.81 -17.68
N SER A 38 -4.67 14.14 -17.48
CA SER A 38 -4.38 12.84 -18.11
C SER A 38 -5.26 11.70 -17.52
N LYS A 39 -6.32 11.35 -18.26
CA LYS A 39 -7.25 10.24 -17.93
C LYS A 39 -6.53 8.87 -17.78
N SER A 40 -5.59 8.59 -18.69
CA SER A 40 -4.84 7.33 -18.71
C SER A 40 -3.99 7.18 -17.42
N ALA A 41 -3.36 8.29 -17.01
CA ALA A 41 -2.59 8.38 -15.76
C ALA A 41 -3.48 8.22 -14.52
N MET A 42 -4.69 8.81 -14.59
CA MET A 42 -5.73 8.68 -13.55
C MET A 42 -6.12 7.20 -13.36
N GLU A 43 -6.19 6.46 -14.48
CA GLU A 43 -6.56 5.05 -14.50
C GLU A 43 -5.46 4.17 -13.87
N ARG A 44 -4.18 4.56 -14.11
CA ARG A 44 -3.01 3.84 -13.55
C ARG A 44 -2.89 4.14 -12.05
N LEU A 45 -3.23 5.39 -11.68
CA LEU A 45 -3.27 5.84 -10.27
C LEU A 45 -4.33 5.05 -9.49
N LYS A 46 -5.52 4.87 -10.11
CA LYS A 46 -6.59 4.01 -9.58
C LYS A 46 -6.09 2.56 -9.38
N ARG A 47 -5.46 1.99 -10.44
CA ARG A 47 -4.93 0.60 -10.41
C ARG A 47 -3.92 0.41 -9.27
N GLY A 48 -3.17 1.48 -8.96
CA GLY A 48 -2.25 1.49 -7.83
C GLY A 48 -2.93 1.23 -6.51
N ILE A 49 -4.13 1.82 -6.33
CA ILE A 49 -4.97 1.63 -5.14
C ILE A 49 -5.50 0.18 -5.07
N ILE A 50 -5.85 -0.41 -6.23
CA ILE A 50 -6.34 -1.81 -6.31
C ILE A 50 -5.19 -2.80 -5.99
N HIS A 51 -3.98 -2.45 -6.48
CA HIS A 51 -2.76 -3.24 -6.30
C HIS A 51 -2.34 -3.22 -4.82
N ALA A 52 -2.39 -2.01 -4.23
CA ALA A 52 -2.02 -1.78 -2.83
C ALA A 52 -3.06 -2.39 -1.88
N ARG A 53 -4.34 -2.34 -2.28
CA ARG A 53 -5.46 -2.99 -1.56
C ARG A 53 -5.21 -4.51 -1.46
N ALA A 54 -4.81 -5.09 -2.61
CA ALA A 54 -4.57 -6.53 -2.74
C ALA A 54 -3.37 -6.99 -1.89
N LEU A 55 -2.30 -6.18 -1.91
CA LEU A 55 -1.04 -6.50 -1.21
C LEU A 55 -1.21 -6.43 0.33
N VAL A 56 -1.79 -5.32 0.83
CA VAL A 56 -2.06 -5.14 2.28
C VAL A 56 -3.00 -6.26 2.80
N ARG A 57 -3.96 -6.66 1.95
CA ARG A 57 -4.92 -7.75 2.26
C ARG A 57 -4.16 -9.06 2.53
N GLU A 58 -3.24 -9.43 1.60
CA GLU A 58 -2.44 -10.67 1.70
C GLU A 58 -1.52 -10.66 2.92
N CYS A 59 -0.97 -9.47 3.25
CA CYS A 59 -0.01 -9.30 4.34
C CYS A 59 -0.69 -9.36 5.72
N LEU A 60 -1.94 -8.84 5.83
CA LEU A 60 -2.75 -8.90 7.08
C LEU A 60 -2.84 -10.36 7.61
N ALA A 61 -2.84 -11.32 6.67
CA ALA A 61 -2.83 -12.75 6.98
C ALA A 61 -1.59 -13.16 7.81
N GLU A 62 -0.39 -12.85 7.30
CA GLU A 62 0.89 -13.22 7.97
C GLU A 62 1.20 -12.31 9.18
N THR A 63 0.61 -11.10 9.21
CA THR A 63 0.84 -10.09 10.27
C THR A 63 0.55 -10.66 11.68
N GLU A 64 -0.44 -11.59 11.75
CA GLU A 64 -0.88 -12.23 13.01
C GLU A 64 0.25 -13.02 13.70
N ARG A 65 1.28 -13.45 12.93
CA ARG A 65 2.39 -14.26 13.45
C ARG A 65 3.36 -13.40 14.27
N ASN A 66 3.38 -12.09 13.96
CA ASN A 66 4.31 -11.12 14.53
C ASN A 66 3.87 -10.70 15.95
N ALA A 67 4.86 -10.36 16.79
CA ALA A 67 4.65 -9.98 18.21
C ALA A 67 4.63 -8.44 18.40
N ARG A 68 4.25 -7.70 17.34
CA ARG A 68 4.16 -6.23 17.37
C ARG A 68 3.08 -5.78 18.37
N THR A 69 3.44 -4.94 19.34
CA THR A 69 2.53 -4.48 20.41
C THR A 69 2.39 -2.95 20.32
N SER B 1 -9.56 -3.34 -12.36
CA SER B 1 -9.87 -3.11 -10.93
C SER B 1 -10.60 -4.33 -10.35
N HIS B 2 -10.26 -4.67 -9.09
CA HIS B 2 -10.90 -5.78 -8.35
C HIS B 2 -10.69 -5.61 -6.83
N MET B 3 -11.64 -6.10 -6.06
CA MET B 3 -11.55 -6.29 -4.61
C MET B 3 -12.55 -7.40 -4.21
N ALA B 4 -12.09 -8.37 -3.40
CA ALA B 4 -12.92 -9.50 -2.99
C ALA B 4 -13.89 -9.07 -1.88
N MET B 5 -13.33 -8.73 -0.72
CA MET B 5 -14.07 -8.23 0.46
C MET B 5 -13.25 -7.11 1.13
N LYS B 6 -13.91 -6.34 2.01
CA LYS B 6 -13.30 -5.22 2.74
C LYS B 6 -13.57 -5.36 4.26
N PRO B 7 -12.62 -5.99 5.03
CA PRO B 7 -12.70 -6.04 6.51
C PRO B 7 -12.68 -4.63 7.14
N PRO B 8 -13.64 -4.31 8.08
CA PRO B 8 -13.59 -3.06 8.88
C PRO B 8 -12.25 -2.89 9.65
N GLY B 9 -11.92 -1.64 9.99
CA GLY B 9 -10.67 -1.32 10.69
C GLY B 9 -10.59 -1.96 12.07
N ALA B 10 -10.04 -3.19 12.12
CA ALA B 10 -9.92 -4.01 13.34
C ALA B 10 -9.17 -3.25 14.44
N GLN B 11 -9.93 -2.82 15.46
CA GLN B 11 -9.42 -2.01 16.58
C GLN B 11 -8.65 -2.89 17.59
N GLY B 12 -9.06 -4.17 17.69
CA GLY B 12 -8.49 -5.12 18.66
C GLY B 12 -7.04 -5.49 18.35
N SER B 13 -6.81 -6.10 17.17
CA SER B 13 -5.47 -6.55 16.74
C SER B 13 -5.12 -6.01 15.35
N GLN B 14 -3.80 -5.91 15.10
CA GLN B 14 -3.19 -5.46 13.82
C GLN B 14 -3.54 -4.00 13.44
N SER B 15 -4.28 -3.29 14.33
CA SER B 15 -4.93 -1.99 14.03
C SER B 15 -4.01 -0.97 13.33
N THR B 16 -2.77 -0.79 13.84
CA THR B 16 -1.74 0.07 13.24
C THR B 16 -1.56 -0.20 11.73
N TYR B 17 -1.49 -1.49 11.37
CA TYR B 17 -1.32 -1.93 9.97
C TYR B 17 -2.67 -1.95 9.20
N THR B 18 -3.79 -2.26 9.88
CA THR B 18 -5.15 -2.32 9.27
C THR B 18 -5.59 -0.91 8.80
N ASP B 19 -5.01 0.11 9.47
CA ASP B 19 -5.15 1.51 9.10
C ASP B 19 -4.74 1.72 7.63
N LEU B 20 -3.56 1.17 7.25
CA LEU B 20 -2.99 1.29 5.89
C LEU B 20 -3.97 0.80 4.81
N LEU B 21 -4.63 -0.36 5.07
CA LEU B 21 -5.62 -0.97 4.16
C LEU B 21 -6.70 0.04 3.72
N SER B 22 -7.18 0.83 4.70
CA SER B 22 -8.19 1.86 4.49
C SER B 22 -7.58 3.14 3.87
N VAL B 23 -6.33 3.49 4.26
CA VAL B 23 -5.58 4.68 3.76
C VAL B 23 -5.47 4.65 2.22
N ILE B 24 -5.23 3.43 1.71
CA ILE B 24 -5.18 3.14 0.27
C ILE B 24 -6.44 3.69 -0.44
N GLU B 25 -7.62 3.31 0.06
CA GLU B 25 -8.91 3.74 -0.50
C GLU B 25 -9.19 5.25 -0.24
N GLU B 26 -8.67 5.78 0.88
CA GLU B 26 -8.81 7.21 1.21
C GLU B 26 -8.01 8.09 0.22
N MET B 27 -7.01 7.48 -0.45
CA MET B 27 -6.31 8.09 -1.58
C MET B 27 -7.15 7.86 -2.86
N GLY B 28 -7.70 6.63 -2.98
CA GLY B 28 -8.48 6.20 -4.15
C GLY B 28 -9.64 7.08 -4.51
N LYS B 29 -10.22 7.72 -3.49
CA LYS B 29 -11.41 8.57 -3.66
C LYS B 29 -11.00 10.01 -4.02
N GLU B 30 -9.77 10.41 -3.60
CA GLU B 30 -9.23 11.76 -3.86
C GLU B 30 -8.73 11.91 -5.29
N ILE B 31 -8.58 10.78 -6.00
CA ILE B 31 -8.09 10.75 -7.40
C ILE B 31 -9.05 11.50 -8.35
N ARG B 32 -10.36 11.38 -8.08
CA ARG B 32 -11.42 12.00 -8.93
C ARG B 32 -11.44 13.56 -8.80
N PRO B 33 -11.53 14.18 -7.56
CA PRO B 33 -11.45 15.66 -7.43
C PRO B 33 -10.05 16.23 -7.79
N THR B 34 -8.97 15.43 -7.58
CA THR B 34 -7.60 15.80 -8.06
C THR B 34 -7.62 15.95 -9.60
N TYR B 35 -8.25 14.98 -10.27
CA TYR B 35 -8.44 14.99 -11.73
C TYR B 35 -9.34 16.16 -12.16
N ALA B 36 -10.22 16.60 -11.25
CA ALA B 36 -11.15 17.72 -11.48
C ALA B 36 -10.47 19.08 -11.21
N GLY B 37 -9.18 19.05 -10.82
CA GLY B 37 -8.40 20.27 -10.59
C GLY B 37 -8.40 20.77 -9.15
N SER B 38 -9.08 20.05 -8.23
CA SER B 38 -9.08 20.42 -6.79
C SER B 38 -7.69 20.19 -6.14
N LYS B 39 -6.96 21.31 -5.90
CA LYS B 39 -5.63 21.32 -5.22
C LYS B 39 -5.69 20.74 -3.79
N SER B 40 -6.85 20.92 -3.13
CA SER B 40 -7.09 20.41 -1.78
C SER B 40 -7.10 18.87 -1.77
N ALA B 41 -7.77 18.28 -2.78
CA ALA B 41 -7.78 16.82 -3.00
C ALA B 41 -6.40 16.29 -3.33
N MET B 42 -5.66 17.03 -4.19
CA MET B 42 -4.27 16.71 -4.57
C MET B 42 -3.35 16.74 -3.35
N GLU B 43 -3.63 17.68 -2.42
CA GLU B 43 -2.88 17.83 -1.17
C GLU B 43 -3.09 16.60 -0.26
N ARG B 44 -4.34 16.10 -0.21
CA ARG B 44 -4.71 14.91 0.58
C ARG B 44 -4.10 13.66 -0.06
N LEU B 45 -4.16 13.60 -1.39
CA LEU B 45 -3.72 12.46 -2.20
C LEU B 45 -2.20 12.27 -2.09
N LYS B 46 -1.44 13.37 -2.22
CA LYS B 46 0.02 13.41 -2.00
C LYS B 46 0.39 13.03 -0.54
N ARG B 47 -0.30 13.66 0.43
CA ARG B 47 -0.09 13.39 1.87
C ARG B 47 -0.47 11.94 2.20
N GLY B 48 -1.39 11.38 1.40
CA GLY B 48 -1.82 10.01 1.53
C GLY B 48 -0.72 9.04 1.15
N ILE B 49 0.01 9.35 0.05
CA ILE B 49 1.19 8.57 -0.36
C ILE B 49 2.32 8.69 0.69
N ILE B 50 2.48 9.89 1.29
CA ILE B 50 3.47 10.12 2.37
C ILE B 50 3.13 9.23 3.59
N HIS B 51 1.85 9.24 3.96
CA HIS B 51 1.32 8.49 5.11
C HIS B 51 1.41 6.98 4.86
N ALA B 52 1.02 6.57 3.65
CA ALA B 52 0.96 5.17 3.25
C ALA B 52 2.37 4.57 3.21
N ARG B 53 3.33 5.31 2.64
CA ARG B 53 4.74 4.88 2.51
C ARG B 53 5.38 4.72 3.90
N ALA B 54 4.93 5.57 4.85
CA ALA B 54 5.39 5.53 6.24
C ALA B 54 4.90 4.25 6.92
N LEU B 55 3.61 3.92 6.71
CA LEU B 55 2.96 2.74 7.30
C LEU B 55 3.53 1.43 6.71
N VAL B 56 3.82 1.45 5.39
CA VAL B 56 4.46 0.34 4.67
C VAL B 56 5.88 0.13 5.21
N ARG B 57 6.60 1.25 5.47
CA ARG B 57 7.98 1.22 5.98
C ARG B 57 8.04 0.67 7.42
N GLU B 58 7.04 1.03 8.25
CA GLU B 58 6.92 0.49 9.62
C GLU B 58 6.55 -0.99 9.56
N CYS B 59 5.71 -1.34 8.57
CA CYS B 59 5.28 -2.72 8.36
C CYS B 59 6.39 -3.58 7.71
N LEU B 60 7.40 -2.93 7.07
CA LEU B 60 8.61 -3.65 6.60
C LEU B 60 9.28 -4.38 7.78
N ALA B 61 9.27 -3.73 8.97
CA ALA B 61 9.86 -4.26 10.21
C ALA B 61 9.20 -5.58 10.65
N GLU B 62 7.86 -5.57 10.87
CA GLU B 62 7.09 -6.79 11.22
C GLU B 62 7.20 -7.88 10.12
N THR B 63 7.04 -7.46 8.86
CA THR B 63 7.12 -8.35 7.68
C THR B 63 8.52 -9.02 7.58
N GLU B 64 9.57 -8.31 8.01
CA GLU B 64 10.95 -8.80 8.02
C GLU B 64 11.10 -9.93 9.05
N ARG B 65 10.48 -9.75 10.23
CA ARG B 65 10.50 -10.74 11.33
C ARG B 65 9.52 -11.90 11.03
N ASN B 66 8.61 -11.67 10.06
CA ASN B 66 7.69 -12.71 9.52
C ASN B 66 8.36 -13.49 8.37
N ALA B 67 9.43 -12.93 7.81
CA ALA B 67 10.23 -13.57 6.76
C ALA B 67 11.36 -14.43 7.36
N ARG B 68 12.21 -14.99 6.49
CA ARG B 68 13.33 -15.85 6.86
C ARG B 68 14.55 -15.52 5.98
N THR B 69 15.67 -15.14 6.60
CA THR B 69 16.94 -14.85 5.89
C THR B 69 18.14 -15.40 6.72
N SER A 1 21.72 9.87 -21.75
CA SER A 1 21.96 8.44 -21.48
C SER A 1 20.85 7.89 -20.56
N HIS A 2 20.29 6.73 -20.94
CA HIS A 2 19.29 6.01 -20.14
C HIS A 2 19.98 5.29 -18.98
N MET A 3 20.26 6.04 -17.90
CA MET A 3 20.96 5.54 -16.72
C MET A 3 19.94 4.99 -15.71
N ALA A 4 19.84 3.65 -15.65
CA ALA A 4 18.92 2.94 -14.76
C ALA A 4 19.68 2.48 -13.50
N MET A 5 19.65 3.35 -12.47
CA MET A 5 20.24 3.07 -11.14
C MET A 5 19.49 1.90 -10.48
N LYS A 6 20.10 0.71 -10.51
CA LYS A 6 19.49 -0.52 -10.01
C LYS A 6 20.37 -1.14 -8.89
N PRO A 7 20.22 -0.70 -7.59
CA PRO A 7 20.81 -1.42 -6.44
C PRO A 7 20.10 -2.78 -6.22
N PRO A 8 20.84 -3.94 -6.22
CA PRO A 8 20.24 -5.28 -6.01
C PRO A 8 19.55 -5.40 -4.62
N GLY A 9 18.25 -5.04 -4.59
CA GLY A 9 17.49 -4.93 -3.35
C GLY A 9 16.71 -6.20 -2.99
N ALA A 10 17.08 -6.84 -1.87
CA ALA A 10 16.38 -8.02 -1.34
C ALA A 10 16.55 -8.08 0.20
N GLN A 11 15.43 -7.99 0.93
CA GLN A 11 15.40 -8.12 2.40
C GLN A 11 14.98 -9.55 2.82
N GLY A 12 14.55 -10.37 1.84
CA GLY A 12 14.18 -11.77 2.07
C GLY A 12 12.94 -12.15 1.28
N SER A 13 11.91 -12.70 1.96
CA SER A 13 10.60 -12.99 1.34
C SER A 13 9.58 -11.90 1.72
N GLN A 14 10.07 -10.66 1.76
CA GLN A 14 9.26 -9.45 1.97
C GLN A 14 9.05 -8.74 0.61
N SER A 15 9.02 -9.55 -0.46
CA SER A 15 9.15 -9.08 -1.85
C SER A 15 7.87 -8.38 -2.32
N THR A 16 6.70 -8.94 -1.98
CA THR A 16 5.39 -8.35 -2.33
C THR A 16 5.07 -7.12 -1.45
N TYR A 17 5.69 -7.06 -0.24
CA TYR A 17 5.51 -5.95 0.69
C TYR A 17 6.42 -4.75 0.33
N THR A 18 7.58 -5.07 -0.28
CA THR A 18 8.53 -4.07 -0.80
C THR A 18 8.04 -3.57 -2.17
N ASP A 19 7.33 -4.46 -2.87
CA ASP A 19 6.54 -4.12 -4.07
C ASP A 19 5.49 -3.05 -3.72
N LEU A 20 4.78 -3.28 -2.59
CA LEU A 20 3.78 -2.33 -2.06
C LEU A 20 4.40 -0.93 -1.83
N LEU A 21 5.59 -0.91 -1.22
CA LEU A 21 6.36 0.33 -0.95
C LEU A 21 6.69 1.05 -2.27
N SER A 22 7.02 0.26 -3.30
CA SER A 22 7.31 0.76 -4.65
C SER A 22 6.04 1.31 -5.34
N VAL A 23 4.88 0.69 -5.05
CA VAL A 23 3.57 1.16 -5.57
C VAL A 23 3.25 2.56 -5.02
N ILE A 24 3.56 2.79 -3.72
CA ILE A 24 3.39 4.10 -3.05
C ILE A 24 4.15 5.21 -3.82
N GLU A 25 5.35 4.85 -4.29
CA GLU A 25 6.22 5.72 -5.11
C GLU A 25 5.60 6.00 -6.49
N GLU A 26 5.10 4.92 -7.13
CA GLU A 26 4.52 4.95 -8.49
C GLU A 26 3.20 5.74 -8.54
N MET A 27 2.52 5.79 -7.39
CA MET A 27 1.30 6.58 -7.21
C MET A 27 1.68 8.04 -6.90
N GLY A 28 2.81 8.21 -6.17
CA GLY A 28 3.32 9.55 -5.78
C GLY A 28 3.68 10.44 -6.95
N LYS A 29 4.09 9.84 -8.06
CA LYS A 29 4.44 10.59 -9.28
C LYS A 29 3.22 10.75 -10.20
N GLU A 30 2.18 9.92 -9.96
CA GLU A 30 0.99 9.86 -10.84
C GLU A 30 -0.11 10.87 -10.40
N ILE A 31 0.00 11.39 -9.17
CA ILE A 31 -0.96 12.37 -8.59
C ILE A 31 -1.12 13.64 -9.48
N ARG A 32 0.01 14.26 -9.81
CA ARG A 32 0.04 15.55 -10.57
C ARG A 32 -0.41 15.41 -12.06
N PRO A 33 0.06 14.39 -12.87
CA PRO A 33 -0.50 14.15 -14.22
C PRO A 33 -2.04 13.84 -14.20
N THR A 34 -2.51 13.07 -13.18
CA THR A 34 -3.96 12.84 -12.96
C THR A 34 -4.69 14.19 -12.71
N TYR A 35 -4.07 15.01 -11.85
CA TYR A 35 -4.51 16.37 -11.52
C TYR A 35 -4.59 17.25 -12.79
N ALA A 36 -3.65 17.00 -13.72
CA ALA A 36 -3.53 17.75 -14.99
C ALA A 36 -4.49 17.20 -16.08
N GLY A 37 -5.42 16.32 -15.66
CA GLY A 37 -6.47 15.80 -16.54
C GLY A 37 -6.04 14.65 -17.43
N SER A 38 -4.86 14.07 -17.19
CA SER A 38 -4.41 12.88 -17.93
C SER A 38 -5.17 11.63 -17.44
N LYS A 39 -6.15 11.19 -18.25
CA LYS A 39 -6.97 9.97 -18.00
C LYS A 39 -6.10 8.69 -18.06
N SER A 40 -4.96 8.77 -18.78
CA SER A 40 -3.96 7.71 -18.81
C SER A 40 -3.29 7.55 -17.42
N ALA A 41 -2.91 8.69 -16.83
CA ALA A 41 -2.34 8.77 -15.48
C ALA A 41 -3.35 8.31 -14.43
N MET A 42 -4.60 8.76 -14.57
CA MET A 42 -5.71 8.40 -13.67
C MET A 42 -5.92 6.88 -13.66
N GLU A 43 -5.88 6.28 -14.87
CA GLU A 43 -5.99 4.82 -15.08
C GLU A 43 -4.88 4.08 -14.31
N ARG A 44 -3.64 4.54 -14.49
CA ARG A 44 -2.43 3.93 -13.90
C ARG A 44 -2.50 4.04 -12.35
N LEU A 45 -2.96 5.20 -11.88
CA LEU A 45 -3.06 5.55 -10.45
C LEU A 45 -4.13 4.70 -9.73
N LYS A 46 -5.30 4.54 -10.39
CA LYS A 46 -6.39 3.69 -9.89
C LYS A 46 -5.97 2.23 -9.82
N ARG A 47 -5.29 1.75 -10.89
CA ARG A 47 -4.77 0.38 -10.95
C ARG A 47 -3.72 0.14 -9.85
N GLY A 48 -2.90 1.19 -9.60
CA GLY A 48 -1.88 1.15 -8.56
C GLY A 48 -2.48 0.98 -7.17
N ILE A 49 -3.58 1.70 -6.92
CA ILE A 49 -4.31 1.64 -5.63
C ILE A 49 -5.08 0.31 -5.47
N ILE A 50 -5.66 -0.21 -6.56
CA ILE A 50 -6.35 -1.52 -6.56
C ILE A 50 -5.34 -2.64 -6.23
N HIS A 51 -4.15 -2.53 -6.84
CA HIS A 51 -2.99 -3.40 -6.58
C HIS A 51 -2.58 -3.32 -5.10
N ALA A 52 -2.34 -2.07 -4.64
CA ALA A 52 -1.84 -1.78 -3.28
C ALA A 52 -2.82 -2.25 -2.18
N ARG A 53 -4.12 -2.09 -2.47
CA ARG A 53 -5.21 -2.41 -1.52
C ARG A 53 -5.25 -3.93 -1.27
N ALA A 54 -5.06 -4.71 -2.35
CA ALA A 54 -5.03 -6.18 -2.30
C ALA A 54 -3.82 -6.67 -1.49
N LEU A 55 -2.68 -5.96 -1.66
CA LEU A 55 -1.40 -6.30 -1.02
C LEU A 55 -1.51 -6.24 0.53
N VAL A 56 -2.18 -5.19 1.04
CA VAL A 56 -2.31 -4.97 2.49
C VAL A 56 -3.32 -5.96 3.12
N ARG A 57 -4.51 -6.10 2.48
CA ARG A 57 -5.64 -6.87 3.07
C ARG A 57 -5.37 -8.39 3.06
N GLU A 58 -4.70 -8.90 2.01
CA GLU A 58 -4.30 -10.33 1.92
C GLU A 58 -3.14 -10.65 2.88
N CYS A 59 -2.27 -9.64 3.12
CA CYS A 59 -1.16 -9.76 4.07
C CYS A 59 -1.69 -9.82 5.52
N LEU A 60 -2.89 -9.20 5.77
CA LEU A 60 -3.59 -9.25 7.09
C LEU A 60 -3.79 -10.71 7.59
N ALA A 61 -3.85 -11.68 6.66
CA ALA A 61 -4.01 -13.10 6.99
C ALA A 61 -2.85 -13.62 7.85
N GLU A 62 -1.61 -13.47 7.34
CA GLU A 62 -0.37 -13.92 8.02
C GLU A 62 0.06 -12.94 9.14
N THR A 63 -0.27 -11.65 8.96
CA THR A 63 0.05 -10.56 9.90
C THR A 63 -0.79 -10.68 11.19
N GLU A 64 -1.98 -11.29 11.05
CA GLU A 64 -2.89 -11.56 12.18
C GLU A 64 -2.25 -12.51 13.22
N ARG A 65 -1.35 -13.41 12.75
CA ARG A 65 -0.62 -14.37 13.61
C ARG A 65 0.39 -13.66 14.54
N ASN A 66 0.77 -12.43 14.16
CA ASN A 66 1.62 -11.55 14.99
C ASN A 66 0.80 -11.05 16.20
N ALA A 67 0.99 -11.74 17.33
CA ALA A 67 0.35 -11.40 18.62
C ALA A 67 1.06 -10.22 19.30
N ARG A 68 2.39 -10.10 19.06
CA ARG A 68 3.20 -9.01 19.63
C ARG A 68 3.08 -7.73 18.76
N THR A 69 1.99 -6.98 18.99
CA THR A 69 1.71 -5.72 18.27
C THR A 69 2.49 -4.57 18.94
N SER B 1 -6.54 -15.36 -17.07
CA SER B 1 -6.61 -13.91 -16.79
C SER B 1 -6.46 -13.70 -15.28
N HIS B 2 -6.07 -12.46 -14.90
CA HIS B 2 -5.83 -12.08 -13.49
C HIS B 2 -7.18 -12.05 -12.73
N MET B 3 -7.54 -13.21 -12.13
CA MET B 3 -8.74 -13.36 -11.29
C MET B 3 -8.29 -13.59 -9.84
N ALA B 4 -8.09 -12.49 -9.10
CA ALA B 4 -7.59 -12.53 -7.71
C ALA B 4 -8.74 -12.76 -6.73
N MET B 5 -8.44 -13.44 -5.62
CA MET B 5 -9.41 -13.74 -4.54
C MET B 5 -9.36 -12.66 -3.45
N LYS B 6 -10.46 -12.57 -2.66
CA LYS B 6 -10.59 -11.63 -1.53
C LYS B 6 -10.85 -12.43 -0.22
N PRO B 7 -9.83 -13.18 0.31
CA PRO B 7 -10.03 -14.11 1.43
C PRO B 7 -10.07 -13.39 2.81
N PRO B 8 -11.23 -13.37 3.56
CA PRO B 8 -11.32 -12.77 4.92
C PRO B 8 -10.71 -13.67 6.02
N GLY B 9 -9.53 -14.25 5.70
CA GLY B 9 -8.88 -15.25 6.54
C GLY B 9 -8.28 -14.69 7.82
N ALA B 10 -8.09 -13.36 7.88
CA ALA B 10 -7.66 -12.67 9.10
C ALA B 10 -8.78 -12.77 10.17
N GLN B 11 -8.42 -13.28 11.36
CA GLN B 11 -9.35 -13.43 12.51
C GLN B 11 -9.98 -12.07 12.88
N GLY B 12 -9.12 -11.05 12.93
CA GLY B 12 -9.53 -9.67 13.07
C GLY B 12 -8.81 -8.82 12.01
N SER B 13 -7.91 -7.95 12.46
CA SER B 13 -7.02 -7.14 11.61
C SER B 13 -6.07 -6.31 12.51
N GLN B 14 -4.75 -6.46 12.32
CA GLN B 14 -3.72 -5.67 13.02
C GLN B 14 -3.89 -4.17 12.68
N SER B 15 -4.61 -3.43 13.56
CA SER B 15 -5.06 -2.03 13.33
C SER B 15 -3.94 -1.09 12.86
N THR B 16 -2.77 -1.22 13.50
CA THR B 16 -1.54 -0.51 13.11
C THR B 16 -1.21 -0.72 11.60
N TYR B 17 -1.33 -1.98 11.13
CA TYR B 17 -1.11 -2.35 9.71
C TYR B 17 -2.36 -2.08 8.83
N THR B 18 -3.56 -2.15 9.43
CA THR B 18 -4.84 -1.99 8.72
C THR B 18 -5.13 -0.49 8.44
N ASP B 19 -4.40 0.37 9.17
CA ASP B 19 -4.35 1.82 8.93
C ASP B 19 -3.80 2.09 7.51
N LEU B 20 -2.79 1.28 7.13
CA LEU B 20 -2.19 1.29 5.77
C LEU B 20 -3.22 0.92 4.69
N LEU B 21 -4.07 -0.08 4.99
CA LEU B 21 -5.18 -0.49 4.11
C LEU B 21 -6.17 0.67 3.91
N SER B 22 -6.43 1.39 5.01
CA SER B 22 -7.32 2.55 5.02
C SER B 22 -6.74 3.72 4.18
N VAL B 23 -5.40 3.87 4.19
CA VAL B 23 -4.68 4.91 3.42
C VAL B 23 -4.96 4.75 1.92
N ILE B 24 -4.75 3.52 1.44
CA ILE B 24 -4.93 3.15 0.03
C ILE B 24 -6.41 3.35 -0.38
N GLU B 25 -7.30 3.01 0.55
CA GLU B 25 -8.76 3.11 0.38
C GLU B 25 -9.24 4.59 0.34
N GLU B 26 -8.57 5.47 1.12
CA GLU B 26 -8.88 6.92 1.15
C GLU B 26 -8.48 7.57 -0.18
N MET B 27 -7.27 7.24 -0.65
CA MET B 27 -6.72 7.77 -1.91
C MET B 27 -7.58 7.35 -3.12
N GLY B 28 -8.06 6.09 -3.07
CA GLY B 28 -8.81 5.49 -4.17
C GLY B 28 -10.04 6.26 -4.61
N LYS B 29 -10.72 6.88 -3.64
CA LYS B 29 -11.95 7.66 -3.90
C LYS B 29 -11.58 9.12 -4.24
N GLU B 30 -10.44 9.59 -3.68
CA GLU B 30 -9.99 11.01 -3.80
C GLU B 30 -9.16 11.26 -5.09
N ILE B 31 -9.00 10.23 -5.93
CA ILE B 31 -8.44 10.37 -7.29
C ILE B 31 -9.37 11.27 -8.18
N ARG B 32 -10.70 11.11 -8.03
CA ARG B 32 -11.70 11.84 -8.85
C ARG B 32 -11.65 13.39 -8.62
N PRO B 33 -11.77 13.92 -7.35
CA PRO B 33 -11.67 15.39 -7.12
C PRO B 33 -10.27 15.97 -7.50
N THR B 34 -9.20 15.18 -7.30
CA THR B 34 -7.83 15.54 -7.78
C THR B 34 -7.81 15.72 -9.31
N TYR B 35 -8.40 14.72 -9.99
CA TYR B 35 -8.55 14.67 -11.45
C TYR B 35 -9.36 15.88 -11.98
N ALA B 36 -10.22 16.44 -11.11
CA ALA B 36 -11.06 17.60 -11.43
C ALA B 36 -10.32 18.93 -11.18
N GLY B 37 -9.00 18.87 -10.92
CA GLY B 37 -8.19 20.05 -10.69
C GLY B 37 -8.34 20.69 -9.30
N SER B 38 -8.86 19.93 -8.32
CA SER B 38 -8.95 20.38 -6.91
C SER B 38 -7.61 20.11 -6.17
N LYS B 39 -6.86 21.19 -5.85
CA LYS B 39 -5.54 21.11 -5.17
C LYS B 39 -5.63 20.60 -3.72
N SER B 40 -6.80 20.81 -3.06
CA SER B 40 -7.03 20.30 -1.69
C SER B 40 -7.13 18.75 -1.71
N ALA B 41 -7.87 18.23 -2.70
CA ALA B 41 -7.97 16.78 -2.96
C ALA B 41 -6.63 16.20 -3.40
N MET B 42 -5.88 16.98 -4.23
CA MET B 42 -4.54 16.60 -4.67
C MET B 42 -3.61 16.46 -3.46
N GLU B 43 -3.76 17.38 -2.51
CA GLU B 43 -2.95 17.41 -1.28
C GLU B 43 -3.32 16.22 -0.36
N ARG B 44 -4.58 15.77 -0.43
CA ARG B 44 -5.08 14.57 0.31
C ARG B 44 -4.60 13.26 -0.36
N LEU B 45 -4.45 13.31 -1.69
CA LEU B 45 -3.95 12.17 -2.47
C LEU B 45 -2.43 12.02 -2.23
N LYS B 46 -1.73 13.19 -2.13
CA LYS B 46 -0.33 13.29 -1.67
C LYS B 46 -0.21 12.81 -0.21
N ARG B 47 -1.20 13.21 0.62
CA ARG B 47 -1.24 12.86 2.06
C ARG B 47 -1.24 11.33 2.24
N GLY B 48 -1.88 10.65 1.28
CA GLY B 48 -1.87 9.21 1.23
C GLY B 48 -0.48 8.61 1.03
N ILE B 49 0.31 9.18 0.11
CA ILE B 49 1.68 8.69 -0.14
C ILE B 49 2.60 8.98 1.07
N ILE B 50 2.42 10.15 1.72
CA ILE B 50 3.18 10.52 2.94
C ILE B 50 2.90 9.51 4.08
N HIS B 51 1.60 9.22 4.23
CA HIS B 51 1.05 8.33 5.26
C HIS B 51 1.56 6.88 5.02
N ALA B 52 1.39 6.41 3.78
CA ALA B 52 1.69 5.02 3.39
C ALA B 52 3.21 4.73 3.36
N ARG B 53 3.99 5.71 2.88
CA ARG B 53 5.47 5.59 2.76
C ARG B 53 6.09 5.32 4.14
N ALA B 54 5.57 6.03 5.16
CA ALA B 54 6.01 5.89 6.55
C ALA B 54 5.56 4.54 7.15
N LEU B 55 4.29 4.16 6.86
CA LEU B 55 3.69 2.94 7.42
C LEU B 55 4.41 1.67 6.94
N VAL B 56 4.53 1.52 5.60
CA VAL B 56 5.18 0.36 4.97
C VAL B 56 6.64 0.24 5.44
N ARG B 57 7.35 1.39 5.46
CA ARG B 57 8.78 1.46 5.82
C ARG B 57 9.04 1.01 7.26
N GLU B 58 8.26 1.53 8.22
CA GLU B 58 8.43 1.17 9.64
C GLU B 58 8.02 -0.27 9.90
N CYS B 59 7.06 -0.77 9.10
CA CYS B 59 6.61 -2.16 9.18
C CYS B 59 7.65 -3.12 8.57
N LEU B 60 8.45 -2.64 7.56
CA LEU B 60 9.56 -3.45 6.93
C LEU B 60 10.50 -4.03 8.01
N ALA B 61 10.67 -3.26 9.11
CA ALA B 61 11.50 -3.63 10.25
C ALA B 61 11.09 -4.98 10.86
N GLU B 62 9.81 -5.10 11.27
CA GLU B 62 9.28 -6.32 11.92
C GLU B 62 8.89 -7.39 10.88
N THR B 63 8.51 -6.93 9.66
CA THR B 63 8.03 -7.79 8.58
C THR B 63 9.19 -8.62 7.97
N GLU B 64 10.40 -8.05 7.96
CA GLU B 64 11.61 -8.75 7.47
C GLU B 64 11.87 -10.06 8.27
N ARG B 65 11.38 -10.08 9.52
CA ARG B 65 11.52 -11.24 10.42
C ARG B 65 10.51 -12.35 10.05
N ASN B 66 9.22 -11.99 9.97
CA ASN B 66 8.10 -12.96 9.80
C ASN B 66 7.90 -13.37 8.33
N ALA B 67 8.28 -12.48 7.40
CA ALA B 67 8.14 -12.72 5.95
C ALA B 67 9.36 -13.47 5.43
N ARG B 68 9.31 -14.81 5.57
CA ARG B 68 10.41 -15.74 5.22
C ARG B 68 9.79 -17.07 4.71
N THR B 69 10.05 -17.40 3.43
CA THR B 69 9.50 -18.58 2.76
C THR B 69 10.29 -18.84 1.45
N SER A 1 35.33 -16.77 20.42
CA SER A 1 35.14 -16.18 19.09
C SER A 1 36.22 -16.71 18.13
N HIS A 2 35.79 -17.49 17.13
CA HIS A 2 36.66 -18.05 16.07
C HIS A 2 36.04 -17.72 14.70
N MET A 3 36.65 -18.23 13.61
CA MET A 3 36.19 -17.97 12.22
C MET A 3 34.78 -18.53 12.00
N ALA A 4 34.09 -17.99 10.98
CA ALA A 4 32.75 -18.44 10.58
C ALA A 4 32.45 -17.93 9.17
N MET A 5 32.09 -18.85 8.26
CA MET A 5 31.64 -18.52 6.89
C MET A 5 30.22 -17.92 6.93
N LYS A 6 29.41 -18.43 7.90
CA LYS A 6 28.01 -18.00 8.20
C LYS A 6 27.21 -17.63 6.91
N PRO A 7 26.71 -18.65 6.13
CA PRO A 7 25.99 -18.40 4.86
C PRO A 7 24.61 -17.75 5.09
N PRO A 8 24.04 -17.01 4.08
CA PRO A 8 22.71 -16.34 4.19
C PRO A 8 21.57 -17.33 4.57
N GLY A 9 20.76 -16.95 5.58
CA GLY A 9 19.72 -17.81 6.14
C GLY A 9 18.40 -17.70 5.37
N ALA A 10 17.71 -18.85 5.21
CA ALA A 10 16.43 -18.96 4.50
C ALA A 10 15.27 -18.46 5.37
N GLN A 11 15.07 -17.14 5.36
CA GLN A 11 14.02 -16.46 6.15
C GLN A 11 13.52 -15.19 5.45
N GLY A 12 14.32 -14.67 4.51
CA GLY A 12 13.98 -13.46 3.76
C GLY A 12 13.28 -13.80 2.45
N SER A 13 11.93 -13.87 2.49
CA SER A 13 11.08 -14.03 1.30
C SER A 13 10.06 -12.87 1.23
N GLN A 14 10.45 -11.74 1.85
CA GLN A 14 9.61 -10.54 1.99
C GLN A 14 9.91 -9.54 0.85
N SER A 15 10.18 -10.09 -0.34
CA SER A 15 10.58 -9.32 -1.52
C SER A 15 9.31 -8.74 -2.18
N THR A 16 8.23 -9.53 -2.12
CA THR A 16 6.92 -9.17 -2.67
C THR A 16 6.23 -8.08 -1.82
N TYR A 17 6.64 -7.95 -0.55
CA TYR A 17 6.12 -6.92 0.35
C TYR A 17 6.72 -5.54 -0.02
N THR A 18 7.97 -5.54 -0.49
CA THR A 18 8.67 -4.33 -0.95
C THR A 18 8.00 -3.77 -2.23
N ASP A 19 7.31 -4.68 -2.98
CA ASP A 19 6.50 -4.30 -4.15
C ASP A 19 5.42 -3.28 -3.74
N LEU A 20 4.74 -3.55 -2.60
CA LEU A 20 3.74 -2.63 -2.00
C LEU A 20 4.34 -1.25 -1.74
N LEU A 21 5.53 -1.24 -1.10
CA LEU A 21 6.31 -0.02 -0.79
C LEU A 21 6.57 0.81 -2.06
N SER A 22 6.86 0.10 -3.18
CA SER A 22 7.08 0.68 -4.51
C SER A 22 5.77 1.31 -5.07
N VAL A 23 4.66 0.50 -5.04
CA VAL A 23 3.32 0.89 -5.60
C VAL A 23 2.89 2.25 -5.05
N ILE A 24 3.10 2.44 -3.74
CA ILE A 24 2.75 3.67 -3.02
C ILE A 24 3.36 4.91 -3.68
N GLU A 25 4.70 4.99 -3.73
CA GLU A 25 5.43 6.18 -4.24
C GLU A 25 5.22 6.37 -5.74
N GLU A 26 4.96 5.26 -6.46
CA GLU A 26 4.66 5.29 -7.91
C GLU A 26 3.30 5.97 -8.16
N MET A 27 2.31 5.66 -7.31
CA MET A 27 1.02 6.38 -7.30
C MET A 27 1.25 7.86 -6.95
N GLY A 28 2.24 8.09 -6.07
CA GLY A 28 2.69 9.43 -5.70
C GLY A 28 3.19 10.25 -6.88
N LYS A 29 3.79 9.56 -7.87
CA LYS A 29 4.31 10.19 -9.08
C LYS A 29 3.13 10.53 -10.02
N GLU A 30 2.12 9.62 -10.06
CA GLU A 30 0.96 9.73 -10.97
C GLU A 30 -0.08 10.75 -10.49
N ILE A 31 0.10 11.27 -9.26
CA ILE A 31 -0.77 12.33 -8.70
C ILE A 31 -0.76 13.59 -9.59
N ARG A 32 0.43 13.90 -10.14
CA ARG A 32 0.70 15.17 -10.84
C ARG A 32 0.00 15.21 -12.24
N PRO A 33 0.19 14.18 -13.15
CA PRO A 33 -0.53 14.15 -14.46
C PRO A 33 -2.05 13.92 -14.28
N THR A 34 -2.46 13.11 -13.27
CA THR A 34 -3.88 12.93 -12.89
C THR A 34 -4.52 14.29 -12.60
N TYR A 35 -3.86 15.08 -11.73
CA TYR A 35 -4.28 16.42 -11.34
C TYR A 35 -4.40 17.35 -12.56
N ALA A 36 -3.49 17.14 -13.54
CA ALA A 36 -3.40 17.97 -14.76
C ALA A 36 -4.47 17.59 -15.82
N GLY A 37 -5.40 16.69 -15.45
CA GLY A 37 -6.46 16.27 -16.36
C GLY A 37 -6.04 15.19 -17.35
N SER A 38 -4.83 14.64 -17.20
CA SER A 38 -4.35 13.51 -18.02
C SER A 38 -4.92 12.19 -17.47
N LYS A 39 -5.91 11.65 -18.20
CA LYS A 39 -6.60 10.39 -17.85
C LYS A 39 -5.64 9.20 -17.71
N SER A 40 -4.52 9.25 -18.47
CA SER A 40 -3.55 8.16 -18.57
C SER A 40 -2.97 7.80 -17.18
N ALA A 41 -2.66 8.83 -16.38
CA ALA A 41 -2.17 8.64 -15.01
C ALA A 41 -3.31 8.23 -14.07
N MET A 42 -4.52 8.81 -14.30
CA MET A 42 -5.71 8.62 -13.43
C MET A 42 -6.21 7.15 -13.42
N GLU A 43 -6.32 6.54 -14.61
CA GLU A 43 -6.75 5.14 -14.77
C GLU A 43 -5.70 4.15 -14.20
N ARG A 44 -4.43 4.57 -14.27
CA ARG A 44 -3.29 3.82 -13.72
C ARG A 44 -3.10 4.10 -12.21
N LEU A 45 -3.66 5.22 -11.73
CA LEU A 45 -3.65 5.61 -10.31
C LEU A 45 -4.70 4.77 -9.57
N LYS A 46 -5.87 4.59 -10.22
CA LYS A 46 -6.95 3.69 -9.74
C LYS A 46 -6.46 2.25 -9.68
N ARG A 47 -5.78 1.81 -10.76
CA ARG A 47 -5.18 0.48 -10.86
C ARG A 47 -4.12 0.31 -9.76
N GLY A 48 -3.40 1.41 -9.46
CA GLY A 48 -2.42 1.45 -8.38
C GLY A 48 -3.03 1.19 -7.00
N ILE A 49 -4.18 1.86 -6.71
CA ILE A 49 -4.90 1.68 -5.44
C ILE A 49 -5.44 0.22 -5.32
N ILE A 50 -5.96 -0.34 -6.44
CA ILE A 50 -6.49 -1.72 -6.48
C ILE A 50 -5.35 -2.74 -6.19
N HIS A 51 -4.19 -2.46 -6.81
CA HIS A 51 -2.97 -3.29 -6.69
C HIS A 51 -2.41 -3.19 -5.25
N ALA A 52 -2.38 -1.96 -4.71
CA ALA A 52 -1.84 -1.67 -3.37
C ALA A 52 -2.66 -2.38 -2.30
N ARG A 53 -4.00 -2.27 -2.40
CA ARG A 53 -4.93 -2.83 -1.41
C ARG A 53 -4.91 -4.36 -1.45
N ALA A 54 -4.69 -4.92 -2.66
CA ALA A 54 -4.62 -6.37 -2.89
C ALA A 54 -3.41 -6.97 -2.16
N LEU A 55 -2.38 -6.15 -1.97
CA LEU A 55 -1.16 -6.50 -1.24
C LEU A 55 -1.40 -6.37 0.28
N VAL A 56 -1.98 -5.22 0.70
CA VAL A 56 -2.20 -4.90 2.14
C VAL A 56 -3.09 -5.97 2.83
N ARG A 57 -4.19 -6.37 2.15
CA ARG A 57 -5.17 -7.36 2.67
C ARG A 57 -4.51 -8.73 2.98
N GLU A 58 -3.63 -9.17 2.07
CA GLU A 58 -2.96 -10.49 2.12
C GLU A 58 -1.71 -10.45 3.01
N CYS A 59 -1.21 -9.22 3.27
CA CYS A 59 -0.14 -8.99 4.24
C CYS A 59 -0.72 -8.86 5.67
N LEU A 60 -2.01 -8.42 5.77
CA LEU A 60 -2.77 -8.40 7.05
C LEU A 60 -2.89 -9.84 7.61
N ALA A 61 -2.83 -10.83 6.68
CA ALA A 61 -2.81 -12.25 7.03
C ALA A 61 -1.55 -12.60 7.84
N GLU A 62 -0.35 -12.33 7.28
CA GLU A 62 0.93 -12.63 7.95
C GLU A 62 1.16 -11.73 9.21
N THR A 63 0.63 -10.49 9.15
CA THR A 63 0.77 -9.49 10.22
C THR A 63 -0.14 -9.87 11.42
N GLU A 64 -1.22 -10.63 11.10
CA GLU A 64 -2.18 -11.15 12.11
C GLU A 64 -1.50 -12.11 13.09
N ARG A 65 -0.54 -12.90 12.55
CA ARG A 65 0.25 -13.88 13.32
C ARG A 65 1.23 -13.16 14.26
N ASN A 66 1.44 -11.86 14.03
CA ASN A 66 2.27 -10.99 14.88
C ASN A 66 1.38 -10.06 15.73
N ALA A 67 0.40 -10.66 16.43
CA ALA A 67 -0.52 -9.93 17.35
C ALA A 67 0.05 -9.88 18.79
N ARG A 68 1.39 -10.05 18.91
CA ARG A 68 2.12 -10.13 20.20
C ARG A 68 1.91 -8.85 21.04
N THR A 69 2.04 -7.68 20.39
CA THR A 69 1.89 -6.35 21.00
C THR A 69 3.07 -6.03 21.97
N SER B 1 -5.46 14.92 12.80
CA SER B 1 -5.66 16.23 12.15
C SER B 1 -7.07 16.76 12.48
N HIS B 2 -8.09 16.03 12.02
CA HIS B 2 -9.52 16.37 12.23
C HIS B 2 -9.95 15.98 13.66
N MET B 3 -11.23 16.27 13.98
CA MET B 3 -11.84 15.94 15.29
C MET B 3 -12.10 14.44 15.37
N ALA B 4 -11.03 13.69 15.65
CA ALA B 4 -11.06 12.23 15.74
C ALA B 4 -11.46 11.82 17.17
N MET B 5 -12.70 11.33 17.31
CA MET B 5 -13.26 10.81 18.58
C MET B 5 -12.49 9.57 19.05
N LYS B 6 -11.86 8.87 18.07
CA LYS B 6 -11.06 7.65 18.27
C LYS B 6 -11.98 6.48 18.69
N PRO B 7 -12.51 5.70 17.70
CA PRO B 7 -13.21 4.43 17.99
C PRO B 7 -12.19 3.31 18.32
N PRO B 8 -12.55 2.31 19.20
CA PRO B 8 -11.68 1.12 19.48
C PRO B 8 -11.12 0.50 18.18
N GLY B 9 -9.79 0.59 18.01
CA GLY B 9 -9.10 0.17 16.79
C GLY B 9 -9.08 -1.34 16.57
N ALA B 10 -8.32 -1.78 15.55
CA ALA B 10 -8.13 -3.20 15.24
C ALA B 10 -7.37 -3.90 16.38
N GLN B 11 -7.93 -5.01 16.89
CA GLN B 11 -7.37 -5.74 18.04
C GLN B 11 -6.05 -6.44 17.68
N GLY B 12 -5.15 -6.55 18.66
CA GLY B 12 -3.81 -7.07 18.44
C GLY B 12 -2.83 -5.97 18.09
N SER B 13 -1.88 -6.26 17.18
CA SER B 13 -0.79 -5.34 16.79
C SER B 13 -0.98 -4.81 15.36
N GLN B 14 -2.08 -5.21 14.70
CA GLN B 14 -2.32 -4.96 13.26
C GLN B 14 -2.97 -3.59 13.03
N SER B 15 -2.96 -2.72 14.05
CA SER B 15 -3.79 -1.52 14.09
C SER B 15 -3.33 -0.49 13.05
N THR B 16 -2.03 -0.14 13.12
CA THR B 16 -1.40 0.87 12.27
C THR B 16 -1.33 0.38 10.79
N TYR B 17 -1.32 -0.94 10.61
CA TYR B 17 -1.30 -1.56 9.28
C TYR B 17 -2.73 -1.62 8.67
N THR B 18 -3.76 -1.65 9.55
CA THR B 18 -5.17 -1.57 9.14
C THR B 18 -5.49 -0.12 8.70
N ASP B 19 -4.79 0.86 9.35
CA ASP B 19 -4.76 2.26 8.90
C ASP B 19 -4.33 2.34 7.43
N LEU B 20 -3.30 1.52 7.05
CA LEU B 20 -2.80 1.50 5.65
C LEU B 20 -3.89 1.07 4.66
N LEU B 21 -4.57 -0.05 4.98
CA LEU B 21 -5.68 -0.60 4.16
C LEU B 21 -6.72 0.51 3.85
N SER B 22 -7.01 1.30 4.88
CA SER B 22 -7.94 2.44 4.81
C SER B 22 -7.36 3.63 4.02
N VAL B 23 -6.04 3.93 4.21
CA VAL B 23 -5.36 5.05 3.51
C VAL B 23 -5.40 4.83 1.99
N ILE B 24 -5.18 3.57 1.57
CA ILE B 24 -5.22 3.15 0.16
C ILE B 24 -6.56 3.55 -0.49
N GLU B 25 -7.67 3.16 0.15
CA GLU B 25 -9.02 3.39 -0.40
C GLU B 25 -9.45 4.87 -0.25
N GLU B 26 -8.89 5.60 0.76
CA GLU B 26 -9.14 7.05 0.91
C GLU B 26 -8.53 7.80 -0.28
N MET B 27 -7.28 7.43 -0.61
CA MET B 27 -6.56 7.92 -1.80
C MET B 27 -7.33 7.56 -3.07
N GLY B 28 -7.98 6.37 -3.05
CA GLY B 28 -8.85 5.91 -4.14
C GLY B 28 -10.05 6.82 -4.37
N LYS B 29 -10.54 7.46 -3.29
CA LYS B 29 -11.66 8.42 -3.34
C LYS B 29 -11.16 9.78 -3.86
N GLU B 30 -9.85 10.08 -3.61
CA GLU B 30 -9.22 11.38 -3.95
C GLU B 30 -8.83 11.47 -5.44
N ILE B 31 -8.70 10.31 -6.11
CA ILE B 31 -8.23 10.22 -7.53
C ILE B 31 -9.08 11.10 -8.48
N ARG B 32 -10.41 10.98 -8.35
CA ARG B 32 -11.38 11.64 -9.24
C ARG B 32 -11.44 13.19 -9.02
N PRO B 33 -11.60 13.73 -7.74
CA PRO B 33 -11.53 15.20 -7.52
C PRO B 33 -10.14 15.80 -7.84
N THR B 34 -9.04 15.03 -7.56
CA THR B 34 -7.67 15.40 -8.01
C THR B 34 -7.66 15.60 -9.53
N TYR B 35 -8.24 14.61 -10.23
CA TYR B 35 -8.40 14.61 -11.69
C TYR B 35 -9.26 15.79 -12.18
N ALA B 36 -10.18 16.26 -11.32
CA ALA B 36 -11.07 17.40 -11.61
C ALA B 36 -10.40 18.76 -11.24
N GLY B 37 -9.09 18.73 -10.92
CA GLY B 37 -8.33 19.95 -10.61
C GLY B 37 -8.55 20.51 -9.21
N SER B 38 -9.19 19.73 -8.33
CA SER B 38 -9.41 20.10 -6.91
C SER B 38 -8.11 19.92 -6.12
N LYS B 39 -7.46 21.05 -5.77
CA LYS B 39 -6.19 21.09 -5.01
C LYS B 39 -6.22 20.25 -3.73
N SER B 40 -7.29 20.44 -2.91
CA SER B 40 -7.43 19.79 -1.59
C SER B 40 -7.37 18.25 -1.69
N ALA B 41 -7.99 17.69 -2.77
CA ALA B 41 -7.93 16.25 -3.08
C ALA B 41 -6.51 15.77 -3.29
N MET B 42 -5.80 16.48 -4.19
CA MET B 42 -4.39 16.20 -4.56
C MET B 42 -3.45 16.41 -3.36
N GLU B 43 -3.83 17.33 -2.49
CA GLU B 43 -3.07 17.71 -1.29
C GLU B 43 -3.17 16.57 -0.24
N ARG B 44 -4.38 15.98 -0.16
CA ARG B 44 -4.68 14.84 0.74
C ARG B 44 -4.15 13.54 0.12
N LEU B 45 -4.07 13.50 -1.23
CA LEU B 45 -3.62 12.34 -2.01
C LEU B 45 -2.11 12.17 -1.84
N LYS B 46 -1.37 13.30 -1.95
CA LYS B 46 0.09 13.36 -1.68
C LYS B 46 0.40 12.89 -0.26
N ARG B 47 -0.31 13.49 0.72
CA ARG B 47 -0.15 13.14 2.14
C ARG B 47 -0.45 11.65 2.36
N GLY B 48 -1.44 11.15 1.59
CA GLY B 48 -1.80 9.75 1.59
C GLY B 48 -0.65 8.85 1.25
N ILE B 49 0.04 9.13 0.11
CA ILE B 49 1.20 8.34 -0.36
C ILE B 49 2.40 8.45 0.62
N ILE B 50 2.70 9.66 1.14
CA ILE B 50 3.84 9.90 2.06
C ILE B 50 3.65 9.04 3.33
N HIS B 51 2.43 9.11 3.87
CA HIS B 51 1.99 8.37 5.05
C HIS B 51 1.94 6.86 4.78
N ALA B 52 1.44 6.48 3.60
CA ALA B 52 1.24 5.06 3.22
C ALA B 52 2.59 4.34 3.10
N ARG B 53 3.59 5.03 2.53
CA ARG B 53 4.97 4.52 2.37
C ARG B 53 5.65 4.39 3.75
N ALA B 54 5.22 5.24 4.69
CA ALA B 54 5.70 5.19 6.07
C ALA B 54 5.14 3.94 6.76
N LEU B 55 3.82 3.68 6.55
CA LEU B 55 3.08 2.55 7.16
C LEU B 55 3.65 1.19 6.71
N VAL B 56 3.95 1.07 5.39
CA VAL B 56 4.59 -0.14 4.81
C VAL B 56 5.97 -0.34 5.45
N ARG B 57 6.70 0.78 5.63
CA ARG B 57 8.08 0.77 6.12
C ARG B 57 8.14 0.41 7.62
N GLU B 58 7.12 0.86 8.40
CA GLU B 58 7.04 0.54 9.84
C GLU B 58 6.70 -0.94 10.01
N CYS B 59 5.85 -1.46 9.11
CA CYS B 59 5.43 -2.86 9.10
C CYS B 59 6.58 -3.75 8.60
N LEU B 60 7.49 -3.19 7.77
CA LEU B 60 8.71 -3.92 7.31
C LEU B 60 9.56 -4.40 8.51
N ALA B 61 9.58 -3.60 9.60
CA ALA B 61 10.36 -3.93 10.81
C ALA B 61 10.02 -5.32 11.37
N GLU B 62 8.72 -5.65 11.43
CA GLU B 62 8.24 -6.99 11.84
C GLU B 62 8.19 -7.99 10.66
N THR B 63 7.82 -7.49 9.46
CA THR B 63 7.54 -8.34 8.27
C THR B 63 8.81 -9.08 7.84
N GLU B 64 9.95 -8.36 7.82
CA GLU B 64 11.26 -8.92 7.44
C GLU B 64 11.65 -10.12 8.32
N ARG B 65 11.33 -10.03 9.61
CA ARG B 65 11.64 -11.08 10.58
C ARG B 65 10.66 -12.27 10.45
N ASN B 66 9.45 -11.96 9.98
CA ASN B 66 8.38 -12.95 9.74
C ASN B 66 8.73 -13.77 8.49
N ALA B 67 8.88 -15.09 8.65
CA ALA B 67 9.19 -16.01 7.55
C ALA B 67 7.95 -16.26 6.67
N ARG B 68 7.71 -15.34 5.72
CA ARG B 68 6.54 -15.36 4.81
C ARG B 68 6.53 -16.61 3.91
N THR B 69 7.74 -16.98 3.43
CA THR B 69 8.00 -18.12 2.51
C THR B 69 7.16 -17.96 1.20
N SER A 1 12.50 -39.69 -15.05
CA SER A 1 12.97 -38.57 -14.21
C SER A 1 11.89 -37.47 -14.16
N HIS A 2 11.89 -36.68 -13.08
CA HIS A 2 10.91 -35.60 -12.84
C HIS A 2 11.55 -34.23 -13.15
N MET A 3 10.75 -33.27 -13.63
CA MET A 3 11.17 -31.87 -13.83
C MET A 3 11.31 -31.16 -12.47
N ALA A 4 11.95 -29.99 -12.49
CA ALA A 4 12.19 -29.17 -11.29
C ALA A 4 10.86 -28.65 -10.70
N MET A 5 10.37 -29.35 -9.66
CA MET A 5 9.09 -29.04 -8.99
C MET A 5 9.30 -28.24 -7.70
N LYS A 6 10.53 -27.78 -7.47
CA LYS A 6 10.89 -26.94 -6.33
C LYS A 6 11.40 -25.58 -6.86
N PRO A 7 10.50 -24.56 -6.98
CA PRO A 7 10.87 -23.20 -7.46
C PRO A 7 11.71 -22.45 -6.40
N PRO A 8 12.64 -21.53 -6.83
CA PRO A 8 13.42 -20.71 -5.88
C PRO A 8 12.52 -19.85 -4.98
N GLY A 9 12.83 -19.78 -3.69
CA GLY A 9 12.06 -18.96 -2.73
C GLY A 9 12.41 -17.47 -2.85
N ALA A 10 12.53 -16.79 -1.70
CA ALA A 10 12.83 -15.35 -1.66
C ALA A 10 13.60 -15.02 -0.37
N GLN A 11 14.77 -14.37 -0.53
CA GLN A 11 15.59 -13.92 0.60
C GLN A 11 14.84 -12.76 1.27
N GLY A 12 14.43 -12.98 2.53
CA GLY A 12 13.65 -12.01 3.28
C GLY A 12 12.16 -12.24 3.13
N SER A 13 11.43 -12.07 4.24
CA SER A 13 9.96 -12.19 4.28
C SER A 13 9.30 -10.92 3.71
N GLN A 14 10.01 -9.79 3.80
CA GLN A 14 9.54 -8.48 3.30
C GLN A 14 9.82 -8.32 1.79
N SER A 15 10.11 -9.44 1.11
CA SER A 15 10.63 -9.42 -0.27
C SER A 15 9.52 -8.99 -1.23
N THR A 16 8.35 -9.59 -1.03
CA THR A 16 7.13 -9.31 -1.79
C THR A 16 6.46 -8.01 -1.30
N TYR A 17 6.71 -7.67 -0.03
CA TYR A 17 6.07 -6.52 0.64
C TYR A 17 6.76 -5.19 0.28
N THR A 18 8.03 -5.25 -0.19
CA THR A 18 8.77 -4.08 -0.71
C THR A 18 8.11 -3.58 -2.01
N ASP A 19 7.41 -4.50 -2.72
CA ASP A 19 6.63 -4.17 -3.92
C ASP A 19 5.54 -3.14 -3.57
N LEU A 20 4.93 -3.29 -2.37
CA LEU A 20 3.91 -2.35 -1.87
C LEU A 20 4.51 -0.96 -1.62
N LEU A 21 5.72 -0.93 -1.01
CA LEU A 21 6.46 0.33 -0.76
C LEU A 21 6.72 1.07 -2.09
N SER A 22 6.96 0.27 -3.16
CA SER A 22 7.13 0.76 -4.51
C SER A 22 5.81 1.33 -5.07
N VAL A 23 4.67 0.59 -4.88
CA VAL A 23 3.35 0.99 -5.40
C VAL A 23 2.97 2.38 -4.90
N ILE A 24 3.17 2.61 -3.58
CA ILE A 24 2.88 3.89 -2.92
C ILE A 24 3.61 5.06 -3.62
N GLU A 25 4.91 4.86 -3.87
CA GLU A 25 5.79 5.87 -4.48
C GLU A 25 5.37 6.13 -5.96
N GLU A 26 5.02 5.04 -6.68
CA GLU A 26 4.62 5.13 -8.10
C GLU A 26 3.32 5.92 -8.25
N MET A 27 2.37 5.68 -7.35
CA MET A 27 1.11 6.45 -7.27
C MET A 27 1.42 7.93 -7.02
N GLY A 28 2.41 8.17 -6.14
CA GLY A 28 2.88 9.52 -5.83
C GLY A 28 3.40 10.29 -7.04
N LYS A 29 3.74 9.58 -8.12
CA LYS A 29 4.15 10.18 -9.39
C LYS A 29 2.90 10.54 -10.22
N GLU A 30 1.95 9.59 -10.29
CA GLU A 30 0.78 9.68 -11.20
C GLU A 30 -0.28 10.68 -10.70
N ILE A 31 -0.10 11.23 -9.49
CA ILE A 31 -0.99 12.29 -8.95
C ILE A 31 -0.94 13.57 -9.83
N ARG A 32 0.28 13.93 -10.27
CA ARG A 32 0.51 15.16 -11.06
C ARG A 32 -0.14 15.11 -12.48
N PRO A 33 0.10 14.05 -13.34
CA PRO A 33 -0.57 13.94 -14.66
C PRO A 33 -2.11 13.74 -14.54
N THR A 34 -2.55 13.02 -13.49
CA THR A 34 -3.98 12.90 -13.12
C THR A 34 -4.60 14.29 -12.92
N TYR A 35 -3.91 15.09 -12.08
CA TYR A 35 -4.28 16.46 -11.76
C TYR A 35 -4.29 17.34 -13.03
N ALA A 36 -3.39 17.01 -13.97
CA ALA A 36 -3.18 17.78 -15.21
C ALA A 36 -4.22 17.45 -16.29
N GLY A 37 -5.18 16.54 -15.98
CA GLY A 37 -6.26 16.19 -16.92
C GLY A 37 -6.03 14.88 -17.66
N SER A 38 -4.86 14.26 -17.51
CA SER A 38 -4.54 12.97 -18.17
C SER A 38 -5.28 11.81 -17.48
N LYS A 39 -6.43 11.40 -18.06
CA LYS A 39 -7.28 10.32 -17.51
C LYS A 39 -6.62 8.93 -17.66
N SER A 40 -5.69 8.80 -18.61
CA SER A 40 -4.89 7.57 -18.79
C SER A 40 -4.05 7.31 -17.51
N ALA A 41 -3.38 8.38 -17.05
CA ALA A 41 -2.56 8.35 -15.82
C ALA A 41 -3.44 8.31 -14.56
N MET A 42 -4.66 8.87 -14.67
CA MET A 42 -5.67 8.82 -13.61
C MET A 42 -6.12 7.39 -13.38
N GLU A 43 -6.29 6.63 -14.48
CA GLU A 43 -6.67 5.21 -14.45
C GLU A 43 -5.50 4.35 -13.92
N ARG A 44 -4.26 4.78 -14.21
CA ARG A 44 -3.03 4.14 -13.71
C ARG A 44 -2.90 4.39 -12.19
N LEU A 45 -3.34 5.58 -11.76
CA LEU A 45 -3.32 5.99 -10.34
C LEU A 45 -4.37 5.19 -9.55
N LYS A 46 -5.56 5.01 -10.17
CA LYS A 46 -6.64 4.14 -9.65
C LYS A 46 -6.12 2.72 -9.46
N ARG A 47 -5.51 2.18 -10.52
CA ARG A 47 -4.96 0.82 -10.56
C ARG A 47 -3.87 0.63 -9.49
N GLY A 48 -3.17 1.75 -9.19
CA GLY A 48 -2.25 1.81 -8.08
C GLY A 48 -2.92 1.49 -6.76
N ILE A 49 -4.09 2.09 -6.50
CA ILE A 49 -4.88 1.82 -5.29
C ILE A 49 -5.39 0.35 -5.26
N ILE A 50 -5.82 -0.20 -6.42
CA ILE A 50 -6.28 -1.61 -6.47
C ILE A 50 -5.11 -2.56 -6.12
N HIS A 51 -3.92 -2.26 -6.68
CA HIS A 51 -2.70 -3.07 -6.48
C HIS A 51 -2.28 -3.00 -5.00
N ALA A 52 -2.23 -1.77 -4.47
CA ALA A 52 -1.83 -1.52 -3.08
C ALA A 52 -2.81 -2.15 -2.09
N ARG A 53 -4.11 -2.09 -2.44
CA ARG A 53 -5.21 -2.66 -1.64
C ARG A 53 -5.06 -4.18 -1.56
N ALA A 54 -4.70 -4.77 -2.72
CA ALA A 54 -4.54 -6.22 -2.88
C ALA A 54 -3.32 -6.72 -2.07
N LEU A 55 -2.30 -5.87 -1.94
CA LEU A 55 -1.08 -6.21 -1.21
C LEU A 55 -1.28 -6.14 0.31
N VAL A 56 -1.99 -5.10 0.81
CA VAL A 56 -2.21 -4.95 2.26
C VAL A 56 -3.17 -6.04 2.79
N ARG A 57 -4.24 -6.35 2.02
CA ARG A 57 -5.28 -7.32 2.43
C ARG A 57 -4.69 -8.74 2.61
N GLU A 58 -3.73 -9.12 1.73
CA GLU A 58 -3.03 -10.41 1.82
C GLU A 58 -1.88 -10.37 2.84
N CYS A 59 -1.34 -9.16 3.07
CA CYS A 59 -0.32 -8.94 4.12
C CYS A 59 -0.96 -8.89 5.52
N LEU A 60 -2.28 -8.67 5.61
CA LEU A 60 -3.04 -8.82 6.87
C LEU A 60 -2.88 -10.26 7.42
N ALA A 61 -2.68 -11.22 6.50
CA ALA A 61 -2.49 -12.64 6.83
C ALA A 61 -1.18 -12.86 7.61
N GLU A 62 -0.02 -12.55 6.99
CA GLU A 62 1.30 -12.71 7.64
C GLU A 62 1.45 -11.96 8.98
N THR A 63 0.81 -10.78 9.10
CA THR A 63 0.98 -9.87 10.26
C THR A 63 0.62 -10.54 11.61
N GLU A 64 -0.18 -11.65 11.55
CA GLU A 64 -0.64 -12.39 12.75
C GLU A 64 0.52 -12.87 13.67
N ARG A 65 1.71 -13.08 13.08
CA ARG A 65 2.91 -13.52 13.80
C ARG A 65 3.44 -12.41 14.74
N ASN A 66 3.28 -11.15 14.31
CA ASN A 66 3.71 -9.98 15.09
C ASN A 66 2.85 -9.83 16.35
N ALA A 67 3.37 -10.29 17.50
CA ALA A 67 2.71 -10.17 18.80
C ALA A 67 2.48 -8.68 19.12
N ARG A 68 1.21 -8.29 19.31
CA ARG A 68 0.82 -6.89 19.50
C ARG A 68 1.11 -6.46 20.94
N THR A 69 2.39 -6.14 21.18
CA THR A 69 2.92 -5.76 22.48
C THR A 69 4.36 -5.23 22.31
N SER B 1 -2.14 -16.14 -2.74
CA SER B 1 -1.81 -15.53 -1.44
C SER B 1 -2.90 -15.84 -0.40
N HIS B 2 -2.54 -15.70 0.89
CA HIS B 2 -3.48 -15.86 2.02
C HIS B 2 -3.99 -14.48 2.46
N MET B 3 -5.18 -14.44 3.06
CA MET B 3 -5.85 -13.19 3.50
C MET B 3 -6.34 -13.35 4.95
N ALA B 4 -7.16 -14.40 5.17
CA ALA B 4 -7.73 -14.73 6.48
C ALA B 4 -7.52 -16.22 6.77
N MET B 5 -6.51 -16.54 7.59
CA MET B 5 -6.23 -17.94 8.05
C MET B 5 -6.72 -18.12 9.49
N LYS B 6 -6.78 -17.01 10.23
CA LYS B 6 -7.42 -16.93 11.55
C LYS B 6 -7.93 -15.48 11.73
N PRO B 7 -9.16 -15.15 11.19
CA PRO B 7 -9.76 -13.81 11.32
C PRO B 7 -10.17 -13.47 12.78
N PRO B 8 -9.42 -12.55 13.47
CA PRO B 8 -9.67 -12.21 14.90
C PRO B 8 -10.73 -11.11 15.08
N GLY B 9 -10.83 -10.57 16.31
CA GLY B 9 -11.69 -9.40 16.59
C GLY B 9 -11.05 -8.09 16.13
N ALA B 10 -11.26 -7.02 16.91
CA ALA B 10 -10.66 -5.69 16.64
C ALA B 10 -9.13 -5.76 16.73
N GLN B 11 -8.64 -6.46 17.76
CA GLN B 11 -7.22 -6.72 17.97
C GLN B 11 -6.87 -8.12 17.41
N GLY B 12 -5.73 -8.22 16.73
CA GLY B 12 -5.20 -9.50 16.26
C GLY B 12 -3.97 -9.30 15.40
N SER B 13 -2.99 -8.55 15.98
CA SER B 13 -1.67 -8.24 15.39
C SER B 13 -1.71 -7.15 14.30
N GLN B 14 -2.73 -7.21 13.43
CA GLN B 14 -2.90 -6.28 12.30
C GLN B 14 -4.01 -5.26 12.62
N SER B 15 -4.09 -4.84 13.88
CA SER B 15 -5.18 -3.97 14.38
C SER B 15 -4.98 -2.54 13.87
N THR B 16 -3.79 -1.99 14.16
CA THR B 16 -3.33 -0.69 13.69
C THR B 16 -2.87 -0.77 12.22
N TYR B 17 -2.48 -1.99 11.79
CA TYR B 17 -2.03 -2.23 10.40
C TYR B 17 -3.20 -2.11 9.40
N THR B 18 -4.44 -2.30 9.91
CA THR B 18 -5.69 -2.06 9.13
C THR B 18 -5.79 -0.58 8.65
N ASP B 19 -5.05 0.34 9.33
CA ASP B 19 -4.97 1.76 8.94
C ASP B 19 -4.40 1.89 7.53
N LEU B 20 -3.28 1.18 7.26
CA LEU B 20 -2.61 1.17 5.94
C LEU B 20 -3.57 0.77 4.82
N LEU B 21 -4.34 -0.31 5.08
CA LEU B 21 -5.40 -0.81 4.19
C LEU B 21 -6.42 0.30 3.86
N SER B 22 -6.79 1.05 4.91
CA SER B 22 -7.78 2.13 4.85
C SER B 22 -7.22 3.36 4.12
N VAL B 23 -5.90 3.66 4.29
CA VAL B 23 -5.23 4.80 3.63
C VAL B 23 -5.32 4.65 2.10
N ILE B 24 -5.08 3.41 1.63
CA ILE B 24 -5.18 3.05 0.22
C ILE B 24 -6.57 3.38 -0.33
N GLU B 25 -7.59 2.99 0.45
CA GLU B 25 -9.00 3.17 0.09
C GLU B 25 -9.38 4.65 0.05
N GLU B 26 -8.81 5.44 0.97
CA GLU B 26 -9.09 6.88 1.07
C GLU B 26 -8.47 7.66 -0.10
N MET B 27 -7.24 7.26 -0.49
CA MET B 27 -6.54 7.86 -1.63
C MET B 27 -7.31 7.61 -2.93
N GLY B 28 -7.86 6.38 -3.05
CA GLY B 28 -8.66 5.97 -4.22
C GLY B 28 -9.89 6.83 -4.46
N LYS B 29 -10.33 7.53 -3.41
CA LYS B 29 -11.49 8.41 -3.45
C LYS B 29 -11.06 9.81 -3.91
N GLU B 30 -9.87 10.24 -3.45
CA GLU B 30 -9.33 11.59 -3.70
C GLU B 30 -8.80 11.75 -5.13
N ILE B 31 -8.63 10.64 -5.86
CA ILE B 31 -8.13 10.64 -7.26
C ILE B 31 -9.09 11.42 -8.19
N ARG B 32 -10.40 11.24 -7.97
CA ARG B 32 -11.44 11.86 -8.84
C ARG B 32 -11.44 13.42 -8.73
N PRO B 33 -11.55 14.04 -7.50
CA PRO B 33 -11.45 15.52 -7.37
C PRO B 33 -10.06 16.08 -7.74
N THR B 34 -8.98 15.31 -7.48
CA THR B 34 -7.61 15.63 -7.95
C THR B 34 -7.62 15.81 -9.49
N TYR B 35 -8.21 14.83 -10.17
CA TYR B 35 -8.39 14.82 -11.61
C TYR B 35 -9.25 16.01 -12.06
N ALA B 36 -10.24 16.39 -11.23
CA ALA B 36 -11.20 17.46 -11.55
C ALA B 36 -10.62 18.87 -11.33
N GLY B 37 -9.31 18.95 -11.00
CA GLY B 37 -8.61 20.22 -10.86
C GLY B 37 -8.51 20.73 -9.43
N SER B 38 -9.11 19.99 -8.47
CA SER B 38 -9.04 20.34 -7.05
C SER B 38 -7.63 20.06 -6.50
N LYS B 39 -6.82 21.13 -6.41
CA LYS B 39 -5.46 21.10 -5.83
C LYS B 39 -5.48 20.80 -4.32
N SER B 40 -6.61 21.09 -3.66
CA SER B 40 -6.82 20.79 -2.25
C SER B 40 -6.90 19.26 -2.04
N ALA B 41 -7.72 18.59 -2.87
CA ALA B 41 -7.85 17.12 -2.86
C ALA B 41 -6.58 16.43 -3.37
N MET B 42 -5.88 17.11 -4.31
CA MET B 42 -4.59 16.65 -4.87
C MET B 42 -3.51 16.64 -3.79
N GLU B 43 -3.49 17.71 -2.99
CA GLU B 43 -2.55 17.87 -1.87
C GLU B 43 -2.84 16.83 -0.76
N ARG B 44 -4.13 16.50 -0.58
CA ARG B 44 -4.57 15.42 0.35
C ARG B 44 -4.15 14.04 -0.19
N LEU B 45 -4.28 13.86 -1.51
CA LEU B 45 -3.93 12.61 -2.19
C LEU B 45 -2.42 12.32 -2.05
N LYS B 46 -1.60 13.37 -2.21
CA LYS B 46 -0.15 13.32 -2.00
C LYS B 46 0.19 12.94 -0.56
N ARG B 47 -0.49 13.59 0.40
CA ARG B 47 -0.33 13.33 1.84
C ARG B 47 -0.62 11.85 2.17
N GLY B 48 -1.58 11.27 1.42
CA GLY B 48 -1.91 9.85 1.53
C GLY B 48 -0.75 8.95 1.15
N ILE B 49 0.06 9.36 0.17
CA ILE B 49 1.29 8.64 -0.22
C ILE B 49 2.35 8.77 0.90
N ILE B 50 2.49 9.97 1.49
CA ILE B 50 3.41 10.19 2.65
C ILE B 50 2.99 9.30 3.83
N HIS B 51 1.66 9.16 3.99
CA HIS B 51 1.04 8.38 5.07
C HIS B 51 1.35 6.90 4.87
N ALA B 52 0.97 6.38 3.69
CA ALA B 52 1.05 4.95 3.37
C ALA B 52 2.50 4.46 3.27
N ARG B 53 3.40 5.31 2.73
CA ARG B 53 4.81 4.95 2.48
C ARG B 53 5.53 4.70 3.82
N ALA B 54 5.26 5.57 4.80
CA ALA B 54 5.85 5.46 6.14
C ALA B 54 5.34 4.21 6.88
N LEU B 55 4.06 3.86 6.60
CA LEU B 55 3.42 2.66 7.18
C LEU B 55 4.06 1.38 6.63
N VAL B 56 4.22 1.29 5.29
CA VAL B 56 4.84 0.12 4.64
C VAL B 56 6.31 -0.02 5.09
N ARG B 57 7.01 1.14 5.18
CA ARG B 57 8.44 1.20 5.51
C ARG B 57 8.72 0.62 6.91
N GLU B 58 7.94 1.09 7.92
CA GLU B 58 8.07 0.60 9.30
C GLU B 58 7.64 -0.87 9.41
N CYS B 59 6.58 -1.24 8.65
CA CYS B 59 6.02 -2.60 8.66
C CYS B 59 6.97 -3.62 8.01
N LEU B 60 7.92 -3.16 7.16
CA LEU B 60 8.96 -4.03 6.54
C LEU B 60 9.71 -4.87 7.61
N ALA B 61 9.92 -4.26 8.80
CA ALA B 61 10.62 -4.89 9.93
C ALA B 61 9.81 -6.08 10.51
N GLU B 62 8.57 -5.82 10.97
CA GLU B 62 7.69 -6.89 11.50
C GLU B 62 7.33 -7.94 10.44
N THR B 63 7.13 -7.50 9.18
CA THR B 63 6.89 -8.37 8.03
C THR B 63 8.04 -9.37 7.86
N GLU B 64 9.25 -8.85 8.05
CA GLU B 64 10.47 -9.65 7.97
C GLU B 64 10.49 -10.76 9.03
N ARG B 65 9.91 -10.48 10.20
CA ARG B 65 9.81 -11.45 11.31
C ARG B 65 8.51 -12.30 11.17
N ASN B 66 7.57 -11.83 10.32
CA ASN B 66 6.29 -12.52 10.05
C ASN B 66 6.51 -13.69 9.07
N ALA B 67 6.36 -13.43 7.77
CA ALA B 67 6.30 -14.45 6.71
C ALA B 67 6.03 -13.79 5.35
N ARG B 68 5.94 -14.64 4.32
CA ARG B 68 5.60 -14.24 2.93
C ARG B 68 4.81 -15.35 2.23
N THR B 69 4.39 -16.39 2.98
CA THR B 69 3.57 -17.49 2.45
C THR B 69 2.10 -17.03 2.35
N SER A 1 15.27 -33.09 -27.82
CA SER A 1 15.16 -33.45 -26.38
C SER A 1 15.74 -32.31 -25.50
N HIS A 2 16.10 -31.17 -26.12
CA HIS A 2 16.62 -29.99 -25.41
C HIS A 2 15.51 -29.33 -24.58
N MET A 3 15.37 -29.76 -23.32
CA MET A 3 14.35 -29.24 -22.39
C MET A 3 15.00 -28.70 -21.12
N ALA A 4 14.56 -27.50 -20.70
CA ALA A 4 14.98 -26.87 -19.44
C ALA A 4 13.73 -26.35 -18.74
N MET A 5 13.59 -26.70 -17.44
CA MET A 5 12.48 -26.23 -16.59
C MET A 5 12.56 -24.70 -16.43
N LYS A 6 13.77 -24.25 -16.04
CA LYS A 6 14.04 -22.85 -15.65
C LYS A 6 13.05 -22.40 -14.54
N PRO A 7 13.09 -23.06 -13.33
CA PRO A 7 12.07 -22.86 -12.26
C PRO A 7 12.10 -21.41 -11.70
N PRO A 8 10.91 -20.72 -11.60
CA PRO A 8 10.84 -19.33 -11.09
C PRO A 8 11.37 -19.24 -9.62
N GLY A 9 12.54 -18.61 -9.46
CA GLY A 9 13.20 -18.50 -8.15
C GLY A 9 12.51 -17.47 -7.25
N ALA A 10 11.35 -17.87 -6.71
CA ALA A 10 10.54 -17.03 -5.82
C ALA A 10 11.21 -16.92 -4.45
N GLN A 11 11.09 -15.76 -3.80
CA GLN A 11 11.63 -15.54 -2.45
C GLN A 11 10.59 -14.83 -1.57
N GLY A 12 10.17 -15.51 -0.49
CA GLY A 12 9.24 -14.96 0.49
C GLY A 12 9.95 -14.10 1.50
N SER A 13 10.53 -12.99 1.04
CA SER A 13 11.29 -12.05 1.91
C SER A 13 10.34 -10.99 2.50
N GLN A 14 9.02 -11.30 2.49
CA GLN A 14 7.90 -10.35 2.71
C GLN A 14 7.68 -9.47 1.44
N SER A 15 8.13 -9.99 0.28
CA SER A 15 8.04 -9.33 -1.04
C SER A 15 6.64 -8.77 -1.41
N THR A 16 5.53 -9.41 -0.96
CA THR A 16 4.17 -8.84 -1.08
C THR A 16 4.10 -7.40 -0.51
N TYR A 17 4.60 -7.26 0.72
CA TYR A 17 4.56 -6.00 1.49
C TYR A 17 5.68 -5.03 1.06
N THR A 18 6.80 -5.57 0.58
CA THR A 18 7.98 -4.78 0.18
C THR A 18 7.73 -4.13 -1.20
N ASP A 19 7.04 -4.88 -2.09
CA ASP A 19 6.54 -4.38 -3.39
C ASP A 19 5.59 -3.19 -3.18
N LEU A 20 4.77 -3.31 -2.12
CA LEU A 20 3.80 -2.27 -1.71
C LEU A 20 4.50 -0.91 -1.44
N LEU A 21 5.70 -0.95 -0.83
CA LEU A 21 6.51 0.27 -0.54
C LEU A 21 6.76 1.09 -1.83
N SER A 22 7.15 0.38 -2.91
CA SER A 22 7.41 0.99 -4.21
C SER A 22 6.12 1.34 -4.96
N VAL A 23 5.01 0.59 -4.69
CA VAL A 23 3.67 0.92 -5.28
C VAL A 23 3.23 2.32 -4.80
N ILE A 24 3.34 2.53 -3.48
CA ILE A 24 3.00 3.81 -2.83
C ILE A 24 3.77 4.98 -3.48
N GLU A 25 5.10 4.79 -3.63
CA GLU A 25 6.01 5.80 -4.18
C GLU A 25 5.67 6.14 -5.65
N GLU A 26 5.43 5.08 -6.45
CA GLU A 26 5.19 5.21 -7.89
C GLU A 26 3.78 5.75 -8.22
N MET A 27 2.86 5.69 -7.26
CA MET A 27 1.56 6.38 -7.41
C MET A 27 1.77 7.90 -7.22
N GLY A 28 2.75 8.27 -6.35
CA GLY A 28 3.05 9.67 -6.02
C GLY A 28 3.51 10.52 -7.21
N LYS A 29 3.96 9.86 -8.28
CA LYS A 29 4.45 10.54 -9.49
C LYS A 29 3.28 10.78 -10.47
N GLU A 30 2.28 9.84 -10.48
CA GLU A 30 1.14 9.89 -11.43
C GLU A 30 -0.04 10.73 -10.87
N ILE A 31 0.08 11.25 -9.65
CA ILE A 31 -0.89 12.20 -9.08
C ILE A 31 -0.89 13.53 -9.87
N ARG A 32 0.32 13.91 -10.33
CA ARG A 32 0.53 15.17 -11.06
C ARG A 32 -0.21 15.16 -12.44
N PRO A 33 0.03 14.17 -13.39
CA PRO A 33 -0.75 14.07 -14.65
C PRO A 33 -2.26 13.81 -14.42
N THR A 34 -2.63 13.08 -13.33
CA THR A 34 -4.04 12.90 -12.90
C THR A 34 -4.71 14.28 -12.68
N TYR A 35 -4.01 15.15 -11.95
CA TYR A 35 -4.42 16.53 -11.68
C TYR A 35 -4.50 17.37 -12.98
N ALA A 36 -3.68 16.99 -13.98
CA ALA A 36 -3.60 17.69 -15.28
C ALA A 36 -4.75 17.29 -16.23
N GLY A 37 -5.54 16.28 -15.82
CA GLY A 37 -6.63 15.75 -16.64
C GLY A 37 -6.23 14.54 -17.47
N SER A 38 -4.96 14.10 -17.38
CA SER A 38 -4.49 12.87 -18.05
C SER A 38 -5.21 11.62 -17.50
N LYS A 39 -6.25 11.18 -18.23
CA LYS A 39 -7.10 10.03 -17.88
C LYS A 39 -6.33 8.69 -17.82
N SER A 40 -5.27 8.55 -18.63
CA SER A 40 -4.46 7.32 -18.69
C SER A 40 -3.69 7.11 -17.37
N ALA A 41 -3.04 8.19 -16.89
CA ALA A 41 -2.28 8.17 -15.63
C ALA A 41 -3.23 8.01 -14.42
N MET A 42 -4.42 8.61 -14.52
CA MET A 42 -5.48 8.53 -13.48
C MET A 42 -6.09 7.12 -13.39
N GLU A 43 -6.21 6.47 -14.56
CA GLU A 43 -6.72 5.09 -14.68
C GLU A 43 -5.72 4.13 -14.02
N ARG A 44 -4.42 4.40 -14.24
CA ARG A 44 -3.31 3.61 -13.70
C ARG A 44 -3.04 3.97 -12.23
N LEU A 45 -3.50 5.16 -11.80
CA LEU A 45 -3.39 5.63 -10.40
C LEU A 45 -4.37 4.86 -9.50
N LYS A 46 -5.64 4.76 -9.98
CA LYS A 46 -6.68 3.96 -9.29
C LYS A 46 -6.35 2.47 -9.36
N ARG A 47 -5.71 2.05 -10.46
CA ARG A 47 -5.22 0.67 -10.65
C ARG A 47 -4.12 0.36 -9.62
N GLY A 48 -3.29 1.39 -9.35
CA GLY A 48 -2.29 1.33 -8.30
C GLY A 48 -2.92 1.14 -6.93
N ILE A 49 -4.10 1.77 -6.70
CA ILE A 49 -4.87 1.57 -5.46
C ILE A 49 -5.50 0.15 -5.40
N ILE A 50 -5.98 -0.39 -6.54
CA ILE A 50 -6.56 -1.76 -6.60
C ILE A 50 -5.48 -2.79 -6.23
N HIS A 51 -4.26 -2.56 -6.76
CA HIS A 51 -3.11 -3.43 -6.54
C HIS A 51 -2.57 -3.26 -5.10
N ALA A 52 -2.53 -2.01 -4.63
CA ALA A 52 -2.02 -1.68 -3.27
C ALA A 52 -2.94 -2.26 -2.18
N ARG A 53 -4.25 -2.15 -2.43
CA ARG A 53 -5.32 -2.69 -1.59
C ARG A 53 -5.23 -4.21 -1.55
N ALA A 54 -4.94 -4.81 -2.73
CA ALA A 54 -4.81 -6.26 -2.89
C ALA A 54 -3.59 -6.79 -2.13
N LEU A 55 -2.49 -5.99 -2.13
CA LEU A 55 -1.24 -6.34 -1.44
C LEU A 55 -1.43 -6.34 0.08
N VAL A 56 -2.11 -5.29 0.60
CA VAL A 56 -2.41 -5.21 2.04
C VAL A 56 -3.38 -6.34 2.44
N ARG A 57 -4.42 -6.55 1.61
CA ARG A 57 -5.53 -7.48 1.90
C ARG A 57 -5.06 -8.94 1.99
N GLU A 58 -4.25 -9.38 1.01
CA GLU A 58 -3.68 -10.75 1.01
C GLU A 58 -2.66 -10.89 2.14
N CYS A 59 -1.86 -9.85 2.35
CA CYS A 59 -0.81 -9.83 3.38
C CYS A 59 -1.41 -9.75 4.80
N LEU A 60 -2.70 -9.33 4.92
CA LEU A 60 -3.44 -9.36 6.21
C LEU A 60 -3.45 -10.80 6.81
N ALA A 61 -3.44 -11.83 5.93
CA ALA A 61 -3.32 -13.24 6.34
C ALA A 61 -1.95 -13.51 6.99
N GLU A 62 -0.86 -13.28 6.24
CA GLU A 62 0.52 -13.54 6.70
C GLU A 62 0.96 -12.63 7.87
N THR A 63 0.47 -11.37 7.92
CA THR A 63 0.91 -10.37 8.92
C THR A 63 0.54 -10.79 10.36
N GLU A 64 -0.40 -11.74 10.49
CA GLU A 64 -0.81 -12.31 11.78
C GLU A 64 0.38 -12.98 12.53
N ARG A 65 1.39 -13.48 11.79
CA ARG A 65 2.65 -14.04 12.37
C ARG A 65 3.38 -12.99 13.23
N ASN A 66 3.28 -11.72 12.82
CA ASN A 66 3.77 -10.57 13.61
C ASN A 66 2.64 -10.12 14.55
N ALA A 67 2.87 -10.28 15.87
CA ALA A 67 1.95 -9.80 16.91
C ALA A 67 1.99 -8.26 16.93
N ARG A 68 1.18 -7.64 16.07
CA ARG A 68 1.21 -6.20 15.81
C ARG A 68 -0.16 -5.58 16.08
N THR A 69 -0.22 -4.73 17.11
CA THR A 69 -1.35 -3.85 17.37
C THR A 69 -1.35 -2.75 16.29
N SER B 1 -22.97 -16.39 -13.76
CA SER B 1 -21.67 -15.83 -14.18
C SER B 1 -21.45 -14.44 -13.54
N HIS B 2 -20.28 -14.28 -12.90
CA HIS B 2 -19.85 -13.02 -12.24
C HIS B 2 -20.82 -12.61 -11.10
N MET B 3 -20.80 -13.39 -10.01
CA MET B 3 -21.45 -13.03 -8.74
C MET B 3 -20.35 -12.68 -7.71
N ALA B 4 -20.05 -11.37 -7.60
CA ALA B 4 -19.01 -10.84 -6.70
C ALA B 4 -19.36 -9.39 -6.35
N MET B 5 -19.33 -9.05 -5.05
CA MET B 5 -19.61 -7.68 -4.55
C MET B 5 -18.42 -7.15 -3.76
N LYS B 6 -17.83 -8.03 -2.91
CA LYS B 6 -16.70 -7.72 -2.01
C LYS B 6 -17.07 -6.58 -1.02
N PRO B 7 -17.63 -6.91 0.20
CA PRO B 7 -17.91 -5.91 1.26
C PRO B 7 -16.72 -4.94 1.50
N PRO B 8 -16.87 -3.61 1.16
CA PRO B 8 -15.78 -2.60 1.26
C PRO B 8 -15.28 -2.40 2.70
N GLY B 9 -16.17 -2.68 3.69
CA GLY B 9 -15.80 -2.66 5.09
C GLY B 9 -15.16 -3.98 5.52
N ALA B 10 -14.05 -4.33 4.85
CA ALA B 10 -13.30 -5.57 5.10
C ALA B 10 -11.95 -5.23 5.75
N GLN B 11 -11.94 -5.25 7.08
CA GLN B 11 -10.76 -4.89 7.89
C GLN B 11 -9.86 -6.12 8.14
N GLY B 12 -8.80 -5.93 8.95
CA GLY B 12 -7.87 -7.01 9.32
C GLY B 12 -7.54 -6.98 10.82
N SER B 13 -6.85 -8.04 11.29
CA SER B 13 -6.49 -8.22 12.71
C SER B 13 -5.48 -7.14 13.17
N GLN B 14 -4.38 -7.00 12.39
CA GLN B 14 -3.32 -6.00 12.63
C GLN B 14 -3.83 -4.57 12.30
N SER B 15 -4.37 -3.87 13.33
CA SER B 15 -4.97 -2.51 13.23
C SER B 15 -4.14 -1.48 12.41
N THR B 16 -2.86 -1.31 12.77
CA THR B 16 -1.92 -0.41 12.05
C THR B 16 -1.77 -0.75 10.55
N TYR B 17 -1.83 -2.05 10.22
CA TYR B 17 -1.74 -2.53 8.84
C TYR B 17 -3.10 -2.39 8.12
N THR B 18 -4.19 -2.44 8.91
CA THR B 18 -5.56 -2.20 8.44
C THR B 18 -5.76 -0.68 8.21
N ASP B 19 -4.98 0.14 8.95
CA ASP B 19 -4.96 1.60 8.79
C ASP B 19 -4.37 1.92 7.41
N LEU B 20 -3.27 1.21 7.07
CA LEU B 20 -2.61 1.29 5.76
C LEU B 20 -3.57 0.89 4.63
N LEU B 21 -4.36 -0.20 4.83
CA LEU B 21 -5.45 -0.62 3.91
C LEU B 21 -6.46 0.53 3.70
N SER B 22 -6.76 1.23 4.81
CA SER B 22 -7.69 2.35 4.83
C SER B 22 -7.09 3.57 4.10
N VAL B 23 -5.75 3.76 4.19
CA VAL B 23 -5.06 4.88 3.51
C VAL B 23 -5.11 4.68 1.99
N ILE B 24 -4.94 3.41 1.54
CA ILE B 24 -5.09 3.04 0.12
C ILE B 24 -6.44 3.53 -0.43
N GLU B 25 -7.49 3.36 0.40
CA GLU B 25 -8.87 3.73 0.06
C GLU B 25 -9.15 5.23 0.22
N GLU B 26 -8.45 5.91 1.14
CA GLU B 26 -8.56 7.38 1.28
C GLU B 26 -7.98 8.06 0.04
N MET B 27 -6.89 7.49 -0.48
CA MET B 27 -6.24 7.95 -1.70
C MET B 27 -7.14 7.66 -2.90
N GLY B 28 -7.57 6.38 -3.00
CA GLY B 28 -8.44 5.90 -4.10
C GLY B 28 -9.76 6.65 -4.23
N LYS B 29 -10.18 7.24 -3.10
CA LYS B 29 -11.39 8.06 -3.02
C LYS B 29 -11.14 9.45 -3.63
N GLU B 30 -10.02 10.08 -3.18
CA GLU B 30 -9.68 11.48 -3.51
C GLU B 30 -8.90 11.62 -4.84
N ILE B 31 -8.81 10.53 -5.63
CA ILE B 31 -8.25 10.60 -6.99
C ILE B 31 -9.22 11.36 -7.93
N ARG B 32 -10.54 11.25 -7.63
CA ARG B 32 -11.60 11.84 -8.47
C ARG B 32 -11.58 13.40 -8.41
N PRO B 33 -11.66 14.08 -7.20
CA PRO B 33 -11.55 15.57 -7.13
C PRO B 33 -10.15 16.09 -7.55
N THR B 34 -9.08 15.27 -7.33
CA THR B 34 -7.72 15.55 -7.87
C THR B 34 -7.76 15.68 -9.40
N TYR B 35 -8.42 14.69 -10.03
CA TYR B 35 -8.62 14.62 -11.48
C TYR B 35 -9.56 15.75 -11.97
N ALA B 36 -10.37 16.31 -11.05
CA ALA B 36 -11.32 17.40 -11.35
C ALA B 36 -10.65 18.79 -11.20
N GLY B 37 -9.37 18.79 -10.80
CA GLY B 37 -8.60 20.03 -10.64
C GLY B 37 -8.60 20.61 -9.22
N SER B 38 -9.27 19.93 -8.26
CA SER B 38 -9.23 20.32 -6.83
C SER B 38 -7.82 20.11 -6.22
N LYS B 39 -7.04 21.22 -6.12
CA LYS B 39 -5.69 21.22 -5.51
C LYS B 39 -5.67 20.66 -4.09
N SER B 40 -6.74 20.95 -3.33
CA SER B 40 -6.90 20.53 -1.93
C SER B 40 -6.87 19.00 -1.82
N ALA B 41 -7.66 18.32 -2.68
CA ALA B 41 -7.73 16.86 -2.75
C ALA B 41 -6.41 16.25 -3.21
N MET B 42 -5.73 16.96 -4.14
CA MET B 42 -4.46 16.50 -4.75
C MET B 42 -3.30 16.47 -3.75
N GLU B 43 -3.25 17.48 -2.86
CA GLU B 43 -2.21 17.56 -1.82
C GLU B 43 -2.54 16.62 -0.64
N ARG B 44 -3.85 16.34 -0.43
CA ARG B 44 -4.31 15.31 0.52
C ARG B 44 -4.02 13.90 -0.05
N LEU B 45 -4.05 13.79 -1.40
CA LEU B 45 -3.78 12.54 -2.12
C LEU B 45 -2.28 12.19 -2.00
N LYS B 46 -1.41 13.22 -2.13
CA LYS B 46 0.04 13.07 -1.91
C LYS B 46 0.36 12.82 -0.43
N ARG B 47 -0.36 13.50 0.51
CA ARG B 47 -0.14 13.27 1.96
C ARG B 47 -0.53 11.84 2.33
N GLY B 48 -1.52 11.29 1.60
CA GLY B 48 -1.90 9.89 1.73
C GLY B 48 -0.73 8.95 1.45
N ILE B 49 0.01 9.26 0.38
CA ILE B 49 1.19 8.49 -0.04
C ILE B 49 2.40 8.74 0.88
N ILE B 50 2.53 9.97 1.41
CA ILE B 50 3.57 10.31 2.39
C ILE B 50 3.36 9.48 3.68
N HIS B 51 2.08 9.38 4.07
CA HIS B 51 1.63 8.62 5.24
C HIS B 51 1.83 7.12 5.01
N ALA B 52 1.38 6.64 3.84
CA ALA B 52 1.40 5.21 3.50
C ALA B 52 2.84 4.70 3.33
N ARG B 53 3.72 5.57 2.80
CA ARG B 53 5.17 5.27 2.58
C ARG B 53 5.84 4.98 3.93
N ALA B 54 5.48 5.79 4.95
CA ALA B 54 5.97 5.65 6.32
C ALA B 54 5.45 4.37 6.97
N LEU B 55 4.13 4.11 6.79
CA LEU B 55 3.44 2.92 7.36
C LEU B 55 4.08 1.61 6.87
N VAL B 56 4.33 1.53 5.54
CA VAL B 56 4.95 0.34 4.93
C VAL B 56 6.37 0.15 5.47
N ARG B 57 7.19 1.22 5.39
CA ARG B 57 8.65 1.16 5.66
C ARG B 57 8.97 0.80 7.13
N GLU B 58 8.26 1.43 8.07
CA GLU B 58 8.46 1.23 9.51
C GLU B 58 7.98 -0.17 9.94
N CYS B 59 6.88 -0.64 9.32
CA CYS B 59 6.38 -1.99 9.58
C CYS B 59 7.24 -3.04 8.83
N LEU B 60 8.00 -2.62 7.80
CA LEU B 60 8.99 -3.48 7.11
C LEU B 60 10.22 -3.73 8.03
N ALA B 61 10.53 -2.77 8.92
CA ALA B 61 11.59 -2.94 9.93
C ALA B 61 11.29 -4.12 10.89
N GLU B 62 10.03 -4.19 11.37
CA GLU B 62 9.57 -5.28 12.26
C GLU B 62 9.10 -6.52 11.48
N THR B 63 8.81 -6.37 10.16
CA THR B 63 8.26 -7.46 9.32
C THR B 63 9.24 -8.62 9.16
N GLU B 64 10.53 -8.36 9.46
CA GLU B 64 11.58 -9.39 9.56
C GLU B 64 11.09 -10.63 10.36
N ARG B 65 10.41 -10.36 11.48
CA ARG B 65 9.78 -11.39 12.33
C ARG B 65 8.70 -12.17 11.57
N ASN B 66 7.90 -11.43 10.79
CA ASN B 66 6.73 -11.94 10.06
C ASN B 66 7.16 -12.79 8.84
N ALA B 67 8.28 -12.40 8.22
CA ALA B 67 8.87 -13.15 7.11
C ALA B 67 9.47 -14.44 7.70
N ARG B 68 8.67 -15.50 7.68
CA ARG B 68 8.90 -16.72 8.45
C ARG B 68 9.00 -17.93 7.51
N THR B 69 10.24 -18.25 7.12
CA THR B 69 10.55 -19.38 6.24
C THR B 69 10.49 -20.69 7.07
N SER A 1 21.94 -4.76 29.11
CA SER A 1 21.62 -5.34 27.79
C SER A 1 21.90 -4.30 26.68
N HIS A 2 22.51 -4.74 25.57
CA HIS A 2 22.78 -3.89 24.39
C HIS A 2 22.66 -4.72 23.10
N MET A 3 22.20 -4.05 22.04
CA MET A 3 21.99 -4.64 20.72
C MET A 3 22.62 -3.73 19.67
N ALA A 4 23.03 -4.32 18.54
CA ALA A 4 23.58 -3.57 17.39
C ALA A 4 22.41 -2.96 16.58
N MET A 5 21.74 -1.98 17.20
CA MET A 5 20.53 -1.35 16.65
C MET A 5 20.93 -0.33 15.57
N LYS A 6 20.96 -0.82 14.34
CA LYS A 6 21.24 -0.05 13.14
C LYS A 6 20.55 -0.77 11.96
N PRO A 7 19.17 -0.66 11.84
CA PRO A 7 18.41 -1.38 10.79
C PRO A 7 18.88 -0.97 9.36
N PRO A 8 19.51 -1.91 8.57
CA PRO A 8 20.09 -1.61 7.23
C PRO A 8 19.10 -0.99 6.23
N GLY A 9 17.80 -1.19 6.50
CA GLY A 9 16.74 -0.77 5.61
C GLY A 9 16.61 -1.70 4.42
N ALA A 10 16.78 -3.01 4.68
CA ALA A 10 16.70 -4.03 3.64
C ALA A 10 15.27 -4.10 3.08
N GLN A 11 15.07 -3.39 1.96
CA GLN A 11 13.77 -3.31 1.27
C GLN A 11 13.41 -4.67 0.64
N GLY A 12 12.87 -5.54 1.48
CA GLY A 12 12.47 -6.89 1.13
C GLY A 12 11.49 -7.37 2.16
N SER A 13 11.94 -8.27 3.05
CA SER A 13 11.19 -8.74 4.23
C SER A 13 9.94 -9.56 3.81
N GLN A 14 8.93 -8.85 3.30
CA GLN A 14 7.70 -9.42 2.76
C GLN A 14 7.67 -8.98 1.27
N SER A 15 7.76 -9.95 0.34
CA SER A 15 8.16 -9.67 -1.06
C SER A 15 7.08 -8.91 -1.84
N THR A 16 5.83 -9.42 -1.77
CA THR A 16 4.68 -8.79 -2.43
C THR A 16 4.31 -7.45 -1.77
N TYR A 17 4.73 -7.29 -0.49
CA TYR A 17 4.57 -6.04 0.28
C TYR A 17 5.72 -5.04 -0.05
N THR A 18 6.85 -5.56 -0.58
CA THR A 18 7.97 -4.71 -1.06
C THR A 18 7.53 -3.99 -2.34
N ASP A 19 6.81 -4.76 -3.22
CA ASP A 19 6.12 -4.23 -4.40
C ASP A 19 5.29 -3.02 -4.02
N LEU A 20 4.58 -3.13 -2.87
CA LEU A 20 3.68 -2.08 -2.37
C LEU A 20 4.43 -0.78 -2.06
N LEU A 21 5.63 -0.88 -1.43
CA LEU A 21 6.48 0.30 -1.13
C LEU A 21 6.78 1.10 -2.42
N SER A 22 7.01 0.33 -3.51
CA SER A 22 7.24 0.88 -4.85
C SER A 22 5.93 1.44 -5.46
N VAL A 23 4.79 0.70 -5.30
CA VAL A 23 3.48 1.05 -5.90
C VAL A 23 2.96 2.39 -5.35
N ILE A 24 3.11 2.59 -4.02
CA ILE A 24 2.71 3.82 -3.34
C ILE A 24 3.40 5.04 -3.97
N GLU A 25 4.74 4.94 -4.09
CA GLU A 25 5.59 6.01 -4.60
C GLU A 25 5.38 6.21 -6.13
N GLU A 26 5.05 5.10 -6.84
CA GLU A 26 4.65 5.15 -8.26
C GLU A 26 3.43 6.05 -8.42
N MET A 27 2.37 5.70 -7.67
CA MET A 27 1.13 6.49 -7.61
C MET A 27 1.41 7.94 -7.24
N GLY A 28 2.32 8.14 -6.28
CA GLY A 28 2.66 9.44 -5.72
C GLY A 28 3.11 10.46 -6.74
N LYS A 29 4.10 10.08 -7.58
CA LYS A 29 4.58 10.94 -8.67
C LYS A 29 3.51 11.10 -9.78
N GLU A 30 2.66 10.06 -9.92
CA GLU A 30 1.63 10.00 -10.98
C GLU A 30 0.33 10.72 -10.57
N ILE A 31 0.29 11.28 -9.34
CA ILE A 31 -0.81 12.15 -8.88
C ILE A 31 -0.72 13.52 -9.57
N ARG A 32 0.53 13.98 -9.83
CA ARG A 32 0.77 15.27 -10.47
C ARG A 32 0.18 15.29 -11.92
N PRO A 33 0.53 14.35 -12.87
CA PRO A 33 -0.11 14.30 -14.21
C PRO A 33 -1.62 13.98 -14.16
N THR A 34 -2.08 13.21 -13.12
CA THR A 34 -3.53 12.98 -12.88
C THR A 34 -4.26 14.32 -12.66
N TYR A 35 -3.64 15.16 -11.82
CA TYR A 35 -4.12 16.50 -11.54
C TYR A 35 -4.02 17.39 -12.80
N ALA A 36 -3.03 17.12 -13.66
CA ALA A 36 -2.80 17.88 -14.90
C ALA A 36 -3.79 17.48 -16.01
N GLY A 37 -4.68 16.51 -15.73
CA GLY A 37 -5.72 16.09 -16.68
C GLY A 37 -5.38 14.83 -17.46
N SER A 38 -4.14 14.30 -17.28
CA SER A 38 -3.72 13.03 -17.91
C SER A 38 -4.52 11.83 -17.34
N LYS A 39 -5.55 11.40 -18.09
CA LYS A 39 -6.36 10.20 -17.78
C LYS A 39 -5.49 8.92 -17.71
N SER A 40 -4.34 8.93 -18.40
CA SER A 40 -3.36 7.83 -18.36
C SER A 40 -2.80 7.63 -16.94
N ALA A 41 -2.38 8.76 -16.32
CA ALA A 41 -1.87 8.78 -14.95
C ALA A 41 -2.96 8.38 -13.94
N MET A 42 -4.19 8.89 -14.17
CA MET A 42 -5.37 8.58 -13.34
C MET A 42 -5.71 7.07 -13.39
N GLU A 43 -5.51 6.46 -14.58
CA GLU A 43 -5.73 5.04 -14.80
C GLU A 43 -4.74 4.22 -13.94
N ARG A 44 -3.48 4.67 -13.92
CA ARG A 44 -2.40 4.02 -13.14
C ARG A 44 -2.57 4.27 -11.64
N LEU A 45 -3.19 5.41 -11.32
CA LEU A 45 -3.40 5.84 -9.92
C LEU A 45 -4.51 4.98 -9.28
N LYS A 46 -5.66 4.85 -9.97
CA LYS A 46 -6.78 3.98 -9.55
C LYS A 46 -6.36 2.49 -9.51
N ARG A 47 -5.69 2.02 -10.59
CA ARG A 47 -5.11 0.66 -10.66
C ARG A 47 -4.13 0.41 -9.51
N GLY A 48 -3.41 1.49 -9.15
CA GLY A 48 -2.50 1.48 -8.03
C GLY A 48 -3.21 1.15 -6.73
N ILE A 49 -4.34 1.86 -6.45
CA ILE A 49 -5.14 1.66 -5.22
C ILE A 49 -5.75 0.24 -5.14
N ILE A 50 -6.33 -0.26 -6.25
CA ILE A 50 -6.97 -1.60 -6.30
C ILE A 50 -5.95 -2.70 -5.92
N HIS A 51 -4.78 -2.59 -6.57
CA HIS A 51 -3.66 -3.50 -6.37
C HIS A 51 -3.04 -3.30 -4.96
N ALA A 52 -2.94 -2.05 -4.52
CA ALA A 52 -2.29 -1.69 -3.25
C ALA A 52 -3.02 -2.28 -2.04
N ARG A 53 -4.36 -2.16 -2.05
CA ARG A 53 -5.24 -2.65 -0.97
C ARG A 53 -5.24 -4.18 -0.94
N ALA A 54 -4.99 -4.81 -2.11
CA ALA A 54 -4.85 -6.26 -2.23
C ALA A 54 -3.56 -6.72 -1.53
N LEU A 55 -2.47 -5.95 -1.70
CA LEU A 55 -1.14 -6.28 -1.13
C LEU A 55 -1.13 -6.19 0.41
N VAL A 56 -1.82 -5.16 0.95
CA VAL A 56 -1.97 -4.99 2.42
C VAL A 56 -2.77 -6.17 3.00
N ARG A 57 -3.87 -6.48 2.30
CA ARG A 57 -4.83 -7.53 2.69
C ARG A 57 -4.18 -8.91 2.68
N GLU A 58 -3.36 -9.19 1.65
CA GLU A 58 -2.64 -10.45 1.51
C GLU A 58 -1.60 -10.60 2.62
N CYS A 59 -0.93 -9.49 2.94
CA CYS A 59 0.12 -9.45 3.97
C CYS A 59 -0.45 -9.60 5.37
N LEU A 60 -1.73 -9.15 5.57
CA LEU A 60 -2.46 -9.27 6.86
C LEU A 60 -2.40 -10.70 7.44
N ALA A 61 -2.53 -11.70 6.55
CA ALA A 61 -2.52 -13.13 6.92
C ALA A 61 -1.32 -13.52 7.80
N GLU A 62 -0.12 -13.19 7.32
CA GLU A 62 1.14 -13.46 8.03
C GLU A 62 1.51 -12.36 9.04
N THR A 63 0.94 -11.16 8.86
CA THR A 63 1.16 -10.02 9.79
C THR A 63 0.51 -10.35 11.16
N GLU A 64 -0.61 -11.13 11.12
CA GLU A 64 -1.29 -11.65 12.32
C GLU A 64 -0.36 -12.55 13.15
N ARG A 65 0.55 -13.25 12.46
CA ARG A 65 1.53 -14.16 13.09
C ARG A 65 2.60 -13.34 13.84
N ASN A 66 2.91 -12.16 13.29
CA ASN A 66 3.83 -11.19 13.91
C ASN A 66 3.06 -10.36 14.96
N ALA A 67 3.36 -10.55 16.24
CA ALA A 67 2.81 -9.70 17.33
C ALA A 67 3.73 -8.48 17.52
N ARG A 68 3.13 -7.33 17.92
CA ARG A 68 3.86 -6.06 18.08
C ARG A 68 4.84 -6.14 19.28
N THR A 69 6.06 -6.52 18.98
CA THR A 69 7.15 -6.59 19.95
C THR A 69 7.83 -5.20 20.08
N SER B 1 -2.77 -8.79 -12.14
CA SER B 1 -3.00 -9.82 -11.10
C SER B 1 -4.51 -9.93 -10.80
N HIS B 2 -4.98 -11.16 -10.52
CA HIS B 2 -6.37 -11.42 -10.14
C HIS B 2 -6.41 -12.70 -9.27
N MET B 3 -6.79 -12.53 -8.00
CA MET B 3 -6.87 -13.63 -7.02
C MET B 3 -8.08 -13.38 -6.12
N ALA B 4 -8.98 -14.37 -6.02
CA ALA B 4 -10.19 -14.29 -5.16
C ALA B 4 -9.82 -14.70 -3.72
N MET B 5 -8.99 -13.87 -3.08
CA MET B 5 -8.40 -14.17 -1.78
C MET B 5 -9.38 -13.87 -0.63
N LYS B 6 -9.10 -14.48 0.52
CA LYS B 6 -9.83 -14.22 1.78
C LYS B 6 -8.88 -14.40 2.99
N PRO B 7 -7.97 -13.41 3.26
CA PRO B 7 -7.26 -13.29 4.54
C PRO B 7 -8.10 -12.46 5.54
N PRO B 8 -8.86 -13.12 6.48
CA PRO B 8 -9.87 -12.43 7.32
C PRO B 8 -9.24 -11.43 8.32
N GLY B 9 -9.45 -10.13 8.07
CA GLY B 9 -8.95 -9.07 8.93
C GLY B 9 -9.96 -8.66 9.99
N ALA B 10 -10.36 -9.63 10.83
CA ALA B 10 -11.35 -9.43 11.91
C ALA B 10 -10.68 -8.82 13.17
N GLN B 11 -11.40 -8.80 14.32
CA GLN B 11 -10.86 -8.32 15.60
C GLN B 11 -9.78 -9.29 16.09
N GLY B 12 -8.53 -8.88 15.91
CA GLY B 12 -7.36 -9.69 16.23
C GLY B 12 -6.20 -9.27 15.36
N SER B 13 -6.51 -8.92 14.09
CA SER B 13 -5.52 -8.41 13.13
C SER B 13 -4.93 -7.07 13.61
N GLN B 14 -3.75 -6.75 13.10
CA GLN B 14 -3.03 -5.53 13.45
C GLN B 14 -3.81 -4.31 12.97
N SER B 15 -4.60 -3.71 13.88
CA SER B 15 -5.39 -2.49 13.61
C SER B 15 -4.52 -1.34 13.09
N THR B 16 -3.34 -1.14 13.72
CA THR B 16 -2.33 -0.18 13.26
C THR B 16 -1.92 -0.42 11.79
N TYR B 17 -1.94 -1.69 11.35
CA TYR B 17 -1.62 -2.08 9.97
C TYR B 17 -2.85 -1.90 9.05
N THR B 18 -4.04 -2.10 9.65
CA THR B 18 -5.35 -1.85 8.99
C THR B 18 -5.50 -0.35 8.60
N ASP B 19 -4.73 0.54 9.28
CA ASP B 19 -4.62 1.96 8.89
C ASP B 19 -4.25 2.08 7.42
N LEU B 20 -3.16 1.38 7.03
CA LEU B 20 -2.67 1.32 5.64
C LEU B 20 -3.75 0.82 4.67
N LEU B 21 -4.40 -0.30 5.06
CA LEU B 21 -5.48 -0.94 4.29
C LEU B 21 -6.61 0.07 3.95
N SER B 22 -6.97 0.89 4.96
CA SER B 22 -7.98 1.94 4.85
C SER B 22 -7.45 3.13 4.01
N VAL B 23 -6.20 3.59 4.30
CA VAL B 23 -5.58 4.77 3.66
C VAL B 23 -5.58 4.64 2.13
N ILE B 24 -5.32 3.41 1.65
CA ILE B 24 -5.37 3.08 0.22
C ILE B 24 -6.73 3.48 -0.41
N GLU B 25 -7.83 2.93 0.15
CA GLU B 25 -9.19 3.14 -0.40
C GLU B 25 -9.71 4.56 -0.11
N GLU B 26 -9.16 5.21 0.94
CA GLU B 26 -9.47 6.61 1.25
C GLU B 26 -8.87 7.54 0.17
N MET B 27 -7.70 7.17 -0.34
CA MET B 27 -7.06 7.86 -1.47
C MET B 27 -7.80 7.55 -2.78
N GLY B 28 -8.32 6.31 -2.88
CA GLY B 28 -9.00 5.81 -4.09
C GLY B 28 -10.19 6.65 -4.54
N LYS B 29 -10.95 7.17 -3.57
CA LYS B 29 -12.11 8.06 -3.84
C LYS B 29 -11.64 9.49 -4.22
N GLU B 30 -10.48 9.90 -3.67
CA GLU B 30 -9.95 11.28 -3.80
C GLU B 30 -9.17 11.48 -5.11
N ILE B 31 -9.03 10.41 -5.89
CA ILE B 31 -8.46 10.47 -7.25
C ILE B 31 -9.41 11.26 -8.18
N ARG B 32 -10.73 11.13 -7.92
CA ARG B 32 -11.78 11.80 -8.71
C ARG B 32 -11.72 13.34 -8.55
N PRO B 33 -11.85 13.97 -7.31
CA PRO B 33 -11.74 15.44 -7.15
C PRO B 33 -10.36 15.99 -7.62
N THR B 34 -9.27 15.23 -7.37
CA THR B 34 -7.91 15.56 -7.85
C THR B 34 -7.88 15.75 -9.39
N TYR B 35 -8.43 14.76 -10.09
CA TYR B 35 -8.54 14.76 -11.55
C TYR B 35 -9.51 15.85 -12.05
N ALA B 36 -10.44 16.28 -11.17
CA ALA B 36 -11.44 17.32 -11.47
C ALA B 36 -10.88 18.73 -11.20
N GLY B 37 -9.58 18.82 -10.85
CA GLY B 37 -8.90 20.11 -10.69
C GLY B 37 -8.79 20.59 -9.25
N SER B 38 -9.36 19.81 -8.30
CA SER B 38 -9.24 20.10 -6.86
C SER B 38 -7.82 19.82 -6.35
N LYS B 39 -7.00 20.90 -6.27
CA LYS B 39 -5.62 20.85 -5.72
C LYS B 39 -5.62 20.46 -4.22
N SER B 40 -6.77 20.71 -3.55
CA SER B 40 -6.99 20.37 -2.15
C SER B 40 -7.00 18.85 -1.94
N ALA B 41 -7.73 18.15 -2.84
CA ALA B 41 -7.79 16.69 -2.87
C ALA B 41 -6.44 16.09 -3.26
N MET B 42 -5.76 16.74 -4.24
CA MET B 42 -4.40 16.35 -4.68
C MET B 42 -3.38 16.43 -3.52
N GLU B 43 -3.55 17.47 -2.69
CA GLU B 43 -2.70 17.72 -1.51
C GLU B 43 -2.83 16.55 -0.51
N ARG B 44 -4.08 16.15 -0.28
CA ARG B 44 -4.43 15.05 0.65
C ARG B 44 -4.06 13.68 0.06
N LEU B 45 -4.09 13.59 -1.28
CA LEU B 45 -3.81 12.37 -2.04
C LEU B 45 -2.31 12.05 -2.00
N LYS B 46 -1.47 13.08 -2.27
CA LYS B 46 0.00 12.99 -2.17
C LYS B 46 0.45 12.76 -0.72
N ARG B 47 -0.23 13.44 0.22
CA ARG B 47 -0.01 13.23 1.68
C ARG B 47 -0.36 11.79 2.07
N GLY B 48 -1.39 11.24 1.40
CA GLY B 48 -1.81 9.86 1.59
C GLY B 48 -0.74 8.89 1.13
N ILE B 49 -0.02 9.25 0.05
CA ILE B 49 1.14 8.46 -0.43
C ILE B 49 2.32 8.57 0.55
N ILE B 50 2.59 9.77 1.10
CA ILE B 50 3.66 9.96 2.10
C ILE B 50 3.36 9.11 3.35
N HIS B 51 2.07 9.10 3.74
CA HIS B 51 1.56 8.36 4.89
C HIS B 51 1.70 6.85 4.63
N ALA B 52 1.16 6.40 3.50
CA ALA B 52 1.10 4.98 3.13
C ALA B 52 2.51 4.39 2.93
N ARG B 53 3.42 5.20 2.34
CA ARG B 53 4.81 4.78 2.05
C ARG B 53 5.59 4.64 3.36
N ALA B 54 5.31 5.53 4.32
CA ALA B 54 5.91 5.49 5.67
C ALA B 54 5.38 4.27 6.45
N LEU B 55 4.08 3.96 6.24
CA LEU B 55 3.42 2.81 6.87
C LEU B 55 4.02 1.48 6.38
N VAL B 56 4.26 1.39 5.05
CA VAL B 56 4.90 0.21 4.43
C VAL B 56 6.35 0.07 4.89
N ARG B 57 7.05 1.22 4.95
CA ARG B 57 8.50 1.29 5.26
C ARG B 57 8.79 0.74 6.67
N GLU B 58 8.08 1.29 7.66
CA GLU B 58 8.27 0.94 9.08
C GLU B 58 7.70 -0.45 9.40
N CYS B 59 6.69 -0.90 8.63
CA CYS B 59 6.10 -2.22 8.83
C CYS B 59 7.04 -3.32 8.33
N LEU B 60 7.69 -3.09 7.16
CA LEU B 60 8.72 -4.01 6.58
C LEU B 60 9.81 -4.34 7.63
N ALA B 61 10.10 -3.36 8.51
CA ALA B 61 11.07 -3.49 9.59
C ALA B 61 10.73 -4.67 10.52
N GLU B 62 9.51 -4.64 11.12
CA GLU B 62 9.06 -5.67 12.08
C GLU B 62 8.45 -6.92 11.39
N THR B 63 8.06 -6.77 10.09
CA THR B 63 7.47 -7.89 9.30
C THR B 63 8.61 -8.84 8.85
N GLU B 64 9.85 -8.31 8.85
CA GLU B 64 11.08 -9.08 8.57
C GLU B 64 11.35 -10.10 9.70
N ARG B 65 10.79 -9.85 10.89
CA ARG B 65 10.83 -10.78 12.03
C ARG B 65 10.05 -12.07 11.69
N ASN B 66 8.89 -11.90 11.02
CA ASN B 66 8.02 -13.02 10.61
C ASN B 66 8.73 -13.87 9.54
N ALA B 67 9.18 -15.07 9.94
CA ALA B 67 9.89 -16.01 9.06
C ALA B 67 8.94 -16.56 7.99
N ARG B 68 9.47 -16.72 6.77
CA ARG B 68 8.70 -17.17 5.60
C ARG B 68 8.39 -18.68 5.70
N THR B 69 7.21 -18.98 6.24
CA THR B 69 6.67 -20.35 6.33
C THR B 69 5.19 -20.31 5.89
N SER A 1 -1.47 -37.51 17.22
CA SER A 1 -0.19 -36.96 17.68
C SER A 1 0.37 -36.01 16.61
N HIS A 2 1.49 -35.35 16.94
CA HIS A 2 2.17 -34.45 16.00
C HIS A 2 2.94 -35.27 14.95
N MET A 3 2.43 -35.27 13.71
CA MET A 3 3.07 -35.97 12.58
C MET A 3 3.22 -34.98 11.42
N ALA A 4 4.47 -34.52 11.19
CA ALA A 4 4.80 -33.51 10.19
C ALA A 4 6.27 -33.67 9.79
N MET A 5 6.55 -33.57 8.48
CA MET A 5 7.92 -33.62 7.94
C MET A 5 8.65 -32.27 8.16
N LYS A 6 7.84 -31.20 8.37
CA LYS A 6 8.30 -29.81 8.63
C LYS A 6 9.19 -29.29 7.47
N PRO A 7 8.58 -28.56 6.47
CA PRO A 7 9.33 -27.89 5.37
C PRO A 7 10.35 -26.83 5.88
N PRO A 8 11.40 -26.45 5.07
CA PRO A 8 12.40 -25.43 5.45
C PRO A 8 11.75 -24.06 5.73
N GLY A 9 11.48 -23.81 7.02
CA GLY A 9 10.84 -22.57 7.47
C GLY A 9 11.74 -21.34 7.33
N ALA A 10 11.17 -20.17 7.63
CA ALA A 10 11.85 -18.86 7.49
C ALA A 10 12.24 -18.56 6.01
N GLN A 11 11.49 -19.19 5.07
CA GLN A 11 11.71 -19.05 3.61
C GLN A 11 11.00 -17.78 3.09
N GLY A 12 11.75 -16.69 3.05
CA GLY A 12 11.26 -15.41 2.57
C GLY A 12 11.81 -14.24 3.40
N SER A 13 11.29 -13.02 3.13
CA SER A 13 11.75 -11.79 3.79
C SER A 13 10.79 -10.63 3.46
N GLN A 14 11.10 -9.42 4.01
CA GLN A 14 10.31 -8.20 3.79
C GLN A 14 10.22 -7.81 2.31
N SER A 15 11.20 -8.25 1.49
CA SER A 15 11.25 -7.95 0.03
C SER A 15 9.96 -8.33 -0.73
N THR A 16 9.13 -9.23 -0.16
CA THR A 16 7.84 -9.61 -0.76
C THR A 16 6.83 -8.44 -0.60
N TYR A 17 6.91 -7.80 0.57
CA TYR A 17 6.09 -6.65 0.98
C TYR A 17 6.67 -5.30 0.45
N THR A 18 7.98 -5.28 0.13
CA THR A 18 8.69 -4.06 -0.33
C THR A 18 8.19 -3.59 -1.71
N ASP A 19 7.57 -4.51 -2.47
CA ASP A 19 6.87 -4.22 -3.73
C ASP A 19 5.79 -3.14 -3.52
N LEU A 20 5.11 -3.20 -2.37
CA LEU A 20 4.07 -2.23 -1.99
C LEU A 20 4.67 -0.83 -1.84
N LEU A 21 5.87 -0.74 -1.22
CA LEU A 21 6.61 0.53 -1.04
C LEU A 21 6.83 1.22 -2.41
N SER A 22 7.16 0.39 -3.42
CA SER A 22 7.40 0.84 -4.79
C SER A 22 6.09 1.37 -5.42
N VAL A 23 4.98 0.62 -5.24
CA VAL A 23 3.65 0.97 -5.79
C VAL A 23 3.16 2.32 -5.25
N ILE A 24 3.34 2.52 -3.93
CA ILE A 24 3.02 3.79 -3.24
C ILE A 24 3.74 4.99 -3.89
N GLU A 25 5.06 4.82 -4.09
CA GLU A 25 5.94 5.85 -4.67
C GLU A 25 5.61 6.14 -6.14
N GLU A 26 5.29 5.09 -6.89
CA GLU A 26 4.99 5.21 -8.32
C GLU A 26 3.65 5.92 -8.54
N MET A 27 2.61 5.52 -7.79
CA MET A 27 1.31 6.23 -7.77
C MET A 27 1.50 7.70 -7.36
N GLY A 28 2.42 7.94 -6.39
CA GLY A 28 2.73 9.28 -5.89
C GLY A 28 3.32 10.22 -6.94
N LYS A 29 3.80 9.66 -8.05
CA LYS A 29 4.28 10.42 -9.21
C LYS A 29 3.14 10.66 -10.22
N GLU A 30 2.22 9.68 -10.29
CA GLU A 30 1.12 9.64 -11.27
C GLU A 30 -0.06 10.52 -10.84
N ILE A 31 -0.01 11.05 -9.60
CA ILE A 31 -0.99 12.02 -9.09
C ILE A 31 -0.89 13.35 -9.86
N ARG A 32 0.34 13.74 -10.22
CA ARG A 32 0.61 15.03 -10.89
C ARG A 32 0.01 15.10 -12.33
N PRO A 33 0.25 14.10 -13.26
CA PRO A 33 -0.45 14.07 -14.57
C PRO A 33 -1.98 13.86 -14.47
N THR A 34 -2.43 13.07 -13.46
CA THR A 34 -3.88 12.90 -13.16
C THR A 34 -4.53 14.27 -12.85
N TYR A 35 -3.85 15.03 -11.97
CA TYR A 35 -4.23 16.40 -11.59
C TYR A 35 -4.23 17.34 -12.80
N ALA A 36 -3.35 17.05 -13.77
CA ALA A 36 -3.18 17.86 -14.99
C ALA A 36 -4.22 17.49 -16.08
N GLY A 37 -5.22 16.68 -15.70
CA GLY A 37 -6.34 16.34 -16.58
C GLY A 37 -6.10 15.12 -17.46
N SER A 38 -4.95 14.44 -17.28
CA SER A 38 -4.61 13.24 -18.05
C SER A 38 -5.39 12.01 -17.54
N LYS A 39 -6.45 11.64 -18.28
CA LYS A 39 -7.32 10.48 -17.97
C LYS A 39 -6.54 9.15 -18.00
N SER A 40 -5.53 9.07 -18.88
CA SER A 40 -4.65 7.88 -19.00
C SER A 40 -3.96 7.64 -17.64
N ALA A 41 -3.34 8.71 -17.11
CA ALA A 41 -2.65 8.70 -15.81
C ALA A 41 -3.61 8.37 -14.65
N MET A 42 -4.87 8.89 -14.75
CA MET A 42 -5.92 8.66 -13.74
C MET A 42 -6.22 7.16 -13.59
N GLU A 43 -6.34 6.46 -14.75
CA GLU A 43 -6.63 5.02 -14.81
C GLU A 43 -5.54 4.21 -14.09
N ARG A 44 -4.27 4.59 -14.34
CA ARG A 44 -3.10 3.94 -13.72
C ARG A 44 -3.13 4.14 -12.20
N LEU A 45 -3.38 5.39 -11.78
CA LEU A 45 -3.38 5.81 -10.37
C LEU A 45 -4.43 5.01 -9.55
N LYS A 46 -5.63 4.86 -10.12
CA LYS A 46 -6.75 4.08 -9.50
C LYS A 46 -6.44 2.58 -9.48
N ARG A 47 -5.90 2.09 -10.59
CA ARG A 47 -5.57 0.66 -10.79
C ARG A 47 -4.46 0.20 -9.82
N GLY A 48 -3.53 1.13 -9.55
CA GLY A 48 -2.42 0.87 -8.63
C GLY A 48 -2.89 0.68 -7.20
N ILE A 49 -4.00 1.35 -6.87
CA ILE A 49 -4.70 1.21 -5.58
C ILE A 49 -5.47 -0.14 -5.48
N ILE A 50 -5.93 -0.67 -6.62
CA ILE A 50 -6.54 -2.03 -6.68
C ILE A 50 -5.47 -3.09 -6.32
N HIS A 51 -4.22 -2.81 -6.73
CA HIS A 51 -3.06 -3.67 -6.40
C HIS A 51 -2.53 -3.37 -4.98
N ALA A 52 -2.51 -2.08 -4.61
CA ALA A 52 -1.92 -1.62 -3.33
C ALA A 52 -2.73 -2.14 -2.14
N ARG A 53 -4.06 -2.08 -2.30
CA ARG A 53 -5.02 -2.57 -1.31
C ARG A 53 -4.88 -4.10 -1.17
N ALA A 54 -4.60 -4.76 -2.32
CA ALA A 54 -4.54 -6.22 -2.41
C ALA A 54 -3.35 -6.76 -1.63
N LEU A 55 -2.21 -6.03 -1.74
CA LEU A 55 -0.95 -6.37 -1.06
C LEU A 55 -1.10 -6.28 0.47
N VAL A 56 -1.88 -5.29 0.94
CA VAL A 56 -2.17 -5.13 2.38
C VAL A 56 -3.17 -6.22 2.84
N ARG A 57 -4.22 -6.41 2.01
CA ARG A 57 -5.40 -7.21 2.37
C ARG A 57 -5.05 -8.70 2.52
N GLU A 58 -4.30 -9.23 1.55
CA GLU A 58 -3.81 -10.63 1.57
C GLU A 58 -2.84 -10.90 2.74
N CYS A 59 -2.10 -9.87 3.15
CA CYS A 59 -1.07 -9.96 4.21
C CYS A 59 -1.65 -9.78 5.64
N LEU A 60 -2.88 -9.22 5.75
CA LEU A 60 -3.58 -9.06 7.05
C LEU A 60 -3.58 -10.37 7.89
N ALA A 61 -3.75 -11.51 7.21
CA ALA A 61 -3.79 -12.84 7.84
C ALA A 61 -2.46 -13.20 8.54
N GLU A 62 -1.33 -13.13 7.81
CA GLU A 62 0.02 -13.42 8.37
C GLU A 62 0.44 -12.39 9.44
N THR A 63 -0.11 -11.17 9.34
CA THR A 63 0.08 -10.11 10.36
C THR A 63 -0.71 -10.46 11.64
N GLU A 64 -1.87 -11.12 11.46
CA GLU A 64 -2.73 -11.62 12.56
C GLU A 64 -2.11 -12.86 13.22
N ARG A 65 -1.24 -13.58 12.48
CA ARG A 65 -0.44 -14.70 13.04
C ARG A 65 0.51 -14.14 14.12
N ASN A 66 0.98 -12.89 13.90
CA ASN A 66 1.77 -12.12 14.88
C ASN A 66 0.86 -11.49 15.95
N ALA A 67 1.51 -10.87 16.95
CA ALA A 67 0.84 -10.06 17.99
C ALA A 67 0.63 -8.60 17.55
N ARG A 68 0.75 -8.34 16.23
CA ARG A 68 0.58 -7.01 15.65
C ARG A 68 -0.90 -6.73 15.40
N THR A 69 -1.60 -6.33 16.47
CA THR A 69 -3.03 -5.99 16.43
C THR A 69 -3.21 -4.49 16.73
N SER B 1 -18.84 -29.97 -4.11
CA SER B 1 -19.13 -28.84 -3.19
C SER B 1 -17.86 -28.02 -2.91
N HIS B 2 -18.02 -26.85 -2.26
CA HIS B 2 -16.91 -25.99 -1.80
C HIS B 2 -17.03 -25.75 -0.29
N MET B 3 -15.88 -25.61 0.41
CA MET B 3 -15.83 -25.40 1.86
C MET B 3 -14.51 -24.72 2.25
N ALA B 4 -14.51 -23.38 2.17
CA ALA B 4 -13.36 -22.52 2.50
C ALA B 4 -13.81 -21.05 2.50
N MET B 5 -15.03 -20.84 3.04
CA MET B 5 -15.74 -19.55 3.02
C MET B 5 -14.94 -18.41 3.67
N LYS B 6 -14.40 -18.71 4.87
CA LYS B 6 -13.78 -17.71 5.78
C LYS B 6 -14.69 -16.46 5.94
N PRO B 7 -15.90 -16.63 6.57
CA PRO B 7 -16.88 -15.52 6.72
C PRO B 7 -16.33 -14.44 7.68
N PRO B 8 -16.27 -13.13 7.24
CA PRO B 8 -15.74 -12.03 8.09
C PRO B 8 -16.60 -11.83 9.36
N GLY B 9 -16.19 -12.52 10.44
CA GLY B 9 -16.88 -12.43 11.74
C GLY B 9 -16.68 -11.09 12.42
N ALA B 10 -15.42 -10.61 12.39
CA ALA B 10 -15.04 -9.29 12.92
C ALA B 10 -13.76 -8.81 12.22
N GLN B 11 -13.80 -7.58 11.67
CA GLN B 11 -12.65 -6.96 10.98
C GLN B 11 -11.67 -6.37 12.01
N GLY B 12 -12.15 -6.14 13.26
CA GLY B 12 -11.35 -5.51 14.32
C GLY B 12 -10.19 -6.38 14.82
N SER B 13 -9.15 -6.46 14.01
CA SER B 13 -7.93 -7.23 14.27
C SER B 13 -6.83 -6.70 13.32
N GLN B 14 -5.55 -6.92 13.69
CA GLN B 14 -4.34 -6.34 13.02
C GLN B 14 -4.53 -4.89 12.53
N SER B 15 -5.24 -4.08 13.38
CA SER B 15 -5.70 -2.70 13.07
C SER B 15 -4.55 -1.77 12.66
N THR B 16 -3.40 -1.92 13.31
CA THR B 16 -2.15 -1.18 13.00
C THR B 16 -1.80 -1.27 11.49
N TYR B 17 -1.88 -2.49 10.94
CA TYR B 17 -1.60 -2.77 9.52
C TYR B 17 -2.84 -2.51 8.64
N THR B 18 -4.03 -2.70 9.22
CA THR B 18 -5.32 -2.48 8.54
C THR B 18 -5.55 -0.97 8.28
N ASP B 19 -4.83 -0.13 9.07
CA ASP B 19 -4.81 1.33 8.89
C ASP B 19 -4.35 1.67 7.47
N LEU B 20 -3.28 0.98 7.06
CA LEU B 20 -2.67 1.12 5.73
C LEU B 20 -3.68 0.79 4.62
N LEU B 21 -4.46 -0.31 4.81
CA LEU B 21 -5.53 -0.72 3.87
C LEU B 21 -6.59 0.38 3.72
N SER B 22 -6.88 1.06 4.86
CA SER B 22 -7.83 2.19 4.89
C SER B 22 -7.26 3.39 4.10
N VAL B 23 -5.95 3.69 4.32
CA VAL B 23 -5.25 4.82 3.65
C VAL B 23 -5.36 4.69 2.13
N ILE B 24 -5.05 3.48 1.62
CA ILE B 24 -5.09 3.14 0.19
C ILE B 24 -6.46 3.50 -0.43
N GLU B 25 -7.53 3.16 0.29
CA GLU B 25 -8.90 3.34 -0.18
C GLU B 25 -9.39 4.79 -0.04
N GLU B 26 -8.97 5.50 1.04
CA GLU B 26 -9.37 6.90 1.26
C GLU B 26 -8.72 7.82 0.21
N MET B 27 -7.53 7.41 -0.25
CA MET B 27 -6.85 8.02 -1.40
C MET B 27 -7.67 7.74 -2.69
N GLY B 28 -8.12 6.48 -2.83
CA GLY B 28 -8.95 6.04 -3.97
C GLY B 28 -10.27 6.80 -4.12
N LYS B 29 -10.70 7.50 -3.07
CA LYS B 29 -11.88 8.38 -3.10
C LYS B 29 -11.52 9.73 -3.76
N GLU B 30 -10.46 10.37 -3.22
CA GLU B 30 -10.07 11.73 -3.60
C GLU B 30 -9.16 11.81 -4.84
N ILE B 31 -9.04 10.71 -5.60
CA ILE B 31 -8.44 10.73 -6.95
C ILE B 31 -9.36 11.54 -7.91
N ARG B 32 -10.69 11.39 -7.73
CA ARG B 32 -11.69 12.05 -8.58
C ARG B 32 -11.60 13.62 -8.50
N PRO B 33 -11.68 14.28 -7.29
CA PRO B 33 -11.47 15.74 -7.19
C PRO B 33 -10.05 16.19 -7.61
N THR B 34 -9.01 15.37 -7.33
CA THR B 34 -7.63 15.63 -7.82
C THR B 34 -7.59 15.79 -9.34
N TYR B 35 -8.19 14.79 -10.02
CA TYR B 35 -8.33 14.77 -11.48
C TYR B 35 -9.11 16.00 -11.98
N ALA B 36 -10.12 16.41 -11.18
CA ALA B 36 -11.03 17.52 -11.50
C ALA B 36 -10.41 18.91 -11.24
N GLY B 37 -9.12 18.94 -10.84
CA GLY B 37 -8.38 20.20 -10.65
C GLY B 37 -8.35 20.73 -9.22
N SER B 38 -8.96 20.00 -8.27
CA SER B 38 -8.99 20.42 -6.83
C SER B 38 -7.62 20.20 -6.15
N LYS B 39 -6.87 21.31 -5.95
CA LYS B 39 -5.50 21.32 -5.34
C LYS B 39 -5.45 20.71 -3.92
N SER B 40 -6.49 20.98 -3.11
CA SER B 40 -6.56 20.48 -1.72
C SER B 40 -6.68 18.94 -1.70
N ALA B 41 -7.46 18.40 -2.63
CA ALA B 41 -7.62 16.94 -2.82
C ALA B 41 -6.34 16.28 -3.33
N MET B 42 -5.63 17.00 -4.24
CA MET B 42 -4.32 16.56 -4.78
C MET B 42 -3.29 16.40 -3.67
N GLU B 43 -3.18 17.46 -2.86
CA GLU B 43 -2.22 17.53 -1.75
C GLU B 43 -2.56 16.48 -0.67
N ARG B 44 -3.86 16.24 -0.48
CA ARG B 44 -4.36 15.20 0.44
C ARG B 44 -4.01 13.79 -0.09
N LEU B 45 -4.17 13.61 -1.42
CA LEU B 45 -3.92 12.34 -2.12
C LEU B 45 -2.43 11.95 -2.01
N LYS B 46 -1.56 12.97 -2.21
CA LYS B 46 -0.10 12.82 -2.08
C LYS B 46 0.30 12.58 -0.62
N ARG B 47 -0.31 13.34 0.29
CA ARG B 47 -0.02 13.25 1.74
C ARG B 47 -0.50 11.91 2.31
N GLY B 48 -1.50 11.31 1.64
CA GLY B 48 -1.96 9.98 1.96
C GLY B 48 -0.93 8.93 1.59
N ILE B 49 -0.28 9.15 0.43
CA ILE B 49 0.82 8.30 -0.07
C ILE B 49 2.13 8.53 0.74
N ILE B 50 2.29 9.73 1.32
CA ILE B 50 3.39 10.02 2.27
C ILE B 50 3.16 9.20 3.56
N HIS B 51 1.91 9.25 4.04
CA HIS B 51 1.46 8.46 5.21
C HIS B 51 1.56 6.95 4.93
N ALA B 52 1.18 6.56 3.68
CA ALA B 52 1.16 5.15 3.25
C ALA B 52 2.59 4.59 3.19
N ARG B 53 3.51 5.41 2.62
CA ARG B 53 4.95 5.06 2.49
C ARG B 53 5.56 4.84 3.87
N ALA B 54 5.19 5.71 4.83
CA ALA B 54 5.70 5.66 6.20
C ALA B 54 5.27 4.36 6.89
N LEU B 55 4.00 3.98 6.66
CA LEU B 55 3.38 2.77 7.23
C LEU B 55 4.03 1.50 6.66
N VAL B 56 4.33 1.51 5.34
CA VAL B 56 5.01 0.39 4.66
C VAL B 56 6.46 0.27 5.15
N ARG B 57 7.14 1.42 5.23
CA ARG B 57 8.59 1.50 5.55
C ARG B 57 8.89 0.96 6.97
N GLU B 58 8.09 1.41 7.94
CA GLU B 58 8.20 0.95 9.35
C GLU B 58 7.74 -0.51 9.50
N CYS B 59 6.81 -0.94 8.61
CA CYS B 59 6.32 -2.33 8.58
C CYS B 59 7.34 -3.26 7.89
N LEU B 60 8.25 -2.70 7.08
CA LEU B 60 9.37 -3.47 6.48
C LEU B 60 10.31 -4.01 7.57
N ALA B 61 10.38 -3.29 8.71
CA ALA B 61 11.17 -3.70 9.87
C ALA B 61 10.65 -5.03 10.48
N GLU B 62 9.36 -5.04 10.87
CA GLU B 62 8.69 -6.21 11.46
C GLU B 62 8.49 -7.36 10.44
N THR B 63 8.34 -7.01 9.16
CA THR B 63 8.17 -8.00 8.07
C THR B 63 9.54 -8.57 7.65
N GLU B 64 10.64 -7.85 7.99
CA GLU B 64 12.03 -8.37 7.84
C GLU B 64 12.23 -9.58 8.76
N ARG B 65 11.71 -9.46 9.99
CA ARG B 65 11.73 -10.55 10.98
C ARG B 65 10.75 -11.66 10.57
N ASN B 66 9.63 -11.28 9.93
CA ASN B 66 8.69 -12.24 9.30
C ASN B 66 9.33 -12.81 8.02
N ALA B 67 10.25 -13.75 8.21
CA ALA B 67 10.91 -14.44 7.11
C ALA B 67 9.92 -15.45 6.50
N ARG B 68 9.15 -14.97 5.50
CA ARG B 68 8.09 -15.73 4.85
C ARG B 68 7.71 -15.08 3.51
N THR B 69 7.52 -15.91 2.48
CA THR B 69 7.09 -15.52 1.14
C THR B 69 6.47 -16.76 0.45
N SER A 1 14.72 -40.94 10.69
CA SER A 1 15.68 -39.97 10.12
C SER A 1 15.74 -38.71 11.02
N HIS A 2 16.96 -38.16 11.18
CA HIS A 2 17.18 -36.90 11.93
C HIS A 2 18.03 -35.95 11.09
N MET A 3 17.38 -35.30 10.11
CA MET A 3 18.04 -34.33 9.22
C MET A 3 18.18 -32.98 9.93
N ALA A 4 19.33 -32.76 10.57
CA ALA A 4 19.68 -31.49 11.23
C ALA A 4 20.33 -30.54 10.22
N MET A 5 19.52 -30.05 9.28
CA MET A 5 19.97 -29.19 8.16
C MET A 5 19.50 -27.74 8.37
N LYS A 6 20.47 -26.82 8.46
CA LYS A 6 20.24 -25.37 8.48
C LYS A 6 21.38 -24.67 7.68
N PRO A 7 21.21 -24.51 6.33
CA PRO A 7 22.23 -23.86 5.46
C PRO A 7 22.21 -22.31 5.56
N PRO A 8 23.22 -21.59 4.97
CA PRO A 8 23.16 -20.12 4.79
C PRO A 8 21.99 -19.70 3.87
N GLY A 9 21.63 -18.41 3.92
CA GLY A 9 20.49 -17.88 3.18
C GLY A 9 19.18 -18.11 3.92
N ALA A 10 19.04 -17.45 5.07
CA ALA A 10 17.81 -17.50 5.88
C ALA A 10 16.64 -16.85 5.11
N GLN A 11 15.62 -17.66 4.76
CA GLN A 11 14.44 -17.19 4.03
C GLN A 11 13.66 -16.16 4.87
N GLY A 12 13.96 -14.89 4.61
CA GLY A 12 13.34 -13.75 5.30
C GLY A 12 13.16 -12.59 4.34
N SER A 13 12.61 -12.92 3.16
CA SER A 13 12.41 -11.96 2.07
C SER A 13 11.18 -11.09 2.36
N GLN A 14 11.37 -9.77 2.24
CA GLN A 14 10.29 -8.78 2.41
C GLN A 14 9.73 -8.34 1.04
N SER A 15 10.37 -8.82 -0.07
CA SER A 15 10.11 -8.33 -1.45
C SER A 15 8.61 -8.27 -1.86
N THR A 16 7.87 -9.39 -1.67
CA THR A 16 6.42 -9.46 -1.96
C THR A 16 5.63 -8.31 -1.29
N TYR A 17 6.08 -7.93 -0.08
CA TYR A 17 5.51 -6.81 0.70
C TYR A 17 6.09 -5.45 0.24
N THR A 18 7.34 -5.46 -0.29
CA THR A 18 8.01 -4.24 -0.79
C THR A 18 7.40 -3.79 -2.13
N ASP A 19 6.65 -4.71 -2.81
CA ASP A 19 5.81 -4.34 -3.98
C ASP A 19 4.79 -3.27 -3.58
N LEU A 20 4.24 -3.42 -2.36
CA LEU A 20 3.27 -2.48 -1.77
C LEU A 20 3.92 -1.10 -1.49
N LEU A 21 5.15 -1.10 -0.95
CA LEU A 21 5.94 0.15 -0.76
C LEU A 21 6.15 0.87 -2.10
N SER A 22 6.48 0.04 -3.12
CA SER A 22 6.73 0.48 -4.48
C SER A 22 5.48 1.12 -5.09
N VAL A 23 4.29 0.53 -4.81
CA VAL A 23 3.00 1.08 -5.28
C VAL A 23 2.82 2.51 -4.75
N ILE A 24 3.03 2.69 -3.44
CA ILE A 24 2.74 3.96 -2.75
C ILE A 24 3.61 5.13 -3.29
N GLU A 25 4.91 4.87 -3.43
CA GLU A 25 5.87 5.90 -3.88
C GLU A 25 5.72 6.21 -5.37
N GLU A 26 5.35 5.17 -6.16
CA GLU A 26 5.06 5.35 -7.58
C GLU A 26 3.81 6.21 -7.74
N MET A 27 2.73 5.82 -7.04
CA MET A 27 1.42 6.47 -7.15
C MET A 27 1.52 7.96 -6.73
N GLY A 28 2.41 8.22 -5.74
CA GLY A 28 2.65 9.58 -5.23
C GLY A 28 3.22 10.55 -6.26
N LYS A 29 3.88 10.00 -7.29
CA LYS A 29 4.46 10.78 -8.39
C LYS A 29 3.45 10.87 -9.54
N GLU A 30 2.59 9.85 -9.63
CA GLU A 30 1.55 9.71 -10.68
C GLU A 30 0.28 10.53 -10.35
N ILE A 31 0.26 11.18 -9.16
CA ILE A 31 -0.78 12.13 -8.77
C ILE A 31 -0.68 13.45 -9.58
N ARG A 32 0.56 13.84 -9.94
CA ARG A 32 0.81 15.10 -10.67
C ARG A 32 0.20 15.08 -12.10
N PRO A 33 0.49 14.06 -12.99
CA PRO A 33 -0.17 13.98 -14.33
C PRO A 33 -1.71 13.80 -14.23
N THR A 34 -2.17 13.05 -13.20
CA THR A 34 -3.62 12.89 -12.89
C THR A 34 -4.27 14.27 -12.61
N TYR A 35 -3.59 15.08 -11.79
CA TYR A 35 -4.01 16.45 -11.46
C TYR A 35 -3.96 17.37 -12.71
N ALA A 36 -3.07 17.05 -13.66
CA ALA A 36 -2.94 17.80 -14.92
C ALA A 36 -4.01 17.38 -15.95
N GLY A 37 -4.93 16.49 -15.54
CA GLY A 37 -6.03 16.04 -16.40
C GLY A 37 -5.68 14.87 -17.32
N SER A 38 -4.48 14.29 -17.16
CA SER A 38 -4.08 13.10 -17.92
C SER A 38 -4.86 11.85 -17.45
N LYS A 39 -5.92 11.50 -18.22
CA LYS A 39 -6.79 10.33 -17.95
C LYS A 39 -6.04 8.99 -17.96
N SER A 40 -5.01 8.89 -18.82
CA SER A 40 -4.17 7.69 -18.94
C SER A 40 -3.39 7.44 -17.63
N ALA A 41 -2.87 8.53 -17.04
CA ALA A 41 -2.18 8.50 -15.75
C ALA A 41 -3.15 8.20 -14.60
N MET A 42 -4.38 8.72 -14.72
CA MET A 42 -5.43 8.60 -13.69
C MET A 42 -5.94 7.15 -13.54
N GLU A 43 -6.18 6.46 -14.67
CA GLU A 43 -6.63 5.04 -14.67
C GLU A 43 -5.52 4.12 -14.13
N ARG A 44 -4.27 4.46 -14.48
CA ARG A 44 -3.04 3.82 -13.96
C ARG A 44 -2.93 4.05 -12.44
N LEU A 45 -3.25 5.29 -11.99
CA LEU A 45 -3.19 5.68 -10.57
C LEU A 45 -4.21 4.86 -9.74
N LYS A 46 -5.43 4.72 -10.30
CA LYS A 46 -6.50 3.91 -9.68
C LYS A 46 -6.12 2.42 -9.64
N ARG A 47 -5.46 1.92 -10.71
CA ARG A 47 -4.94 0.53 -10.74
C ARG A 47 -3.86 0.34 -9.65
N GLY A 48 -3.17 1.44 -9.31
CA GLY A 48 -2.30 1.47 -8.14
C GLY A 48 -3.02 1.07 -6.85
N ILE A 49 -4.21 1.66 -6.63
CA ILE A 49 -5.04 1.36 -5.45
C ILE A 49 -5.61 -0.08 -5.50
N ILE A 50 -5.97 -0.55 -6.71
CA ILE A 50 -6.48 -1.93 -6.92
C ILE A 50 -5.41 -2.98 -6.51
N HIS A 51 -4.17 -2.71 -6.98
CA HIS A 51 -3.00 -3.56 -6.73
C HIS A 51 -2.59 -3.50 -5.25
N ALA A 52 -2.58 -2.28 -4.69
CA ALA A 52 -2.17 -2.01 -3.30
C ALA A 52 -3.11 -2.68 -2.30
N ARG A 53 -4.43 -2.56 -2.59
CA ARG A 53 -5.50 -3.05 -1.72
C ARG A 53 -5.44 -4.57 -1.59
N ALA A 54 -5.15 -5.23 -2.73
CA ALA A 54 -5.01 -6.69 -2.81
C ALA A 54 -3.83 -7.18 -1.97
N LEU A 55 -2.74 -6.38 -1.97
CA LEU A 55 -1.52 -6.66 -1.19
C LEU A 55 -1.78 -6.52 0.32
N VAL A 56 -2.47 -5.44 0.73
CA VAL A 56 -2.72 -5.15 2.16
C VAL A 56 -3.67 -6.18 2.80
N ARG A 57 -4.79 -6.48 2.10
CA ARG A 57 -5.88 -7.29 2.66
C ARG A 57 -5.45 -8.74 3.00
N GLU A 58 -4.65 -9.36 2.12
CA GLU A 58 -4.10 -10.70 2.35
C GLU A 58 -2.98 -10.67 3.41
N CYS A 59 -2.20 -9.57 3.42
CA CYS A 59 -1.12 -9.37 4.39
C CYS A 59 -1.67 -9.06 5.80
N LEU A 60 -2.96 -8.63 5.91
CA LEU A 60 -3.64 -8.46 7.21
C LEU A 60 -3.56 -9.77 8.02
N ALA A 61 -3.73 -10.90 7.31
CA ALA A 61 -3.72 -12.26 7.89
C ALA A 61 -2.41 -12.58 8.66
N GLU A 62 -1.25 -12.34 8.02
CA GLU A 62 0.08 -12.57 8.65
C GLU A 62 0.42 -11.48 9.71
N THR A 63 -0.17 -10.29 9.56
CA THR A 63 -0.03 -9.19 10.56
C THR A 63 -0.75 -9.56 11.88
N GLU A 64 -1.79 -10.40 11.76
CA GLU A 64 -2.49 -11.01 12.91
C GLU A 64 -1.58 -12.00 13.66
N ARG A 65 -0.65 -12.64 12.92
CA ARG A 65 0.34 -13.55 13.50
C ARG A 65 1.42 -12.73 14.21
N ASN A 66 1.79 -11.57 13.60
CA ASN A 66 2.73 -10.60 14.20
C ASN A 66 2.13 -9.95 15.44
N ALA A 67 3.01 -9.52 16.36
CA ALA A 67 2.63 -8.80 17.59
C ALA A 67 2.60 -7.27 17.35
N ARG A 68 2.60 -6.87 16.06
CA ARG A 68 2.54 -5.46 15.65
C ARG A 68 1.16 -4.88 16.01
N THR A 69 1.13 -4.01 17.03
CA THR A 69 -0.08 -3.37 17.56
C THR A 69 0.15 -1.84 17.64
N SER B 1 -20.80 -9.67 -8.17
CA SER B 1 -19.86 -10.17 -7.15
C SER B 1 -19.93 -9.29 -5.88
N HIS B 2 -19.61 -9.90 -4.73
CA HIS B 2 -19.53 -9.20 -3.42
C HIS B 2 -18.22 -9.62 -2.72
N MET B 3 -17.33 -8.65 -2.48
CA MET B 3 -15.97 -8.91 -1.91
C MET B 3 -15.59 -7.90 -0.82
N ALA B 4 -16.56 -7.05 -0.40
CA ALA B 4 -16.33 -6.02 0.65
C ALA B 4 -17.33 -6.21 1.80
N MET B 5 -16.82 -6.61 2.98
CA MET B 5 -17.60 -6.83 4.21
C MET B 5 -16.71 -6.51 5.42
N LYS B 6 -17.15 -5.55 6.25
CA LYS B 6 -16.40 -5.13 7.45
C LYS B 6 -17.31 -5.22 8.69
N PRO B 7 -17.34 -6.39 9.38
CA PRO B 7 -18.11 -6.58 10.66
C PRO B 7 -17.36 -5.95 11.89
N PRO B 8 -17.91 -5.99 13.15
CA PRO B 8 -17.23 -5.41 14.35
C PRO B 8 -16.07 -6.29 14.92
N GLY B 9 -15.35 -7.03 14.03
CA GLY B 9 -14.21 -7.84 14.43
C GLY B 9 -12.93 -7.03 14.57
N ALA B 10 -12.90 -6.16 15.59
CA ALA B 10 -11.78 -5.24 15.84
C ALA B 10 -10.63 -5.96 16.56
N GLN B 11 -9.50 -6.17 15.85
CA GLN B 11 -8.28 -6.74 16.44
C GLN B 11 -7.26 -5.63 16.68
N GLY B 12 -6.93 -5.39 17.96
CA GLY B 12 -6.03 -4.31 18.36
C GLY B 12 -4.61 -4.41 17.82
N SER B 13 -4.25 -5.61 17.31
CA SER B 13 -2.97 -5.83 16.64
C SER B 13 -3.02 -5.30 15.19
N GLN B 14 -3.83 -5.98 14.33
CA GLN B 14 -3.80 -5.74 12.86
C GLN B 14 -4.20 -4.29 12.50
N SER B 15 -5.01 -3.62 13.37
CA SER B 15 -5.62 -2.28 13.09
C SER B 15 -4.62 -1.23 12.53
N THR B 16 -3.38 -1.27 13.04
CA THR B 16 -2.28 -0.40 12.58
C THR B 16 -1.97 -0.58 11.08
N TYR B 17 -1.93 -1.83 10.61
CA TYR B 17 -1.72 -2.17 9.19
C TYR B 17 -3.06 -2.18 8.39
N THR B 18 -4.20 -2.38 9.10
CA THR B 18 -5.55 -2.32 8.49
C THR B 18 -5.94 -0.85 8.25
N ASP B 19 -5.24 0.04 8.98
CA ASP B 19 -5.26 1.48 8.78
C ASP B 19 -4.73 1.83 7.38
N LEU B 20 -3.71 1.07 6.93
CA LEU B 20 -3.17 1.18 5.57
C LEU B 20 -4.22 0.80 4.52
N LEU B 21 -4.98 -0.30 4.77
CA LEU B 21 -6.07 -0.74 3.85
C LEU B 21 -7.14 0.38 3.68
N SER B 22 -7.38 1.10 4.80
CA SER B 22 -8.23 2.29 4.82
C SER B 22 -7.65 3.39 3.90
N VAL B 23 -6.35 3.73 4.10
CA VAL B 23 -5.65 4.80 3.33
C VAL B 23 -5.70 4.51 1.81
N ILE B 24 -5.47 3.24 1.44
CA ILE B 24 -5.51 2.79 0.03
C ILE B 24 -6.87 3.15 -0.64
N GLU B 25 -7.98 2.76 0.03
CA GLU B 25 -9.33 2.99 -0.49
C GLU B 25 -9.67 4.50 -0.53
N GLU B 26 -9.25 5.22 0.53
CA GLU B 26 -9.48 6.67 0.65
C GLU B 26 -8.84 7.41 -0.52
N MET B 27 -7.55 7.09 -0.79
CA MET B 27 -6.83 7.62 -1.95
C MET B 27 -7.54 7.25 -3.27
N GLY B 28 -8.02 6.00 -3.35
CA GLY B 28 -8.72 5.49 -4.55
C GLY B 28 -10.02 6.21 -4.87
N LYS B 29 -10.56 6.92 -3.87
CA LYS B 29 -11.76 7.76 -4.05
C LYS B 29 -11.34 9.22 -4.36
N GLU B 30 -10.24 9.66 -3.71
CA GLU B 30 -9.76 11.05 -3.76
C GLU B 30 -8.92 11.34 -5.03
N ILE B 31 -8.78 10.33 -5.90
CA ILE B 31 -8.22 10.51 -7.25
C ILE B 31 -9.16 11.35 -8.13
N ARG B 32 -10.49 11.18 -7.94
CA ARG B 32 -11.52 11.87 -8.75
C ARG B 32 -11.47 13.42 -8.59
N PRO B 33 -11.54 14.01 -7.34
CA PRO B 33 -11.44 15.49 -7.17
C PRO B 33 -10.04 16.03 -7.58
N THR B 34 -8.96 15.27 -7.28
CA THR B 34 -7.58 15.58 -7.72
C THR B 34 -7.53 15.76 -9.26
N TYR B 35 -8.11 14.77 -9.96
CA TYR B 35 -8.22 14.76 -11.42
C TYR B 35 -9.06 15.95 -11.91
N ALA B 36 -10.05 16.35 -11.10
CA ALA B 36 -10.98 17.45 -11.43
C ALA B 36 -10.40 18.85 -11.17
N GLY B 37 -9.09 18.92 -10.83
CA GLY B 37 -8.39 20.20 -10.64
C GLY B 37 -8.41 20.72 -9.21
N SER B 38 -8.98 19.95 -8.28
CA SER B 38 -8.97 20.29 -6.85
C SER B 38 -7.56 20.12 -6.23
N LYS B 39 -6.86 21.26 -6.04
CA LYS B 39 -5.51 21.31 -5.41
C LYS B 39 -5.54 20.85 -3.94
N SER B 40 -6.65 21.13 -3.23
CA SER B 40 -6.82 20.75 -1.82
C SER B 40 -6.95 19.22 -1.67
N ALA B 41 -7.65 18.58 -2.62
CA ALA B 41 -7.76 17.11 -2.70
C ALA B 41 -6.45 16.46 -3.18
N MET B 42 -5.73 17.17 -4.09
CA MET B 42 -4.46 16.68 -4.68
C MET B 42 -3.34 16.61 -3.65
N GLU B 43 -3.17 17.69 -2.87
CA GLU B 43 -2.17 17.76 -1.79
C GLU B 43 -2.50 16.74 -0.67
N ARG B 44 -3.81 16.49 -0.49
CA ARG B 44 -4.35 15.51 0.46
C ARG B 44 -4.14 14.08 -0.07
N LEU B 45 -4.16 13.94 -1.41
CA LEU B 45 -3.91 12.65 -2.09
C LEU B 45 -2.44 12.25 -1.87
N LYS B 46 -1.52 13.24 -2.03
CA LYS B 46 -0.06 13.04 -1.82
C LYS B 46 0.26 12.85 -0.33
N ARG B 47 -0.50 13.55 0.54
CA ARG B 47 -0.36 13.43 2.01
C ARG B 47 -0.75 12.02 2.47
N GLY B 48 -1.63 11.37 1.68
CA GLY B 48 -1.99 9.97 1.86
C GLY B 48 -0.81 9.03 1.63
N ILE B 49 0.06 9.38 0.67
CA ILE B 49 1.28 8.61 0.36
C ILE B 49 2.32 8.73 1.49
N ILE B 50 2.41 9.94 2.10
CA ILE B 50 3.28 10.19 3.26
C ILE B 50 2.88 9.26 4.43
N HIS B 51 1.56 9.09 4.62
CA HIS B 51 0.99 8.20 5.65
C HIS B 51 1.22 6.71 5.28
N ALA B 52 0.85 6.37 4.05
CA ALA B 52 0.77 4.98 3.57
C ALA B 52 2.16 4.32 3.48
N ARG B 53 3.14 5.08 2.96
CA ARG B 53 4.51 4.58 2.71
C ARG B 53 5.26 4.35 4.03
N ALA B 54 4.91 5.15 5.06
CA ALA B 54 5.45 5.00 6.41
C ALA B 54 4.99 3.67 7.01
N LEU B 55 3.70 3.35 6.80
CA LEU B 55 3.06 2.13 7.31
C LEU B 55 3.70 0.85 6.71
N VAL B 56 4.13 0.94 5.44
CA VAL B 56 4.80 -0.19 4.76
C VAL B 56 6.27 -0.29 5.22
N ARG B 57 6.97 0.86 5.25
CA ARG B 57 8.42 0.94 5.50
C ARG B 57 8.82 0.45 6.91
N GLU B 58 8.07 0.91 7.94
CA GLU B 58 8.30 0.49 9.33
C GLU B 58 8.07 -1.03 9.48
N CYS B 59 7.09 -1.55 8.72
CA CYS B 59 6.78 -2.99 8.70
C CYS B 59 7.79 -3.79 7.81
N LEU B 60 8.47 -3.10 6.86
CA LEU B 60 9.53 -3.73 6.03
C LEU B 60 10.76 -4.04 6.90
N ALA B 61 11.11 -3.07 7.77
CA ALA B 61 12.24 -3.18 8.70
C ALA B 61 12.09 -4.40 9.63
N GLU B 62 10.84 -4.66 10.09
CA GLU B 62 10.54 -5.81 10.95
C GLU B 62 10.50 -7.11 10.10
N THR B 63 9.71 -7.10 8.97
CA THR B 63 9.55 -8.26 8.02
C THR B 63 10.91 -8.76 7.45
N GLU B 64 11.91 -7.88 7.41
CA GLU B 64 13.27 -8.20 6.95
C GLU B 64 13.93 -9.23 7.91
N ARG B 65 13.84 -8.94 9.21
CA ARG B 65 14.38 -9.79 10.28
C ARG B 65 13.35 -10.85 10.73
N ASN B 66 12.08 -10.61 10.43
CA ASN B 66 10.95 -11.49 10.77
C ASN B 66 10.73 -12.42 9.56
N ALA B 67 11.48 -13.52 9.59
CA ALA B 67 11.47 -14.54 8.53
C ALA B 67 10.17 -15.36 8.56
N ARG B 68 9.11 -14.82 7.92
CA ARG B 68 7.78 -15.48 7.80
C ARG B 68 7.32 -15.45 6.33
N THR B 69 8.31 -15.49 5.42
CA THR B 69 8.09 -15.49 3.96
C THR B 69 7.46 -16.84 3.50
N SER A 1 12.84 -30.60 -4.37
CA SER A 1 13.92 -31.04 -5.27
C SER A 1 13.61 -30.71 -6.75
N HIS A 2 12.36 -30.26 -7.01
CA HIS A 2 11.94 -29.78 -8.33
C HIS A 2 12.53 -28.38 -8.57
N MET A 3 13.75 -28.35 -9.16
CA MET A 3 14.54 -27.12 -9.42
C MET A 3 14.88 -26.39 -8.09
N ALA A 4 16.00 -26.79 -7.48
CA ALA A 4 16.50 -26.18 -6.24
C ALA A 4 17.56 -25.11 -6.59
N MET A 5 17.64 -24.06 -5.75
CA MET A 5 18.60 -22.94 -5.93
C MET A 5 18.88 -22.25 -4.58
N LYS A 6 19.92 -21.38 -4.54
CA LYS A 6 20.26 -20.58 -3.35
C LYS A 6 20.86 -19.22 -3.79
N PRO A 7 20.02 -18.15 -3.94
CA PRO A 7 20.49 -16.79 -4.30
C PRO A 7 21.13 -16.07 -3.07
N PRO A 8 22.11 -15.12 -3.29
CA PRO A 8 22.76 -14.38 -2.17
C PRO A 8 21.76 -13.44 -1.45
N GLY A 9 21.76 -13.52 -0.11
CA GLY A 9 20.82 -12.77 0.74
C GLY A 9 20.58 -13.53 2.03
N ALA A 10 20.71 -12.84 3.17
CA ALA A 10 20.56 -13.45 4.50
C ALA A 10 19.09 -13.74 4.83
N GLN A 11 18.25 -12.71 4.67
CA GLN A 11 16.80 -12.76 4.96
C GLN A 11 16.02 -13.06 3.67
N GLY A 12 14.68 -12.92 3.77
CA GLY A 12 13.81 -12.85 2.60
C GLY A 12 13.75 -11.44 2.04
N SER A 13 13.19 -11.31 0.84
CA SER A 13 13.03 -10.01 0.14
C SER A 13 11.77 -9.26 0.63
N GLN A 14 10.81 -10.04 1.20
CA GLN A 14 9.46 -9.56 1.60
C GLN A 14 8.71 -8.98 0.39
N SER A 15 9.08 -9.47 -0.82
CA SER A 15 8.72 -8.89 -2.13
C SER A 15 7.23 -8.46 -2.25
N THR A 16 6.30 -9.34 -1.83
CA THR A 16 4.86 -9.02 -1.82
C THR A 16 4.54 -7.66 -1.13
N TYR A 17 5.12 -7.45 0.06
CA TYR A 17 4.91 -6.24 0.86
C TYR A 17 5.84 -5.08 0.40
N THR A 18 7.00 -5.43 -0.17
CA THR A 18 8.00 -4.45 -0.61
C THR A 18 7.54 -3.78 -1.93
N ASP A 19 6.89 -4.55 -2.82
CA ASP A 19 6.26 -4.04 -4.06
C ASP A 19 5.26 -2.93 -3.74
N LEU A 20 4.58 -3.06 -2.57
CA LEU A 20 3.64 -2.05 -2.08
C LEU A 20 4.33 -0.69 -1.87
N LEU A 21 5.57 -0.71 -1.34
CA LEU A 21 6.41 0.51 -1.16
C LEU A 21 6.63 1.21 -2.53
N SER A 22 6.86 0.38 -3.57
CA SER A 22 7.00 0.86 -4.96
C SER A 22 5.66 1.43 -5.49
N VAL A 23 4.53 0.73 -5.19
CA VAL A 23 3.19 1.14 -5.65
C VAL A 23 2.88 2.56 -5.16
N ILE A 24 3.14 2.81 -3.86
CA ILE A 24 2.88 4.09 -3.19
C ILE A 24 3.61 5.26 -3.90
N GLU A 25 4.91 5.09 -4.17
CA GLU A 25 5.74 6.16 -4.79
C GLU A 25 5.42 6.35 -6.30
N GLU A 26 5.02 5.25 -6.99
CA GLU A 26 4.67 5.29 -8.43
C GLU A 26 3.36 6.05 -8.63
N MET A 27 2.41 5.81 -7.72
CA MET A 27 1.17 6.58 -7.65
C MET A 27 1.48 8.04 -7.28
N GLY A 28 2.45 8.21 -6.35
CA GLY A 28 2.85 9.50 -5.81
C GLY A 28 3.31 10.49 -6.86
N LYS A 29 4.06 10.01 -7.87
CA LYS A 29 4.58 10.86 -8.95
C LYS A 29 3.49 11.11 -10.00
N GLU A 30 2.58 10.11 -10.18
CA GLU A 30 1.51 10.17 -11.19
C GLU A 30 0.25 10.88 -10.66
N ILE A 31 0.33 11.43 -9.44
CA ILE A 31 -0.68 12.39 -8.90
C ILE A 31 -0.70 13.67 -9.77
N ARG A 32 0.51 14.14 -10.16
CA ARG A 32 0.66 15.40 -10.94
C ARG A 32 -0.06 15.31 -12.34
N PRO A 33 0.27 14.30 -13.25
CA PRO A 33 -0.44 14.15 -14.54
C PRO A 33 -1.96 13.88 -14.39
N THR A 34 -2.37 13.10 -13.35
CA THR A 34 -3.81 12.89 -13.02
C THR A 34 -4.50 14.24 -12.75
N TYR A 35 -3.85 15.05 -11.92
CA TYR A 35 -4.28 16.41 -11.57
C TYR A 35 -4.29 17.34 -12.81
N ALA A 36 -3.46 17.01 -13.80
CA ALA A 36 -3.35 17.76 -15.07
C ALA A 36 -4.28 17.19 -16.16
N GLY A 37 -5.20 16.28 -15.75
CA GLY A 37 -6.26 15.77 -16.62
C GLY A 37 -5.87 14.59 -17.50
N SER A 38 -4.70 14.00 -17.26
CA SER A 38 -4.24 12.79 -17.97
C SER A 38 -4.84 11.51 -17.32
N LYS A 39 -5.81 10.90 -18.05
CA LYS A 39 -6.49 9.66 -17.64
C LYS A 39 -5.57 8.44 -17.65
N SER A 40 -4.42 8.53 -18.39
CA SER A 40 -3.40 7.47 -18.37
C SER A 40 -2.90 7.22 -16.94
N ALA A 41 -2.43 8.32 -16.30
CA ALA A 41 -1.94 8.31 -14.92
C ALA A 41 -3.05 7.95 -13.94
N MET A 42 -4.26 8.50 -14.17
CA MET A 42 -5.45 8.32 -13.31
C MET A 42 -5.89 6.85 -13.25
N GLU A 43 -5.82 6.16 -14.40
CA GLU A 43 -6.19 4.74 -14.52
C GLU A 43 -5.16 3.84 -13.80
N ARG A 44 -3.89 4.26 -13.91
CA ARG A 44 -2.75 3.58 -13.23
C ARG A 44 -2.80 3.85 -11.71
N LEU A 45 -3.35 5.02 -11.37
CA LEU A 45 -3.43 5.53 -10.00
C LEU A 45 -4.53 4.78 -9.23
N LYS A 46 -5.71 4.62 -9.87
CA LYS A 46 -6.82 3.82 -9.33
C LYS A 46 -6.45 2.35 -9.24
N ARG A 47 -5.84 1.82 -10.33
CA ARG A 47 -5.32 0.44 -10.35
C ARG A 47 -4.23 0.27 -9.29
N GLY A 48 -3.48 1.36 -9.04
CA GLY A 48 -2.49 1.40 -7.99
C GLY A 48 -3.09 1.15 -6.62
N ILE A 49 -4.23 1.81 -6.31
CA ILE A 49 -4.96 1.60 -5.06
C ILE A 49 -5.58 0.18 -5.00
N ILE A 50 -6.02 -0.37 -6.14
CA ILE A 50 -6.58 -1.75 -6.21
C ILE A 50 -5.50 -2.79 -5.89
N HIS A 51 -4.31 -2.57 -6.48
CA HIS A 51 -3.11 -3.43 -6.32
C HIS A 51 -2.56 -3.28 -4.90
N ALA A 52 -2.60 -2.04 -4.38
CA ALA A 52 -2.10 -1.72 -3.04
C ALA A 52 -3.00 -2.34 -1.95
N ARG A 53 -4.32 -2.23 -2.16
CA ARG A 53 -5.36 -2.79 -1.26
C ARG A 53 -5.28 -4.32 -1.25
N ALA A 54 -4.88 -4.89 -2.41
CA ALA A 54 -4.68 -6.32 -2.56
C ALA A 54 -3.46 -6.79 -1.76
N LEU A 55 -2.33 -6.04 -1.89
CA LEU A 55 -1.04 -6.38 -1.25
C LEU A 55 -1.11 -6.31 0.28
N VAL A 56 -1.78 -5.26 0.80
CA VAL A 56 -2.01 -5.10 2.26
C VAL A 56 -2.89 -6.25 2.78
N ARG A 57 -3.91 -6.63 1.98
CA ARG A 57 -4.87 -7.69 2.34
C ARG A 57 -4.20 -9.07 2.37
N GLU A 58 -3.29 -9.34 1.41
CA GLU A 58 -2.56 -10.63 1.35
C GLU A 58 -1.63 -10.77 2.57
N CYS A 59 -1.08 -9.62 3.04
CA CYS A 59 -0.22 -9.58 4.22
C CYS A 59 -1.06 -9.63 5.52
N LEU A 60 -2.35 -9.20 5.45
CA LEU A 60 -3.29 -9.33 6.60
C LEU A 60 -3.48 -10.81 6.99
N ALA A 61 -3.43 -11.70 5.97
CA ALA A 61 -3.52 -13.16 6.15
C ALA A 61 -2.45 -13.70 7.12
N GLU A 62 -1.19 -13.22 6.99
CA GLU A 62 -0.08 -13.59 7.89
C GLU A 62 -0.03 -12.68 9.14
N THR A 63 -0.61 -11.46 9.03
CA THR A 63 -0.59 -10.45 10.13
C THR A 63 -1.52 -10.88 11.27
N GLU A 64 -2.63 -11.55 10.92
CA GLU A 64 -3.61 -12.08 11.90
C GLU A 64 -3.05 -13.33 12.62
N ARG A 65 -2.11 -14.02 11.95
CA ARG A 65 -1.39 -15.17 12.55
C ARG A 65 -0.41 -14.72 13.65
N ASN A 66 -0.11 -13.41 13.69
CA ASN A 66 0.61 -12.78 14.82
C ASN A 66 -0.25 -12.86 16.10
N ALA A 67 -1.56 -12.61 15.95
CA ALA A 67 -2.52 -12.69 17.07
C ALA A 67 -2.72 -14.15 17.49
N ARG A 68 -1.95 -14.59 18.51
CA ARG A 68 -1.95 -15.98 19.01
C ARG A 68 -2.07 -16.02 20.55
N THR A 69 -2.35 -14.86 21.17
CA THR A 69 -2.50 -14.74 22.64
C THR A 69 -3.60 -13.70 22.97
N SER B 1 -18.32 -14.52 -3.93
CA SER B 1 -18.40 -13.06 -3.74
C SER B 1 -17.48 -12.65 -2.58
N HIS B 2 -17.02 -11.38 -2.61
CA HIS B 2 -16.23 -10.79 -1.52
C HIS B 2 -16.26 -9.24 -1.65
N MET B 3 -16.82 -8.58 -0.63
CA MET B 3 -16.92 -7.12 -0.55
C MET B 3 -16.98 -6.75 0.93
N ALA B 4 -15.83 -6.33 1.47
CA ALA B 4 -15.72 -5.89 2.86
C ALA B 4 -16.45 -4.55 3.07
N MET B 5 -17.71 -4.64 3.50
CA MET B 5 -18.52 -3.48 3.94
C MET B 5 -18.14 -3.16 5.39
N LYS B 6 -17.96 -4.25 6.17
CA LYS B 6 -17.44 -4.22 7.54
C LYS B 6 -16.78 -5.59 7.86
N PRO B 7 -15.44 -5.73 7.61
CA PRO B 7 -14.72 -7.03 7.79
C PRO B 7 -14.42 -7.34 9.29
N PRO B 8 -14.97 -8.45 9.86
CA PRO B 8 -14.59 -8.92 11.21
C PRO B 8 -13.23 -9.67 11.17
N GLY B 9 -12.55 -9.78 12.32
CA GLY B 9 -11.30 -10.51 12.41
C GLY B 9 -10.44 -10.07 13.57
N ALA B 10 -9.16 -10.50 13.55
CA ALA B 10 -8.17 -10.16 14.60
C ALA B 10 -7.82 -8.67 14.52
N GLN B 11 -7.84 -7.99 15.68
CA GLN B 11 -7.56 -6.54 15.81
C GLN B 11 -6.47 -6.32 16.88
N GLY B 12 -6.05 -5.05 17.06
CA GLY B 12 -4.95 -4.70 17.97
C GLY B 12 -3.65 -4.55 17.21
N SER B 13 -2.89 -5.64 17.13
CA SER B 13 -1.63 -5.68 16.38
C SER B 13 -1.88 -5.65 14.87
N GLN B 14 -3.09 -6.08 14.47
CA GLN B 14 -3.53 -6.10 13.07
C GLN B 14 -4.07 -4.72 12.67
N SER B 15 -4.83 -4.09 13.60
CA SER B 15 -5.39 -2.73 13.42
C SER B 15 -4.29 -1.68 13.09
N THR B 16 -3.11 -1.89 13.70
CA THR B 16 -1.90 -1.12 13.41
C THR B 16 -1.57 -1.15 11.90
N TYR B 17 -1.63 -2.35 11.32
CA TYR B 17 -1.36 -2.60 9.89
C TYR B 17 -2.61 -2.29 9.00
N THR B 18 -3.81 -2.35 9.62
CA THR B 18 -5.08 -2.05 8.95
C THR B 18 -5.22 -0.52 8.69
N ASP B 19 -4.42 0.29 9.43
CA ASP B 19 -4.29 1.74 9.19
C ASP B 19 -3.82 1.99 7.75
N LEU B 20 -2.80 1.21 7.34
CA LEU B 20 -2.20 1.25 6.00
C LEU B 20 -3.26 0.97 4.92
N LEU B 21 -4.08 -0.07 5.16
CA LEU B 21 -5.19 -0.47 4.27
C LEU B 21 -6.20 0.69 4.13
N SER B 22 -6.42 1.41 5.25
CA SER B 22 -7.36 2.56 5.31
C SER B 22 -6.80 3.77 4.54
N VAL B 23 -5.47 3.92 4.52
CA VAL B 23 -4.82 4.99 3.74
C VAL B 23 -5.00 4.72 2.25
N ILE B 24 -4.88 3.43 1.85
CA ILE B 24 -5.03 2.99 0.45
C ILE B 24 -6.38 3.43 -0.14
N GLU B 25 -7.48 3.03 0.52
CA GLU B 25 -8.86 3.31 0.07
C GLU B 25 -9.16 4.84 0.06
N GLU B 26 -8.56 5.57 1.05
CA GLU B 26 -8.68 7.04 1.14
C GLU B 26 -8.08 7.68 -0.11
N MET B 27 -6.84 7.30 -0.46
CA MET B 27 -6.17 7.77 -1.69
C MET B 27 -7.06 7.50 -2.91
N GLY B 28 -7.67 6.30 -2.93
CA GLY B 28 -8.54 5.85 -4.02
C GLY B 28 -9.72 6.77 -4.31
N LYS B 29 -10.24 7.44 -3.26
CA LYS B 29 -11.40 8.33 -3.40
C LYS B 29 -10.95 9.80 -3.58
N GLU B 30 -9.68 10.12 -3.23
CA GLU B 30 -9.12 11.47 -3.47
C GLU B 30 -8.70 11.63 -4.95
N ILE B 31 -8.59 10.50 -5.68
CA ILE B 31 -8.17 10.46 -7.11
C ILE B 31 -9.14 11.24 -8.00
N ARG B 32 -10.44 11.04 -7.78
CA ARG B 32 -11.50 11.62 -8.61
C ARG B 32 -11.52 13.19 -8.56
N PRO B 33 -11.59 13.85 -7.35
CA PRO B 33 -11.50 15.33 -7.27
C PRO B 33 -10.12 15.87 -7.72
N THR B 34 -9.02 15.11 -7.46
CA THR B 34 -7.66 15.45 -7.98
C THR B 34 -7.69 15.56 -9.52
N TYR B 35 -8.27 14.54 -10.16
CA TYR B 35 -8.42 14.45 -11.62
C TYR B 35 -9.35 15.57 -12.14
N ALA B 36 -10.26 16.04 -11.28
CA ALA B 36 -11.21 17.12 -11.61
C ALA B 36 -10.59 18.52 -11.42
N GLY B 37 -9.29 18.57 -11.04
CA GLY B 37 -8.55 19.83 -10.88
C GLY B 37 -8.62 20.44 -9.49
N SER B 38 -9.14 19.69 -8.50
CA SER B 38 -9.17 20.13 -7.08
C SER B 38 -7.78 19.96 -6.40
N LYS B 39 -7.09 21.11 -6.16
CA LYS B 39 -5.73 21.14 -5.54
C LYS B 39 -5.69 20.62 -4.09
N SER B 40 -6.72 20.93 -3.29
CA SER B 40 -6.80 20.48 -1.88
C SER B 40 -6.99 18.96 -1.79
N ALA B 41 -7.78 18.38 -2.71
CA ALA B 41 -7.95 16.94 -2.85
C ALA B 41 -6.68 16.27 -3.38
N MET B 42 -5.93 17.01 -4.22
CA MET B 42 -4.62 16.59 -4.73
C MET B 42 -3.59 16.57 -3.58
N GLU B 43 -3.73 17.52 -2.64
CA GLU B 43 -2.91 17.61 -1.42
C GLU B 43 -3.25 16.45 -0.47
N ARG B 44 -4.55 16.09 -0.43
CA ARG B 44 -5.05 14.93 0.32
C ARG B 44 -4.51 13.61 -0.26
N LEU B 45 -4.42 13.56 -1.59
CA LEU B 45 -3.94 12.38 -2.32
C LEU B 45 -2.43 12.19 -2.07
N LYS B 46 -1.66 13.31 -2.15
CA LYS B 46 -0.23 13.32 -1.82
C LYS B 46 0.00 12.96 -0.34
N ARG B 47 -0.88 13.50 0.54
CA ARG B 47 -0.87 13.22 1.99
C ARG B 47 -1.02 11.72 2.24
N GLY B 48 -1.90 11.09 1.43
CA GLY B 48 -2.12 9.67 1.46
C GLY B 48 -0.87 8.88 1.10
N ILE B 49 -0.19 9.28 0.01
CA ILE B 49 1.06 8.63 -0.40
C ILE B 49 2.17 8.82 0.67
N ILE B 50 2.22 10.00 1.33
CA ILE B 50 3.22 10.29 2.41
C ILE B 50 3.02 9.31 3.59
N HIS B 51 1.76 9.25 4.05
CA HIS B 51 1.33 8.43 5.20
C HIS B 51 1.57 6.94 4.91
N ALA B 52 1.13 6.48 3.73
CA ALA B 52 1.26 5.07 3.31
C ALA B 52 2.73 4.67 3.15
N ARG B 53 3.53 5.60 2.59
CA ARG B 53 4.98 5.43 2.35
C ARG B 53 5.73 5.18 3.67
N ALA B 54 5.40 6.03 4.66
CA ALA B 54 6.01 6.01 5.99
C ALA B 54 5.60 4.73 6.75
N LEU B 55 4.35 4.28 6.51
CA LEU B 55 3.80 3.05 7.13
C LEU B 55 4.51 1.79 6.63
N VAL B 56 4.68 1.68 5.30
CA VAL B 56 5.33 0.51 4.67
C VAL B 56 6.81 0.45 5.09
N ARG B 57 7.45 1.64 5.16
CA ARG B 57 8.87 1.77 5.58
C ARG B 57 9.09 1.22 7.01
N GLU B 58 8.30 1.75 7.98
CA GLU B 58 8.46 1.41 9.40
C GLU B 58 7.95 -0.01 9.71
N CYS B 59 7.02 -0.52 8.87
CA CYS B 59 6.48 -1.87 9.03
C CYS B 59 7.45 -2.91 8.46
N LEU B 60 8.19 -2.53 7.38
CA LEU B 60 9.26 -3.39 6.81
C LEU B 60 10.35 -3.69 7.87
N ALA B 61 10.49 -2.77 8.85
CA ALA B 61 11.41 -2.92 9.98
C ALA B 61 11.08 -4.19 10.81
N GLU B 62 9.79 -4.43 11.08
CA GLU B 62 9.32 -5.67 11.77
C GLU B 62 9.04 -6.82 10.78
N THR B 63 8.67 -6.48 9.53
CA THR B 63 8.24 -7.47 8.50
C THR B 63 9.41 -8.38 8.09
N GLU B 64 10.65 -7.84 8.17
CA GLU B 64 11.88 -8.58 7.82
C GLU B 64 12.07 -9.86 8.67
N ARG B 65 11.47 -9.87 9.88
CA ARG B 65 11.48 -11.04 10.80
C ARG B 65 10.64 -12.21 10.26
N ASN B 66 9.67 -11.94 9.33
CA ASN B 66 8.92 -13.01 8.62
C ASN B 66 9.87 -13.76 7.68
N ALA B 67 10.91 -13.03 7.21
CA ALA B 67 12.01 -13.54 6.37
C ALA B 67 11.51 -14.23 5.09
N ARG B 68 10.30 -13.88 4.66
CA ARG B 68 9.62 -14.55 3.54
C ARG B 68 9.98 -13.88 2.20
N THR B 69 10.12 -14.71 1.16
CA THR B 69 10.37 -14.28 -0.22
C THR B 69 9.58 -15.20 -1.19
#